data_9MKN
#
_entry.id   9MKN
#
_cell.length_a   1.00
_cell.length_b   1.00
_cell.length_c   1.00
_cell.angle_alpha   90.00
_cell.angle_beta   90.00
_cell.angle_gamma   90.00
#
_symmetry.space_group_name_H-M   'P 1'
#
loop_
_entity.id
_entity.type
_entity.pdbx_description
1 polymer 'Fusion glycoprotein F2'
2 polymer 'Fusion glycoprotein F1'
3 polymer '2245 Fab Heavy Chain'
4 polymer '2245 Fab Light Chain'
5 polymer '3301 Fab Heavy Chain'
6 polymer '3301 Fab Light Chain'
#
loop_
_entity_poly.entity_id
_entity_poly.type
_entity_poly.pdbx_seq_one_letter_code
_entity_poly.pdbx_strand_id
1 'polypeptide(L)' NITEEFYQSTCSAVSKGYLSALRTGWYTSVITIELSNIKEIKCNGTDAKVKLIKQELDKYKNAVTELQLL A,C,E
2 'polypeptide(L)'
;FLGFLLGVGSAIASGVAVSKVLHLEGEVNKIKSALLSTNKAVVSLSNGVSVLTSKVLDLKNYIDKQLLPIVNKQSCSIPN
IETVIEFQQKNNRLLEITREFSVNAGVTTPVSTYMLTNSELLSLINDMPITNDQKKLMSNNVQIVRQQSYSIMSIIKEEV
LAYVVQLPLYGVIDTPCWKLHTSPLCTTNTKEGSNICLTRTDRGWYCDNAGSVSFFPQAETCKVQSNRVFCDTMNSLTLP
SEVNLCNVDIFNPKYDCKIMTSKTDVSSSVITSLGAIVSCYGKTKCTASNKNRGIIKTFSNGCDYVSNKGVDTVSVGNTL
YYVNKQEGKSLYVKGEPIINFYDPLVFPSDEFDASISQVNEKINQSLAFI
;
B,D,F
3 'polypeptide(L)'
;QVQLVQSGAEVKKPGASVKVSCKASGYSFSSFGVSWVRQAPGQGLEWLGWISAYNGNTDYAQKVQGRLTMTTDTSTNTAY
MELRNLRSDDTAVYYCARDPPASAAAMFDYWGQGTLVTVSSASTKGPSVFPLAPSSKSTSGGTAALGCLVKDYFPEPVTV
SWNSGALTSGVHTFPAVLQSSGLYSLSSVVTVPSSSLGTQTYICNVNHKPSNTKVDKKVEPKSCDK
;
H,I,J
4 'polypeptide(L)'
;DVVMTQSPLSLPVTLGQPASISCRSSQSLVYSDGDTYLSWFQQRPGQSPRRLIYKVSNRDSGVPDRFSGSGSGTDFTLKI
SRVEAEDVGVYYCMQGTHWPPAFGQGTKVEIKRTVAAPSVFIFPPSDEQLKSGTASVVCLLNNFYPREAKVQWKVDNALQ
SGNSQESVTEQDSKDSTYSLSSTLTLSKADYEKHKVYACEVTHQGLSSPVTKSFNRGEC
;
L,M,N
5 'polypeptide(L)'
;QVQLVESGPTLVKPTQTLTLTCSFSGFSLSTRGVGVGWVRQPPGKALECLGFTYWDGDEYYSPSLRNRVTISKDTSKNQV
VLTLTNMDPVDTATYFCVHSDLYDRGGYYLYYFDYWGQGTLVTVSSASTKGPSVFPLAPSSKSTSGGTAALGCLVKDYFP
EPVTVSWNSGALTSGVHTFPAVLQSSGLYSLSSVVTVPSSSLGTQTYICNVNHKPSNTKVDKKVEPKSCDK
;
O,Q,S
6 'polypeptide(L)'
;DIRVTQSPSSLSASVGDRVTITCRASQTIASYVNWYQQKPGRAPELLIYAASILQSGVPSRFSGRGSGTDFTLTINGLQP
EDFATYYCQQSYSSPWTFGQGTKVEIKRTVAAPSVFIFPPSDEQLKSGTASVVCLLNNFYPREAKVQWKVDNALQSGNSQ
ESVTEQDSKDSTYSLSSTLTLSKADYEKHKVYACEVTHQGLSSPVTKSFNRGEC
;
P,R,T
#
# COMPACT_ATOMS: atom_id res chain seq x y z
N ASN A 1 23.63 6.03 22.85
CA ASN A 1 24.38 5.15 21.95
C ASN A 1 23.70 3.78 21.85
N ILE A 2 23.43 3.37 20.62
CA ILE A 2 22.71 2.12 20.38
C ILE A 2 23.68 0.95 20.51
N THR A 3 23.31 -0.02 21.33
CA THR A 3 24.08 -1.24 21.50
C THR A 3 23.22 -2.45 21.13
N GLU A 4 23.83 -3.41 20.47
CA GLU A 4 23.14 -4.60 19.99
C GLU A 4 23.78 -5.84 20.60
N GLU A 5 22.95 -6.80 20.96
CA GLU A 5 23.40 -8.04 21.60
C GLU A 5 22.80 -9.22 20.86
N PHE A 6 23.62 -10.21 20.55
CA PHE A 6 23.17 -11.43 19.90
C PHE A 6 23.24 -12.59 20.88
N TYR A 7 22.21 -13.42 20.89
CA TYR A 7 22.14 -14.62 21.73
C TYR A 7 22.22 -15.84 20.83
N GLN A 8 23.29 -16.61 20.96
CA GLN A 8 23.43 -17.83 20.18
C GLN A 8 22.44 -18.89 20.65
N SER A 9 22.04 -18.85 21.93
CA SER A 9 21.17 -19.88 22.47
C SER A 9 19.78 -19.84 21.88
N THR A 10 19.30 -18.66 21.48
CA THR A 10 17.95 -18.52 20.94
C THR A 10 17.94 -17.96 19.52
N CYS A 11 19.11 -17.72 18.93
CA CYS A 11 19.25 -17.19 17.57
C CYS A 11 18.45 -15.91 17.38
N SER A 12 18.54 -15.02 18.37
CA SER A 12 17.82 -13.77 18.37
C SER A 12 18.75 -12.65 18.84
N ALA A 13 18.45 -11.43 18.39
CA ALA A 13 19.28 -10.29 18.74
C ALA A 13 18.41 -9.11 19.12
N VAL A 14 18.75 -8.46 20.23
CA VAL A 14 18.01 -7.30 20.73
C VAL A 14 18.86 -6.05 20.51
N SER A 15 18.24 -5.02 19.93
CA SER A 15 18.90 -3.74 19.71
C SER A 15 18.29 -2.73 20.67
N LYS A 16 19.03 -2.39 21.72
CA LYS A 16 18.49 -1.55 22.79
C LYS A 16 19.27 -0.25 22.87
N GLY A 17 18.65 0.73 23.51
CA GLY A 17 19.17 2.10 23.55
C GLY A 17 18.25 3.11 22.88
N TYR A 18 17.09 2.70 22.38
CA TYR A 18 16.18 3.59 21.71
C TYR A 18 15.31 4.36 22.71
N LEU A 19 14.73 5.46 22.24
CA LEU A 19 13.82 6.28 23.01
C LEU A 19 12.45 6.29 22.36
N SER A 20 11.40 6.22 23.17
CA SER A 20 10.05 6.02 22.68
C SER A 20 9.43 7.31 22.18
N ALA A 21 8.49 7.19 21.26
CA ALA A 21 7.61 8.27 20.84
C ALA A 21 6.21 7.73 20.58
N LEU A 22 5.70 6.90 21.49
CA LEU A 22 4.47 6.16 21.23
C LEU A 22 3.26 7.09 21.21
N ARG A 23 2.45 6.98 20.16
CA ARG A 23 1.19 7.70 20.09
C ARG A 23 0.13 6.97 20.90
N THR A 24 -0.38 7.62 21.94
CA THR A 24 -1.41 7.02 22.79
C THR A 24 -2.81 7.50 22.47
N GLY A 25 -2.99 8.76 22.11
CA GLY A 25 -4.32 9.28 21.81
C GLY A 25 -4.36 10.12 20.56
N TRP A 26 -5.53 10.70 20.27
CA TRP A 26 -5.74 11.50 19.07
C TRP A 26 -6.17 12.91 19.47
N TYR A 27 -5.74 13.88 18.66
CA TYR A 27 -6.19 15.25 18.79
C TYR A 27 -6.86 15.64 17.48
N THR A 28 -8.14 16.00 17.55
CA THR A 28 -8.91 16.35 16.37
C THR A 28 -9.08 17.86 16.29
N SER A 29 -8.70 18.44 15.16
CA SER A 29 -8.82 19.87 14.91
C SER A 29 -9.64 20.07 13.66
N VAL A 30 -10.50 21.08 13.68
CA VAL A 30 -11.38 21.37 12.56
C VAL A 30 -10.74 22.47 11.72
N ILE A 31 -10.47 22.17 10.46
CA ILE A 31 -9.83 23.09 9.53
C ILE A 31 -10.88 23.59 8.55
N THR A 32 -10.97 24.90 8.38
CA THR A 32 -11.99 25.51 7.54
C THR A 32 -11.34 26.28 6.40
N ILE A 33 -11.98 26.20 5.23
CA ILE A 33 -11.62 26.97 4.05
C ILE A 33 -12.89 27.67 3.59
N GLU A 34 -12.85 29.00 3.51
CA GLU A 34 -14.02 29.78 3.15
C GLU A 34 -14.12 29.86 1.63
N LEU A 35 -15.30 29.53 1.11
CA LEU A 35 -15.53 29.47 -0.33
C LEU A 35 -16.48 30.58 -0.78
N SER A 36 -16.26 31.06 -1.99
CA SER A 36 -17.05 32.15 -2.54
C SER A 36 -18.44 31.66 -2.96
N ASN A 37 -19.40 32.57 -2.92
CA ASN A 37 -20.79 32.28 -3.25
C ASN A 37 -21.13 32.62 -4.71
N ILE A 38 -20.17 32.45 -5.63
CA ILE A 38 -20.43 32.74 -7.03
C ILE A 38 -21.52 31.83 -7.57
N LYS A 39 -22.54 32.44 -8.19
CA LYS A 39 -23.62 31.68 -8.81
C LYS A 39 -23.30 31.34 -10.27
N GLU A 40 -23.07 32.37 -11.08
CA GLU A 40 -22.74 32.17 -12.48
C GLU A 40 -22.02 33.41 -12.98
N ILE A 41 -21.16 33.22 -13.98
CA ILE A 41 -20.39 34.30 -14.59
C ILE A 41 -21.10 34.75 -15.85
N LYS A 42 -21.37 36.05 -15.96
CA LYS A 42 -22.12 36.61 -17.08
C LYS A 42 -21.24 37.29 -18.11
N CYS A 43 -19.92 37.21 -17.94
CA CYS A 43 -19.01 37.84 -18.90
C CYS A 43 -19.06 37.13 -20.25
N ASN A 44 -19.02 37.90 -21.33
CA ASN A 44 -19.04 37.36 -22.68
C ASN A 44 -17.86 37.82 -23.51
N GLY A 45 -16.81 38.33 -22.86
CA GLY A 45 -15.64 38.78 -23.60
C GLY A 45 -14.85 37.64 -24.20
N THR A 46 -14.19 37.93 -25.32
CA THR A 46 -13.41 36.94 -26.04
C THR A 46 -11.91 37.07 -25.78
N ASP A 47 -11.52 37.87 -24.80
CA ASP A 47 -10.10 38.03 -24.47
C ASP A 47 -9.54 36.74 -23.87
N ALA A 48 -8.27 36.45 -24.19
CA ALA A 48 -7.67 35.19 -23.80
C ALA A 48 -7.52 35.07 -22.28
N LYS A 49 -7.20 36.18 -21.61
CA LYS A 49 -7.04 36.14 -20.15
C LYS A 49 -8.40 35.94 -19.47
N VAL A 50 -9.45 36.53 -20.04
CA VAL A 50 -10.80 36.30 -19.52
C VAL A 50 -11.18 34.84 -19.71
N LYS A 51 -10.78 34.24 -20.83
CA LYS A 51 -11.03 32.82 -21.05
C LYS A 51 -10.27 31.96 -20.05
N LEU A 52 -9.03 32.35 -19.73
CA LEU A 52 -8.25 31.62 -18.73
C LEU A 52 -8.89 31.72 -17.35
N ILE A 53 -9.38 32.91 -16.99
CA ILE A 53 -10.08 33.09 -15.72
C ILE A 53 -11.34 32.25 -15.68
N LYS A 54 -12.08 32.22 -16.79
CA LYS A 54 -13.28 31.39 -16.87
C LYS A 54 -12.95 29.91 -16.73
N GLN A 55 -11.87 29.46 -17.36
CA GLN A 55 -11.48 28.05 -17.24
C GLN A 55 -11.09 27.70 -15.81
N GLU A 56 -10.31 28.56 -15.16
CA GLU A 56 -9.89 28.27 -13.80
C GLU A 56 -11.08 28.32 -12.83
N LEU A 57 -11.98 29.28 -13.03
CA LEU A 57 -13.20 29.33 -12.22
C LEU A 57 -14.10 28.13 -12.49
N ASP A 58 -14.11 27.61 -13.72
CA ASP A 58 -14.91 26.44 -14.03
C ASP A 58 -14.38 25.21 -13.34
N LYS A 59 -13.05 25.02 -13.34
CA LYS A 59 -12.51 23.87 -12.62
C LYS A 59 -12.63 24.05 -11.11
N TYR A 60 -12.56 25.30 -10.61
CA TYR A 60 -12.83 25.55 -9.20
C TYR A 60 -14.26 25.20 -8.82
N LYS A 61 -15.22 25.60 -9.65
CA LYS A 61 -16.62 25.27 -9.38
C LYS A 61 -16.87 23.78 -9.51
N ASN A 62 -16.18 23.12 -10.44
CA ASN A 62 -16.27 21.67 -10.55
C ASN A 62 -15.71 20.99 -9.30
N ALA A 63 -14.62 21.52 -8.75
CA ALA A 63 -14.08 20.99 -7.51
C ALA A 63 -15.04 21.19 -6.35
N VAL A 64 -15.68 22.35 -6.27
CA VAL A 64 -16.65 22.61 -5.21
C VAL A 64 -17.84 21.66 -5.34
N THR A 65 -18.36 21.51 -6.57
CA THR A 65 -19.49 20.61 -6.81
C THR A 65 -19.11 19.17 -6.50
N GLU A 66 -17.87 18.78 -6.82
CA GLU A 66 -17.41 17.43 -6.55
C GLU A 66 -17.29 17.18 -5.05
N LEU A 67 -16.81 18.18 -4.30
CA LEU A 67 -16.80 18.04 -2.85
C LEU A 67 -18.21 17.94 -2.29
N GLN A 68 -19.16 18.64 -2.93
CA GLN A 68 -20.56 18.54 -2.50
C GLN A 68 -21.12 17.16 -2.81
N LEU A 69 -20.65 16.53 -3.88
CA LEU A 69 -21.05 15.16 -4.19
C LEU A 69 -20.56 14.19 -3.13
N LEU A 70 -19.35 14.38 -2.64
CA LEU A 70 -18.74 13.50 -1.63
C LEU A 70 -19.54 13.50 -0.33
N PHE B 1 5.04 -11.51 13.45
CA PHE B 1 4.22 -12.68 13.14
C PHE B 1 2.92 -12.66 13.95
N LEU B 2 2.95 -11.96 15.09
CA LEU B 2 1.82 -11.89 16.00
C LEU B 2 0.85 -10.77 15.64
N GLY B 3 0.83 -10.35 14.37
CA GLY B 3 -0.06 -9.28 13.94
C GLY B 3 -1.53 -9.61 14.01
N PHE B 4 -1.88 -10.90 14.06
CA PHE B 4 -3.28 -11.30 14.15
C PHE B 4 -3.86 -11.17 15.55
N LEU B 5 -3.04 -10.86 16.56
CA LEU B 5 -3.53 -10.71 17.92
C LEU B 5 -4.04 -9.31 18.23
N LEU B 6 -3.88 -8.36 17.31
CA LEU B 6 -4.34 -7.01 17.55
C LEU B 6 -5.86 -6.93 17.48
N GLY B 7 -6.42 -5.94 18.17
CA GLY B 7 -7.84 -5.65 18.07
C GLY B 7 -8.09 -4.65 16.97
N VAL B 8 -9.22 -4.81 16.29
CA VAL B 8 -9.54 -3.98 15.13
C VAL B 8 -10.15 -2.67 15.59
N GLY B 9 -9.31 -1.68 15.84
CA GLY B 9 -9.76 -0.35 16.20
C GLY B 9 -9.80 0.56 14.99
N SER B 10 -10.88 1.32 14.88
CA SER B 10 -11.04 2.27 13.78
C SER B 10 -10.21 3.51 14.07
N ALA B 11 -9.19 3.75 13.25
CA ALA B 11 -8.29 4.87 13.48
C ALA B 11 -8.99 6.21 13.29
N ILE B 12 -9.88 6.30 12.29
CA ILE B 12 -10.53 7.55 11.94
C ILE B 12 -11.77 7.79 12.79
N ALA B 13 -11.94 7.02 13.88
CA ALA B 13 -13.15 7.10 14.67
C ALA B 13 -13.35 8.47 15.28
N SER B 14 -12.28 9.08 15.81
CA SER B 14 -12.40 10.41 16.40
C SER B 14 -12.72 11.46 15.34
N GLY B 15 -12.05 11.39 14.19
CA GLY B 15 -12.29 12.36 13.14
C GLY B 15 -13.68 12.26 12.56
N VAL B 16 -14.16 11.03 12.31
CA VAL B 16 -15.51 10.87 11.78
C VAL B 16 -16.54 11.19 12.85
N ALA B 17 -16.21 11.00 14.12
CA ALA B 17 -17.11 11.42 15.20
C ALA B 17 -17.27 12.93 15.24
N VAL B 18 -16.17 13.66 15.08
CA VAL B 18 -16.26 15.12 15.01
C VAL B 18 -16.97 15.54 13.72
N SER B 19 -16.73 14.82 12.63
CA SER B 19 -17.35 15.16 11.35
C SER B 19 -18.86 14.97 11.38
N LYS B 20 -19.33 13.92 12.06
CA LYS B 20 -20.77 13.66 12.15
C LYS B 20 -21.47 14.77 12.91
N VAL B 21 -20.83 15.30 13.96
CA VAL B 21 -21.42 16.39 14.74
C VAL B 21 -21.57 17.64 13.88
N LEU B 22 -20.58 17.93 13.04
CA LEU B 22 -20.66 19.11 12.18
C LEU B 22 -21.76 19.00 11.13
N HIS B 23 -22.23 17.78 10.83
CA HIS B 23 -23.34 17.62 9.89
C HIS B 23 -24.68 18.03 10.50
N LEU B 24 -24.78 18.08 11.82
CA LEU B 24 -26.03 18.45 12.47
C LEU B 24 -26.40 19.89 12.15
N GLU B 25 -27.70 20.15 12.11
CA GLU B 25 -28.22 21.44 11.69
C GLU B 25 -27.89 22.50 12.72
N GLY B 26 -27.22 23.57 12.29
CA GLY B 26 -26.86 24.67 13.15
C GLY B 26 -25.41 24.70 13.61
N GLU B 27 -24.70 23.58 13.49
CA GLU B 27 -23.32 23.54 13.97
C GLU B 27 -22.39 24.36 13.10
N VAL B 28 -22.60 24.34 11.78
CA VAL B 28 -21.77 25.15 10.89
C VAL B 28 -21.97 26.64 11.16
N ASN B 29 -23.20 27.03 11.53
CA ASN B 29 -23.45 28.40 11.93
C ASN B 29 -22.68 28.77 13.19
N LYS B 30 -22.57 27.83 14.13
CA LYS B 30 -21.80 28.07 15.34
C LYS B 30 -20.30 28.18 15.03
N ILE B 31 -19.82 27.36 14.09
CA ILE B 31 -18.41 27.45 13.67
C ILE B 31 -18.14 28.81 13.04
N LYS B 32 -19.04 29.28 12.19
CA LYS B 32 -18.86 30.59 11.57
C LYS B 32 -18.94 31.71 12.60
N SER B 33 -19.85 31.58 13.58
CA SER B 33 -20.00 32.64 14.58
C SER B 33 -18.81 32.70 15.53
N ALA B 34 -18.23 31.55 15.89
CA ALA B 34 -17.10 31.54 16.80
C ALA B 34 -15.83 32.03 16.11
N LEU B 35 -15.67 31.71 14.83
CA LEU B 35 -14.53 32.15 14.03
C LEU B 35 -14.76 33.50 13.36
N LEU B 36 -15.70 34.30 13.88
CA LEU B 36 -16.09 35.51 13.19
C LEU B 36 -15.05 36.61 13.33
N SER B 37 -14.45 36.76 14.52
CA SER B 37 -13.50 37.83 14.78
C SER B 37 -12.05 37.39 14.73
N THR B 38 -11.78 36.08 14.80
CA THR B 38 -10.41 35.60 14.93
C THR B 38 -10.22 34.41 14.00
N ASN B 39 -8.94 34.12 13.72
CA ASN B 39 -8.57 33.01 12.84
C ASN B 39 -8.51 31.67 13.55
N LYS B 40 -8.59 31.64 14.88
CA LYS B 40 -8.51 30.41 15.65
C LYS B 40 -9.33 30.57 16.91
N ALA B 41 -10.32 29.71 17.12
CA ALA B 41 -11.10 29.74 18.34
C ALA B 41 -11.61 28.33 18.63
N VAL B 42 -11.74 28.03 19.92
CA VAL B 42 -12.27 26.74 20.35
C VAL B 42 -13.79 26.83 20.39
N VAL B 43 -14.46 25.87 19.75
CA VAL B 43 -15.90 25.88 19.60
C VAL B 43 -16.47 24.70 20.36
N SER B 44 -17.50 24.95 21.16
CA SER B 44 -18.18 23.90 21.90
C SER B 44 -19.38 23.43 21.08
N LEU B 45 -19.35 22.18 20.66
CA LEU B 45 -20.36 21.65 19.76
C LEU B 45 -21.48 20.97 20.57
N SER B 46 -22.46 20.42 19.84
CA SER B 46 -23.60 19.78 20.50
C SER B 46 -23.20 18.56 21.31
N ASN B 47 -22.20 17.82 20.85
CA ASN B 47 -21.73 16.63 21.55
C ASN B 47 -21.08 16.95 22.89
N GLY B 48 -20.78 18.21 23.17
CA GLY B 48 -20.05 18.59 24.36
C GLY B 48 -18.55 18.66 24.17
N VAL B 49 -18.05 18.29 22.99
CA VAL B 49 -16.62 18.38 22.73
C VAL B 49 -16.24 19.83 22.47
N SER B 50 -15.00 20.17 22.81
CA SER B 50 -14.43 21.49 22.54
C SER B 50 -13.20 21.28 21.68
N VAL B 51 -13.29 21.63 20.40
CA VAL B 51 -12.23 21.39 19.43
C VAL B 51 -11.72 22.73 18.91
N LEU B 52 -10.40 22.85 18.81
CA LEU B 52 -9.81 24.06 18.25
C LEU B 52 -10.01 24.10 16.75
N THR B 53 -10.61 25.18 16.27
CA THR B 53 -10.88 25.33 14.84
C THR B 53 -10.03 26.45 14.27
N SER B 54 -9.44 26.17 13.10
CA SER B 54 -8.51 27.08 12.45
C SER B 54 -8.93 27.26 11.00
N LYS B 55 -8.68 28.44 10.47
CA LYS B 55 -8.98 28.77 9.09
C LYS B 55 -7.66 28.88 8.35
N VAL B 56 -7.48 28.07 7.30
CA VAL B 56 -6.20 28.00 6.61
C VAL B 56 -6.22 28.62 5.22
N LEU B 57 -7.38 28.83 4.62
CA LEU B 57 -7.43 29.47 3.32
C LEU B 57 -8.76 30.18 3.20
N ASP B 58 -8.72 31.42 2.69
CA ASP B 58 -9.93 32.20 2.46
C ASP B 58 -9.88 32.67 1.01
N LEU B 59 -10.35 31.81 0.10
CA LEU B 59 -10.50 32.21 -1.28
C LEU B 59 -11.70 33.13 -1.49
N LYS B 60 -12.65 33.11 -0.55
CA LYS B 60 -13.81 34.00 -0.66
C LYS B 60 -13.38 35.46 -0.63
N ASN B 61 -12.47 35.81 0.27
CA ASN B 61 -12.01 37.19 0.35
C ASN B 61 -11.27 37.61 -0.91
N TYR B 62 -10.37 36.76 -1.41
CA TYR B 62 -9.64 37.07 -2.62
C TYR B 62 -10.57 37.26 -3.81
N ILE B 63 -11.51 36.33 -3.99
CA ILE B 63 -12.44 36.41 -5.12
C ILE B 63 -13.31 37.65 -5.00
N ASP B 64 -13.94 37.84 -3.83
CA ASP B 64 -14.87 38.94 -3.65
C ASP B 64 -14.19 40.30 -3.69
N LYS B 65 -12.88 40.37 -3.43
CA LYS B 65 -12.20 41.65 -3.55
C LYS B 65 -11.71 41.92 -4.96
N GLN B 66 -11.11 40.92 -5.62
CA GLN B 66 -10.42 41.20 -6.88
C GLN B 66 -11.21 40.81 -8.13
N LEU B 67 -11.97 39.71 -8.10
CA LEU B 67 -12.59 39.21 -9.32
C LEU B 67 -14.00 39.75 -9.54
N LEU B 68 -14.71 40.13 -8.48
CA LEU B 68 -16.04 40.69 -8.65
C LEU B 68 -16.09 41.95 -9.51
N PRO B 69 -15.16 42.93 -9.40
CA PRO B 69 -15.20 44.05 -10.36
C PRO B 69 -14.90 43.65 -11.80
N ILE B 70 -14.32 42.47 -12.04
CA ILE B 70 -13.86 42.10 -13.37
C ILE B 70 -14.88 41.22 -14.08
N VAL B 71 -15.19 40.06 -13.51
CA VAL B 71 -15.99 39.05 -14.22
C VAL B 71 -17.48 39.14 -13.93
N ASN B 72 -17.89 39.88 -12.89
CA ASN B 72 -19.30 40.01 -12.54
C ASN B 72 -19.94 41.24 -13.16
N LYS B 73 -19.47 41.67 -14.33
CA LYS B 73 -20.03 42.83 -15.02
C LYS B 73 -20.20 42.49 -16.49
N GLN B 74 -21.05 43.28 -17.17
CA GLN B 74 -21.24 43.07 -18.60
C GLN B 74 -20.03 43.55 -19.40
N SER B 75 -19.61 44.80 -19.17
CA SER B 75 -18.43 45.36 -19.83
C SER B 75 -17.20 45.01 -19.00
N CYS B 76 -16.73 43.77 -19.18
CA CYS B 76 -15.60 43.28 -18.42
C CYS B 76 -14.33 44.04 -18.76
N SER B 77 -13.70 44.61 -17.74
CA SER B 77 -12.38 45.19 -17.91
C SER B 77 -11.34 44.08 -18.03
N ILE B 78 -10.37 44.26 -18.91
CA ILE B 78 -9.38 43.22 -19.19
C ILE B 78 -8.45 43.07 -17.98
N PRO B 79 -8.40 41.90 -17.36
CA PRO B 79 -7.49 41.72 -16.23
C PRO B 79 -6.05 41.59 -16.70
N ASN B 80 -5.12 41.93 -15.82
CA ASN B 80 -3.71 41.71 -16.08
C ASN B 80 -3.37 40.23 -15.93
N ILE B 81 -2.28 39.82 -16.60
CA ILE B 81 -1.83 38.44 -16.51
C ILE B 81 -1.32 38.12 -15.10
N GLU B 82 -0.86 39.11 -14.36
CA GLU B 82 -0.42 38.89 -12.99
C GLU B 82 -1.58 38.43 -12.13
N THR B 83 -2.76 39.01 -12.33
CA THR B 83 -3.95 38.56 -11.60
C THR B 83 -4.28 37.12 -11.94
N VAL B 84 -4.17 36.76 -13.21
CA VAL B 84 -4.49 35.40 -13.65
C VAL B 84 -3.54 34.41 -12.98
N ILE B 85 -2.24 34.66 -13.08
CA ILE B 85 -1.25 33.72 -12.53
C ILE B 85 -1.33 33.68 -11.01
N GLU B 86 -1.66 34.81 -10.37
CA GLU B 86 -1.86 34.81 -8.92
C GLU B 86 -3.08 33.96 -8.55
N PHE B 87 -4.14 34.03 -9.36
CA PHE B 87 -5.31 33.22 -9.11
C PHE B 87 -5.00 31.73 -9.24
N GLN B 88 -4.24 31.33 -10.28
CA GLN B 88 -3.86 29.92 -10.36
C GLN B 88 -2.98 29.52 -9.17
N GLN B 89 -2.04 30.38 -8.77
CA GLN B 89 -1.17 30.04 -7.64
C GLN B 89 -1.96 29.87 -6.36
N LYS B 90 -2.97 30.72 -6.13
CA LYS B 90 -3.75 30.61 -4.91
C LYS B 90 -4.71 29.42 -4.96
N ASN B 91 -5.30 29.15 -6.12
CA ASN B 91 -6.30 28.09 -6.27
C ASN B 91 -5.68 26.72 -6.45
N ASN B 92 -4.37 26.64 -6.70
CA ASN B 92 -3.72 25.35 -6.90
C ASN B 92 -3.81 24.48 -5.66
N ARG B 93 -3.68 25.09 -4.47
CA ARG B 93 -3.79 24.33 -3.23
C ARG B 93 -5.18 23.71 -3.09
N LEU B 94 -6.22 24.47 -3.40
CA LEU B 94 -7.58 23.92 -3.32
C LEU B 94 -7.80 22.83 -4.37
N LEU B 95 -7.22 23.00 -5.57
CA LEU B 95 -7.36 21.96 -6.59
C LEU B 95 -6.70 20.66 -6.14
N GLU B 96 -5.50 20.74 -5.57
CA GLU B 96 -4.88 19.51 -5.05
C GLU B 96 -5.64 18.94 -3.86
N ILE B 97 -6.22 19.80 -3.00
CA ILE B 97 -7.03 19.30 -1.89
C ILE B 97 -8.22 18.50 -2.40
N THR B 98 -8.95 19.07 -3.36
CA THR B 98 -10.11 18.40 -3.91
C THR B 98 -9.72 17.14 -4.67
N ARG B 99 -8.58 17.17 -5.39
CA ARG B 99 -8.14 15.98 -6.11
C ARG B 99 -7.80 14.85 -5.16
N GLU B 100 -7.09 15.15 -4.07
CA GLU B 100 -6.76 14.12 -3.09
C GLU B 100 -8.03 13.58 -2.43
N PHE B 101 -8.99 14.46 -2.13
CA PHE B 101 -10.25 14.00 -1.54
C PHE B 101 -11.06 13.15 -2.52
N SER B 102 -10.98 13.46 -3.82
CA SER B 102 -11.68 12.68 -4.82
C SER B 102 -11.06 11.29 -4.96
N VAL B 103 -9.73 11.23 -5.02
CA VAL B 103 -9.06 9.94 -5.21
C VAL B 103 -9.22 9.06 -3.97
N ASN B 104 -9.13 9.64 -2.78
CA ASN B 104 -9.13 8.84 -1.56
C ASN B 104 -10.49 8.82 -0.85
N ALA B 105 -11.54 9.38 -1.47
CA ALA B 105 -12.91 9.40 -0.92
C ALA B 105 -12.97 10.05 0.46
N GLY B 106 -12.27 11.17 0.63
CA GLY B 106 -12.43 11.99 1.80
C GLY B 106 -11.71 11.55 3.05
N VAL B 107 -10.87 10.52 2.99
CA VAL B 107 -10.03 10.12 4.11
C VAL B 107 -8.63 9.89 3.56
N THR B 108 -7.71 10.80 3.87
CA THR B 108 -6.37 10.77 3.31
C THR B 108 -5.33 10.54 4.41
N THR B 109 -4.33 9.74 4.08
CA THR B 109 -3.17 9.50 4.94
C THR B 109 -1.98 9.13 4.07
N PRO B 110 -0.79 9.71 4.32
CA PRO B 110 -0.46 10.73 5.32
C PRO B 110 -1.02 12.10 4.97
N VAL B 111 -1.03 13.03 5.93
CA VAL B 111 -1.51 14.39 5.69
C VAL B 111 -0.49 15.08 4.79
N SER B 112 -0.91 15.42 3.58
CA SER B 112 -0.01 16.03 2.60
C SER B 112 0.23 17.50 2.95
N THR B 113 1.13 18.11 2.18
CA THR B 113 1.42 19.54 2.35
C THR B 113 0.19 20.39 1.99
N TYR B 114 -0.66 19.91 1.09
CA TYR B 114 -1.85 20.66 0.72
C TYR B 114 -2.92 20.60 1.79
N MET B 115 -3.05 19.46 2.48
CA MET B 115 -3.95 19.39 3.63
C MET B 115 -3.53 20.37 4.71
N LEU B 116 -2.22 20.46 4.97
CA LEU B 116 -1.68 21.31 6.03
C LEU B 116 -0.24 21.61 5.67
N THR B 117 0.10 22.89 5.48
CA THR B 117 1.48 23.25 5.25
C THR B 117 2.29 23.05 6.53
N ASN B 118 3.62 23.03 6.38
CA ASN B 118 4.47 22.76 7.53
C ASN B 118 4.45 23.91 8.54
N SER B 119 4.32 25.15 8.07
CA SER B 119 4.22 26.27 8.99
C SER B 119 2.92 26.21 9.80
N GLU B 120 1.80 25.92 9.12
CA GLU B 120 0.53 25.81 9.81
C GLU B 120 0.50 24.58 10.72
N LEU B 121 1.15 23.49 10.30
CA LEU B 121 1.24 22.31 11.15
C LEU B 121 2.05 22.59 12.39
N LEU B 122 3.17 23.31 12.26
CA LEU B 122 3.98 23.66 13.42
C LEU B 122 3.23 24.59 14.36
N SER B 123 2.49 25.57 13.81
CA SER B 123 1.71 26.46 14.64
C SER B 123 0.62 25.71 15.39
N LEU B 124 -0.12 24.84 14.69
CA LEU B 124 -1.19 24.09 15.33
C LEU B 124 -0.64 23.07 16.33
N ILE B 125 0.56 22.53 16.08
CA ILE B 125 1.12 21.53 16.96
C ILE B 125 1.73 22.18 18.19
N ASN B 126 2.11 23.46 18.09
CA ASN B 126 2.48 24.24 19.26
C ASN B 126 1.25 24.69 20.05
N ASP B 127 0.13 24.91 19.36
CA ASP B 127 -1.09 25.40 20.01
C ASP B 127 -1.86 24.33 20.76
N MET B 128 -1.45 23.05 20.68
CA MET B 128 -2.13 22.02 21.45
C MET B 128 -1.90 22.23 22.94
N PRO B 129 -2.88 21.93 23.78
CA PRO B 129 -2.70 22.02 25.25
C PRO B 129 -1.98 20.78 25.81
N ILE B 130 -0.66 20.75 25.61
CA ILE B 130 0.16 19.62 26.01
C ILE B 130 1.44 20.12 26.67
N THR B 131 2.22 19.19 27.20
CA THR B 131 3.46 19.50 27.89
C THR B 131 4.50 20.01 26.90
N ASN B 132 5.50 20.71 27.45
CA ASN B 132 6.54 21.31 26.61
C ASN B 132 7.43 20.24 25.98
N ASP B 133 7.69 19.13 26.68
CA ASP B 133 8.49 18.06 26.10
C ASP B 133 7.77 17.42 24.91
N GLN B 134 6.45 17.23 25.03
CA GLN B 134 5.68 16.70 23.91
C GLN B 134 5.72 17.65 22.73
N LYS B 135 5.61 18.96 22.98
CA LYS B 135 5.69 19.94 21.90
C LYS B 135 7.05 19.91 21.23
N LYS B 136 8.11 19.77 22.02
CA LYS B 136 9.46 19.71 21.44
C LYS B 136 9.63 18.47 20.57
N LEU B 137 9.16 17.31 21.05
CA LEU B 137 9.22 16.08 20.26
C LEU B 137 8.42 16.22 18.97
N MET B 138 7.22 16.78 19.06
CA MET B 138 6.36 16.92 17.88
C MET B 138 6.96 17.89 16.88
N SER B 139 7.52 19.00 17.36
CA SER B 139 8.08 20.02 16.45
C SER B 139 9.36 19.55 15.80
N ASN B 140 10.14 18.70 16.47
CA ASN B 140 11.39 18.24 15.88
C ASN B 140 11.19 17.11 14.88
N ASN B 141 10.02 16.47 14.85
CA ASN B 141 9.79 15.28 14.04
C ASN B 141 8.44 15.35 13.33
N VAL B 142 8.15 16.48 12.67
CA VAL B 142 6.83 16.71 12.09
C VAL B 142 6.49 15.73 10.97
N GLN B 143 7.50 15.11 10.34
CA GLN B 143 7.22 14.22 9.22
C GLN B 143 6.53 12.93 9.67
N ILE B 144 6.96 12.38 10.80
CA ILE B 144 6.25 11.21 11.33
C ILE B 144 4.89 11.62 11.86
N VAL B 145 4.74 12.87 12.30
CA VAL B 145 3.42 13.37 12.66
C VAL B 145 2.51 13.38 11.43
N ARG B 146 3.05 13.75 10.27
CA ARG B 146 2.28 13.64 9.04
C ARG B 146 1.97 12.19 8.71
N GLN B 147 2.93 11.29 8.88
CA GLN B 147 2.73 9.89 8.51
C GLN B 147 1.73 9.18 9.41
N GLN B 148 1.43 9.73 10.59
CA GLN B 148 0.49 9.14 11.53
C GLN B 148 -0.73 10.03 11.74
N SER B 149 -1.20 10.66 10.67
CA SER B 149 -2.31 11.60 10.76
C SER B 149 -3.27 11.36 9.60
N TYR B 150 -4.53 11.71 9.82
CA TYR B 150 -5.58 11.57 8.82
C TYR B 150 -6.26 12.91 8.61
N SER B 151 -6.75 13.13 7.39
CA SER B 151 -7.56 14.29 7.06
C SER B 151 -8.90 13.81 6.55
N ILE B 152 -9.97 14.18 7.24
CA ILE B 152 -11.31 13.65 6.98
C ILE B 152 -12.20 14.77 6.48
N MET B 153 -12.72 14.63 5.27
CA MET B 153 -13.75 15.53 4.76
C MET B 153 -14.96 15.53 5.68
N SER B 154 -15.42 16.73 6.06
CA SER B 154 -16.55 16.82 6.98
C SER B 154 -17.78 17.46 6.35
N ILE B 155 -17.72 18.72 5.93
CA ILE B 155 -18.90 19.41 5.40
C ILE B 155 -18.47 20.36 4.29
N ILE B 156 -19.40 20.63 3.38
CA ILE B 156 -19.28 21.76 2.45
C ILE B 156 -20.65 22.39 2.24
N LYS B 157 -20.92 23.48 2.96
CA LYS B 157 -22.22 24.14 2.92
C LYS B 157 -22.09 25.50 3.57
N GLU B 158 -23.04 26.38 3.24
CA GLU B 158 -23.09 27.75 3.76
C GLU B 158 -21.79 28.50 3.51
N GLU B 159 -21.23 28.31 2.31
CA GLU B 159 -19.96 28.90 1.87
C GLU B 159 -18.78 28.49 2.73
N VAL B 160 -18.88 27.37 3.43
CA VAL B 160 -17.83 26.89 4.32
C VAL B 160 -17.46 25.47 3.94
N LEU B 161 -16.18 25.25 3.68
CA LEU B 161 -15.60 23.92 3.49
C LEU B 161 -14.83 23.56 4.75
N ALA B 162 -15.07 22.37 5.29
CA ALA B 162 -14.41 21.98 6.52
C ALA B 162 -13.93 20.54 6.43
N TYR B 163 -12.68 20.32 6.84
CA TYR B 163 -12.14 18.98 6.99
C TYR B 163 -11.39 18.90 8.30
N VAL B 164 -11.52 17.76 8.99
CA VAL B 164 -11.00 17.58 10.33
C VAL B 164 -9.66 16.85 10.22
N VAL B 165 -8.57 17.56 10.49
CA VAL B 165 -7.27 16.93 10.58
C VAL B 165 -7.14 16.26 11.94
N GLN B 166 -6.47 15.12 11.99
CA GLN B 166 -6.43 14.28 13.18
C GLN B 166 -4.98 14.03 13.55
N LEU B 167 -4.39 14.96 14.29
CA LEU B 167 -2.99 14.86 14.66
C LEU B 167 -2.81 13.81 15.75
N PRO B 168 -1.69 13.09 15.75
CA PRO B 168 -1.41 12.15 16.84
C PRO B 168 -1.03 12.87 18.12
N LEU B 169 -1.22 12.17 19.24
CA LEU B 169 -0.76 12.62 20.55
C LEU B 169 0.22 11.60 21.09
N TYR B 170 1.47 12.01 21.29
CA TYR B 170 2.52 11.12 21.78
C TYR B 170 2.55 11.21 23.30
N GLY B 171 1.81 10.33 23.96
CA GLY B 171 1.72 10.32 25.40
C GLY B 171 2.85 9.64 26.14
N VAL B 172 3.81 9.04 25.43
CA VAL B 172 4.93 8.36 26.05
C VAL B 172 6.21 8.86 25.40
N ILE B 173 7.15 9.36 26.21
CA ILE B 173 8.38 9.94 25.72
C ILE B 173 9.55 9.39 26.52
N ASP B 174 10.62 9.01 25.83
CA ASP B 174 11.93 8.68 26.39
C ASP B 174 11.91 7.46 27.30
N THR B 175 10.90 6.61 27.20
CA THR B 175 11.06 5.32 27.86
C THR B 175 11.94 4.42 26.99
N PRO B 176 12.73 3.55 27.60
CA PRO B 176 13.65 2.70 26.81
C PRO B 176 12.90 1.75 25.88
N CYS B 177 13.45 1.58 24.68
CA CYS B 177 12.88 0.70 23.67
C CYS B 177 13.95 -0.23 23.14
N TRP B 178 13.53 -1.44 22.76
CA TRP B 178 14.44 -2.40 22.14
C TRP B 178 13.68 -3.23 21.14
N LYS B 179 14.35 -3.57 20.04
CA LYS B 179 13.77 -4.37 18.97
C LYS B 179 14.34 -5.78 19.03
N LEU B 180 13.46 -6.78 18.96
CA LEU B 180 13.87 -8.17 18.97
C LEU B 180 13.81 -8.72 17.56
N HIS B 181 14.95 -9.17 17.05
CA HIS B 181 15.05 -9.80 15.75
C HIS B 181 15.17 -11.31 15.94
N THR B 182 14.58 -12.07 15.02
CA THR B 182 14.61 -13.52 15.15
C THR B 182 14.88 -14.17 13.81
N SER B 183 15.68 -15.24 13.82
CA SER B 183 15.98 -16.06 12.67
C SER B 183 15.69 -17.51 13.01
N PRO B 184 15.35 -18.33 12.02
CA PRO B 184 15.11 -19.76 12.30
C PRO B 184 16.36 -20.46 12.81
N LEU B 185 16.20 -21.14 13.95
CA LEU B 185 17.24 -21.97 14.54
C LEU B 185 16.93 -23.43 14.22
N CYS B 186 17.83 -24.09 13.51
CA CYS B 186 17.57 -25.44 13.02
C CYS B 186 18.77 -26.33 13.27
N THR B 187 18.53 -27.63 13.24
CA THR B 187 19.62 -28.60 13.35
C THR B 187 20.46 -28.61 12.07
N THR B 188 21.61 -29.28 12.14
CA THR B 188 22.59 -29.22 11.07
C THR B 188 23.03 -30.60 10.59
N ASN B 189 22.23 -31.63 10.81
CA ASN B 189 22.60 -32.97 10.35
C ASN B 189 22.52 -33.06 8.83
N THR B 190 23.33 -33.95 8.26
CA THR B 190 23.50 -34.01 6.81
C THR B 190 22.26 -34.53 6.08
N LYS B 191 21.41 -35.32 6.74
CA LYS B 191 20.22 -35.82 6.10
C LYS B 191 19.23 -34.69 5.85
N GLU B 192 18.71 -34.62 4.62
CA GLU B 192 17.92 -33.47 4.18
C GLU B 192 16.63 -33.32 4.98
N GLY B 193 15.90 -34.41 5.19
CA GLY B 193 14.56 -34.34 5.74
C GLY B 193 14.41 -34.61 7.22
N SER B 194 15.51 -34.72 7.97
CA SER B 194 15.43 -34.92 9.41
C SER B 194 15.56 -33.63 10.20
N ASN B 195 15.67 -32.48 9.53
CA ASN B 195 15.90 -31.22 10.22
C ASN B 195 14.62 -30.69 10.85
N ILE B 196 14.76 -30.09 12.02
CA ILE B 196 13.66 -29.43 12.73
C ILE B 196 14.08 -28.00 13.01
N CYS B 197 13.10 -27.10 13.05
CA CYS B 197 13.38 -25.67 13.17
C CYS B 197 12.53 -25.06 14.27
N LEU B 198 12.96 -23.89 14.73
CA LEU B 198 12.31 -23.16 15.81
C LEU B 198 12.55 -21.68 15.60
N THR B 199 11.48 -20.88 15.64
CA THR B 199 11.58 -19.44 15.39
C THR B 199 10.72 -18.71 16.39
N ARG B 200 11.32 -17.79 17.15
CA ARG B 200 10.55 -17.00 18.09
C ARG B 200 9.62 -16.06 17.33
N THR B 201 8.33 -16.13 17.61
CA THR B 201 7.33 -15.38 16.89
C THR B 201 7.13 -13.97 17.42
N ASP B 202 7.74 -13.63 18.56
CA ASP B 202 7.53 -12.35 19.21
C ASP B 202 8.52 -11.29 18.74
N ARG B 203 9.02 -11.39 17.51
CA ARG B 203 9.87 -10.36 16.97
C ARG B 203 9.06 -9.07 16.76
N GLY B 204 9.71 -7.95 16.98
CA GLY B 204 9.08 -6.65 16.87
C GLY B 204 9.58 -5.73 17.95
N TRP B 205 9.00 -4.53 18.00
CA TRP B 205 9.45 -3.51 18.93
C TRP B 205 8.85 -3.74 20.32
N TYR B 206 9.57 -3.25 21.33
CA TYR B 206 9.10 -3.23 22.70
C TYR B 206 9.42 -1.86 23.27
N CYS B 207 8.48 -1.26 24.00
CA CYS B 207 8.71 0.03 24.62
C CYS B 207 8.00 0.08 25.97
N ASP B 208 8.70 0.58 26.99
CA ASP B 208 8.10 0.68 28.31
C ASP B 208 6.97 1.70 28.34
N ASN B 209 5.91 1.37 29.08
CA ASN B 209 4.74 2.23 29.17
C ASN B 209 4.02 1.92 30.48
N ALA B 210 4.24 2.76 31.50
CA ALA B 210 3.47 2.75 32.74
C ALA B 210 3.51 1.40 33.45
N GLY B 211 4.71 0.86 33.61
CA GLY B 211 4.89 -0.39 34.32
C GLY B 211 4.57 -1.63 33.53
N SER B 212 4.31 -1.51 32.24
CA SER B 212 4.10 -2.65 31.36
C SER B 212 4.88 -2.40 30.08
N VAL B 213 4.99 -3.44 29.25
CA VAL B 213 5.76 -3.37 28.02
C VAL B 213 4.79 -3.40 26.84
N SER B 214 4.81 -2.35 26.03
CA SER B 214 4.02 -2.29 24.81
C SER B 214 4.76 -3.05 23.72
N PHE B 215 4.20 -4.18 23.30
CA PHE B 215 4.81 -5.03 22.29
C PHE B 215 4.15 -4.73 20.95
N PHE B 216 4.96 -4.39 19.95
CA PHE B 216 4.45 -4.07 18.62
C PHE B 216 4.84 -5.18 17.68
N PRO B 217 3.93 -6.11 17.35
CA PRO B 217 4.34 -7.29 16.57
C PRO B 217 4.72 -6.99 15.14
N GLN B 218 4.20 -5.90 14.56
CA GLN B 218 4.51 -5.52 13.18
C GLN B 218 5.62 -4.49 13.22
N ALA B 219 6.85 -4.93 12.98
CA ALA B 219 8.00 -4.03 13.04
C ALA B 219 8.01 -3.04 11.89
N GLU B 220 7.45 -3.42 10.73
CA GLU B 220 7.49 -2.55 9.56
C GLU B 220 6.63 -1.31 9.73
N THR B 221 5.60 -1.38 10.57
CA THR B 221 4.72 -0.22 10.76
C THR B 221 5.40 0.87 11.57
N CYS B 222 6.21 0.49 12.55
CA CYS B 222 6.86 1.47 13.41
C CYS B 222 8.00 2.17 12.66
N LYS B 223 7.96 3.50 12.66
CA LYS B 223 8.99 4.30 12.02
C LYS B 223 10.15 4.54 12.98
N VAL B 224 11.35 4.64 12.43
CA VAL B 224 12.55 4.90 13.22
C VAL B 224 13.30 6.08 12.61
N GLN B 225 13.45 7.15 13.36
CA GLN B 225 14.34 8.25 13.01
C GLN B 225 15.44 8.33 14.06
N SER B 226 16.69 8.09 13.62
CA SER B 226 17.88 8.00 14.46
C SER B 226 17.68 7.09 15.66
N ASN B 227 17.75 7.64 16.87
CA ASN B 227 17.65 6.87 18.10
C ASN B 227 16.22 6.74 18.60
N ARG B 228 15.26 7.34 17.91
CA ARG B 228 13.89 7.43 18.40
C ARG B 228 12.98 6.50 17.61
N VAL B 229 12.08 5.83 18.32
CA VAL B 229 11.17 4.86 17.74
C VAL B 229 9.76 5.41 17.83
N PHE B 230 9.17 5.72 16.69
CA PHE B 230 7.81 6.24 16.61
C PHE B 230 6.86 5.09 16.34
N CYS B 231 6.03 4.76 17.31
CA CYS B 231 5.10 3.64 17.20
C CYS B 231 3.69 4.10 17.51
N ASP B 232 2.75 3.19 17.32
CA ASP B 232 1.32 3.44 17.54
C ASP B 232 0.81 2.42 18.55
N THR B 233 0.16 2.90 19.61
CA THR B 233 -0.37 1.97 20.61
C THR B 233 -1.65 1.28 20.15
N MET B 234 -2.27 1.74 19.08
CA MET B 234 -3.50 1.10 18.59
C MET B 234 -3.24 -0.31 18.10
N ASN B 235 -2.13 -0.52 17.39
CA ASN B 235 -1.74 -1.84 16.89
C ASN B 235 -0.70 -2.51 17.77
N SER B 236 -0.82 -2.34 19.08
CA SER B 236 0.14 -2.87 20.04
C SER B 236 -0.57 -3.77 21.04
N LEU B 237 0.22 -4.66 21.63
CA LEU B 237 -0.20 -5.48 22.74
C LEU B 237 0.33 -4.88 24.04
N THR B 238 -0.40 -5.10 25.13
CA THR B 238 0.12 -4.81 26.46
C THR B 238 0.55 -6.12 27.11
N LEU B 239 1.78 -6.13 27.64
CA LEU B 239 2.35 -7.34 28.18
C LEU B 239 2.93 -7.07 29.55
N PRO B 240 2.96 -8.08 30.43
CA PRO B 240 3.61 -7.91 31.73
C PRO B 240 5.11 -7.76 31.57
N SER B 241 5.73 -7.22 32.61
CA SER B 241 7.16 -6.96 32.58
C SER B 241 8.00 -8.23 32.62
N GLU B 242 7.37 -9.40 32.82
CA GLU B 242 8.07 -10.66 32.70
C GLU B 242 8.50 -10.96 31.26
N VAL B 243 8.02 -10.20 30.28
CA VAL B 243 8.41 -10.40 28.89
C VAL B 243 9.90 -10.12 28.68
N ASN B 244 10.52 -9.33 29.57
CA ASN B 244 11.95 -9.09 29.47
C ASN B 244 12.74 -10.34 29.81
N LEU B 245 12.16 -11.25 30.59
CA LEU B 245 12.88 -12.43 31.05
C LEU B 245 13.15 -13.42 29.93
N CYS B 246 12.46 -13.31 28.79
CA CYS B 246 12.67 -14.22 27.68
C CYS B 246 14.05 -14.06 27.06
N ASN B 247 14.63 -12.85 27.13
CA ASN B 247 15.91 -12.58 26.49
C ASN B 247 17.10 -13.08 27.30
N VAL B 248 16.90 -13.52 28.53
CA VAL B 248 17.98 -14.07 29.34
C VAL B 248 17.75 -15.52 29.73
N ASP B 249 16.51 -16.00 29.75
CA ASP B 249 16.21 -17.40 30.03
C ASP B 249 14.90 -17.71 29.34
N ILE B 250 14.97 -18.31 28.14
CA ILE B 250 13.76 -18.61 27.38
C ILE B 250 12.93 -19.71 28.06
N PHE B 251 13.53 -20.50 28.94
CA PHE B 251 12.83 -21.56 29.64
C PHE B 251 12.35 -21.12 31.03
N ASN B 252 12.23 -19.81 31.25
CA ASN B 252 11.79 -19.31 32.53
C ASN B 252 10.31 -19.64 32.75
N PRO B 253 9.89 -19.87 34.00
CA PRO B 253 8.49 -20.21 34.27
C PRO B 253 7.56 -19.02 34.46
N LYS B 254 8.10 -17.80 34.53
CA LYS B 254 7.25 -16.64 34.76
C LYS B 254 6.49 -16.21 33.50
N TYR B 255 7.07 -16.42 32.33
CA TYR B 255 6.45 -15.98 31.08
C TYR B 255 6.86 -16.94 29.97
N ASP B 256 5.87 -17.55 29.32
CA ASP B 256 6.13 -18.49 28.24
C ASP B 256 6.45 -17.73 26.95
N CYS B 257 7.68 -17.86 26.47
CA CYS B 257 8.08 -17.20 25.25
C CYS B 257 7.45 -17.88 24.03
N LYS B 258 7.02 -17.08 23.06
CA LYS B 258 6.23 -17.57 21.94
C LYS B 258 7.12 -17.94 20.77
N ILE B 259 6.95 -19.15 20.24
CA ILE B 259 7.74 -19.68 19.13
C ILE B 259 6.82 -20.41 18.16
N MET B 260 7.31 -20.57 16.94
CA MET B 260 6.71 -21.45 15.94
C MET B 260 7.72 -22.52 15.55
N THR B 261 7.21 -23.65 15.07
CA THR B 261 8.03 -24.78 14.70
C THR B 261 7.67 -25.24 13.30
N SER B 262 8.64 -25.88 12.64
CA SER B 262 8.47 -26.41 11.29
C SER B 262 9.62 -27.37 11.03
N LYS B 263 9.67 -27.91 9.82
CA LYS B 263 10.79 -28.73 9.38
C LYS B 263 11.42 -28.22 8.09
N THR B 264 11.04 -27.04 7.63
CA THR B 264 11.57 -26.47 6.39
C THR B 264 12.82 -25.65 6.72
N ASP B 265 13.97 -26.33 6.71
CA ASP B 265 15.25 -25.69 6.99
C ASP B 265 15.70 -24.91 5.76
N VAL B 266 15.33 -23.65 5.70
CA VAL B 266 15.70 -22.75 4.61
C VAL B 266 16.83 -21.85 5.09
N SER B 267 17.79 -21.60 4.20
CA SER B 267 18.91 -20.70 4.49
C SER B 267 18.42 -19.26 4.33
N SER B 268 18.39 -18.52 5.42
CA SER B 268 17.87 -17.16 5.41
C SER B 268 18.73 -16.28 6.29
N SER B 269 18.64 -14.97 6.07
CA SER B 269 19.38 -13.99 6.83
C SER B 269 18.47 -12.85 7.27
N VAL B 270 18.71 -12.36 8.48
CA VAL B 270 17.92 -11.29 9.08
C VAL B 270 18.88 -10.15 9.38
N ILE B 271 18.72 -9.03 8.68
CA ILE B 271 19.60 -7.89 8.86
C ILE B 271 19.13 -7.11 10.09
N THR B 272 19.93 -7.13 11.15
CA THR B 272 19.61 -6.44 12.38
C THR B 272 20.08 -4.98 12.30
N SER B 273 20.00 -4.27 13.42
CA SER B 273 20.36 -2.86 13.45
C SER B 273 21.87 -2.66 13.32
N LEU B 274 22.66 -3.50 14.01
CA LEU B 274 24.11 -3.34 14.06
C LEU B 274 24.87 -4.56 13.56
N GLY B 275 24.21 -5.47 12.86
CA GLY B 275 24.87 -6.66 12.37
C GLY B 275 24.01 -7.45 11.41
N ALA B 276 24.22 -8.76 11.37
CA ALA B 276 23.42 -9.65 10.54
C ALA B 276 23.41 -11.03 11.16
N ILE B 277 22.23 -11.64 11.20
CA ILE B 277 22.08 -13.03 11.63
C ILE B 277 21.91 -13.89 10.39
N VAL B 278 22.79 -14.85 10.20
CA VAL B 278 22.73 -15.75 9.06
C VAL B 278 22.56 -17.17 9.57
N SER B 279 21.59 -17.90 9.00
CA SER B 279 21.29 -19.27 9.40
C SER B 279 21.45 -20.14 8.15
N CYS B 280 22.68 -20.57 7.91
CA CYS B 280 23.02 -21.31 6.71
C CYS B 280 22.81 -22.80 6.95
N TYR B 281 22.05 -23.45 6.08
CA TYR B 281 21.70 -24.86 6.27
C TYR B 281 21.81 -25.63 4.97
N GLY B 282 21.82 -26.96 5.10
CA GLY B 282 21.87 -27.84 3.94
C GLY B 282 23.20 -27.73 3.22
N LYS B 283 23.13 -27.62 1.90
CA LYS B 283 24.31 -27.50 1.05
C LYS B 283 24.52 -26.07 0.57
N THR B 284 23.84 -25.11 1.18
CA THR B 284 23.98 -23.70 0.80
C THR B 284 25.33 -23.17 1.26
N LYS B 285 25.91 -22.28 0.46
CA LYS B 285 27.16 -21.61 0.79
C LYS B 285 26.87 -20.17 1.16
N CYS B 286 27.24 -19.79 2.39
CA CYS B 286 26.96 -18.47 2.93
C CYS B 286 28.25 -17.83 3.42
N THR B 287 28.45 -16.56 3.05
CA THR B 287 29.68 -15.86 3.37
C THR B 287 29.36 -14.40 3.66
N ALA B 288 30.24 -13.77 4.44
CA ALA B 288 30.19 -12.35 4.69
C ALA B 288 31.46 -11.72 4.14
N SER B 289 31.33 -10.54 3.53
CA SER B 289 32.45 -9.98 2.78
C SER B 289 32.57 -8.49 3.01
N ASN B 290 33.78 -7.99 2.77
CA ASN B 290 34.11 -6.58 2.78
C ASN B 290 34.12 -6.09 1.34
N LYS B 291 33.65 -4.86 1.11
CA LYS B 291 33.54 -4.34 -0.25
C LYS B 291 34.89 -4.22 -0.94
N ASN B 292 35.97 -4.10 -0.17
CA ASN B 292 37.32 -3.96 -0.72
C ASN B 292 38.17 -5.21 -0.57
N ARG B 293 38.09 -5.89 0.57
CA ARG B 293 38.92 -7.05 0.83
C ARG B 293 38.37 -8.34 0.25
N GLY B 294 37.15 -8.34 -0.28
CA GLY B 294 36.56 -9.58 -0.77
C GLY B 294 35.95 -10.37 0.37
N ILE B 295 35.91 -11.70 0.19
CA ILE B 295 35.35 -12.57 1.22
C ILE B 295 36.25 -12.57 2.44
N ILE B 296 35.67 -12.29 3.60
CA ILE B 296 36.41 -12.27 4.86
C ILE B 296 35.94 -13.32 5.84
N LYS B 297 34.78 -13.95 5.61
CA LYS B 297 34.24 -14.92 6.55
C LYS B 297 33.40 -15.93 5.80
N THR B 298 33.42 -17.17 6.25
CA THR B 298 32.58 -18.23 5.73
C THR B 298 31.83 -18.86 6.89
N PHE B 299 30.52 -19.02 6.73
CA PHE B 299 29.67 -19.49 7.81
C PHE B 299 29.46 -21.00 7.69
N SER B 300 29.70 -21.71 8.78
CA SER B 300 29.36 -23.11 8.87
C SER B 300 27.87 -23.27 9.13
N ASN B 301 27.39 -24.51 9.04
CA ASN B 301 25.97 -24.78 9.22
C ASN B 301 25.54 -24.47 10.65
N GLY B 302 24.42 -23.75 10.78
CA GLY B 302 23.83 -23.40 12.05
C GLY B 302 23.48 -21.93 12.08
N CYS B 303 23.27 -21.43 13.30
CA CYS B 303 22.95 -20.02 13.53
C CYS B 303 24.21 -19.27 13.89
N ASP B 304 24.49 -18.19 13.15
CA ASP B 304 25.71 -17.42 13.34
C ASP B 304 25.39 -15.94 13.15
N TYR B 305 26.27 -15.10 13.68
CA TYR B 305 26.07 -13.66 13.71
C TYR B 305 27.37 -12.98 13.34
N VAL B 306 27.26 -11.91 12.56
CA VAL B 306 28.43 -11.14 12.13
C VAL B 306 28.17 -9.66 12.41
N SER B 307 29.20 -8.99 12.91
CA SER B 307 29.07 -7.58 13.25
C SER B 307 29.12 -6.72 12.00
N ASN B 308 28.70 -5.46 12.16
CA ASN B 308 28.76 -4.51 11.06
C ASN B 308 30.14 -3.89 10.89
N LYS B 309 31.08 -4.19 11.78
CA LYS B 309 32.44 -3.67 11.67
C LYS B 309 33.20 -4.47 10.62
N GLY B 310 33.70 -3.78 9.60
CA GLY B 310 34.41 -4.43 8.52
C GLY B 310 33.51 -4.98 7.44
N VAL B 311 32.44 -5.65 7.83
CA VAL B 311 31.52 -6.27 6.88
C VAL B 311 30.64 -5.20 6.25
N ASP B 312 30.51 -5.24 4.92
CA ASP B 312 29.66 -4.34 4.19
C ASP B 312 28.53 -5.02 3.44
N THR B 313 28.73 -6.25 2.95
CA THR B 313 27.68 -7.06 2.35
C THR B 313 27.76 -8.47 2.91
N VAL B 314 26.62 -9.15 2.88
CA VAL B 314 26.50 -10.53 3.32
C VAL B 314 25.72 -11.29 2.27
N SER B 315 26.20 -12.47 1.88
CA SER B 315 25.57 -13.28 0.86
C SER B 315 25.14 -14.61 1.46
N VAL B 316 23.89 -14.99 1.25
CA VAL B 316 23.34 -16.26 1.70
C VAL B 316 22.71 -16.93 0.49
N GLY B 317 23.36 -17.94 -0.06
CA GLY B 317 22.88 -18.56 -1.27
C GLY B 317 22.97 -17.60 -2.44
N ASN B 318 21.88 -17.48 -3.18
CA ASN B 318 21.83 -16.64 -4.37
C ASN B 318 21.35 -15.23 -4.09
N THR B 319 21.01 -14.90 -2.85
CA THR B 319 20.54 -13.58 -2.48
C THR B 319 21.59 -12.85 -1.63
N LEU B 320 21.74 -11.56 -1.88
CA LEU B 320 22.73 -10.74 -1.21
C LEU B 320 22.02 -9.65 -0.40
N TYR B 321 22.30 -9.61 0.90
CA TYR B 321 21.78 -8.59 1.79
C TYR B 321 22.88 -7.64 2.20
N TYR B 322 22.57 -6.35 2.24
CA TYR B 322 23.52 -5.34 2.71
C TYR B 322 23.27 -5.07 4.19
N VAL B 323 24.36 -5.01 4.95
CA VAL B 323 24.27 -4.81 6.40
C VAL B 323 24.24 -3.32 6.69
N ASN B 324 23.63 -2.96 7.82
CA ASN B 324 23.56 -1.57 8.24
C ASN B 324 24.90 -1.12 8.79
N LYS B 325 25.42 -0.02 8.26
CA LYS B 325 26.70 0.53 8.70
C LYS B 325 26.55 1.53 9.84
N GLN B 326 25.51 1.38 10.65
CA GLN B 326 25.31 2.23 11.82
C GLN B 326 26.43 2.03 12.82
N GLU B 327 26.82 3.10 13.51
CA GLU B 327 27.82 3.01 14.56
C GLU B 327 27.18 2.49 15.84
N GLY B 328 27.87 1.55 16.49
CA GLY B 328 27.38 0.96 17.72
C GLY B 328 28.16 -0.27 18.11
N LYS B 329 28.13 -0.63 19.39
CA LYS B 329 28.90 -1.77 19.89
C LYS B 329 28.03 -3.02 19.88
N SER B 330 28.57 -4.10 19.34
CA SER B 330 27.86 -5.37 19.19
C SER B 330 28.48 -6.43 20.09
N LEU B 331 27.64 -7.27 20.69
CA LEU B 331 28.09 -8.31 21.61
C LEU B 331 27.59 -9.66 21.12
N TYR B 332 28.46 -10.67 21.21
CA TYR B 332 28.10 -12.06 20.90
C TYR B 332 28.08 -12.84 22.20
N VAL B 333 26.93 -13.46 22.50
CA VAL B 333 26.77 -14.27 23.70
C VAL B 333 26.85 -15.73 23.29
N LYS B 334 27.95 -16.39 23.66
CA LYS B 334 28.10 -17.81 23.39
C LYS B 334 27.12 -18.63 24.22
N GLY B 335 26.57 -19.67 23.62
CA GLY B 335 25.65 -20.54 24.33
C GLY B 335 25.22 -21.69 23.44
N GLU B 336 24.79 -22.76 24.09
CA GLU B 336 24.26 -23.90 23.37
C GLU B 336 22.88 -23.56 22.82
N PRO B 337 22.64 -23.72 21.51
CA PRO B 337 21.31 -23.48 20.97
C PRO B 337 20.26 -24.42 21.58
N ILE B 338 19.07 -23.88 21.81
CA ILE B 338 18.02 -24.60 22.52
C ILE B 338 17.45 -25.75 21.70
N ILE B 339 17.64 -25.74 20.37
CA ILE B 339 17.06 -26.77 19.52
C ILE B 339 17.71 -28.13 19.73
N ASN B 340 18.93 -28.16 20.29
CA ASN B 340 19.60 -29.42 20.51
C ASN B 340 19.07 -30.20 21.71
N PHE B 341 18.25 -29.57 22.55
CA PHE B 341 17.71 -30.23 23.74
C PHE B 341 16.43 -31.02 23.45
N TYR B 342 15.93 -30.99 22.22
CA TYR B 342 14.65 -31.63 21.89
C TYR B 342 14.90 -32.98 21.23
N ASP B 343 14.04 -33.95 21.56
CA ASP B 343 14.11 -35.27 20.94
C ASP B 343 13.46 -35.19 19.56
N PRO B 344 14.20 -35.50 18.49
CA PRO B 344 13.63 -35.36 17.14
C PRO B 344 12.46 -36.29 16.85
N LEU B 345 12.35 -37.41 17.57
CA LEU B 345 11.28 -38.36 17.29
C LEU B 345 9.92 -37.89 17.78
N VAL B 346 9.88 -36.95 18.74
CA VAL B 346 8.63 -36.50 19.33
C VAL B 346 8.45 -34.99 19.22
N PHE B 347 9.29 -34.32 18.45
CA PHE B 347 9.21 -32.87 18.34
C PHE B 347 7.98 -32.46 17.54
N PRO B 348 7.07 -31.65 18.08
CA PRO B 348 5.90 -31.21 17.31
C PRO B 348 6.26 -30.05 16.38
N SER B 349 6.20 -30.31 15.08
CA SER B 349 6.61 -29.34 14.06
C SER B 349 5.43 -28.91 13.20
N ASP B 350 4.27 -28.66 13.82
CA ASP B 350 3.07 -28.26 13.09
C ASP B 350 2.43 -27.02 13.70
N GLU B 351 3.19 -26.20 14.42
CA GLU B 351 2.65 -25.04 15.13
C GLU B 351 3.02 -23.77 14.38
N PHE B 352 2.01 -22.94 14.12
CA PHE B 352 2.22 -21.63 13.53
C PHE B 352 2.29 -20.52 14.57
N ASP B 353 1.64 -20.71 15.73
CA ASP B 353 1.72 -19.74 16.83
C ASP B 353 1.63 -20.54 18.12
N ALA B 354 2.78 -20.85 18.72
CA ALA B 354 2.82 -21.62 19.95
C ALA B 354 3.69 -20.93 20.98
N SER B 355 4.00 -21.64 22.06
CA SER B 355 4.87 -21.12 23.10
C SER B 355 5.73 -22.26 23.61
N ILE B 356 6.73 -21.92 24.44
CA ILE B 356 7.61 -22.93 25.02
C ILE B 356 6.80 -23.86 25.92
N SER B 357 5.85 -23.31 26.67
CA SER B 357 5.00 -24.14 27.52
C SER B 357 4.12 -25.07 26.69
N GLN B 358 3.58 -24.58 25.57
CA GLN B 358 2.74 -25.42 24.71
C GLN B 358 3.55 -26.55 24.09
N VAL B 359 4.75 -26.24 23.60
CA VAL B 359 5.60 -27.27 22.99
C VAL B 359 6.03 -28.28 24.05
N ASN B 360 6.37 -27.81 25.25
CA ASN B 360 6.79 -28.71 26.32
C ASN B 360 5.65 -29.63 26.75
N GLU B 361 4.44 -29.08 26.90
CA GLU B 361 3.32 -29.93 27.30
C GLU B 361 2.90 -30.88 26.17
N LYS B 362 3.09 -30.48 24.91
CA LYS B 362 2.81 -31.39 23.81
C LYS B 362 3.82 -32.53 23.76
N ILE B 363 5.09 -32.23 24.03
CA ILE B 363 6.10 -33.28 24.11
C ILE B 363 5.81 -34.22 25.28
N ASN B 364 5.39 -33.65 26.41
CA ASN B 364 5.03 -34.48 27.56
C ASN B 364 3.82 -35.36 27.26
N GLN B 365 2.83 -34.83 26.54
CA GLN B 365 1.67 -35.64 26.16
C GLN B 365 2.06 -36.73 25.17
N SER B 366 2.98 -36.43 24.25
CA SER B 366 3.43 -37.44 23.31
C SER B 366 4.21 -38.55 24.02
N LEU B 367 5.01 -38.19 25.02
CA LEU B 367 5.70 -39.21 25.81
C LEU B 367 4.73 -40.00 26.67
N ALA B 368 3.66 -39.36 27.15
CA ALA B 368 2.64 -40.09 27.91
C ALA B 368 1.86 -41.05 27.02
N PHE B 369 1.66 -40.69 25.75
CA PHE B 369 1.01 -41.61 24.81
C PHE B 369 1.85 -42.86 24.58
N ILE B 370 3.17 -42.75 24.73
CA ILE B 370 4.06 -43.88 24.56
C ILE B 370 4.12 -44.67 25.87
N ASN C 1 7.70 -17.91 -26.88
CA ASN C 1 6.29 -18.30 -26.82
C ASN C 1 5.96 -18.96 -25.48
N ILE C 2 4.98 -18.42 -24.79
CA ILE C 2 4.58 -18.93 -23.48
C ILE C 2 3.70 -20.16 -23.66
N THR C 3 4.06 -21.24 -22.99
CA THR C 3 3.26 -22.46 -22.98
C THR C 3 2.86 -22.78 -21.54
N GLU C 4 1.62 -23.20 -21.36
CA GLU C 4 1.06 -23.49 -20.06
C GLU C 4 0.60 -24.94 -20.02
N GLU C 5 0.81 -25.60 -18.89
CA GLU C 5 0.43 -27.01 -18.74
C GLU C 5 -0.31 -27.18 -17.42
N PHE C 6 -1.44 -27.88 -17.45
CA PHE C 6 -2.26 -28.15 -16.28
C PHE C 6 -2.12 -29.62 -15.90
N TYR C 7 -1.95 -29.87 -14.61
CA TYR C 7 -1.87 -31.22 -14.07
C TYR C 7 -3.14 -31.50 -13.28
N GLN C 8 -3.95 -32.43 -13.78
CA GLN C 8 -5.17 -32.80 -13.06
C GLN C 8 -4.86 -33.54 -11.77
N SER C 9 -3.70 -34.21 -11.71
CA SER C 9 -3.38 -35.01 -10.54
C SER C 9 -3.11 -34.17 -9.31
N THR C 10 -2.60 -32.96 -9.49
CA THR C 10 -2.26 -32.09 -8.35
C THR C 10 -3.01 -30.76 -8.38
N CYS C 11 -3.91 -30.57 -9.35
CA CYS C 11 -4.73 -29.36 -9.48
C CYS C 11 -3.86 -28.10 -9.50
N SER C 12 -2.78 -28.17 -10.28
CA SER C 12 -1.83 -27.07 -10.38
C SER C 12 -1.42 -26.92 -11.84
N ALA C 13 -1.03 -25.70 -12.21
CA ALA C 13 -0.64 -25.40 -13.58
C ALA C 13 0.63 -24.56 -13.59
N VAL C 14 1.58 -24.93 -14.45
CA VAL C 14 2.85 -24.22 -14.58
C VAL C 14 2.85 -23.47 -15.90
N SER C 15 3.21 -22.18 -15.85
CA SER C 15 3.31 -21.34 -17.04
C SER C 15 4.79 -21.10 -17.29
N LYS C 16 5.35 -21.77 -18.28
CA LYS C 16 6.78 -21.72 -18.53
C LYS C 16 7.07 -21.13 -19.91
N GLY C 17 8.31 -20.68 -20.08
CA GLY C 17 8.70 -19.93 -21.26
C GLY C 17 9.15 -18.53 -20.95
N TYR C 18 9.16 -18.11 -19.69
CA TYR C 18 9.55 -16.77 -19.29
C TYR C 18 11.07 -16.64 -19.19
N LEU C 19 11.53 -15.38 -19.23
CA LEU C 19 12.94 -15.05 -19.08
C LEU C 19 13.14 -14.16 -17.86
N SER C 20 14.20 -14.42 -17.11
CA SER C 20 14.41 -13.77 -15.83
C SER C 20 14.97 -12.37 -15.99
N ALA C 21 14.68 -11.52 -15.00
CA ALA C 21 15.33 -10.23 -14.86
C ALA C 21 15.56 -9.94 -13.37
N LEU C 22 16.09 -10.93 -12.66
CA LEU C 22 16.14 -10.87 -11.20
C LEU C 22 17.18 -9.87 -10.71
N ARG C 23 16.78 -9.01 -9.78
CA ARG C 23 17.69 -8.10 -9.11
C ARG C 23 18.46 -8.84 -8.04
N THR C 24 19.79 -8.92 -8.18
CA THR C 24 20.62 -9.59 -7.19
C THR C 24 21.32 -8.62 -6.25
N GLY C 25 21.73 -7.45 -6.73
CA GLY C 25 22.42 -6.50 -5.89
C GLY C 25 21.92 -5.08 -6.06
N TRP C 26 22.59 -4.13 -5.42
CA TRP C 26 22.19 -2.73 -5.46
C TRP C 26 23.34 -1.88 -5.99
N TYR C 27 22.98 -0.82 -6.71
CA TYR C 27 23.93 0.19 -7.15
C TYR C 27 23.49 1.52 -6.57
N THR C 28 24.34 2.12 -5.75
CA THR C 28 24.02 3.37 -5.06
C THR C 28 24.77 4.51 -5.71
N SER C 29 24.02 5.54 -6.11
CA SER C 29 24.56 6.73 -6.73
C SER C 29 24.15 7.94 -5.92
N VAL C 30 25.04 8.91 -5.79
CA VAL C 30 24.78 10.13 -5.03
C VAL C 30 24.35 11.21 -6.00
N ILE C 31 23.13 11.71 -5.84
CA ILE C 31 22.58 12.76 -6.68
C ILE C 31 22.60 14.06 -5.91
N THR C 32 23.15 15.10 -6.52
CA THR C 32 23.32 16.39 -5.86
C THR C 32 22.53 17.47 -6.58
N ILE C 33 21.97 18.39 -5.80
CA ILE C 33 21.30 19.57 -6.29
C ILE C 33 21.91 20.76 -5.55
N GLU C 34 22.45 21.72 -6.30
CA GLU C 34 23.11 22.86 -5.69
C GLU C 34 22.08 23.92 -5.34
N LEU C 35 22.13 24.42 -4.10
CA LEU C 35 21.17 25.38 -3.60
C LEU C 35 21.83 26.72 -3.36
N SER C 36 21.06 27.78 -3.56
CA SER C 36 21.58 29.14 -3.43
C SER C 36 21.73 29.52 -1.97
N ASN C 37 22.69 30.42 -1.70
CA ASN C 37 23.00 30.88 -0.36
C ASN C 37 22.27 32.17 0.01
N ILE C 38 21.06 32.37 -0.49
CA ILE C 38 20.30 33.57 -0.19
C ILE C 38 20.02 33.64 1.30
N LYS C 39 20.34 34.79 1.92
CA LYS C 39 20.07 35.00 3.33
C LYS C 39 18.68 35.62 3.52
N GLU C 40 18.45 36.77 2.92
CA GLU C 40 17.16 37.46 3.04
C GLU C 40 17.03 38.42 1.86
N ILE C 41 15.78 38.67 1.47
CA ILE C 41 15.46 39.57 0.36
C ILE C 41 15.10 40.93 0.94
N LYS C 42 15.77 41.97 0.45
CA LYS C 42 15.58 43.33 0.96
C LYS C 42 14.71 44.19 0.06
N CYS C 43 14.13 43.61 -1.00
CA CYS C 43 13.29 44.38 -1.90
C CYS C 43 12.00 44.81 -1.21
N ASN C 44 11.58 46.05 -1.47
CA ASN C 44 10.36 46.59 -0.90
C ASN C 44 9.39 47.12 -1.96
N GLY C 45 9.59 46.77 -3.22
CA GLY C 45 8.69 47.22 -4.26
C GLY C 45 7.34 46.53 -4.18
N THR C 46 6.30 47.23 -4.64
CA THR C 46 4.93 46.75 -4.58
C THR C 46 4.44 46.18 -5.91
N ASP C 47 5.34 45.95 -6.86
CA ASP C 47 4.95 45.39 -8.14
C ASP C 47 4.47 43.95 -7.98
N ALA C 48 3.47 43.57 -8.77
CA ALA C 48 2.85 42.24 -8.63
C ALA C 48 3.82 41.12 -8.97
N LYS C 49 4.65 41.31 -10.00
CA LYS C 49 5.63 40.28 -10.36
C LYS C 49 6.71 40.15 -9.29
N VAL C 50 7.07 41.25 -8.63
CA VAL C 50 8.01 41.17 -7.52
C VAL C 50 7.39 40.40 -6.36
N LYS C 51 6.08 40.59 -6.13
CA LYS C 51 5.38 39.79 -5.13
C LYS C 51 5.35 38.33 -5.50
N LEU C 52 5.18 38.02 -6.78
CA LEU C 52 5.19 36.63 -7.24
C LEU C 52 6.56 35.99 -7.03
N ILE C 53 7.63 36.74 -7.35
CA ILE C 53 8.99 36.24 -7.13
C ILE C 53 9.25 36.04 -5.64
N LYS C 54 8.77 36.96 -4.81
CA LYS C 54 8.94 36.82 -3.37
C LYS C 54 8.19 35.59 -2.84
N GLN C 55 6.98 35.34 -3.35
CA GLN C 55 6.23 34.16 -2.94
C GLN C 55 6.95 32.88 -3.36
N GLU C 56 7.48 32.86 -4.58
CA GLU C 56 8.20 31.67 -5.06
C GLU C 56 9.47 31.44 -4.24
N LEU C 57 10.21 32.51 -3.94
CA LEU C 57 11.39 32.38 -3.11
C LEU C 57 11.04 31.98 -1.68
N ASP C 58 9.88 32.43 -1.18
CA ASP C 58 9.46 32.06 0.17
C ASP C 58 9.11 30.59 0.25
N LYS C 59 8.39 30.05 -0.74
CA LYS C 59 8.10 28.63 -0.71
C LYS C 59 9.35 27.79 -0.98
N TYR C 60 10.28 28.31 -1.79
CA TYR C 60 11.57 27.64 -1.97
C TYR C 60 12.35 27.58 -0.67
N LYS C 61 12.39 28.69 0.07
CA LYS C 61 13.09 28.72 1.35
C LYS C 61 12.41 27.84 2.38
N ASN C 62 11.07 27.78 2.35
CA ASN C 62 10.35 26.88 3.24
C ASN C 62 10.65 25.43 2.91
N ALA C 63 10.75 25.09 1.63
CA ALA C 63 11.13 23.74 1.23
C ALA C 63 12.54 23.39 1.69
N VAL C 64 13.48 24.34 1.55
CA VAL C 64 14.84 24.12 2.02
C VAL C 64 14.88 23.91 3.53
N THR C 65 14.13 24.75 4.26
CA THR C 65 14.08 24.63 5.72
C THR C 65 13.45 23.30 6.14
N GLU C 66 12.41 22.86 5.42
CA GLU C 66 11.79 21.57 5.74
C GLU C 66 12.73 20.41 5.47
N LEU C 67 13.51 20.47 4.38
CA LEU C 67 14.51 19.45 4.17
C LEU C 67 15.59 19.49 5.24
N GLN C 68 15.90 20.69 5.75
CA GLN C 68 16.88 20.79 6.83
C GLN C 68 16.33 20.23 8.14
N LEU C 69 15.02 20.29 8.32
CA LEU C 69 14.39 19.68 9.48
C LEU C 69 14.54 18.16 9.44
N LEU C 70 14.43 17.57 8.26
CA LEU C 70 14.55 16.13 8.07
C LEU C 70 15.89 15.57 8.54
N PHE D 1 1.95 -18.26 -0.33
CA PHE D 1 1.58 -18.55 1.05
C PHE D 1 2.81 -18.67 1.94
N LEU D 2 3.95 -18.97 1.33
CA LEU D 2 5.20 -19.19 2.04
C LEU D 2 5.96 -17.89 2.29
N GLY D 3 5.28 -16.75 2.30
CA GLY D 3 5.92 -15.46 2.52
C GLY D 3 6.54 -15.30 3.90
N PHE D 4 6.12 -16.11 4.87
CA PHE D 4 6.68 -16.01 6.21
C PHE D 4 8.05 -16.67 6.34
N LEU D 5 8.53 -17.36 5.31
CA LEU D 5 9.83 -18.01 5.35
C LEU D 5 10.98 -17.08 4.94
N LEU D 6 10.67 -15.88 4.46
CA LEU D 6 11.71 -14.95 4.04
C LEU D 6 12.44 -14.37 5.26
N GLY D 7 13.67 -13.96 5.03
CA GLY D 7 14.43 -13.23 6.03
C GLY D 7 14.23 -11.73 5.88
N VAL D 8 14.22 -11.04 7.02
CA VAL D 8 13.92 -9.62 7.03
C VAL D 8 15.18 -8.83 6.69
N GLY D 9 15.40 -8.59 5.40
CA GLY D 9 16.51 -7.77 4.96
C GLY D 9 16.07 -6.34 4.74
N SER D 10 16.91 -5.41 5.18
CA SER D 10 16.63 -3.98 5.02
C SER D 10 17.02 -3.57 3.60
N ALA D 11 16.02 -3.22 2.80
CA ALA D 11 16.28 -2.88 1.40
C ALA D 11 17.11 -1.60 1.27
N ILE D 12 16.84 -0.61 2.12
CA ILE D 12 17.48 0.70 2.02
C ILE D 12 18.83 0.72 2.73
N ALA D 13 19.35 -0.45 3.12
CA ALA D 13 20.57 -0.52 3.91
C ALA D 13 21.76 0.08 3.18
N SER D 14 21.90 -0.21 1.89
CA SER D 14 23.00 0.36 1.12
C SER D 14 22.89 1.87 0.99
N GLY D 15 21.68 2.35 0.70
CA GLY D 15 21.49 3.79 0.56
C GLY D 15 21.70 4.54 1.86
N VAL D 16 21.19 4.01 2.96
CA VAL D 16 21.39 4.69 4.25
C VAL D 16 22.83 4.54 4.71
N ALA D 17 23.52 3.47 4.31
CA ALA D 17 24.93 3.33 4.62
C ALA D 17 25.75 4.38 3.90
N VAL D 18 25.44 4.63 2.62
CA VAL D 18 26.11 5.70 1.89
C VAL D 18 25.74 7.06 2.47
N SER D 19 24.48 7.22 2.88
CA SER D 19 24.02 8.48 3.45
C SER D 19 24.71 8.80 4.77
N LYS D 20 24.95 7.79 5.61
CA LYS D 20 25.61 8.01 6.89
C LYS D 20 27.04 8.48 6.68
N VAL D 21 27.73 7.95 5.67
CA VAL D 21 29.10 8.35 5.39
C VAL D 21 29.16 9.82 4.98
N LEU D 22 28.17 10.28 4.20
CA LEU D 22 28.13 11.67 3.80
C LEU D 22 27.87 12.62 4.97
N HIS D 23 27.32 12.12 6.07
CA HIS D 23 27.13 12.95 7.26
C HIS D 23 28.43 13.20 8.01
N LEU D 24 29.46 12.38 7.79
CA LEU D 24 30.72 12.56 8.49
C LEU D 24 31.39 13.87 8.10
N GLU D 25 32.15 14.43 9.03
CA GLU D 25 32.74 15.75 8.86
C GLU D 25 33.80 15.73 7.77
N GLY D 26 33.65 16.60 6.78
CA GLY D 26 34.60 16.73 5.70
C GLY D 26 34.21 16.07 4.40
N GLU D 27 33.24 15.15 4.42
CA GLU D 27 32.86 14.44 3.20
C GLU D 27 32.13 15.35 2.21
N VAL D 28 31.34 16.31 2.71
CA VAL D 28 30.67 17.26 1.83
C VAL D 28 31.67 18.07 1.03
N ASN D 29 32.78 18.45 1.67
CA ASN D 29 33.84 19.17 0.97
C ASN D 29 34.44 18.31 -0.13
N LYS D 30 34.61 17.01 0.11
CA LYS D 30 35.14 16.13 -0.92
C LYS D 30 34.15 15.97 -2.08
N ILE D 31 32.85 15.88 -1.76
CA ILE D 31 31.84 15.80 -2.82
C ILE D 31 31.85 17.07 -3.67
N LYS D 32 31.96 18.23 -3.03
CA LYS D 32 32.00 19.49 -3.77
C LYS D 32 33.27 19.62 -4.59
N SER D 33 34.41 19.14 -4.06
CA SER D 33 35.68 19.29 -4.75
C SER D 33 35.78 18.35 -5.96
N ALA D 34 35.24 17.13 -5.83
CA ALA D 34 35.36 16.19 -6.93
C ALA D 34 34.43 16.55 -8.09
N LEU D 35 33.26 17.10 -7.79
CA LEU D 35 32.33 17.57 -8.82
C LEU D 35 32.58 19.02 -9.20
N LEU D 36 33.74 19.56 -8.87
CA LEU D 36 33.98 20.98 -9.09
C LEU D 36 34.12 21.30 -10.57
N SER D 37 34.79 20.42 -11.33
CA SER D 37 35.06 20.67 -12.74
C SER D 37 34.09 19.97 -13.67
N THR D 38 33.36 18.96 -13.21
CA THR D 38 32.56 18.12 -14.09
C THR D 38 31.22 17.82 -13.44
N ASN D 39 30.26 17.39 -14.26
CA ASN D 39 28.93 17.03 -13.79
C ASN D 39 28.85 15.66 -13.15
N LYS D 40 29.86 14.81 -13.33
CA LYS D 40 29.76 13.44 -12.86
C LYS D 40 31.15 12.89 -12.62
N ALA D 41 31.43 12.48 -11.39
CA ALA D 41 32.73 11.91 -11.05
C ALA D 41 32.56 10.94 -9.91
N VAL D 42 33.45 9.96 -9.84
CA VAL D 42 33.45 8.98 -8.76
C VAL D 42 34.29 9.52 -7.61
N VAL D 43 33.75 9.47 -6.40
CA VAL D 43 34.39 10.03 -5.23
C VAL D 43 34.83 8.89 -4.32
N SER D 44 35.92 9.14 -3.59
CA SER D 44 36.42 8.20 -2.59
C SER D 44 36.05 8.72 -1.21
N LEU D 45 35.21 7.98 -0.50
CA LEU D 45 34.69 8.39 0.79
C LEU D 45 35.50 7.76 1.92
N SER D 46 35.12 8.10 3.15
CA SER D 46 35.83 7.60 4.32
C SER D 46 35.71 6.09 4.46
N ASN D 47 34.52 5.55 4.16
CA ASN D 47 34.28 4.12 4.28
C ASN D 47 35.08 3.29 3.28
N GLY D 48 35.69 3.92 2.27
CA GLY D 48 36.38 3.21 1.23
C GLY D 48 35.53 2.92 0.01
N VAL D 49 34.24 3.25 0.06
CA VAL D 49 33.37 3.02 -1.09
C VAL D 49 33.66 4.06 -2.18
N SER D 50 33.44 3.67 -3.42
CA SER D 50 33.56 4.55 -4.57
C SER D 50 32.20 4.63 -5.25
N VAL D 51 31.53 5.76 -5.11
CA VAL D 51 30.17 5.95 -5.61
C VAL D 51 30.17 7.02 -6.67
N LEU D 52 29.45 6.78 -7.76
CA LEU D 52 29.31 7.77 -8.82
C LEU D 52 28.40 8.89 -8.33
N THR D 53 28.86 10.13 -8.41
CA THR D 53 28.09 11.28 -7.98
C THR D 53 27.75 12.14 -9.19
N SER D 54 26.50 12.56 -9.27
CA SER D 54 25.98 13.29 -10.42
C SER D 54 25.23 14.53 -9.94
N LYS D 55 25.27 15.57 -10.75
CA LYS D 55 24.57 16.82 -10.47
C LYS D 55 23.41 16.94 -11.45
N VAL D 56 22.18 16.94 -10.94
CA VAL D 56 21.00 16.92 -11.79
C VAL D 56 20.28 18.27 -11.87
N LEU D 57 20.54 19.19 -10.93
CA LEU D 57 19.90 20.49 -11.00
C LEU D 57 20.79 21.49 -10.26
N ASP D 58 20.96 22.66 -10.85
CA ASP D 58 21.75 23.73 -10.26
C ASP D 58 20.87 24.99 -10.27
N LEU D 59 20.04 25.13 -9.23
CA LEU D 59 19.27 26.34 -9.06
C LEU D 59 20.14 27.49 -8.57
N LYS D 60 21.29 27.18 -7.97
CA LYS D 60 22.20 28.23 -7.50
C LYS D 60 22.70 29.07 -8.65
N ASN D 61 23.08 28.44 -9.76
CA ASN D 61 23.56 29.19 -10.92
C ASN D 61 22.46 30.07 -11.50
N TYR D 62 21.25 29.52 -11.65
CA TYR D 62 20.13 30.30 -12.17
C TYR D 62 19.86 31.52 -11.29
N ILE D 63 19.78 31.29 -9.98
CA ILE D 63 19.46 32.38 -9.06
C ILE D 63 20.57 33.43 -9.08
N ASP D 64 21.82 33.01 -8.90
CA ASP D 64 22.93 33.94 -8.81
C ASP D 64 23.19 34.67 -10.12
N LYS D 65 22.76 34.13 -11.25
CA LYS D 65 22.93 34.86 -12.50
C LYS D 65 21.76 35.82 -12.78
N GLN D 66 20.52 35.35 -12.64
CA GLN D 66 19.39 36.14 -13.10
C GLN D 66 18.66 36.91 -12.00
N LEU D 67 18.50 36.32 -10.81
CA LEU D 67 17.62 36.92 -9.81
C LEU D 67 18.34 37.84 -8.84
N LEU D 68 19.61 37.58 -8.54
CA LEU D 68 20.37 38.48 -7.67
C LEU D 68 20.45 39.92 -8.18
N PRO D 69 20.63 40.21 -9.48
CA PRO D 69 20.53 41.62 -9.91
C PRO D 69 19.15 42.24 -9.71
N ILE D 70 18.10 41.43 -9.51
CA ILE D 70 16.74 41.94 -9.43
C ILE D 70 16.32 42.16 -7.97
N VAL D 71 16.39 41.11 -7.16
CA VAL D 71 15.80 41.14 -5.82
C VAL D 71 16.79 41.51 -4.72
N ASN D 72 18.10 41.47 -4.99
CA ASN D 72 19.09 41.80 -3.99
C ASN D 72 19.54 43.25 -4.05
N LYS D 73 18.66 44.15 -4.47
CA LYS D 73 18.96 45.57 -4.56
C LYS D 73 17.80 46.37 -3.96
N GLN D 74 18.10 47.61 -3.59
CA GLN D 74 17.06 48.49 -3.04
C GLN D 74 16.11 48.95 -4.13
N SER D 75 16.65 49.52 -5.22
CA SER D 75 15.86 49.97 -6.35
C SER D 75 15.67 48.80 -7.32
N CYS D 76 14.74 47.93 -6.97
CA CYS D 76 14.49 46.72 -7.76
C CYS D 76 13.98 47.07 -9.15
N SER D 77 14.68 46.58 -10.17
CA SER D 77 14.17 46.68 -11.53
C SER D 77 13.05 45.68 -11.73
N ILE D 78 12.03 46.08 -12.46
CA ILE D 78 10.83 45.24 -12.64
C ILE D 78 11.17 44.05 -13.53
N PRO D 79 11.04 42.82 -13.02
CA PRO D 79 11.32 41.65 -13.86
C PRO D 79 10.20 41.42 -14.88
N ASN D 80 10.58 40.79 -15.99
CA ASN D 80 9.58 40.37 -16.97
C ASN D 80 8.81 39.16 -16.47
N ILE D 81 7.60 38.99 -17.01
CA ILE D 81 6.77 37.86 -16.62
C ILE D 81 7.39 36.54 -17.08
N GLU D 82 8.18 36.58 -18.16
CA GLU D 82 8.86 35.38 -18.62
C GLU D 82 9.86 34.88 -17.58
N THR D 83 10.56 35.80 -16.92
CA THR D 83 11.47 35.42 -15.85
C THR D 83 10.73 34.77 -14.69
N VAL D 84 9.56 35.31 -14.32
CA VAL D 84 8.78 34.76 -13.21
C VAL D 84 8.29 33.36 -13.55
N ILE D 85 7.74 33.18 -14.75
CA ILE D 85 7.23 31.86 -15.11
C ILE D 85 8.36 30.86 -15.30
N GLU D 86 9.52 31.30 -15.81
CA GLU D 86 10.66 30.40 -15.94
C GLU D 86 11.18 29.97 -14.58
N PHE D 87 11.20 30.89 -13.60
CA PHE D 87 11.52 30.52 -12.23
C PHE D 87 10.54 29.48 -11.71
N GLN D 88 9.25 29.67 -12.00
CA GLN D 88 8.25 28.69 -11.54
C GLN D 88 8.51 27.31 -12.14
N GLN D 89 8.80 27.23 -13.45
CA GLN D 89 9.05 25.92 -14.05
C GLN D 89 10.32 25.28 -13.49
N LYS D 90 11.39 26.06 -13.32
CA LYS D 90 12.65 25.48 -12.85
C LYS D 90 12.56 25.05 -11.39
N ASN D 91 11.85 25.83 -10.56
CA ASN D 91 11.76 25.56 -9.14
C ASN D 91 10.69 24.52 -8.82
N ASN D 92 9.79 24.25 -9.78
CA ASN D 92 8.72 23.29 -9.56
C ASN D 92 9.28 21.90 -9.27
N ARG D 93 10.36 21.50 -9.94
CA ARG D 93 10.95 20.19 -9.69
C ARG D 93 11.45 20.08 -8.25
N LEU D 94 12.09 21.12 -7.74
CA LEU D 94 12.55 21.09 -6.35
C LEU D 94 11.36 21.09 -5.39
N LEU D 95 10.30 21.83 -5.71
CA LEU D 95 9.12 21.80 -4.85
C LEU D 95 8.50 20.40 -4.76
N GLU D 96 8.37 19.72 -5.90
CA GLU D 96 7.86 18.35 -5.84
C GLU D 96 8.83 17.40 -5.15
N ILE D 97 10.15 17.62 -5.29
CA ILE D 97 11.13 16.79 -4.60
C ILE D 97 10.96 16.92 -3.08
N THR D 98 10.87 18.16 -2.60
CA THR D 98 10.72 18.38 -1.16
C THR D 98 9.37 17.87 -0.67
N ARG D 99 8.32 18.04 -1.47
CA ARG D 99 7.00 17.54 -1.07
C ARG D 99 6.99 16.03 -0.95
N GLU D 100 7.60 15.34 -1.91
CA GLU D 100 7.67 13.88 -1.85
C GLU D 100 8.52 13.42 -0.66
N PHE D 101 9.61 14.11 -0.39
CA PHE D 101 10.45 13.75 0.76
C PHE D 101 9.74 13.99 2.08
N SER D 102 9.00 15.09 2.20
CA SER D 102 8.27 15.37 3.43
C SER D 102 7.13 14.39 3.64
N VAL D 103 6.41 14.05 2.57
CA VAL D 103 5.30 13.10 2.69
C VAL D 103 5.81 11.70 3.01
N ASN D 104 6.91 11.30 2.38
CA ASN D 104 7.42 9.93 2.49
C ASN D 104 8.44 9.75 3.60
N ALA D 105 8.67 10.79 4.41
CA ALA D 105 9.57 10.76 5.56
C ALA D 105 11.01 10.40 5.17
N GLY D 106 11.48 11.00 4.07
CA GLY D 106 12.87 10.92 3.68
C GLY D 106 13.29 9.71 2.88
N VAL D 107 12.39 8.75 2.64
CA VAL D 107 12.68 7.59 1.81
C VAL D 107 11.48 7.38 0.89
N THR D 108 11.68 7.54 -0.41
CA THR D 108 10.59 7.45 -1.38
C THR D 108 10.77 6.24 -2.28
N THR D 109 9.67 5.58 -2.60
CA THR D 109 9.64 4.46 -3.53
C THR D 109 8.24 4.37 -4.14
N PRO D 110 8.13 4.19 -5.47
CA PRO D 110 9.19 4.11 -6.47
C PRO D 110 9.84 5.46 -6.77
N VAL D 111 10.98 5.46 -7.46
CA VAL D 111 11.65 6.70 -7.82
C VAL D 111 10.80 7.42 -8.86
N SER D 112 10.29 8.59 -8.49
CA SER D 112 9.41 9.33 -9.37
C SER D 112 10.22 10.05 -10.45
N THR D 113 9.49 10.70 -11.36
CA THR D 113 10.14 11.49 -12.40
C THR D 113 10.89 12.69 -11.81
N TYR D 114 10.40 13.21 -10.68
CA TYR D 114 11.07 14.35 -10.05
C TYR D 114 12.37 13.94 -9.36
N MET D 115 12.40 12.75 -8.76
CA MET D 115 13.65 12.24 -8.21
C MET D 115 14.71 12.08 -9.29
N LEU D 116 14.30 11.54 -10.44
CA LEU D 116 15.21 11.28 -11.55
C LEU D 116 14.39 11.28 -12.83
N THR D 117 14.68 12.20 -13.74
CA THR D 117 13.99 12.21 -15.02
C THR D 117 14.41 11.00 -15.85
N ASN D 118 13.64 10.73 -16.90
CA ASN D 118 13.89 9.54 -17.72
C ASN D 118 15.20 9.64 -18.50
N SER D 119 15.55 10.84 -18.98
CA SER D 119 16.81 11.01 -19.70
C SER D 119 18.00 10.83 -18.77
N GLU D 120 17.95 11.44 -17.58
CA GLU D 120 19.03 11.27 -16.61
C GLU D 120 19.09 9.85 -16.08
N LEU D 121 17.94 9.20 -15.93
CA LEU D 121 17.92 7.79 -15.53
C LEU D 121 18.59 6.93 -16.59
N LEU D 122 18.30 7.19 -17.87
CA LEU D 122 18.93 6.42 -18.95
C LEU D 122 20.42 6.68 -19.02
N SER D 123 20.85 7.94 -18.84
CA SER D 123 22.27 8.25 -18.86
C SER D 123 23.00 7.56 -17.72
N LEU D 124 22.44 7.65 -16.50
CA LEU D 124 23.07 7.01 -15.35
C LEU D 124 23.02 5.50 -15.46
N ILE D 125 22.00 4.98 -16.13
CA ILE D 125 21.79 3.54 -16.20
C ILE D 125 22.70 2.93 -17.26
N ASN D 126 23.10 3.74 -18.25
CA ASN D 126 24.13 3.35 -19.20
C ASN D 126 25.52 3.51 -18.61
N ASP D 127 25.69 4.46 -17.68
CA ASP D 127 27.00 4.75 -17.12
C ASP D 127 27.43 3.79 -16.02
N MET D 128 26.61 2.81 -15.66
CA MET D 128 27.04 1.81 -14.69
C MET D 128 28.17 0.96 -15.25
N PRO D 129 29.10 0.50 -14.42
CA PRO D 129 30.13 -0.46 -14.87
C PRO D 129 29.61 -1.89 -14.89
N ILE D 130 28.81 -2.21 -15.91
CA ILE D 130 28.16 -3.51 -16.03
C ILE D 130 28.26 -3.99 -17.47
N THR D 131 27.81 -5.23 -17.68
CA THR D 131 27.84 -5.85 -18.99
C THR D 131 26.83 -5.18 -19.93
N ASN D 132 27.06 -5.37 -21.23
CA ASN D 132 26.21 -4.73 -22.23
C ASN D 132 24.80 -5.33 -22.25
N ASP D 133 24.68 -6.63 -21.98
CA ASP D 133 23.36 -7.25 -21.92
C ASP D 133 22.54 -6.69 -20.77
N GLN D 134 23.18 -6.48 -19.61
CA GLN D 134 22.50 -5.88 -18.48
C GLN D 134 22.05 -4.47 -18.80
N LYS D 135 22.90 -3.71 -19.50
CA LYS D 135 22.51 -2.35 -19.91
C LYS D 135 21.33 -2.38 -20.87
N LYS D 136 21.33 -3.33 -21.81
CA LYS D 136 20.23 -3.41 -22.78
C LYS D 136 18.91 -3.75 -22.09
N LEU D 137 18.93 -4.76 -21.22
CA LEU D 137 17.74 -5.12 -20.45
C LEU D 137 17.27 -3.95 -19.60
N MET D 138 18.20 -3.30 -18.90
CA MET D 138 17.83 -2.32 -17.89
C MET D 138 17.34 -1.03 -18.55
N SER D 139 17.89 -0.72 -19.74
CA SER D 139 17.43 0.44 -20.49
C SER D 139 16.11 0.19 -21.20
N ASN D 140 15.84 -1.05 -21.61
CA ASN D 140 14.58 -1.31 -22.30
C ASN D 140 13.38 -1.40 -21.36
N ASN D 141 13.60 -1.49 -20.05
CA ASN D 141 12.51 -1.72 -19.09
C ASN D 141 12.67 -0.80 -17.88
N VAL D 142 12.87 0.49 -18.12
CA VAL D 142 13.18 1.44 -17.04
C VAL D 142 12.07 1.59 -16.03
N GLN D 143 10.82 1.23 -16.37
CA GLN D 143 9.73 1.42 -15.42
C GLN D 143 9.84 0.48 -14.24
N ILE D 144 10.21 -0.78 -14.48
CA ILE D 144 10.41 -1.69 -13.35
C ILE D 144 11.70 -1.36 -12.62
N VAL D 145 12.66 -0.72 -13.29
CA VAL D 145 13.82 -0.17 -12.59
C VAL D 145 13.39 0.91 -11.61
N ARG D 146 12.43 1.75 -12.02
CA ARG D 146 11.88 2.75 -11.10
C ARG D 146 11.13 2.09 -9.95
N GLN D 147 10.32 1.07 -10.24
CA GLN D 147 9.54 0.44 -9.18
C GLN D 147 10.39 -0.36 -8.21
N GLN D 148 11.63 -0.70 -8.57
CA GLN D 148 12.52 -1.42 -7.68
C GLN D 148 13.68 -0.55 -7.23
N SER D 149 13.41 0.73 -6.98
CA SER D 149 14.45 1.68 -6.62
C SER D 149 13.95 2.56 -5.48
N TYR D 150 14.90 3.08 -4.70
CA TYR D 150 14.61 3.95 -3.57
C TYR D 150 15.41 5.24 -3.71
N SER D 151 14.84 6.33 -3.21
CA SER D 151 15.55 7.60 -3.12
C SER D 151 15.62 8.00 -1.66
N ILE D 152 16.83 8.13 -1.12
CA ILE D 152 17.05 8.34 0.30
C ILE D 152 17.64 9.72 0.51
N MET D 153 16.97 10.55 1.30
CA MET D 153 17.53 11.83 1.72
C MET D 153 18.84 11.61 2.47
N SER D 154 19.88 12.35 2.09
CA SER D 154 21.18 12.17 2.73
C SER D 154 21.63 13.42 3.49
N ILE D 155 21.84 14.55 2.83
CA ILE D 155 22.38 15.75 3.48
C ILE D 155 21.77 16.98 2.84
N ILE D 156 21.68 18.05 3.62
CA ILE D 156 21.45 19.39 3.09
C ILE D 156 22.26 20.41 3.89
N LYS D 157 23.42 20.80 3.35
CA LYS D 157 24.32 21.70 4.07
C LYS D 157 25.37 22.22 3.09
N GLU D 158 25.93 23.38 3.43
CA GLU D 158 26.99 24.03 2.67
C GLU D 158 26.57 24.24 1.21
N GLU D 159 25.35 24.73 1.02
CA GLU D 159 24.74 25.03 -0.28
C GLU D 159 24.62 23.80 -1.16
N VAL D 160 24.63 22.60 -0.58
CA VAL D 160 24.56 21.36 -1.33
C VAL D 160 23.47 20.48 -0.73
N LEU D 161 22.53 20.06 -1.56
CA LEU D 161 21.53 19.06 -1.22
C LEU D 161 21.88 17.77 -1.92
N ALA D 162 21.86 16.66 -1.19
CA ALA D 162 22.21 15.38 -1.80
C ALA D 162 21.25 14.30 -1.33
N TYR D 163 20.79 13.49 -2.28
CA TYR D 163 20.01 12.30 -1.98
C TYR D 163 20.57 11.14 -2.80
N VAL D 164 20.63 9.97 -2.18
CA VAL D 164 21.27 8.79 -2.76
C VAL D 164 20.18 7.95 -3.41
N VAL D 165 20.15 7.92 -4.74
CA VAL D 165 19.26 7.02 -5.46
C VAL D 165 19.89 5.63 -5.46
N GLN D 166 19.05 4.61 -5.36
CA GLN D 166 19.49 3.24 -5.17
C GLN D 166 18.87 2.39 -6.26
N LEU D 167 19.52 2.37 -7.42
CA LEU D 167 19.02 1.64 -8.57
C LEU D 167 19.27 0.13 -8.41
N PRO D 168 18.37 -0.71 -8.92
CA PRO D 168 18.60 -2.15 -8.83
C PRO D 168 19.68 -2.61 -9.80
N LEU D 169 20.30 -3.73 -9.45
CA LEU D 169 21.31 -4.38 -10.27
C LEU D 169 20.79 -5.76 -10.64
N TYR D 170 20.54 -5.98 -11.93
CA TYR D 170 20.00 -7.25 -12.40
C TYR D 170 21.14 -8.18 -12.77
N GLY D 171 21.58 -8.98 -11.81
CA GLY D 171 22.71 -9.86 -12.01
C GLY D 171 22.44 -11.15 -12.73
N VAL D 172 21.19 -11.45 -13.07
CA VAL D 172 20.84 -12.70 -13.75
C VAL D 172 19.86 -12.38 -14.88
N ILE D 173 20.18 -12.84 -16.08
CA ILE D 173 19.40 -12.54 -17.28
C ILE D 173 19.16 -13.83 -18.05
N ASP D 174 17.93 -14.00 -18.54
CA ASP D 174 17.54 -15.02 -19.50
C ASP D 174 17.67 -16.44 -18.97
N THR D 175 17.63 -16.65 -17.67
CA THR D 175 17.41 -18.03 -17.26
C THR D 175 15.90 -18.33 -17.29
N PRO D 176 15.53 -19.57 -17.60
CA PRO D 176 14.10 -19.88 -17.74
C PRO D 176 13.34 -19.73 -16.44
N CYS D 177 12.12 -19.21 -16.53
CA CYS D 177 11.25 -19.00 -15.38
C CYS D 177 9.90 -19.64 -15.63
N TRP D 178 9.26 -20.07 -14.55
CA TRP D 178 7.93 -20.65 -14.64
C TRP D 178 7.16 -20.35 -13.37
N LYS D 179 5.87 -20.05 -13.51
CA LYS D 179 5.00 -19.72 -12.40
C LYS D 179 4.10 -20.90 -12.09
N LEU D 180 4.04 -21.27 -10.82
CA LEU D 180 3.18 -22.37 -10.38
C LEU D 180 1.91 -21.80 -9.77
N HIS D 181 0.77 -22.13 -10.36
CA HIS D 181 -0.53 -21.75 -9.82
C HIS D 181 -1.14 -22.96 -9.14
N THR D 182 -1.89 -22.72 -8.05
CA THR D 182 -2.48 -23.82 -7.31
C THR D 182 -3.90 -23.47 -6.89
N SER D 183 -4.78 -24.46 -6.95
CA SER D 183 -6.15 -24.37 -6.49
C SER D 183 -6.41 -25.52 -5.55
N PRO D 184 -7.32 -25.35 -4.57
CA PRO D 184 -7.61 -26.46 -3.64
C PRO D 184 -8.25 -27.64 -4.35
N LEU D 185 -7.67 -28.81 -4.14
CA LEU D 185 -8.19 -30.07 -4.64
C LEU D 185 -8.94 -30.78 -3.52
N CYS D 186 -10.22 -31.03 -3.72
CA CYS D 186 -11.09 -31.55 -2.66
C CYS D 186 -11.91 -32.71 -3.19
N THR D 187 -12.43 -33.52 -2.26
CA THR D 187 -13.33 -34.60 -2.62
C THR D 187 -14.69 -34.04 -3.05
N THR D 188 -15.51 -34.91 -3.63
CA THR D 188 -16.76 -34.49 -4.25
C THR D 188 -17.98 -35.27 -3.74
N ASN D 189 -17.89 -35.87 -2.56
CA ASN D 189 -19.03 -36.61 -2.04
C ASN D 189 -20.14 -35.66 -1.62
N THR D 190 -21.39 -36.17 -1.68
CA THR D 190 -22.56 -35.32 -1.49
C THR D 190 -22.72 -34.81 -0.07
N LYS D 191 -22.19 -35.52 0.92
CA LYS D 191 -22.29 -35.07 2.31
C LYS D 191 -21.46 -33.82 2.51
N GLU D 192 -22.07 -32.80 3.13
CA GLU D 192 -21.46 -31.47 3.22
C GLU D 192 -20.18 -31.49 4.04
N GLY D 193 -20.18 -32.14 5.19
CA GLY D 193 -19.10 -32.03 6.13
C GLY D 193 -18.05 -33.12 6.10
N SER D 194 -18.10 -34.04 5.13
CA SER D 194 -17.10 -35.08 5.02
C SER D 194 -15.97 -34.74 4.05
N ASN D 195 -16.00 -33.55 3.46
CA ASN D 195 -15.02 -33.19 2.43
C ASN D 195 -13.68 -32.83 3.05
N ILE D 196 -12.61 -33.24 2.37
CA ILE D 196 -11.25 -32.89 2.76
C ILE D 196 -10.57 -32.22 1.57
N CYS D 197 -9.64 -31.32 1.86
CA CYS D 197 -9.02 -30.51 0.83
C CYS D 197 -7.50 -30.54 0.97
N LEU D 198 -6.83 -30.17 -0.12
CA LEU D 198 -5.37 -30.17 -0.19
C LEU D 198 -4.95 -29.09 -1.17
N THR D 199 -4.02 -28.23 -0.76
CA THR D 199 -3.59 -27.11 -1.59
C THR D 199 -2.08 -27.00 -1.51
N ARG D 200 -1.40 -27.04 -2.66
CA ARG D 200 0.05 -26.87 -2.66
C ARG D 200 0.38 -25.42 -2.31
N THR D 201 1.19 -25.24 -1.27
CA THR D 201 1.51 -23.92 -0.74
C THR D 201 2.66 -23.25 -1.46
N ASP D 202 3.36 -23.97 -2.35
CA ASP D 202 4.54 -23.44 -3.02
C ASP D 202 4.22 -22.72 -4.31
N ARG D 203 3.02 -22.13 -4.41
CA ARG D 203 2.70 -21.32 -5.57
C ARG D 203 3.55 -20.05 -5.58
N GLY D 204 3.92 -19.62 -6.78
CA GLY D 204 4.76 -18.46 -6.96
C GLY D 204 5.75 -18.70 -8.08
N TRP D 205 6.61 -17.70 -8.29
CA TRP D 205 7.56 -17.75 -9.40
C TRP D 205 8.77 -18.61 -9.05
N TYR D 206 9.39 -19.17 -10.08
CA TYR D 206 10.64 -19.90 -9.97
C TYR D 206 11.56 -19.45 -11.09
N CYS D 207 12.82 -19.21 -10.78
CA CYS D 207 13.79 -18.81 -11.80
C CYS D 207 15.14 -19.42 -11.49
N ASP D 208 15.83 -19.91 -12.53
CA ASP D 208 17.12 -20.57 -12.34
C ASP D 208 18.21 -19.57 -11.98
N ASN D 209 19.11 -20.00 -11.08
CA ASN D 209 20.22 -19.17 -10.61
C ASN D 209 21.38 -20.10 -10.25
N ALA D 210 22.31 -20.28 -11.20
CA ALA D 210 23.61 -20.91 -10.95
C ALA D 210 23.48 -22.29 -10.32
N GLY D 211 22.63 -23.13 -10.90
CA GLY D 211 22.44 -24.48 -10.43
C GLY D 211 21.44 -24.65 -9.30
N SER D 212 20.74 -23.59 -8.93
CA SER D 212 19.66 -23.66 -7.94
C SER D 212 18.45 -22.93 -8.50
N VAL D 213 17.33 -23.07 -7.81
CA VAL D 213 16.07 -22.45 -8.24
C VAL D 213 15.64 -21.46 -7.17
N SER D 214 15.49 -20.20 -7.56
CA SER D 214 15.01 -19.17 -6.66
C SER D 214 13.48 -19.18 -6.66
N PHE D 215 12.90 -19.52 -5.52
CA PHE D 215 11.46 -19.59 -5.36
C PHE D 215 10.98 -18.29 -4.74
N PHE D 216 10.05 -17.62 -5.41
CA PHE D 216 9.50 -16.36 -4.92
C PHE D 216 8.08 -16.62 -4.43
N PRO D 217 7.86 -16.75 -3.11
CA PRO D 217 6.54 -17.18 -2.63
C PRO D 217 5.45 -16.14 -2.83
N GLN D 218 5.79 -14.86 -2.92
CA GLN D 218 4.82 -13.79 -3.13
C GLN D 218 4.78 -13.48 -4.62
N ALA D 219 3.78 -14.03 -5.31
CA ALA D 219 3.67 -13.84 -6.75
C ALA D 219 3.28 -12.41 -7.11
N GLU D 220 2.52 -11.73 -6.23
CA GLU D 220 2.04 -10.40 -6.53
C GLU D 220 3.17 -9.36 -6.55
N THR D 221 4.27 -9.62 -5.85
CA THR D 221 5.36 -8.65 -5.82
C THR D 221 6.14 -8.66 -7.13
N CYS D 222 6.27 -9.82 -7.77
CA CYS D 222 7.05 -9.91 -8.99
C CYS D 222 6.29 -9.28 -10.16
N LYS D 223 6.94 -8.33 -10.83
CA LYS D 223 6.34 -7.69 -11.99
C LYS D 223 6.58 -8.55 -13.23
N VAL D 224 5.63 -8.50 -14.17
CA VAL D 224 5.74 -9.22 -15.43
C VAL D 224 5.46 -8.24 -16.56
N GLN D 225 6.45 -8.03 -17.42
CA GLN D 225 6.26 -7.32 -18.68
C GLN D 225 6.53 -8.30 -19.81
N SER D 226 5.49 -8.54 -20.62
CA SER D 226 5.47 -9.52 -21.71
C SER D 226 6.00 -10.88 -21.27
N ASN D 227 7.10 -11.33 -21.86
CA ASN D 227 7.67 -12.65 -21.59
C ASN D 227 8.70 -12.61 -20.47
N ARG D 228 8.96 -11.44 -19.89
CA ARG D 228 10.04 -11.26 -18.94
C ARG D 228 9.49 -11.09 -17.52
N VAL D 229 10.14 -11.74 -16.57
CA VAL D 229 9.71 -11.75 -15.17
C VAL D 229 10.74 -10.99 -14.36
N PHE D 230 10.33 -9.83 -13.83
CA PHE D 230 11.18 -8.99 -12.99
C PHE D 230 10.89 -9.32 -11.54
N CYS D 231 11.85 -9.92 -10.86
CA CYS D 231 11.69 -10.30 -9.47
C CYS D 231 12.84 -9.74 -8.64
N ASP D 232 12.74 -9.92 -7.33
CA ASP D 232 13.73 -9.48 -6.38
C ASP D 232 14.24 -10.70 -5.63
N THR D 233 15.56 -10.88 -5.58
CA THR D 233 16.11 -12.04 -4.88
C THR D 233 16.08 -11.86 -3.37
N MET D 234 15.92 -10.63 -2.87
CA MET D 234 15.93 -10.40 -1.43
C MET D 234 14.78 -11.10 -0.73
N ASN D 235 13.60 -11.09 -1.34
CA ASN D 235 12.42 -11.77 -0.79
C ASN D 235 12.21 -13.13 -1.45
N SER D 236 13.29 -13.86 -1.74
CA SER D 236 13.22 -15.15 -2.39
C SER D 236 13.89 -16.21 -1.52
N LEU D 237 13.52 -17.45 -1.78
CA LEU D 237 14.16 -18.62 -1.18
C LEU D 237 15.12 -19.21 -2.19
N THR D 238 16.17 -19.85 -1.69
CA THR D 238 17.05 -20.65 -2.53
C THR D 238 16.71 -22.13 -2.32
N LEU D 239 16.50 -22.84 -3.41
CA LEU D 239 16.05 -24.22 -3.35
C LEU D 239 16.91 -25.08 -4.26
N PRO D 240 17.06 -26.36 -3.93
CA PRO D 240 17.79 -27.27 -4.82
C PRO D 240 17.02 -27.52 -6.11
N SER D 241 17.74 -28.05 -7.10
CA SER D 241 17.14 -28.34 -8.39
C SER D 241 16.10 -29.46 -8.34
N GLU D 242 16.01 -30.18 -7.22
CA GLU D 242 14.98 -31.19 -7.04
C GLU D 242 13.58 -30.60 -6.93
N VAL D 243 13.45 -29.28 -6.79
CA VAL D 243 12.14 -28.65 -6.71
C VAL D 243 11.35 -28.81 -8.01
N ASN D 244 12.03 -29.03 -9.14
CA ASN D 244 11.32 -29.27 -10.39
C ASN D 244 10.67 -30.65 -10.42
N LEU D 245 11.12 -31.57 -9.56
CA LEU D 245 10.56 -32.92 -9.55
C LEU D 245 9.15 -32.96 -9.00
N CYS D 246 8.70 -31.92 -8.29
CA CYS D 246 7.35 -31.90 -7.76
C CYS D 246 6.29 -31.80 -8.84
N ASN D 247 6.62 -31.19 -9.98
CA ASN D 247 5.65 -30.99 -11.05
C ASN D 247 5.43 -32.23 -11.90
N VAL D 248 6.23 -33.28 -11.72
CA VAL D 248 6.04 -34.51 -12.45
C VAL D 248 5.75 -35.70 -11.55
N ASP D 249 6.15 -35.66 -10.28
CA ASP D 249 5.83 -36.72 -9.32
C ASP D 249 5.82 -36.07 -7.94
N ILE D 250 4.63 -35.74 -7.45
CA ILE D 250 4.53 -35.06 -6.16
C ILE D 250 4.92 -35.99 -5.01
N PHE D 251 4.90 -37.30 -5.23
CA PHE D 251 5.28 -38.27 -4.22
C PHE D 251 6.73 -38.71 -4.34
N ASN D 252 7.57 -37.92 -5.01
CA ASN D 252 8.97 -38.26 -5.16
C ASN D 252 9.69 -38.17 -3.82
N PRO D 253 10.71 -39.00 -3.59
CA PRO D 253 11.44 -38.97 -2.32
C PRO D 253 12.59 -37.98 -2.27
N LYS D 254 12.94 -37.35 -3.39
CA LYS D 254 14.08 -36.43 -3.40
C LYS D 254 13.73 -35.08 -2.77
N TYR D 255 12.48 -34.64 -2.91
CA TYR D 255 12.07 -33.32 -2.40
C TYR D 255 10.62 -33.39 -1.99
N ASP D 256 10.33 -33.07 -0.73
CA ASP D 256 8.96 -33.10 -0.21
C ASP D 256 8.22 -31.84 -0.65
N CYS D 257 7.20 -32.02 -1.47
CA CYS D 257 6.40 -30.90 -1.94
C CYS D 257 5.52 -30.37 -0.81
N LYS D 258 5.41 -29.04 -0.73
CA LYS D 258 4.76 -28.39 0.40
C LYS D 258 3.28 -28.16 0.12
N ILE D 259 2.43 -28.61 1.06
CA ILE D 259 0.98 -28.50 0.93
C ILE D 259 0.39 -28.07 2.26
N MET D 260 -0.83 -27.53 2.20
CA MET D 260 -1.66 -27.29 3.37
C MET D 260 -2.97 -28.06 3.21
N THR D 261 -3.58 -28.39 4.35
CA THR D 261 -4.81 -29.18 4.37
C THR D 261 -5.87 -28.48 5.19
N SER D 262 -7.12 -28.79 4.89
CA SER D 262 -8.29 -28.22 5.58
C SER D 262 -9.49 -29.08 5.22
N LYS D 263 -10.66 -28.69 5.72
CA LYS D 263 -11.91 -29.33 5.35
C LYS D 263 -12.94 -28.35 4.81
N THR D 264 -12.55 -27.10 4.55
CA THR D 264 -13.47 -26.08 4.05
C THR D 264 -13.45 -26.10 2.52
N ASP D 265 -14.32 -26.94 1.95
CA ASP D 265 -14.44 -27.07 0.50
C ASP D 265 -15.22 -25.88 -0.05
N VAL D 266 -14.50 -24.84 -0.43
CA VAL D 266 -15.10 -23.64 -1.02
C VAL D 266 -14.87 -23.67 -2.52
N SER D 267 -15.87 -23.19 -3.27
CA SER D 267 -15.76 -23.11 -4.72
C SER D 267 -14.97 -21.86 -5.10
N SER D 268 -13.81 -22.06 -5.70
CA SER D 268 -12.93 -20.95 -6.03
C SER D 268 -12.29 -21.20 -7.39
N SER D 269 -11.79 -20.13 -8.00
CA SER D 269 -11.14 -20.20 -9.29
C SER D 269 -9.84 -19.41 -9.26
N VAL D 270 -8.84 -19.94 -9.95
CA VAL D 270 -7.50 -19.35 -10.00
C VAL D 270 -7.21 -19.06 -11.48
N ILE D 271 -7.15 -17.78 -11.83
CA ILE D 271 -6.92 -17.39 -13.22
C ILE D 271 -5.43 -17.51 -13.51
N THR D 272 -5.06 -18.45 -14.36
CA THR D 272 -3.67 -18.66 -14.74
C THR D 272 -3.31 -17.77 -15.93
N SER D 273 -2.12 -17.97 -16.48
CA SER D 273 -1.65 -17.13 -17.58
C SER D 273 -2.37 -17.44 -18.88
N LEU D 274 -2.61 -18.73 -19.16
CA LEU D 274 -3.18 -19.17 -20.43
C LEU D 274 -4.48 -19.93 -20.25
N GLY D 275 -5.11 -19.82 -19.09
CA GLY D 275 -6.35 -20.54 -18.86
C GLY D 275 -7.01 -20.16 -17.56
N ALA D 276 -7.75 -21.10 -16.97
CA ALA D 276 -8.39 -20.90 -15.68
C ALA D 276 -8.58 -22.24 -15.01
N ILE D 277 -8.25 -22.32 -13.74
CA ILE D 277 -8.50 -23.50 -12.92
C ILE D 277 -9.74 -23.21 -12.09
N VAL D 278 -10.75 -24.07 -12.22
CA VAL D 278 -11.98 -23.92 -11.44
C VAL D 278 -12.19 -25.18 -10.61
N SER D 279 -12.47 -24.98 -9.33
CA SER D 279 -12.67 -26.07 -8.38
C SER D 279 -14.08 -25.92 -7.81
N CYS D 280 -15.06 -26.47 -8.51
CA CYS D 280 -16.46 -26.30 -8.16
C CYS D 280 -16.88 -27.42 -7.20
N TYR D 281 -17.43 -27.06 -6.05
CA TYR D 281 -17.78 -28.04 -5.03
C TYR D 281 -19.15 -27.75 -4.44
N GLY D 282 -19.67 -28.76 -3.74
CA GLY D 282 -20.95 -28.63 -3.07
C GLY D 282 -22.10 -28.51 -4.06
N LYS D 283 -22.99 -27.55 -3.81
CA LYS D 283 -24.13 -27.28 -4.67
C LYS D 283 -23.91 -26.06 -5.55
N THR D 284 -22.68 -25.57 -5.64
CA THR D 284 -22.38 -24.42 -6.46
C THR D 284 -22.46 -24.77 -7.94
N LYS D 285 -22.91 -23.81 -8.74
CA LYS D 285 -22.99 -23.97 -10.20
C LYS D 285 -21.88 -23.12 -10.83
N CYS D 286 -21.00 -23.77 -11.58
CA CYS D 286 -19.85 -23.12 -12.18
C CYS D 286 -19.83 -23.40 -13.67
N THR D 287 -19.61 -22.35 -14.47
CA THR D 287 -19.64 -22.45 -15.92
C THR D 287 -18.59 -21.53 -16.52
N ALA D 288 -18.13 -21.88 -17.71
CA ALA D 288 -17.26 -21.05 -18.52
C ALA D 288 -17.99 -20.66 -19.79
N SER D 289 -17.84 -19.41 -20.21
CA SER D 289 -18.67 -18.89 -21.28
C SER D 289 -17.87 -18.04 -22.26
N ASN D 290 -18.43 -17.93 -23.46
CA ASN D 290 -17.94 -17.06 -24.52
C ASN D 290 -18.79 -15.79 -24.52
N LYS D 291 -18.16 -14.64 -24.76
CA LYS D 291 -18.89 -13.37 -24.72
C LYS D 291 -19.98 -13.30 -25.78
N ASN D 292 -19.82 -14.04 -26.89
CA ASN D 292 -20.79 -14.04 -27.97
C ASN D 292 -21.73 -15.24 -27.92
N ARG D 293 -21.19 -16.45 -27.73
CA ARG D 293 -21.98 -17.67 -27.80
C ARG D 293 -22.71 -17.99 -26.50
N GLY D 294 -22.48 -17.24 -25.43
CA GLY D 294 -23.10 -17.57 -24.16
C GLY D 294 -22.36 -18.68 -23.44
N ILE D 295 -23.11 -19.45 -22.65
CA ILE D 295 -22.50 -20.55 -21.90
C ILE D 295 -22.07 -21.64 -22.86
N ILE D 296 -20.80 -22.03 -22.78
CA ILE D 296 -20.26 -23.07 -23.64
C ILE D 296 -19.77 -24.29 -22.86
N LYS D 297 -19.66 -24.21 -21.54
CA LYS D 297 -19.15 -25.32 -20.76
C LYS D 297 -19.74 -25.26 -19.36
N THR D 298 -20.00 -26.43 -18.78
CA THR D 298 -20.45 -26.55 -17.41
C THR D 298 -19.52 -27.50 -16.68
N PHE D 299 -19.05 -27.10 -15.50
CA PHE D 299 -18.07 -27.87 -14.75
C PHE D 299 -18.77 -28.75 -13.73
N SER D 300 -18.42 -30.03 -13.73
CA SER D 300 -18.86 -30.94 -12.69
C SER D 300 -18.01 -30.75 -11.44
N ASN D 301 -18.42 -31.39 -10.35
CA ASN D 301 -17.72 -31.26 -9.08
C ASN D 301 -16.31 -31.83 -9.17
N GLY D 302 -15.33 -31.07 -8.68
CA GLY D 302 -13.94 -31.48 -8.63
C GLY D 302 -13.05 -30.38 -9.17
N CYS D 303 -11.83 -30.76 -9.50
CA CYS D 303 -10.84 -29.86 -10.07
C CYS D 303 -10.85 -29.97 -11.59
N ASP D 304 -11.05 -28.86 -12.27
CA ASP D 304 -11.15 -28.84 -13.73
C ASP D 304 -10.45 -27.60 -14.25
N TYR D 305 -10.10 -27.67 -15.53
CA TYR D 305 -9.31 -26.62 -16.18
C TYR D 305 -9.94 -26.30 -17.52
N VAL D 306 -9.98 -25.02 -17.87
CA VAL D 306 -10.57 -24.57 -19.12
C VAL D 306 -9.53 -23.77 -19.88
N SER D 307 -9.43 -24.03 -21.18
CA SER D 307 -8.42 -23.38 -21.99
C SER D 307 -8.84 -21.95 -22.32
N ASN D 308 -7.88 -21.18 -22.80
CA ASN D 308 -8.13 -19.80 -23.22
C ASN D 308 -8.82 -19.70 -24.57
N LYS D 309 -8.84 -20.78 -25.35
CA LYS D 309 -9.43 -20.73 -26.68
C LYS D 309 -10.96 -20.74 -26.56
N GLY D 310 -11.59 -19.73 -27.15
CA GLY D 310 -13.03 -19.61 -27.09
C GLY D 310 -13.56 -18.94 -25.84
N VAL D 311 -13.01 -19.30 -24.69
CA VAL D 311 -13.49 -18.79 -23.42
C VAL D 311 -13.01 -17.36 -23.20
N ASP D 312 -13.92 -16.49 -22.77
CA ASP D 312 -13.59 -15.11 -22.46
C ASP D 312 -13.90 -14.73 -21.01
N THR D 313 -14.94 -15.30 -20.41
CA THR D 313 -15.24 -15.11 -19.01
C THR D 313 -15.52 -16.47 -18.37
N VAL D 314 -15.32 -16.54 -17.06
CA VAL D 314 -15.57 -17.73 -16.27
C VAL D 314 -16.33 -17.32 -15.03
N SER D 315 -17.38 -18.06 -14.68
CA SER D 315 -18.20 -17.77 -13.52
C SER D 315 -18.17 -18.95 -12.57
N VAL D 316 -17.89 -18.67 -11.30
CA VAL D 316 -17.91 -19.68 -10.24
C VAL D 316 -18.81 -19.14 -9.13
N GLY D 317 -20.00 -19.71 -9.01
CA GLY D 317 -20.97 -19.19 -8.06
C GLY D 317 -21.41 -17.78 -8.45
N ASN D 318 -21.39 -16.88 -7.47
CA ASN D 318 -21.74 -15.49 -7.71
C ASN D 318 -20.55 -14.63 -8.08
N THR D 319 -19.37 -15.22 -8.20
CA THR D 319 -18.15 -14.49 -8.52
C THR D 319 -17.77 -14.74 -9.97
N LEU D 320 -17.45 -13.67 -10.69
CA LEU D 320 -17.11 -13.76 -12.10
C LEU D 320 -15.67 -13.32 -12.30
N TYR D 321 -14.86 -14.21 -12.89
CA TYR D 321 -13.47 -13.93 -13.20
C TYR D 321 -13.27 -13.89 -14.71
N TYR D 322 -12.47 -12.94 -15.17
CA TYR D 322 -12.11 -12.84 -16.58
C TYR D 322 -10.78 -13.54 -16.81
N VAL D 323 -10.68 -14.28 -17.92
CA VAL D 323 -9.48 -15.05 -18.22
C VAL D 323 -8.53 -14.20 -19.04
N ASN D 324 -7.24 -14.51 -18.92
CA ASN D 324 -6.20 -13.81 -19.67
C ASN D 324 -6.20 -14.27 -21.12
N LYS D 325 -6.31 -13.33 -22.05
CA LYS D 325 -6.38 -13.63 -23.47
C LYS D 325 -5.01 -13.67 -24.15
N GLN D 326 -3.96 -13.98 -23.40
CA GLN D 326 -2.62 -14.10 -23.97
C GLN D 326 -2.58 -15.26 -24.95
N GLU D 327 -1.84 -15.10 -26.05
CA GLU D 327 -1.68 -16.18 -27.02
C GLU D 327 -0.67 -17.20 -26.51
N GLY D 328 -1.00 -18.48 -26.67
CA GLY D 328 -0.12 -19.54 -26.21
C GLY D 328 -0.79 -20.90 -26.21
N LYS D 329 0.00 -21.96 -26.19
CA LYS D 329 -0.52 -23.33 -26.24
C LYS D 329 -0.73 -23.87 -24.82
N SER D 330 -1.90 -24.45 -24.59
CA SER D 330 -2.26 -25.00 -23.29
C SER D 330 -2.41 -26.51 -23.39
N LEU D 331 -1.94 -27.21 -22.37
CA LEU D 331 -1.97 -28.66 -22.33
C LEU D 331 -2.70 -29.15 -21.09
N TYR D 332 -3.51 -30.20 -21.25
CA TYR D 332 -4.22 -30.84 -20.15
C TYR D 332 -3.61 -32.21 -19.92
N VAL D 333 -3.14 -32.45 -18.70
CA VAL D 333 -2.57 -33.74 -18.31
C VAL D 333 -3.61 -34.50 -17.50
N LYS D 334 -4.19 -35.53 -18.10
CA LYS D 334 -5.13 -36.38 -17.39
C LYS D 334 -4.42 -37.18 -16.32
N GLY D 335 -5.07 -37.34 -15.18
CA GLY D 335 -4.50 -38.11 -14.09
C GLY D 335 -5.46 -38.19 -12.93
N GLU D 336 -5.27 -39.22 -12.12
CA GLU D 336 -6.08 -39.39 -10.92
C GLU D 336 -5.66 -38.35 -9.90
N PRO D 337 -6.58 -37.55 -9.36
CA PRO D 337 -6.21 -36.60 -8.31
C PRO D 337 -5.66 -37.30 -7.08
N ILE D 338 -4.66 -36.69 -6.45
CA ILE D 338 -3.95 -37.32 -5.34
C ILE D 338 -4.80 -37.40 -4.09
N ILE D 339 -5.85 -36.59 -3.99
CA ILE D 339 -6.66 -36.57 -2.77
C ILE D 339 -7.47 -37.85 -2.60
N ASN D 340 -7.68 -38.61 -3.67
CA ASN D 340 -8.45 -39.85 -3.58
C ASN D 340 -7.67 -41.00 -2.95
N PHE D 341 -6.35 -40.86 -2.80
CA PHE D 341 -5.53 -41.91 -2.22
C PHE D 341 -5.48 -41.86 -0.69
N TYR D 342 -6.13 -40.88 -0.07
CA TYR D 342 -6.05 -40.69 1.37
C TYR D 342 -7.28 -41.27 2.05
N ASP D 343 -7.07 -41.89 3.21
CA ASP D 343 -8.17 -42.42 4.01
C ASP D 343 -8.83 -41.27 4.76
N PRO D 344 -10.12 -41.00 4.54
CA PRO D 344 -10.76 -39.85 5.20
C PRO D 344 -10.83 -39.94 6.71
N LEU D 345 -10.76 -41.14 7.28
CA LEU D 345 -10.89 -41.29 8.73
C LEU D 345 -9.63 -40.84 9.47
N VAL D 346 -8.47 -40.81 8.80
CA VAL D 346 -7.21 -40.50 9.45
C VAL D 346 -6.49 -39.33 8.79
N PHE D 347 -7.16 -38.61 7.90
CA PHE D 347 -6.51 -37.51 7.20
C PHE D 347 -6.30 -36.33 8.12
N PRO D 348 -5.06 -35.84 8.29
CA PRO D 348 -4.83 -34.66 9.15
C PRO D 348 -5.14 -33.38 8.39
N SER D 349 -6.18 -32.68 8.84
CA SER D 349 -6.67 -31.49 8.17
C SER D 349 -6.52 -30.24 9.04
N ASP D 350 -5.37 -30.12 9.71
CA ASP D 350 -5.12 -28.98 10.60
C ASP D 350 -3.77 -28.32 10.33
N GLU D 351 -3.23 -28.46 9.12
CA GLU D 351 -1.92 -27.96 8.79
C GLU D 351 -2.03 -26.71 7.93
N PHE D 352 -1.32 -25.66 8.34
CA PHE D 352 -1.23 -24.43 7.56
C PHE D 352 0.01 -24.37 6.69
N ASP D 353 1.08 -25.07 7.08
CA ASP D 353 2.29 -25.15 6.28
C ASP D 353 2.91 -26.53 6.54
N ALA D 354 2.62 -27.48 5.66
CA ALA D 354 3.12 -28.83 5.81
C ALA D 354 3.76 -29.31 4.52
N SER D 355 4.07 -30.60 4.44
CA SER D 355 4.63 -31.20 3.24
C SER D 355 4.04 -32.59 3.08
N ILE D 356 4.30 -33.20 1.92
CA ILE D 356 3.83 -34.55 1.67
C ILE D 356 4.44 -35.53 2.65
N SER D 357 5.73 -35.34 2.96
CA SER D 357 6.38 -36.20 3.95
C SER D 357 5.77 -36.02 5.34
N GLN D 358 5.47 -34.78 5.73
CA GLN D 358 4.86 -34.53 7.04
C GLN D 358 3.47 -35.16 7.13
N VAL D 359 2.65 -35.00 6.09
CA VAL D 359 1.32 -35.57 6.09
C VAL D 359 1.39 -37.10 6.10
N ASN D 360 2.32 -37.66 5.31
CA ASN D 360 2.47 -39.12 5.26
C ASN D 360 2.92 -39.68 6.60
N GLU D 361 3.88 -39.02 7.25
CA GLU D 361 4.34 -39.52 8.55
C GLU D 361 3.29 -39.30 9.64
N LYS D 362 2.45 -38.27 9.51
CA LYS D 362 1.37 -38.09 10.46
C LYS D 362 0.30 -39.15 10.29
N ILE D 363 -0.01 -39.52 9.04
CA ILE D 363 -0.95 -40.61 8.79
C ILE D 363 -0.38 -41.92 9.31
N ASN D 364 0.92 -42.14 9.12
CA ASN D 364 1.55 -43.36 9.64
C ASN D 364 1.52 -43.39 11.16
N GLN D 365 1.75 -42.25 11.81
CA GLN D 365 1.67 -42.20 13.27
C GLN D 365 0.25 -42.42 13.76
N SER D 366 -0.74 -41.90 13.04
CA SER D 366 -2.14 -42.12 13.41
C SER D 366 -2.53 -43.58 13.26
N LEU D 367 -2.02 -44.24 12.22
CA LEU D 367 -2.27 -45.68 12.07
C LEU D 367 -1.52 -46.48 13.12
N ALA D 368 -0.33 -46.02 13.53
CA ALA D 368 0.38 -46.70 14.61
C ALA D 368 -0.32 -46.55 15.95
N PHE D 369 -0.98 -45.40 16.18
CA PHE D 369 -1.76 -45.22 17.40
C PHE D 369 -2.94 -46.19 17.45
N ILE D 370 -3.45 -46.61 16.30
CA ILE D 370 -4.55 -47.56 16.25
C ILE D 370 -3.97 -48.98 16.37
N ASN E 1 -31.82 2.80 8.84
CA ASN E 1 -31.28 2.94 10.18
C ASN E 1 -30.46 1.72 10.58
N ILE E 2 -29.21 1.95 10.96
CA ILE E 2 -28.31 0.86 11.33
C ILE E 2 -28.61 0.42 12.75
N THR E 3 -28.81 -0.88 12.94
CA THR E 3 -28.97 -1.47 14.26
C THR E 3 -27.87 -2.51 14.48
N GLU E 4 -27.33 -2.52 15.68
CA GLU E 4 -26.23 -3.40 16.03
C GLU E 4 -26.64 -4.29 17.20
N GLU E 5 -26.19 -5.52 17.18
CA GLU E 5 -26.49 -6.48 18.24
C GLU E 5 -25.21 -7.13 18.71
N PHE E 6 -25.08 -7.32 20.02
CA PHE E 6 -23.96 -8.02 20.61
C PHE E 6 -24.42 -9.34 21.21
N TYR E 7 -23.68 -10.40 20.95
CA TYR E 7 -23.97 -11.73 21.48
C TYR E 7 -22.91 -12.07 22.52
N GLN E 8 -23.31 -12.12 23.79
CA GLN E 8 -22.38 -12.47 24.85
C GLN E 8 -21.94 -13.93 24.74
N SER E 9 -22.78 -14.79 24.16
CA SER E 9 -22.46 -16.21 24.11
C SER E 9 -21.29 -16.51 23.19
N THR E 10 -21.09 -15.72 22.14
CA THR E 10 -20.01 -15.96 21.18
C THR E 10 -19.04 -14.79 21.08
N CYS E 11 -19.22 -13.75 21.89
CA CYS E 11 -18.35 -12.57 21.92
C CYS E 11 -18.19 -11.96 20.52
N SER E 12 -19.33 -11.85 19.83
CA SER E 12 -19.35 -11.32 18.47
C SER E 12 -20.53 -10.37 18.33
N ALA E 13 -20.43 -9.45 17.38
CA ALA E 13 -21.46 -8.44 17.17
C ALA E 13 -21.74 -8.27 15.69
N VAL E 14 -23.02 -8.25 15.32
CA VAL E 14 -23.44 -8.08 13.95
C VAL E 14 -24.05 -6.69 13.79
N SER E 15 -23.60 -5.96 12.77
CA SER E 15 -24.12 -4.63 12.46
C SER E 15 -24.93 -4.75 11.17
N LYS E 16 -26.25 -4.77 11.29
CA LYS E 16 -27.12 -5.04 10.17
C LYS E 16 -28.01 -3.85 9.87
N GLY E 17 -28.45 -3.77 8.63
CA GLY E 17 -29.18 -2.61 8.12
C GLY E 17 -28.53 -1.96 6.92
N TYR E 18 -27.44 -2.51 6.41
CA TYR E 18 -26.72 -1.94 5.28
C TYR E 18 -27.34 -2.38 3.96
N LEU E 19 -27.00 -1.64 2.90
CA LEU E 19 -27.44 -1.95 1.54
C LEU E 19 -26.23 -2.23 0.66
N SER E 20 -26.36 -3.22 -0.21
CA SER E 20 -25.22 -3.72 -0.98
C SER E 20 -24.92 -2.82 -2.17
N ALA E 21 -23.66 -2.84 -2.59
CA ALA E 21 -23.22 -2.26 -3.86
C ALA E 21 -22.15 -3.14 -4.47
N LEU E 22 -22.38 -4.46 -4.49
CA LEU E 22 -21.33 -5.40 -4.86
C LEU E 22 -21.01 -5.32 -6.35
N ARG E 23 -19.73 -5.20 -6.68
CA ARG E 23 -19.27 -5.27 -8.06
C ARG E 23 -19.21 -6.72 -8.50
N THR E 24 -20.01 -7.09 -9.49
CA THR E 24 -20.00 -8.45 -10.01
C THR E 24 -19.22 -8.60 -11.31
N GLY E 25 -19.23 -7.60 -12.17
CA GLY E 25 -18.52 -7.71 -13.44
C GLY E 25 -17.74 -6.46 -13.78
N TRP E 26 -17.14 -6.44 -14.96
CA TRP E 26 -16.31 -5.32 -15.41
C TRP E 26 -16.86 -4.75 -16.70
N TYR E 27 -16.72 -3.43 -16.85
CA TYR E 27 -17.03 -2.74 -18.10
C TYR E 27 -15.75 -2.07 -18.57
N THR E 28 -15.31 -2.42 -19.77
CA THR E 28 -14.07 -1.90 -20.32
C THR E 28 -14.38 -0.90 -21.43
N SER E 29 -13.79 0.29 -21.31
CA SER E 29 -13.95 1.35 -22.30
C SER E 29 -12.57 1.78 -22.77
N VAL E 30 -12.46 2.12 -24.05
CA VAL E 30 -11.19 2.52 -24.64
C VAL E 30 -11.20 4.04 -24.76
N ILE E 31 -10.22 4.69 -24.13
CA ILE E 31 -10.08 6.12 -24.13
C ILE E 31 -8.93 6.49 -25.07
N THR E 32 -9.18 7.43 -25.98
CA THR E 32 -8.20 7.83 -26.97
C THR E 32 -7.84 9.29 -26.79
N ILE E 33 -6.58 9.60 -27.02
CA ILE E 33 -6.03 10.95 -27.02
C ILE E 33 -5.24 11.10 -28.30
N GLU E 34 -5.60 12.09 -29.11
CA GLU E 34 -4.94 12.30 -30.39
C GLU E 34 -3.67 13.11 -30.19
N LEU E 35 -2.56 12.63 -30.73
CA LEU E 35 -1.27 13.26 -30.58
C LEU E 35 -0.79 13.82 -31.90
N SER E 36 -0.04 14.92 -31.84
CA SER E 36 0.42 15.60 -33.02
C SER E 36 1.60 14.85 -33.65
N ASN E 37 1.73 14.99 -34.97
CA ASN E 37 2.77 14.32 -35.74
C ASN E 37 4.01 15.19 -35.95
N ILE E 38 4.34 16.05 -34.99
CA ILE E 38 5.53 16.89 -35.11
C ILE E 38 6.78 16.03 -35.20
N LYS E 39 7.61 16.32 -36.21
CA LYS E 39 8.88 15.62 -36.37
C LYS E 39 9.99 16.34 -35.61
N GLU E 40 10.21 17.62 -35.93
CA GLU E 40 11.25 18.40 -35.28
C GLU E 40 10.91 19.88 -35.44
N ILE E 41 11.37 20.69 -34.49
CA ILE E 41 11.15 22.13 -34.50
C ILE E 41 12.39 22.80 -35.09
N LYS E 42 12.18 23.64 -36.11
CA LYS E 42 13.27 24.30 -36.81
C LYS E 42 13.44 25.75 -36.41
N CYS E 43 12.69 26.23 -35.41
CA CYS E 43 12.82 27.61 -34.97
C CYS E 43 14.17 27.84 -34.29
N ASN E 44 14.78 29.00 -34.60
CA ASN E 44 16.06 29.36 -34.02
C ASN E 44 16.02 30.71 -33.30
N GLY E 45 14.82 31.21 -33.01
CA GLY E 45 14.72 32.49 -32.32
C GLY E 45 15.16 32.40 -30.88
N THR E 46 15.65 33.52 -30.36
CA THR E 46 16.15 33.60 -29.00
C THR E 46 15.16 34.24 -28.03
N ASP E 47 13.91 34.42 -28.45
CA ASP E 47 12.90 35.00 -27.57
C ASP E 47 12.57 34.05 -26.43
N ALA E 48 12.32 34.62 -25.24
CA ALA E 48 12.12 33.82 -24.04
C ALA E 48 10.85 32.98 -24.13
N LYS E 49 9.78 33.53 -24.71
CA LYS E 49 8.53 32.77 -24.84
C LYS E 49 8.69 31.62 -25.82
N VAL E 50 9.47 31.81 -26.89
CA VAL E 50 9.77 30.72 -27.80
C VAL E 50 10.56 29.64 -27.10
N LYS E 51 11.47 30.04 -26.21
CA LYS E 51 12.22 29.08 -25.40
C LYS E 51 11.29 28.29 -24.48
N LEU E 52 10.31 28.98 -23.89
CA LEU E 52 9.33 28.30 -23.02
C LEU E 52 8.50 27.31 -23.80
N ILE E 53 8.06 27.70 -25.01
CA ILE E 53 7.30 26.79 -25.86
C ILE E 53 8.15 25.59 -26.26
N LYS E 54 9.42 25.83 -26.58
CA LYS E 54 10.33 24.73 -26.93
C LYS E 54 10.54 23.80 -25.75
N GLN E 55 10.67 24.33 -24.54
CA GLN E 55 10.84 23.48 -23.36
C GLN E 55 9.60 22.64 -23.10
N GLU E 56 8.42 23.24 -23.23
CA GLU E 56 7.18 22.49 -23.01
C GLU E 56 6.99 21.42 -24.08
N LEU E 57 7.28 21.75 -25.34
CA LEU E 57 7.21 20.76 -26.41
C LEU E 57 8.26 19.67 -26.22
N ASP E 58 9.41 20.01 -25.65
CA ASP E 58 10.45 19.01 -25.41
C ASP E 58 10.03 18.02 -24.34
N LYS E 59 9.44 18.52 -23.24
CA LYS E 59 8.95 17.56 -22.24
C LYS E 59 7.73 16.80 -22.72
N TYR E 60 6.91 17.41 -23.59
CA TYR E 60 5.81 16.69 -24.24
C TYR E 60 6.33 15.55 -25.10
N LYS E 61 7.35 15.82 -25.91
CA LYS E 61 7.93 14.79 -26.76
C LYS E 61 8.63 13.72 -25.94
N ASN E 62 9.27 14.11 -24.84
CA ASN E 62 9.88 13.13 -23.94
C ASN E 62 8.82 12.24 -23.31
N ALA E 63 7.67 12.80 -22.94
CA ALA E 63 6.58 12.01 -22.41
C ALA E 63 6.04 11.04 -23.45
N VAL E 64 5.89 11.50 -24.69
CA VAL E 64 5.43 10.62 -25.77
C VAL E 64 6.43 9.50 -26.01
N THR E 65 7.72 9.83 -26.03
CA THR E 65 8.77 8.82 -26.23
C THR E 65 8.79 7.82 -25.08
N GLU E 66 8.57 8.29 -23.85
CA GLU E 66 8.55 7.39 -22.71
C GLU E 66 7.34 6.45 -22.75
N LEU E 67 6.17 6.96 -23.17
CA LEU E 67 5.05 6.06 -23.35
C LEU E 67 5.28 5.07 -24.49
N GLN E 68 6.06 5.47 -25.50
CA GLN E 68 6.39 4.53 -26.55
C GLN E 68 7.36 3.46 -26.07
N LEU E 69 8.24 3.83 -25.12
CA LEU E 69 9.14 2.86 -24.52
C LEU E 69 8.36 1.84 -23.70
N LEU E 70 7.33 2.28 -22.98
CA LEU E 70 6.52 1.42 -22.13
C LEU E 70 5.80 0.34 -22.94
N PHE F 1 -9.74 -13.03 8.65
CA PHE F 1 -8.71 -14.05 8.85
C PHE F 1 -8.73 -15.07 7.72
N LEU F 2 -9.88 -15.20 7.07
CA LEU F 2 -10.09 -16.19 6.01
C LEU F 2 -9.68 -15.67 4.64
N GLY F 3 -8.76 -14.69 4.59
CA GLY F 3 -8.32 -14.14 3.32
C GLY F 3 -7.56 -15.10 2.45
N PHE F 4 -7.02 -16.19 3.01
CA PHE F 4 -6.27 -17.16 2.23
C PHE F 4 -7.17 -18.12 1.45
N LEU F 5 -8.48 -18.07 1.65
CA LEU F 5 -9.40 -18.95 0.93
C LEU F 5 -9.84 -18.39 -0.41
N LEU F 6 -9.47 -17.16 -0.74
CA LEU F 6 -9.85 -16.58 -2.01
C LEU F 6 -9.07 -17.21 -3.15
N GLY F 7 -9.67 -17.17 -4.35
CA GLY F 7 -8.98 -17.58 -5.55
C GLY F 7 -8.28 -16.38 -6.19
N VAL F 8 -7.12 -16.65 -6.78
CA VAL F 8 -6.29 -15.58 -7.32
C VAL F 8 -6.79 -15.19 -8.70
N GLY F 9 -7.72 -14.25 -8.75
CA GLY F 9 -8.23 -13.73 -10.01
C GLY F 9 -7.49 -12.47 -10.41
N SER F 10 -7.16 -12.39 -11.69
CA SER F 10 -6.47 -11.21 -12.23
C SER F 10 -7.49 -10.12 -12.50
N ALA F 11 -7.41 -9.03 -11.72
CA ALA F 11 -8.38 -7.95 -11.85
C ALA F 11 -8.28 -7.25 -13.20
N ILE F 12 -7.06 -7.07 -13.71
CA ILE F 12 -6.84 -6.31 -14.94
C ILE F 12 -6.99 -7.19 -16.17
N ALA F 13 -7.54 -8.39 -16.00
CA ALA F 13 -7.62 -9.35 -17.10
C ALA F 13 -8.45 -8.82 -18.26
N SER F 14 -9.59 -8.20 -17.97
CA SER F 14 -10.44 -7.67 -19.04
C SER F 14 -9.77 -6.49 -19.74
N GLY F 15 -9.15 -5.60 -18.98
CA GLY F 15 -8.48 -4.45 -19.57
C GLY F 15 -7.30 -4.85 -20.43
N VAL F 16 -6.47 -5.77 -19.94
CA VAL F 16 -5.32 -6.21 -20.74
C VAL F 16 -5.79 -7.07 -21.91
N ALA F 17 -6.93 -7.75 -21.78
CA ALA F 17 -7.48 -8.50 -22.91
C ALA F 17 -7.91 -7.55 -24.02
N VAL F 18 -8.57 -6.44 -23.67
CA VAL F 18 -8.92 -5.44 -24.67
C VAL F 18 -7.67 -4.77 -25.22
N SER F 19 -6.67 -4.55 -24.36
CA SER F 19 -5.42 -3.90 -24.77
C SER F 19 -4.65 -4.73 -25.78
N LYS F 20 -4.61 -6.05 -25.59
CA LYS F 20 -3.87 -6.93 -26.48
C LYS F 20 -4.46 -6.92 -27.89
N VAL F 21 -5.78 -6.83 -27.99
CA VAL F 21 -6.44 -6.80 -29.29
C VAL F 21 -6.06 -5.53 -30.06
N LEU F 22 -5.95 -4.41 -29.36
CA LEU F 22 -5.62 -3.14 -30.01
C LEU F 22 -4.20 -3.11 -30.57
N HIS F 23 -3.31 -3.99 -30.10
CA HIS F 23 -1.95 -4.03 -30.62
C HIS F 23 -1.87 -4.57 -32.04
N LEU F 24 -2.86 -5.36 -32.46
CA LEU F 24 -2.83 -5.96 -33.79
C LEU F 24 -2.93 -4.88 -34.86
N GLU F 25 -2.25 -5.13 -35.99
CA GLU F 25 -2.27 -4.17 -37.09
C GLU F 25 -3.65 -4.12 -37.74
N GLY F 26 -4.18 -2.92 -37.90
CA GLY F 26 -5.49 -2.69 -38.47
C GLY F 26 -6.54 -2.31 -37.45
N GLU F 27 -6.34 -2.69 -36.18
CA GLU F 27 -7.32 -2.35 -35.15
C GLU F 27 -7.29 -0.87 -34.81
N VAL F 28 -6.10 -0.28 -34.71
CA VAL F 28 -6.00 1.16 -34.45
C VAL F 28 -6.57 1.96 -35.62
N ASN F 29 -6.38 1.46 -36.85
CA ASN F 29 -7.00 2.09 -38.01
C ASN F 29 -8.52 2.03 -37.92
N LYS F 30 -9.06 0.91 -37.43
CA LYS F 30 -10.50 0.78 -37.26
C LYS F 30 -11.02 1.72 -36.16
N ILE F 31 -10.23 1.91 -35.10
CA ILE F 31 -10.58 2.86 -34.05
C ILE F 31 -10.61 4.28 -34.61
N LYS F 32 -9.62 4.63 -35.43
CA LYS F 32 -9.61 5.96 -36.03
C LYS F 32 -10.77 6.14 -37.01
N SER F 33 -11.12 5.09 -37.76
CA SER F 33 -12.22 5.18 -38.70
C SER F 33 -13.57 5.32 -37.99
N ALA F 34 -13.75 4.60 -36.87
CA ALA F 34 -15.03 4.67 -36.16
C ALA F 34 -15.25 6.01 -35.49
N LEU F 35 -14.18 6.65 -35.00
CA LEU F 35 -14.27 7.95 -34.35
C LEU F 35 -14.05 9.09 -35.33
N LEU F 36 -14.19 8.83 -36.63
CA LEU F 36 -13.83 9.84 -37.61
C LEU F 36 -14.85 10.97 -37.64
N SER F 37 -16.13 10.66 -37.37
CA SER F 37 -17.19 11.66 -37.40
C SER F 37 -17.68 12.06 -36.01
N THR F 38 -17.47 11.24 -34.99
CA THR F 38 -18.08 11.46 -33.69
C THR F 38 -17.06 11.19 -32.59
N ASN F 39 -17.35 11.70 -31.39
CA ASN F 39 -16.45 11.53 -30.25
C ASN F 39 -16.53 10.16 -29.62
N LYS F 40 -17.61 9.41 -29.88
CA LYS F 40 -17.87 8.20 -29.12
C LYS F 40 -18.68 7.26 -29.99
N ALA F 41 -18.12 6.09 -30.28
CA ALA F 41 -18.82 5.07 -31.06
C ALA F 41 -18.32 3.70 -30.64
N VAL F 42 -19.20 2.72 -30.72
CA VAL F 42 -18.85 1.35 -30.36
C VAL F 42 -18.12 0.72 -31.54
N VAL F 43 -16.95 0.14 -31.27
CA VAL F 43 -16.08 -0.42 -32.30
C VAL F 43 -16.05 -1.94 -32.14
N SER F 44 -16.26 -2.64 -33.25
CA SER F 44 -16.19 -4.09 -33.27
C SER F 44 -14.77 -4.51 -33.65
N LEU F 45 -14.08 -5.17 -32.73
CA LEU F 45 -12.69 -5.52 -32.91
C LEU F 45 -12.55 -6.93 -33.47
N SER F 46 -11.31 -7.39 -33.61
CA SER F 46 -11.03 -8.73 -34.15
C SER F 46 -11.57 -9.81 -33.25
N ASN F 47 -11.48 -9.62 -31.92
CA ASN F 47 -11.95 -10.61 -30.97
C ASN F 47 -13.46 -10.81 -31.01
N GLY F 48 -14.19 -9.89 -31.65
CA GLY F 48 -15.63 -9.91 -31.63
C GLY F 48 -16.25 -9.10 -30.52
N VAL F 49 -15.44 -8.53 -29.63
CA VAL F 49 -15.96 -7.68 -28.57
C VAL F 49 -16.44 -6.36 -29.15
N SER F 50 -17.44 -5.77 -28.51
CA SER F 50 -17.97 -4.46 -28.87
C SER F 50 -17.82 -3.56 -27.65
N VAL F 51 -16.85 -2.66 -27.70
CA VAL F 51 -16.51 -1.80 -26.56
C VAL F 51 -16.77 -0.35 -26.95
N LEU F 52 -17.41 0.39 -26.04
CA LEU F 52 -17.60 1.82 -26.25
C LEU F 52 -16.26 2.51 -26.16
N THR F 53 -15.92 3.29 -27.18
CA THR F 53 -14.66 3.99 -27.23
C THR F 53 -14.92 5.49 -27.30
N SER F 54 -14.17 6.24 -26.50
CA SER F 54 -14.39 7.67 -26.33
C SER F 54 -13.07 8.40 -26.49
N LYS F 55 -13.15 9.63 -26.99
CA LYS F 55 -11.99 10.50 -27.13
C LYS F 55 -12.15 11.64 -26.13
N VAL F 56 -11.15 11.82 -25.26
CA VAL F 56 -11.27 12.79 -24.18
C VAL F 56 -10.39 14.02 -24.37
N LEU F 57 -9.32 13.94 -25.15
CA LEU F 57 -8.44 15.08 -25.34
C LEU F 57 -7.84 15.02 -26.73
N ASP F 58 -7.80 16.17 -27.41
CA ASP F 58 -7.23 16.28 -28.74
C ASP F 58 -6.19 17.39 -28.71
N LEU F 59 -4.96 17.03 -28.33
CA LEU F 59 -3.86 17.97 -28.44
C LEU F 59 -3.40 18.16 -29.87
N LYS F 60 -3.71 17.20 -30.75
CA LYS F 60 -3.34 17.33 -32.16
C LYS F 60 -4.00 18.55 -32.79
N ASN F 61 -5.29 18.75 -32.54
CA ASN F 61 -5.99 19.88 -33.13
C ASN F 61 -5.44 21.20 -32.62
N TYR F 62 -5.22 21.30 -31.30
CA TYR F 62 -4.69 22.53 -30.72
C TYR F 62 -3.32 22.86 -31.29
N ILE F 63 -2.45 21.85 -31.35
CA ILE F 63 -1.09 22.06 -31.87
C ILE F 63 -1.14 22.45 -33.35
N ASP F 64 -1.85 21.66 -34.16
CA ASP F 64 -1.88 21.89 -35.59
C ASP F 64 -2.58 23.17 -35.98
N LYS F 65 -3.44 23.71 -35.11
CA LYS F 65 -4.05 25.00 -35.42
C LYS F 65 -3.19 26.17 -34.95
N GLN F 66 -2.69 26.14 -33.72
CA GLN F 66 -2.06 27.33 -33.15
C GLN F 66 -0.54 27.33 -33.20
N LEU F 67 0.11 26.17 -33.05
CA LEU F 67 1.57 26.14 -32.95
C LEU F 67 2.25 26.07 -34.30
N LEU F 68 1.64 25.40 -35.28
CA LEU F 68 2.26 25.28 -36.59
C LEU F 68 2.55 26.62 -37.28
N PRO F 69 1.68 27.63 -37.24
CA PRO F 69 2.08 28.94 -37.81
C PRO F 69 3.23 29.61 -37.06
N ILE F 70 3.53 29.20 -35.83
CA ILE F 70 4.52 29.88 -35.01
C ILE F 70 5.88 29.19 -35.07
N VAL F 71 5.92 27.91 -34.65
CA VAL F 71 7.21 27.24 -34.46
C VAL F 71 7.66 26.44 -35.67
N ASN F 72 6.78 26.20 -36.64
CA ASN F 72 7.14 25.43 -37.84
C ASN F 72 7.57 26.33 -39.00
N LYS F 73 8.14 27.50 -38.71
CA LYS F 73 8.60 28.42 -39.73
C LYS F 73 9.99 28.93 -39.34
N GLN F 74 10.71 29.45 -40.34
CA GLN F 74 12.03 30.01 -40.08
C GLN F 74 11.93 31.34 -39.35
N SER F 75 11.12 32.26 -39.90
CA SER F 75 10.90 33.58 -39.28
C SER F 75 9.73 33.45 -38.30
N CYS F 76 10.05 32.92 -37.11
CA CYS F 76 9.04 32.69 -36.10
C CYS F 76 8.45 34.01 -35.60
N SER F 77 7.14 34.13 -35.69
CA SER F 77 6.44 35.25 -35.09
C SER F 77 6.38 35.06 -33.58
N ILE F 78 6.54 36.14 -32.83
CA ILE F 78 6.61 36.08 -31.37
C ILE F 78 5.24 35.72 -30.81
N PRO F 79 5.11 34.60 -30.10
CA PRO F 79 3.82 34.25 -29.51
C PRO F 79 3.53 35.08 -28.27
N ASN F 80 2.24 35.25 -27.98
CA ASN F 80 1.84 35.91 -26.74
C ASN F 80 2.03 34.96 -25.56
N ILE F 81 2.17 35.55 -24.36
CA ILE F 81 2.34 34.75 -23.15
C ILE F 81 1.06 34.00 -22.83
N GLU F 82 -0.09 34.51 -23.28
CA GLU F 82 -1.36 33.81 -23.07
C GLU F 82 -1.37 32.49 -23.82
N THR F 83 -0.81 32.46 -25.02
CA THR F 83 -0.68 31.21 -25.76
C THR F 83 0.20 30.22 -25.02
N VAL F 84 1.30 30.70 -24.43
CA VAL F 84 2.22 29.83 -23.71
C VAL F 84 1.54 29.23 -22.47
N ILE F 85 0.82 30.07 -21.71
CA ILE F 85 0.19 29.56 -20.49
C ILE F 85 -0.99 28.66 -20.83
N GLU F 86 -1.72 28.93 -21.92
CA GLU F 86 -2.78 28.04 -22.35
C GLU F 86 -2.22 26.70 -22.80
N PHE F 87 -1.07 26.72 -23.49
CA PHE F 87 -0.40 25.49 -23.88
C PHE F 87 -0.02 24.68 -22.64
N GLN F 88 0.53 25.36 -21.63
CA GLN F 88 0.89 24.66 -20.40
C GLN F 88 -0.32 24.04 -19.73
N GLN F 89 -1.42 24.79 -19.65
CA GLN F 89 -2.63 24.28 -19.02
C GLN F 89 -3.21 23.09 -19.77
N LYS F 90 -3.21 23.14 -21.11
CA LYS F 90 -3.77 22.04 -21.87
C LYS F 90 -2.88 20.81 -21.84
N ASN F 91 -1.56 21.00 -21.88
CA ASN F 91 -0.62 19.90 -21.95
C ASN F 91 -0.34 19.31 -20.57
N ASN F 92 -0.71 20.01 -19.51
CA ASN F 92 -0.46 19.51 -18.15
C ASN F 92 -1.21 18.22 -17.88
N ARG F 93 -2.41 18.05 -18.43
CA ARG F 93 -3.14 16.80 -18.24
C ARG F 93 -2.37 15.63 -18.83
N LEU F 94 -1.83 15.79 -20.04
CA LEU F 94 -1.02 14.73 -20.63
C LEU F 94 0.27 14.50 -19.86
N LEU F 95 0.90 15.56 -19.33
CA LEU F 95 2.11 15.36 -18.54
C LEU F 95 1.84 14.54 -17.29
N GLU F 96 0.76 14.84 -16.57
CA GLU F 96 0.41 14.00 -15.42
C GLU F 96 -0.02 12.60 -15.83
N ILE F 97 -0.67 12.44 -16.99
CA ILE F 97 -1.02 11.10 -17.46
C ILE F 97 0.23 10.26 -17.69
N THR F 98 1.21 10.83 -18.40
CA THR F 98 2.43 10.11 -18.69
C THR F 98 3.24 9.86 -17.43
N ARG F 99 3.23 10.81 -16.49
CA ARG F 99 3.95 10.60 -15.23
C ARG F 99 3.35 9.46 -14.43
N GLU F 100 2.02 9.41 -14.33
CA GLU F 100 1.37 8.32 -13.60
C GLU F 100 1.60 6.98 -14.29
N PHE F 101 1.55 6.96 -15.63
CA PHE F 101 1.80 5.71 -16.35
C PHE F 101 3.25 5.26 -16.23
N SER F 102 4.20 6.20 -16.21
CA SER F 102 5.59 5.84 -16.06
C SER F 102 5.89 5.32 -14.65
N VAL F 103 5.30 5.95 -13.63
CA VAL F 103 5.52 5.49 -12.27
C VAL F 103 4.87 4.13 -12.04
N ASN F 104 3.68 3.91 -12.59
CA ASN F 104 2.91 2.69 -12.33
C ASN F 104 3.12 1.61 -13.38
N ALA F 105 3.99 1.83 -14.36
CA ALA F 105 4.27 0.87 -15.44
C ALA F 105 3.01 0.49 -16.22
N GLY F 106 2.17 1.48 -16.52
CA GLY F 106 1.05 1.29 -17.41
C GLY F 106 -0.20 0.69 -16.81
N VAL F 107 -0.24 0.46 -15.50
CA VAL F 107 -1.46 0.01 -14.84
C VAL F 107 -1.61 0.85 -13.57
N THR F 108 -2.60 1.74 -13.56
CA THR F 108 -2.79 2.65 -12.44
C THR F 108 -4.11 2.34 -11.74
N THR F 109 -4.08 2.43 -10.42
CA THR F 109 -5.27 2.26 -9.59
C THR F 109 -5.06 3.03 -8.28
N PRO F 110 -6.05 3.79 -7.82
CA PRO F 110 -7.35 4.08 -8.46
C PRO F 110 -7.25 5.03 -9.65
N VAL F 111 -8.30 5.14 -10.44
CA VAL F 111 -8.30 6.03 -11.60
C VAL F 111 -8.33 7.47 -11.10
N SER F 112 -7.28 8.21 -11.40
CA SER F 112 -7.15 9.59 -10.93
C SER F 112 -8.00 10.52 -11.79
N THR F 113 -8.03 11.79 -11.42
CA THR F 113 -8.74 12.79 -12.20
C THR F 113 -8.09 12.99 -13.57
N TYR F 114 -6.79 12.74 -13.68
CA TYR F 114 -6.11 12.93 -14.96
C TYR F 114 -6.45 11.81 -15.95
N MET F 115 -6.63 10.58 -15.45
CA MET F 115 -7.09 9.50 -16.31
C MET F 115 -8.48 9.79 -16.86
N LEU F 116 -9.39 10.25 -15.99
CA LEU F 116 -10.77 10.56 -16.35
C LEU F 116 -11.28 11.61 -15.38
N THR F 117 -11.66 12.77 -15.90
CA THR F 117 -12.31 13.77 -15.06
C THR F 117 -13.68 13.27 -14.64
N ASN F 118 -14.24 13.92 -13.60
CA ASN F 118 -15.53 13.48 -13.08
C ASN F 118 -16.67 13.74 -14.05
N SER F 119 -16.57 14.78 -14.89
CA SER F 119 -17.60 15.00 -15.90
C SER F 119 -17.60 13.88 -16.93
N GLU F 120 -16.42 13.51 -17.45
CA GLU F 120 -16.32 12.42 -18.40
C GLU F 120 -16.67 11.09 -17.75
N LEU F 121 -16.30 10.91 -16.48
CA LEU F 121 -16.65 9.69 -15.77
C LEU F 121 -18.16 9.56 -15.60
N LEU F 122 -18.83 10.66 -15.24
CA LEU F 122 -20.27 10.62 -15.10
C LEU F 122 -20.96 10.39 -16.44
N SER F 123 -20.43 10.99 -17.51
CA SER F 123 -20.99 10.74 -18.84
C SER F 123 -20.84 9.28 -19.22
N LEU F 124 -19.68 8.68 -18.95
CA LEU F 124 -19.48 7.27 -19.28
C LEU F 124 -20.30 6.36 -18.37
N ILE F 125 -20.56 6.80 -17.14
CA ILE F 125 -21.48 6.07 -16.26
C ILE F 125 -22.88 6.06 -16.86
N ASN F 126 -23.35 7.22 -17.31
CA ASN F 126 -24.69 7.32 -17.87
C ASN F 126 -24.81 6.64 -19.23
N ASP F 127 -23.70 6.50 -19.96
CA ASP F 127 -23.72 5.91 -21.29
C ASP F 127 -23.55 4.39 -21.28
N MET F 128 -23.37 3.78 -20.11
CA MET F 128 -23.31 2.33 -20.06
C MET F 128 -24.68 1.72 -20.36
N PRO F 129 -24.72 0.57 -21.03
CA PRO F 129 -26.01 -0.13 -21.25
C PRO F 129 -26.43 -0.94 -20.03
N ILE F 130 -26.93 -0.24 -19.01
CA ILE F 130 -27.30 -0.84 -17.74
C ILE F 130 -28.62 -0.24 -17.27
N THR F 131 -29.15 -0.81 -16.19
CA THR F 131 -30.41 -0.38 -15.61
C THR F 131 -30.28 1.02 -14.99
N ASN F 132 -31.43 1.67 -14.81
CA ASN F 132 -31.43 3.03 -14.27
C ASN F 132 -31.01 3.07 -12.81
N ASP F 133 -31.35 2.03 -12.04
CA ASP F 133 -30.93 1.97 -10.64
C ASP F 133 -29.42 1.85 -10.53
N GLN F 134 -28.80 1.04 -11.39
CA GLN F 134 -27.35 0.93 -11.39
C GLN F 134 -26.70 2.26 -11.76
N LYS F 135 -27.26 2.97 -12.75
CA LYS F 135 -26.74 4.27 -13.12
C LYS F 135 -26.85 5.27 -11.98
N LYS F 136 -27.97 5.24 -11.25
CA LYS F 136 -28.15 6.15 -10.12
C LYS F 136 -27.14 5.85 -9.02
N LEU F 137 -26.94 4.56 -8.70
CA LEU F 137 -25.95 4.19 -7.70
C LEU F 137 -24.54 4.62 -8.11
N MET F 138 -24.18 4.38 -9.37
CA MET F 138 -22.85 4.73 -9.84
C MET F 138 -22.64 6.24 -9.84
N SER F 139 -23.66 7.00 -10.25
CA SER F 139 -23.53 8.45 -10.33
C SER F 139 -23.49 9.09 -8.95
N ASN F 140 -24.16 8.49 -7.97
CA ASN F 140 -24.17 9.10 -6.64
C ASN F 140 -22.92 8.78 -5.82
N ASN F 141 -22.11 7.81 -6.25
CA ASN F 141 -20.97 7.34 -5.46
C ASN F 141 -19.75 7.13 -6.34
N VAL F 142 -19.40 8.13 -7.15
CA VAL F 142 -18.33 7.99 -8.14
C VAL F 142 -16.96 7.75 -7.50
N GLN F 143 -16.80 8.06 -6.20
CA GLN F 143 -15.49 7.90 -5.57
C GLN F 143 -15.09 6.43 -5.47
N ILE F 144 -16.03 5.57 -5.06
CA ILE F 144 -15.73 4.15 -4.99
C ILE F 144 -15.65 3.56 -6.39
N VAL F 145 -16.34 4.17 -7.36
CA VAL F 145 -16.15 3.78 -8.75
C VAL F 145 -14.72 4.04 -9.18
N ARG F 146 -14.14 5.15 -8.72
CA ARG F 146 -12.74 5.42 -8.99
C ARG F 146 -11.83 4.42 -8.28
N GLN F 147 -12.11 4.13 -7.01
CA GLN F 147 -11.25 3.23 -6.25
C GLN F 147 -11.35 1.78 -6.69
N GLN F 148 -12.39 1.41 -7.43
CA GLN F 148 -12.54 0.06 -7.96
C GLN F 148 -12.36 0.03 -9.47
N SER F 149 -11.43 0.84 -9.98
CA SER F 149 -11.22 0.97 -11.41
C SER F 149 -9.72 0.97 -11.70
N TYR F 150 -9.37 0.53 -12.91
CA TYR F 150 -7.99 0.48 -13.36
C TYR F 150 -7.88 1.22 -14.69
N SER F 151 -6.73 1.83 -14.93
CA SER F 151 -6.42 2.44 -16.20
C SER F 151 -5.20 1.75 -16.79
N ILE F 152 -5.37 1.10 -17.93
CA ILE F 152 -4.33 0.25 -18.51
C ILE F 152 -3.87 0.89 -19.80
N MET F 153 -2.59 1.27 -19.85
CA MET F 153 -1.96 1.72 -21.09
C MET F 153 -2.07 0.64 -22.15
N SER F 154 -2.52 1.00 -23.35
CA SER F 154 -2.72 0.01 -24.39
C SER F 154 -1.81 0.20 -25.60
N ILE F 155 -1.88 1.32 -26.31
CA ILE F 155 -1.09 1.53 -27.52
C ILE F 155 -0.73 3.01 -27.63
N ILE F 156 0.40 3.27 -28.26
CA ILE F 156 0.75 4.61 -28.73
C ILE F 156 1.41 4.51 -30.10
N LYS F 157 0.63 4.71 -31.15
CA LYS F 157 1.11 4.53 -32.52
C LYS F 157 0.08 5.14 -33.46
N GLU F 158 0.54 5.48 -34.66
CA GLU F 158 -0.30 6.08 -35.71
C GLU F 158 -1.02 7.32 -35.19
N GLU F 159 -0.27 8.17 -34.48
CA GLU F 159 -0.69 9.44 -33.89
C GLU F 159 -1.84 9.29 -32.89
N VAL F 160 -2.11 8.08 -32.41
CA VAL F 160 -3.19 7.81 -31.46
C VAL F 160 -2.61 7.20 -30.20
N LEU F 161 -2.96 7.78 -29.06
CA LEU F 161 -2.63 7.28 -27.73
C LEU F 161 -3.90 6.71 -27.11
N ALA F 162 -3.88 5.43 -26.75
CA ALA F 162 -5.08 4.79 -26.24
C ALA F 162 -4.79 4.05 -24.95
N TYR F 163 -5.64 4.25 -23.95
CA TYR F 163 -5.60 3.49 -22.72
C TYR F 163 -7.01 3.06 -22.36
N VAL F 164 -7.14 1.87 -21.81
CA VAL F 164 -8.43 1.25 -21.52
C VAL F 164 -8.74 1.46 -20.05
N VAL F 165 -9.77 2.25 -19.77
CA VAL F 165 -10.26 2.42 -18.42
C VAL F 165 -11.27 1.31 -18.14
N GLN F 166 -11.24 0.78 -16.92
CA GLN F 166 -11.96 -0.43 -16.57
C GLN F 166 -12.87 -0.13 -15.38
N LEU F 167 -14.09 0.27 -15.66
CA LEU F 167 -15.03 0.65 -14.62
C LEU F 167 -15.73 -0.57 -14.03
N PRO F 168 -16.08 -0.53 -12.75
CA PRO F 168 -16.82 -1.65 -12.15
C PRO F 168 -18.26 -1.68 -12.63
N LEU F 169 -18.86 -2.87 -12.54
CA LEU F 169 -20.28 -3.06 -12.77
C LEU F 169 -20.90 -3.61 -11.48
N TYR F 170 -21.81 -2.84 -10.88
CA TYR F 170 -22.45 -3.23 -9.63
C TYR F 170 -23.72 -4.00 -9.95
N GLY F 171 -23.60 -5.32 -10.07
CA GLY F 171 -24.72 -6.17 -10.40
C GLY F 171 -25.65 -6.52 -9.26
N VAL F 172 -25.37 -6.08 -8.04
CA VAL F 172 -26.21 -6.35 -6.87
C VAL F 172 -26.46 -5.05 -6.15
N ILE F 173 -27.73 -4.70 -5.95
CA ILE F 173 -28.12 -3.44 -5.34
C ILE F 173 -29.20 -3.71 -4.29
N ASP F 174 -29.04 -3.08 -3.12
CA ASP F 174 -30.06 -3.02 -2.06
C ASP F 174 -30.38 -4.38 -1.44
N THR F 175 -29.53 -5.38 -1.62
CA THR F 175 -29.73 -6.55 -0.78
C THR F 175 -29.16 -6.28 0.61
N PRO F 176 -29.79 -6.83 1.66
CA PRO F 176 -29.33 -6.55 3.03
C PRO F 176 -27.91 -7.04 3.28
N CYS F 177 -27.14 -6.25 4.02
CA CYS F 177 -25.77 -6.57 4.37
C CYS F 177 -25.58 -6.41 5.87
N TRP F 178 -24.69 -7.24 6.43
CA TRP F 178 -24.34 -7.14 7.84
C TRP F 178 -22.88 -7.51 8.02
N LYS F 179 -22.23 -6.83 8.96
CA LYS F 179 -20.83 -7.06 9.27
C LYS F 179 -20.71 -7.80 10.58
N LEU F 180 -19.91 -8.86 10.59
CA LEU F 180 -19.68 -9.64 11.80
C LEU F 180 -18.32 -9.26 12.39
N HIS F 181 -18.33 -8.75 13.61
CA HIS F 181 -17.13 -8.43 14.35
C HIS F 181 -16.86 -9.53 15.37
N THR F 182 -15.59 -9.82 15.63
CA THR F 182 -15.25 -10.87 16.56
C THR F 182 -14.09 -10.44 17.45
N SER F 183 -14.17 -10.81 18.73
CA SER F 183 -13.12 -10.60 19.71
C SER F 183 -12.82 -11.95 20.37
N PRO F 184 -11.59 -12.15 20.84
CA PRO F 184 -11.27 -13.43 21.51
C PRO F 184 -12.03 -13.58 22.81
N LEU F 185 -12.71 -14.71 22.95
CA LEU F 185 -13.42 -15.10 24.16
C LEU F 185 -12.55 -16.09 24.94
N CYS F 186 -12.19 -15.72 26.16
CA CYS F 186 -11.24 -16.50 26.94
C CYS F 186 -11.76 -16.70 28.36
N THR F 187 -11.21 -17.70 29.03
CA THR F 187 -11.52 -17.93 30.44
C THR F 187 -10.90 -16.84 31.30
N THR F 188 -11.33 -16.79 32.58
CA THR F 188 -10.97 -15.69 33.46
C THR F 188 -10.36 -16.17 34.78
N ASN F 189 -9.81 -17.39 34.83
CA ASN F 189 -9.21 -17.87 36.05
C ASN F 189 -7.90 -17.14 36.34
N THR F 190 -7.56 -17.05 37.64
CA THR F 190 -6.45 -16.22 38.08
C THR F 190 -5.09 -16.75 37.64
N LYS F 191 -4.97 -18.06 37.42
CA LYS F 191 -3.69 -18.62 36.99
C LYS F 191 -3.36 -18.15 35.58
N GLU F 192 -2.13 -17.68 35.39
CA GLU F 192 -1.75 -17.02 34.15
C GLU F 192 -1.79 -17.96 32.96
N GLY F 193 -1.24 -19.16 33.10
CA GLY F 193 -1.04 -20.05 31.98
C GLY F 193 -2.08 -21.12 31.75
N SER F 194 -3.20 -21.10 32.47
CA SER F 194 -4.27 -22.06 32.27
C SER F 194 -5.38 -21.55 31.36
N ASN F 195 -5.24 -20.34 30.83
CA ASN F 195 -6.30 -19.74 30.05
C ASN F 195 -6.36 -20.32 28.64
N ILE F 196 -7.59 -20.48 28.13
CA ILE F 196 -7.83 -20.93 26.76
C ILE F 196 -8.70 -19.91 26.08
N CYS F 197 -8.54 -19.77 24.77
CA CYS F 197 -9.22 -18.72 24.02
C CYS F 197 -9.88 -19.31 22.77
N LEU F 198 -10.83 -18.55 22.24
CA LEU F 198 -11.60 -18.96 21.07
C LEU F 198 -12.03 -17.71 20.32
N THR F 199 -11.78 -17.68 19.02
CA THR F 199 -12.07 -16.50 18.21
C THR F 199 -12.69 -16.94 16.90
N ARG F 200 -13.90 -16.45 16.60
CA ARG F 200 -14.54 -16.78 15.34
C ARG F 200 -13.78 -16.13 14.20
N THR F 201 -13.33 -16.95 13.24
CA THR F 201 -12.50 -16.48 12.14
C THR F 201 -13.30 -15.91 10.98
N ASP F 202 -14.62 -16.04 11.00
CA ASP F 202 -15.46 -15.62 9.88
C ASP F 202 -15.90 -14.16 10.01
N ARG F 203 -15.11 -13.32 10.67
CA ARG F 203 -15.40 -11.90 10.70
C ARG F 203 -15.23 -11.29 9.33
N GLY F 204 -16.09 -10.32 9.02
CA GLY F 204 -16.08 -9.66 7.74
C GLY F 204 -17.50 -9.40 7.27
N TRP F 205 -17.61 -8.85 6.07
CA TRP F 205 -18.91 -8.45 5.55
C TRP F 205 -19.67 -9.65 4.98
N TYR F 206 -21.00 -9.54 4.99
CA TYR F 206 -21.88 -10.50 4.36
C TYR F 206 -22.94 -9.72 3.60
N CYS F 207 -23.24 -10.16 2.37
CA CYS F 207 -24.26 -9.51 1.58
C CYS F 207 -25.02 -10.56 0.77
N ASP F 208 -26.35 -10.47 0.78
CA ASP F 208 -27.17 -11.41 0.01
C ASP F 208 -26.93 -11.24 -1.49
N ASN F 209 -26.90 -12.37 -2.20
CA ASN F 209 -26.66 -12.35 -3.64
C ASN F 209 -27.24 -13.64 -4.22
N ALA F 210 -28.43 -13.52 -4.82
CA ALA F 210 -29.04 -14.58 -5.63
C ALA F 210 -29.22 -15.89 -4.85
N GLY F 211 -29.80 -15.78 -3.66
CA GLY F 211 -30.07 -16.96 -2.85
C GLY F 211 -28.90 -17.52 -2.11
N SER F 212 -27.75 -16.85 -2.12
CA SER F 212 -26.58 -17.25 -1.35
C SER F 212 -26.01 -16.01 -0.69
N VAL F 213 -25.08 -16.21 0.23
CA VAL F 213 -24.49 -15.12 1.00
C VAL F 213 -23.04 -14.95 0.56
N SER F 214 -22.73 -13.76 0.05
CA SER F 214 -21.36 -13.42 -0.33
C SER F 214 -20.61 -12.99 0.92
N PHE F 215 -19.66 -13.80 1.34
CA PHE F 215 -18.86 -13.54 2.53
C PHE F 215 -17.54 -12.92 2.11
N PHE F 216 -17.23 -11.74 2.64
CA PHE F 216 -16.00 -11.03 2.31
C PHE F 216 -15.08 -11.09 3.51
N PRO F 217 -14.07 -11.96 3.51
CA PRO F 217 -13.28 -12.17 4.74
C PRO F 217 -12.40 -10.99 5.09
N GLN F 218 -12.03 -10.15 4.13
CA GLN F 218 -11.19 -8.98 4.37
C GLN F 218 -12.10 -7.77 4.50
N ALA F 219 -12.37 -7.38 5.74
CA ALA F 219 -13.27 -6.25 5.99
C ALA F 219 -12.65 -4.93 5.56
N GLU F 220 -11.32 -4.82 5.62
CA GLU F 220 -10.67 -3.55 5.30
C GLU F 220 -10.76 -3.20 3.83
N THR F 221 -10.92 -4.21 2.96
CA THR F 221 -11.01 -3.93 1.52
C THR F 221 -12.35 -3.33 1.16
N CYS F 222 -13.43 -3.77 1.81
CA CYS F 222 -14.75 -3.27 1.50
C CYS F 222 -14.93 -1.85 2.03
N LYS F 223 -15.31 -0.94 1.15
CA LYS F 223 -15.54 0.45 1.51
C LYS F 223 -16.97 0.64 2.01
N VAL F 224 -17.16 1.58 2.93
CA VAL F 224 -18.47 1.90 3.47
C VAL F 224 -18.70 3.39 3.31
N GLN F 225 -19.74 3.75 2.57
CA GLN F 225 -20.23 5.12 2.49
C GLN F 225 -21.64 5.15 3.05
N SER F 226 -21.82 5.86 4.16
CA SER F 226 -23.05 5.93 4.94
C SER F 226 -23.63 4.54 5.21
N ASN F 227 -24.83 4.27 4.69
CA ASN F 227 -25.51 3.01 4.93
C ASN F 227 -25.21 1.96 3.86
N ARG F 228 -24.37 2.30 2.88
CA ARG F 228 -24.12 1.44 1.74
C ARG F 228 -22.74 0.81 1.82
N VAL F 229 -22.66 -0.47 1.48
CA VAL F 229 -21.44 -1.25 1.58
C VAL F 229 -20.98 -1.59 0.17
N PHE F 230 -19.86 -1.03 -0.24
CA PHE F 230 -19.28 -1.26 -1.55
C PHE F 230 -18.23 -2.35 -1.43
N CYS F 231 -18.50 -3.50 -2.03
CA CYS F 231 -17.60 -4.64 -1.95
C CYS F 231 -17.29 -5.16 -3.35
N ASP F 232 -16.39 -6.12 -3.41
CA ASP F 232 -15.94 -6.74 -4.65
C ASP F 232 -16.18 -8.24 -4.55
N THR F 233 -16.85 -8.81 -5.55
CA THR F 233 -17.10 -10.25 -5.54
C THR F 233 -15.88 -11.07 -5.94
N MET F 234 -14.84 -10.44 -6.50
CA MET F 234 -13.64 -11.18 -6.88
C MET F 234 -12.91 -11.73 -5.65
N ASN F 235 -12.85 -10.96 -4.58
CA ASN F 235 -12.25 -11.38 -3.33
C ASN F 235 -13.28 -11.86 -2.31
N SER F 236 -14.34 -12.50 -2.79
CA SER F 236 -15.44 -12.96 -1.94
C SER F 236 -15.60 -14.47 -2.04
N LEU F 237 -16.20 -15.02 -1.00
CA LEU F 237 -16.63 -16.42 -0.96
C LEU F 237 -18.13 -16.49 -1.22
N THR F 238 -18.57 -17.59 -1.81
CA THR F 238 -19.99 -17.89 -1.90
C THR F 238 -20.33 -18.94 -0.85
N LEU F 239 -21.34 -18.67 -0.05
CA LEU F 239 -21.70 -19.53 1.06
C LEU F 239 -23.19 -19.84 1.03
N PRO F 240 -23.59 -21.00 1.55
CA PRO F 240 -25.02 -21.30 1.65
C PRO F 240 -25.69 -20.40 2.67
N SER F 241 -27.02 -20.32 2.56
CA SER F 241 -27.79 -19.46 3.45
C SER F 241 -27.82 -19.96 4.89
N GLU F 242 -27.30 -21.16 5.16
CA GLU F 242 -27.15 -21.63 6.53
C GLU F 242 -26.12 -20.85 7.32
N VAL F 243 -25.31 -20.01 6.66
CA VAL F 243 -24.31 -19.20 7.36
C VAL F 243 -24.96 -18.19 8.30
N ASN F 244 -26.22 -17.83 8.06
CA ASN F 244 -26.93 -16.94 8.97
C ASN F 244 -27.21 -17.62 10.31
N LEU F 245 -27.29 -18.95 10.32
CA LEU F 245 -27.66 -19.68 11.52
C LEU F 245 -26.55 -19.65 12.58
N CYS F 246 -25.32 -19.30 12.19
CA CYS F 246 -24.24 -19.21 13.17
C CYS F 246 -24.45 -18.09 14.18
N ASN F 247 -25.15 -17.02 13.78
CA ASN F 247 -25.33 -15.86 14.64
C ASN F 247 -26.45 -16.04 15.66
N VAL F 248 -27.17 -17.16 15.64
CA VAL F 248 -28.18 -17.44 16.66
C VAL F 248 -27.96 -18.78 17.36
N ASP F 249 -27.23 -19.71 16.76
CA ASP F 249 -26.88 -20.97 17.42
C ASP F 249 -25.57 -21.44 16.78
N ILE F 250 -24.45 -21.16 17.46
CA ILE F 250 -23.15 -21.51 16.92
C ILE F 250 -22.94 -23.03 16.89
N PHE F 251 -23.70 -23.78 17.69
CA PHE F 251 -23.60 -25.23 17.72
C PHE F 251 -24.61 -25.92 16.82
N ASN F 252 -25.15 -25.19 15.83
CA ASN F 252 -26.12 -25.78 14.93
C ASN F 252 -25.45 -26.81 14.02
N PRO F 253 -26.18 -27.86 13.63
CA PRO F 253 -25.60 -28.90 12.77
C PRO F 253 -25.67 -28.62 11.28
N LYS F 254 -26.36 -27.56 10.85
CA LYS F 254 -26.50 -27.29 9.43
C LYS F 254 -25.24 -26.67 8.84
N TYR F 255 -24.51 -25.87 9.62
CA TYR F 255 -23.34 -25.16 9.12
C TYR F 255 -22.34 -25.02 10.26
N ASP F 256 -21.14 -25.54 10.07
CA ASP F 256 -20.09 -25.48 11.09
C ASP F 256 -19.45 -24.09 11.09
N CYS F 257 -19.63 -23.35 12.17
CA CYS F 257 -19.04 -22.03 12.29
C CYS F 257 -17.53 -22.13 12.48
N LYS F 258 -16.80 -21.24 11.83
CA LYS F 258 -15.34 -21.32 11.78
C LYS F 258 -14.71 -20.51 12.90
N ILE F 259 -13.81 -21.15 13.66
CA ILE F 259 -13.14 -20.53 14.81
C ILE F 259 -11.67 -20.91 14.79
N MET F 260 -10.87 -20.11 15.51
CA MET F 260 -9.49 -20.43 15.82
C MET F 260 -9.32 -20.49 17.33
N THR F 261 -8.32 -21.24 17.77
CA THR F 261 -8.07 -21.43 19.19
C THR F 261 -6.61 -21.14 19.51
N SER F 262 -6.36 -20.78 20.76
CA SER F 262 -5.03 -20.47 21.25
C SER F 262 -5.09 -20.47 22.78
N LYS F 263 -3.96 -20.15 23.41
CA LYS F 263 -3.91 -19.96 24.86
C LYS F 263 -3.34 -18.61 25.25
N THR F 264 -3.17 -17.70 24.29
CA THR F 264 -2.60 -16.38 24.56
C THR F 264 -3.73 -15.39 24.85
N ASP F 265 -4.10 -15.32 26.13
CA ASP F 265 -5.17 -14.43 26.58
C ASP F 265 -4.63 -13.00 26.64
N VAL F 266 -4.80 -12.27 25.55
CA VAL F 266 -4.37 -10.88 25.46
C VAL F 266 -5.60 -9.98 25.61
N SER F 267 -5.42 -8.88 26.33
CA SER F 267 -6.48 -7.88 26.51
C SER F 267 -6.57 -7.03 25.26
N SER F 268 -7.67 -7.14 24.53
CA SER F 268 -7.83 -6.43 23.26
C SER F 268 -9.27 -5.93 23.14
N SER F 269 -9.45 -4.96 22.26
CA SER F 269 -10.76 -4.37 22.01
C SER F 269 -11.00 -4.26 20.52
N VAL F 270 -12.25 -4.49 20.12
CA VAL F 270 -12.67 -4.46 18.73
C VAL F 270 -13.75 -3.39 18.62
N ILE F 271 -13.44 -2.29 17.94
CA ILE F 271 -14.39 -1.19 17.79
C ILE F 271 -15.37 -1.56 16.69
N THR F 272 -16.63 -1.79 17.08
CA THR F 272 -17.67 -2.14 16.13
C THR F 272 -18.28 -0.87 15.54
N SER F 273 -19.36 -1.05 14.77
CA SER F 273 -20.00 0.10 14.11
C SER F 273 -20.70 1.01 15.10
N LEU F 274 -21.39 0.43 16.09
CA LEU F 274 -22.23 1.18 17.01
C LEU F 274 -21.81 1.03 18.47
N GLY F 275 -20.66 0.43 18.74
CA GLY F 275 -20.23 0.22 20.10
C GLY F 275 -18.79 -0.22 20.21
N ALA F 276 -18.47 -1.00 21.23
CA ALA F 276 -17.12 -1.53 21.39
C ALA F 276 -17.19 -2.84 22.16
N ILE F 277 -16.44 -3.83 21.71
CA ILE F 277 -16.27 -5.09 22.41
C ILE F 277 -14.92 -5.05 23.09
N VAL F 278 -14.90 -5.21 24.41
CA VAL F 278 -13.66 -5.21 25.17
C VAL F 278 -13.54 -6.55 25.89
N SER F 279 -12.37 -7.18 25.76
CA SER F 279 -12.09 -8.48 26.35
C SER F 279 -10.90 -8.31 27.27
N CYS F 280 -11.18 -7.93 28.51
CA CYS F 280 -10.14 -7.60 29.48
C CYS F 280 -9.76 -8.87 30.25
N TYR F 281 -8.47 -9.18 30.27
CA TYR F 281 -8.01 -10.43 30.89
C TYR F 281 -6.78 -10.19 31.74
N GLY F 282 -6.47 -11.18 32.58
CA GLY F 282 -5.28 -11.12 33.41
C GLY F 282 -5.39 -10.03 34.47
N LYS F 283 -4.32 -9.25 34.61
CA LYS F 283 -4.25 -8.15 35.56
C LYS F 283 -4.43 -6.80 34.88
N THR F 284 -4.87 -6.79 33.63
CA THR F 284 -5.08 -5.55 32.91
C THR F 284 -6.29 -4.80 33.45
N LYS F 285 -6.21 -3.48 33.44
CA LYS F 285 -7.31 -2.62 33.86
C LYS F 285 -7.92 -1.97 32.63
N CYS F 286 -9.21 -2.21 32.42
CA CYS F 286 -9.92 -1.72 31.24
C CYS F 286 -11.15 -0.96 31.67
N THR F 287 -11.35 0.23 31.08
CA THR F 287 -12.45 1.11 31.43
C THR F 287 -12.97 1.80 30.19
N ALA F 288 -14.24 2.21 30.25
CA ALA F 288 -14.86 3.03 29.23
C ALA F 288 -15.25 4.36 29.84
N SER F 289 -15.04 5.45 29.12
CA SER F 289 -15.16 6.76 29.72
C SER F 289 -15.88 7.74 28.81
N ASN F 290 -16.44 8.77 29.42
CA ASN F 290 -17.05 9.90 28.74
C ASN F 290 -16.05 11.05 28.72
N LYS F 291 -16.03 11.80 27.61
CA LYS F 291 -15.05 12.87 27.45
C LYS F 291 -15.22 13.96 28.51
N ASN F 292 -16.42 14.12 29.06
CA ASN F 292 -16.69 15.15 30.05
C ASN F 292 -16.81 14.60 31.46
N ARG F 293 -17.45 13.45 31.64
CA ARG F 293 -17.71 12.91 32.96
C ARG F 293 -16.57 12.05 33.49
N GLY F 294 -15.53 11.79 32.70
CA GLY F 294 -14.46 10.93 33.16
C GLY F 294 -14.82 9.46 33.03
N ILE F 295 -14.23 8.64 33.89
CA ILE F 295 -14.49 7.20 33.86
C ILE F 295 -15.93 6.95 34.31
N ILE F 296 -16.69 6.24 33.46
CA ILE F 296 -18.07 5.91 33.77
C ILE F 296 -18.33 4.43 33.90
N LYS F 297 -17.38 3.58 33.50
CA LYS F 297 -17.58 2.14 33.56
C LYS F 297 -16.23 1.46 33.72
N THR F 298 -16.23 0.35 34.46
CA THR F 298 -15.04 -0.49 34.63
C THR F 298 -15.42 -1.91 34.27
N PHE F 299 -14.60 -2.54 33.43
CA PHE F 299 -14.90 -3.88 32.92
C PHE F 299 -14.22 -4.94 33.77
N SER F 300 -15.00 -5.93 34.20
CA SER F 300 -14.45 -7.09 34.85
C SER F 300 -13.87 -8.05 33.81
N ASN F 301 -13.17 -9.08 34.29
CA ASN F 301 -12.54 -10.03 33.39
C ASN F 301 -13.59 -10.81 32.59
N GLY F 302 -13.36 -10.90 31.29
CA GLY F 302 -14.22 -11.63 30.38
C GLY F 302 -14.52 -10.82 29.15
N CYS F 303 -15.56 -11.23 28.44
CA CYS F 303 -16.03 -10.53 27.25
C CYS F 303 -17.19 -9.63 27.62
N ASP F 304 -17.06 -8.34 27.29
CA ASP F 304 -18.07 -7.35 27.64
C ASP F 304 -18.22 -6.36 26.48
N TYR F 305 -19.35 -5.68 26.48
CA TYR F 305 -19.72 -4.79 25.39
C TYR F 305 -20.28 -3.50 25.96
N VAL F 306 -19.91 -2.38 25.36
CA VAL F 306 -20.38 -1.07 25.79
C VAL F 306 -20.95 -0.32 24.58
N SER F 307 -22.11 0.29 24.76
CA SER F 307 -22.72 1.04 23.69
C SER F 307 -22.01 2.38 23.51
N ASN F 308 -22.24 3.00 22.36
CA ASN F 308 -21.68 4.32 22.08
C ASN F 308 -22.48 5.47 22.67
N LYS F 309 -23.61 5.19 23.33
CA LYS F 309 -24.39 6.23 23.98
C LYS F 309 -23.68 6.65 25.26
N GLY F 310 -23.32 7.93 25.35
CA GLY F 310 -22.57 8.42 26.49
C GLY F 310 -21.07 8.22 26.37
N VAL F 311 -20.66 7.03 25.95
CA VAL F 311 -19.24 6.70 25.85
C VAL F 311 -18.64 7.38 24.62
N ASP F 312 -17.46 7.98 24.80
CA ASP F 312 -16.73 8.61 23.72
C ASP F 312 -15.35 8.01 23.48
N THR F 313 -14.68 7.55 24.53
CA THR F 313 -13.41 6.84 24.41
C THR F 313 -13.47 5.58 25.26
N VAL F 314 -12.66 4.60 24.87
CA VAL F 314 -12.52 3.34 25.59
C VAL F 314 -11.04 3.04 25.74
N SER F 315 -10.62 2.64 26.94
CA SER F 315 -9.22 2.35 27.22
C SER F 315 -9.09 0.90 27.66
N VAL F 316 -8.17 0.18 27.02
CA VAL F 316 -7.85 -1.20 27.38
C VAL F 316 -6.36 -1.27 27.59
N GLY F 317 -5.93 -1.39 28.84
CA GLY F 317 -4.50 -1.36 29.13
C GLY F 317 -3.91 0.00 28.81
N ASN F 318 -2.78 -0.02 28.10
CA ASN F 318 -2.13 1.21 27.67
C ASN F 318 -2.59 1.68 26.31
N THR F 319 -3.55 1.00 25.70
CA THR F 319 -4.04 1.33 24.37
C THR F 319 -5.42 1.97 24.49
N LEU F 320 -5.61 3.08 23.80
CA LEU F 320 -6.87 3.83 23.84
C LEU F 320 -7.52 3.80 22.46
N TYR F 321 -8.76 3.31 22.41
CA TYR F 321 -9.55 3.27 21.19
C TYR F 321 -10.72 4.24 21.30
N TYR F 322 -11.02 4.94 20.22
CA TYR F 322 -12.17 5.83 20.15
C TYR F 322 -13.33 5.09 19.51
N VAL F 323 -14.53 5.27 20.07
CA VAL F 323 -15.71 4.57 19.59
C VAL F 323 -16.40 5.40 18.53
N ASN F 324 -17.09 4.72 17.62
CA ASN F 324 -17.85 5.39 16.56
C ASN F 324 -19.12 5.99 17.14
N LYS F 325 -19.39 7.26 16.81
CA LYS F 325 -20.56 7.96 17.31
C LYS F 325 -21.74 7.93 16.35
N GLN F 326 -21.87 6.86 15.56
CA GLN F 326 -22.99 6.72 14.64
C GLN F 326 -24.29 6.58 15.42
N GLU F 327 -25.36 7.18 14.92
CA GLU F 327 -26.67 7.04 15.54
C GLU F 327 -27.29 5.70 15.17
N GLY F 328 -27.84 5.02 16.17
CA GLY F 328 -28.48 3.73 15.96
C GLY F 328 -28.66 3.00 17.27
N LYS F 329 -29.57 2.04 17.25
CA LYS F 329 -29.94 1.30 18.45
C LYS F 329 -29.08 0.05 18.60
N SER F 330 -28.54 -0.16 19.79
CA SER F 330 -27.68 -1.28 20.10
C SER F 330 -28.37 -2.23 21.08
N LEU F 331 -28.11 -3.52 20.94
CA LEU F 331 -28.71 -4.55 21.77
C LEU F 331 -27.63 -5.40 22.42
N TYR F 332 -27.95 -5.92 23.62
CA TYR F 332 -27.08 -6.83 24.34
C TYR F 332 -27.85 -8.13 24.60
N VAL F 333 -27.44 -9.21 23.94
CA VAL F 333 -28.04 -10.53 24.14
C VAL F 333 -27.24 -11.22 25.24
N LYS F 334 -27.81 -11.26 26.45
CA LYS F 334 -27.18 -11.96 27.54
C LYS F 334 -27.16 -13.47 27.27
N GLY F 335 -26.07 -14.11 27.66
CA GLY F 335 -25.94 -15.55 27.46
C GLY F 335 -24.65 -16.05 28.05
N GLU F 336 -24.64 -17.34 28.31
CA GLU F 336 -23.44 -17.99 28.83
C GLU F 336 -22.41 -18.11 27.71
N PRO F 337 -21.18 -17.62 27.90
CA PRO F 337 -20.15 -17.79 26.87
C PRO F 337 -19.86 -19.26 26.61
N ILE F 338 -19.62 -19.58 25.34
CA ILE F 338 -19.45 -20.97 24.91
C ILE F 338 -18.14 -21.57 25.41
N ILE F 339 -17.16 -20.74 25.78
CA ILE F 339 -15.85 -21.25 26.18
C ILE F 339 -15.92 -22.00 27.50
N ASN F 340 -16.95 -21.77 28.32
CA ASN F 340 -17.06 -22.45 29.60
C ASN F 340 -17.52 -23.90 29.47
N PHE F 341 -18.00 -24.31 28.30
CA PHE F 341 -18.49 -25.67 28.10
C PHE F 341 -17.39 -26.65 27.74
N TYR F 342 -16.15 -26.19 27.58
CA TYR F 342 -15.05 -27.04 27.13
C TYR F 342 -14.21 -27.51 28.32
N ASP F 343 -13.75 -28.75 28.26
CA ASP F 343 -12.86 -29.29 29.28
C ASP F 343 -11.46 -28.77 29.04
N PRO F 344 -10.85 -28.04 29.99
CA PRO F 344 -9.52 -27.46 29.74
C PRO F 344 -8.41 -28.49 29.55
N LEU F 345 -8.59 -29.71 30.04
CA LEU F 345 -7.53 -30.71 29.94
C LEU F 345 -7.40 -31.28 28.54
N VAL F 346 -8.44 -31.19 27.71
CA VAL F 346 -8.45 -31.79 26.38
C VAL F 346 -8.75 -30.78 25.29
N PHE F 347 -8.75 -29.49 25.60
CA PHE F 347 -9.07 -28.48 24.62
C PHE F 347 -7.95 -28.34 23.60
N PRO F 348 -8.22 -28.50 22.30
CA PRO F 348 -7.17 -28.33 21.28
C PRO F 348 -6.95 -26.85 20.99
N SER F 349 -5.79 -26.34 21.36
CA SER F 349 -5.46 -24.93 21.23
C SER F 349 -4.31 -24.69 20.27
N ASP F 350 -4.31 -25.40 19.13
CA ASP F 350 -3.25 -25.28 18.14
C ASP F 350 -3.81 -25.06 16.73
N GLU F 351 -5.02 -24.54 16.61
CA GLU F 351 -5.68 -24.38 15.32
C GLU F 351 -5.67 -22.93 14.90
N PHE F 352 -5.23 -22.68 13.67
CA PHE F 352 -5.27 -21.35 13.08
C PHE F 352 -6.50 -21.14 12.20
N ASP F 353 -7.06 -22.21 11.64
CA ASP F 353 -8.29 -22.13 10.86
C ASP F 353 -9.05 -23.43 11.07
N ALA F 354 -9.99 -23.43 12.01
CA ALA F 354 -10.76 -24.62 12.32
C ALA F 354 -12.26 -24.31 12.31
N SER F 355 -13.06 -25.25 12.78
CA SER F 355 -14.50 -25.07 12.87
C SER F 355 -14.98 -25.73 14.16
N ILE F 356 -16.25 -25.47 14.49
CA ILE F 356 -16.83 -26.08 15.69
C ILE F 356 -16.88 -27.59 15.54
N SER F 357 -17.20 -28.08 14.33
CA SER F 357 -17.20 -29.52 14.09
C SER F 357 -15.80 -30.11 14.22
N GLN F 358 -14.78 -29.42 13.70
CA GLN F 358 -13.41 -29.91 13.81
C GLN F 358 -12.95 -29.96 15.26
N VAL F 359 -13.24 -28.91 16.04
CA VAL F 359 -12.85 -28.89 17.44
C VAL F 359 -13.60 -29.97 18.22
N ASN F 360 -14.89 -30.15 17.93
CA ASN F 360 -15.68 -31.16 18.62
C ASN F 360 -15.18 -32.57 18.30
N GLU F 361 -14.86 -32.84 17.03
CA GLU F 361 -14.37 -34.17 16.68
C GLU F 361 -12.96 -34.39 17.21
N LYS F 362 -12.15 -33.34 17.33
CA LYS F 362 -10.83 -33.50 17.93
C LYS F 362 -10.93 -33.77 19.42
N ILE F 363 -11.87 -33.11 20.11
CA ILE F 363 -12.11 -33.41 21.52
C ILE F 363 -12.61 -34.84 21.69
N ASN F 364 -13.50 -35.28 20.79
CA ASN F 364 -13.99 -36.65 20.85
C ASN F 364 -12.87 -37.66 20.60
N GLN F 365 -11.97 -37.35 19.66
CA GLN F 365 -10.83 -38.24 19.41
C GLN F 365 -9.88 -38.27 20.60
N SER F 366 -9.68 -37.12 21.25
CA SER F 366 -8.82 -37.08 22.43
C SER F 366 -9.42 -37.87 23.59
N LEU F 367 -10.75 -37.81 23.74
CA LEU F 367 -11.41 -38.64 24.76
C LEU F 367 -11.37 -40.11 24.40
N ALA F 368 -11.44 -40.44 23.11
CA ALA F 368 -11.32 -41.83 22.68
C ALA F 368 -9.92 -42.36 22.91
N PHE F 369 -8.89 -41.51 22.77
CA PHE F 369 -7.53 -41.93 23.07
C PHE F 369 -7.36 -42.27 24.55
N ILE F 370 -8.14 -41.65 25.41
CA ILE F 370 -8.09 -41.93 26.84
C ILE F 370 -8.95 -43.16 27.14
N GLN G 1 -25.28 38.38 29.86
CA GLN G 1 -24.22 39.24 29.32
C GLN G 1 -22.88 38.91 29.96
N VAL G 2 -21.84 38.89 29.14
CA VAL G 2 -20.48 38.61 29.61
C VAL G 2 -19.86 39.91 30.13
N GLN G 3 -19.37 39.88 31.36
CA GLN G 3 -18.65 41.00 31.95
C GLN G 3 -17.36 40.50 32.59
N LEU G 4 -16.35 41.36 32.61
CA LEU G 4 -15.06 41.06 33.24
C LEU G 4 -14.94 41.92 34.49
N VAL G 5 -15.22 41.32 35.64
CA VAL G 5 -15.15 42.02 36.92
C VAL G 5 -13.75 41.87 37.48
N GLN G 6 -13.08 43.01 37.70
CA GLN G 6 -11.69 43.03 38.13
C GLN G 6 -11.61 43.30 39.63
N SER G 7 -10.38 43.38 40.14
CA SER G 7 -10.14 43.70 41.53
C SER G 7 -10.19 45.22 41.73
N GLY G 8 -10.05 45.64 42.99
CA GLY G 8 -10.10 47.04 43.33
C GLY G 8 -8.73 47.70 43.22
N ALA G 9 -8.72 49.00 43.53
CA ALA G 9 -7.48 49.77 43.47
C ALA G 9 -6.51 49.34 44.56
N GLU G 10 -5.22 49.42 44.24
CA GLU G 10 -4.16 49.03 45.16
C GLU G 10 -3.11 50.13 45.22
N VAL G 11 -2.61 50.41 46.43
CA VAL G 11 -1.53 51.35 46.65
C VAL G 11 -0.40 50.62 47.34
N LYS G 12 0.79 50.65 46.72
CA LYS G 12 1.94 49.94 47.27
C LYS G 12 3.19 50.80 47.12
N LYS G 13 4.31 50.31 47.72
CA LYS G 13 5.62 50.93 47.70
C LYS G 13 6.43 50.43 46.50
N PRO G 14 7.33 51.27 45.96
CA PRO G 14 8.15 50.82 44.83
C PRO G 14 9.08 49.67 45.20
N GLY G 15 9.29 48.77 44.24
CA GLY G 15 10.10 47.60 44.42
C GLY G 15 9.36 46.35 44.84
N ALA G 16 8.10 46.47 45.27
CA ALA G 16 7.31 45.31 45.66
C ALA G 16 6.65 44.70 44.43
N SER G 17 5.71 43.77 44.63
CA SER G 17 5.03 43.09 43.53
C SER G 17 3.51 43.12 43.73
N VAL G 18 2.80 43.19 42.60
CA VAL G 18 1.33 43.26 42.57
C VAL G 18 0.78 41.95 42.00
N LYS G 19 -0.49 41.71 42.31
CA LYS G 19 -1.27 40.67 41.65
C LYS G 19 -2.64 41.27 41.30
N VAL G 20 -2.99 41.24 40.02
CA VAL G 20 -4.23 41.81 39.53
C VAL G 20 -5.10 40.68 38.99
N SER G 21 -6.33 40.60 39.47
CA SER G 21 -7.25 39.54 39.08
C SER G 21 -8.31 40.11 38.13
N CYS G 22 -8.70 39.29 37.15
CA CYS G 22 -9.72 39.66 36.17
C CYS G 22 -10.68 38.49 36.06
N LYS G 23 -11.72 38.49 36.89
CA LYS G 23 -12.70 37.42 36.87
C LYS G 23 -13.58 37.52 35.63
N ALA G 24 -13.84 36.37 35.01
CA ALA G 24 -14.64 36.29 33.79
C ALA G 24 -15.92 35.53 34.08
N SER G 25 -17.04 36.04 33.57
CA SER G 25 -18.34 35.40 33.76
C SER G 25 -19.13 35.45 32.47
N GLY G 26 -19.85 34.36 32.18
CA GLY G 26 -20.70 34.29 31.02
C GLY G 26 -20.20 33.41 29.89
N TYR G 27 -19.07 32.73 30.06
CA TYR G 27 -18.49 31.92 28.99
C TYR G 27 -17.56 30.89 29.60
N SER G 28 -17.23 29.89 28.79
CA SER G 28 -16.25 28.87 29.19
C SER G 28 -14.85 29.47 29.09
N PHE G 29 -14.20 29.63 30.24
CA PHE G 29 -12.90 30.31 30.26
C PHE G 29 -11.81 29.50 29.57
N SER G 30 -11.88 28.17 29.63
CA SER G 30 -10.85 27.33 29.03
C SER G 30 -10.81 27.42 27.51
N SER G 31 -11.83 28.01 26.88
CA SER G 31 -11.89 28.13 25.43
C SER G 31 -11.29 29.44 24.92
N PHE G 32 -10.82 30.31 25.79
CA PHE G 32 -10.28 31.60 25.35
C PHE G 32 -9.06 31.93 26.19
N GLY G 33 -8.61 33.19 26.10
CA GLY G 33 -7.46 33.67 26.84
C GLY G 33 -7.67 35.13 27.19
N VAL G 34 -6.73 35.68 27.94
CA VAL G 34 -6.81 37.05 28.43
C VAL G 34 -5.46 37.73 28.18
N SER G 35 -5.50 38.92 27.60
CA SER G 35 -4.32 39.76 27.42
C SER G 35 -4.45 41.00 28.29
N TRP G 36 -3.44 41.26 29.11
CA TRP G 36 -3.43 42.45 29.96
C TRP G 36 -2.77 43.60 29.22
N VAL G 37 -3.33 44.79 29.39
CA VAL G 37 -2.84 46.00 28.75
C VAL G 37 -2.75 47.11 29.78
N ARG G 38 -1.68 47.90 29.69
CA ARG G 38 -1.41 48.99 30.62
C ARG G 38 -1.86 50.31 30.03
N GLN G 39 -2.52 51.14 30.84
CA GLN G 39 -2.98 52.47 30.43
C GLN G 39 -2.57 53.47 31.51
N ALA G 40 -1.41 54.09 31.32
CA ALA G 40 -0.99 55.16 32.21
C ALA G 40 -1.84 56.40 31.96
N PRO G 41 -2.10 57.19 33.00
CA PRO G 41 -2.86 58.45 32.81
C PRO G 41 -2.10 59.41 31.91
N GLY G 42 -2.85 60.07 31.03
CA GLY G 42 -2.24 60.95 30.04
C GLY G 42 -1.38 60.24 29.02
N GLN G 43 -1.56 58.93 28.86
CA GLN G 43 -0.75 58.12 27.97
C GLN G 43 -1.67 57.17 27.20
N GLY G 44 -1.20 56.70 26.06
CA GLY G 44 -1.91 55.72 25.27
C GLY G 44 -1.98 54.36 25.96
N LEU G 45 -2.44 53.38 25.19
CA LEU G 45 -2.66 52.03 25.68
C LEU G 45 -1.63 51.09 25.08
N GLU G 46 -0.95 50.33 25.94
CA GLU G 46 0.15 49.47 25.54
C GLU G 46 -0.16 48.03 25.90
N TRP G 47 0.05 47.12 24.95
CA TRP G 47 -0.13 45.70 25.21
C TRP G 47 1.02 45.17 26.05
N LEU G 48 0.68 44.48 27.15
CA LEU G 48 1.68 43.91 28.06
C LEU G 48 1.97 42.44 27.74
N GLY G 49 0.96 41.58 27.79
CA GLY G 49 1.19 40.18 27.57
C GLY G 49 -0.06 39.33 27.39
N TRP G 50 0.07 38.27 26.59
CA TRP G 50 -1.03 37.37 26.27
C TRP G 50 -0.80 36.03 26.96
N ILE G 51 -1.85 35.52 27.61
CA ILE G 51 -1.83 34.17 28.18
C ILE G 51 -3.14 33.49 27.81
N SER G 52 -3.04 32.24 27.36
CA SER G 52 -4.20 31.46 26.97
C SER G 52 -4.60 30.53 28.10
N ALA G 53 -5.89 30.47 28.39
CA ALA G 53 -6.40 29.52 29.37
C ALA G 53 -6.55 28.12 28.81
N TYR G 54 -6.35 27.94 27.50
CA TYR G 54 -6.49 26.64 26.84
C TYR G 54 -5.19 25.84 26.91
N ASN G 55 -4.10 26.42 26.40
CA ASN G 55 -2.83 25.71 26.32
C ASN G 55 -1.75 26.28 27.23
N GLY G 56 -1.98 27.42 27.87
CA GLY G 56 -1.00 27.99 28.76
C GLY G 56 0.15 28.70 28.08
N ASN G 57 0.07 28.94 26.77
CA ASN G 57 1.11 29.68 26.08
C ASN G 57 1.20 31.10 26.61
N THR G 58 2.41 31.66 26.56
CA THR G 58 2.65 33.00 27.04
C THR G 58 3.41 33.80 25.99
N ASP G 59 3.12 35.10 25.94
CA ASP G 59 3.84 36.04 25.09
C ASP G 59 3.90 37.37 25.83
N TYR G 60 5.03 38.06 25.73
CA TYR G 60 5.21 39.32 26.43
C TYR G 60 5.84 40.34 25.50
N ALA G 61 5.49 41.60 25.71
CA ALA G 61 6.14 42.68 24.98
C ALA G 61 7.59 42.80 25.43
N GLN G 62 8.46 43.16 24.47
CA GLN G 62 9.91 43.13 24.73
C GLN G 62 10.31 44.12 25.81
N LYS G 63 9.60 45.24 25.94
CA LYS G 63 9.92 46.22 26.97
C LYS G 63 9.61 45.70 28.37
N VAL G 64 8.70 44.72 28.47
CA VAL G 64 8.21 44.25 29.77
C VAL G 64 8.79 42.89 30.14
N GLN G 65 9.42 42.18 29.20
CA GLN G 65 9.83 40.79 29.39
C GLN G 65 10.75 40.62 30.60
N GLY G 66 10.64 39.47 31.24
CA GLY G 66 11.38 39.16 32.46
C GLY G 66 10.67 39.54 33.74
N ARG G 67 10.17 40.77 33.80
CA ARG G 67 9.47 41.25 34.99
C ARG G 67 8.04 40.74 35.09
N LEU G 68 7.48 40.24 34.00
CA LEU G 68 6.06 39.93 33.90
C LEU G 68 5.83 38.42 33.93
N THR G 69 4.86 37.98 34.71
CA THR G 69 4.47 36.57 34.77
C THR G 69 2.99 36.46 35.07
N MET G 70 2.27 35.70 34.24
CA MET G 70 0.83 35.51 34.39
C MET G 70 0.54 34.06 34.76
N THR G 71 -0.37 33.88 35.70
CA THR G 71 -0.90 32.56 36.05
C THR G 71 -2.41 32.59 35.94
N THR G 72 -2.97 31.56 35.33
CA THR G 72 -4.42 31.45 35.14
C THR G 72 -4.93 30.26 35.93
N ASP G 73 -5.99 30.48 36.70
CA ASP G 73 -6.62 29.43 37.51
C ASP G 73 -8.03 29.24 36.95
N THR G 74 -8.16 28.32 36.00
CA THR G 74 -9.45 28.09 35.34
C THR G 74 -10.48 27.46 36.27
N SER G 75 -10.04 26.85 37.37
CA SER G 75 -10.99 26.25 38.31
C SER G 75 -11.81 27.30 39.05
N THR G 76 -11.36 28.55 39.08
CA THR G 76 -12.12 29.64 39.68
C THR G 76 -12.56 30.68 38.66
N ASN G 77 -12.28 30.46 37.38
CA ASN G 77 -12.67 31.37 36.28
C ASN G 77 -12.13 32.78 36.51
N THR G 78 -10.91 32.87 37.03
CA THR G 78 -10.25 34.14 37.27
C THR G 78 -8.80 34.01 36.84
N ALA G 79 -8.29 35.04 36.16
CA ALA G 79 -6.93 35.05 35.65
C ALA G 79 -6.13 36.13 36.36
N TYR G 80 -4.97 35.78 36.89
CA TYR G 80 -4.11 36.69 37.63
C TYR G 80 -2.91 37.11 36.79
N MET G 81 -2.47 38.35 36.99
CA MET G 81 -1.26 38.86 36.36
C MET G 81 -0.39 39.47 37.45
N GLU G 82 0.86 39.00 37.54
CA GLU G 82 1.78 39.41 38.58
C GLU G 82 2.91 40.22 37.96
N LEU G 83 3.10 41.44 38.47
CA LEU G 83 4.14 42.35 38.01
C LEU G 83 5.11 42.56 39.15
N ARG G 84 6.31 42.00 39.03
CA ARG G 84 7.34 42.12 40.05
C ARG G 84 8.21 43.33 39.77
N ASN G 85 8.73 43.93 40.85
CA ASN G 85 9.64 45.08 40.79
C ASN G 85 9.02 46.26 40.05
N LEU G 86 7.97 46.82 40.66
CA LEU G 86 7.34 48.01 40.11
C LEU G 86 8.28 49.21 40.17
N ARG G 87 8.22 50.03 39.12
CA ARG G 87 8.94 51.29 39.04
C ARG G 87 7.96 52.44 39.22
N SER G 88 8.47 53.67 39.15
CA SER G 88 7.64 54.84 39.36
C SER G 88 6.62 55.02 38.24
N ASP G 89 7.03 54.75 37.00
CA ASP G 89 6.19 55.02 35.83
C ASP G 89 5.15 53.93 35.56
N ASP G 90 4.99 52.96 36.47
CA ASP G 90 4.02 51.89 36.29
C ASP G 90 2.68 52.19 36.96
N THR G 91 2.51 53.39 37.50
CA THR G 91 1.22 53.83 38.02
C THR G 91 0.23 53.97 36.86
N ALA G 92 -0.75 53.07 36.80
CA ALA G 92 -1.62 52.98 35.63
C ALA G 92 -2.88 52.21 36.00
N VAL G 93 -3.80 52.13 35.05
CA VAL G 93 -4.98 51.28 35.12
C VAL G 93 -4.74 50.08 34.21
N TYR G 94 -5.01 48.88 34.71
CA TYR G 94 -4.73 47.66 33.97
C TYR G 94 -6.04 47.04 33.50
N TYR G 95 -6.19 46.91 32.18
CA TYR G 95 -7.38 46.37 31.56
C TYR G 95 -7.09 44.97 31.03
N CYS G 96 -8.06 44.07 31.20
CA CYS G 96 -7.96 42.73 30.64
C CYS G 96 -8.87 42.62 29.43
N ALA G 97 -8.32 42.16 28.32
CA ALA G 97 -9.05 42.03 27.05
C ALA G 97 -8.99 40.60 26.58
N ARG G 98 -10.15 40.05 26.22
CA ARG G 98 -10.23 38.66 25.79
C ARG G 98 -9.53 38.45 24.46
N ASP G 99 -8.97 37.25 24.28
CA ASP G 99 -8.15 36.93 23.12
C ASP G 99 -8.36 35.47 22.74
N PRO G 100 -8.03 35.09 21.51
CA PRO G 100 -8.19 33.69 21.09
C PRO G 100 -7.27 32.76 21.86
N PRO G 101 -7.62 31.48 21.98
CA PRO G 101 -6.81 30.54 22.75
C PRO G 101 -5.53 30.10 22.06
N ALA G 102 -5.22 30.63 20.88
CA ALA G 102 -4.03 30.24 20.14
C ALA G 102 -3.45 31.46 19.45
N SER G 103 -2.24 31.30 18.91
CA SER G 103 -1.54 32.38 18.24
C SER G 103 -2.27 32.72 16.95
N ALA G 104 -3.05 33.80 16.98
CA ALA G 104 -3.91 34.18 15.87
C ALA G 104 -4.25 35.64 16.02
N ALA G 105 -5.21 36.11 15.22
CA ALA G 105 -5.60 37.51 15.22
C ALA G 105 -6.22 37.91 16.55
N ALA G 106 -5.78 39.05 17.09
CA ALA G 106 -6.27 39.53 18.37
C ALA G 106 -7.72 39.99 18.26
N MET G 107 -8.49 39.76 19.32
CA MET G 107 -9.90 40.14 19.36
C MET G 107 -10.14 41.37 20.22
N PHE G 108 -9.78 41.30 21.51
CA PHE G 108 -10.02 42.36 22.49
C PHE G 108 -11.49 42.78 22.51
N ASP G 109 -12.39 41.80 22.48
CA ASP G 109 -13.82 42.11 22.41
C ASP G 109 -14.38 42.57 23.75
N TYR G 110 -13.98 41.93 24.86
CA TYR G 110 -14.50 42.27 26.18
C TYR G 110 -13.39 42.89 27.03
N TRP G 111 -13.71 44.00 27.70
CA TRP G 111 -12.75 44.72 28.52
C TRP G 111 -13.26 44.83 29.95
N GLY G 112 -12.36 44.58 30.90
CA GLY G 112 -12.68 44.77 32.30
C GLY G 112 -12.78 46.23 32.66
N GLN G 113 -13.36 46.49 33.83
CA GLN G 113 -13.56 47.87 34.27
C GLN G 113 -12.28 48.53 34.73
N GLY G 114 -11.24 47.75 35.03
CA GLY G 114 -9.95 48.32 35.36
C GLY G 114 -9.49 48.06 36.77
N THR G 115 -8.20 48.30 37.02
CA THR G 115 -7.62 48.17 38.35
C THR G 115 -6.52 49.23 38.45
N LEU G 116 -6.75 50.23 39.29
CA LEU G 116 -5.82 51.35 39.42
C LEU G 116 -4.75 50.98 40.43
N VAL G 117 -3.56 50.64 39.94
CA VAL G 117 -2.41 50.34 40.78
C VAL G 117 -1.50 51.58 40.75
N THR G 118 -1.35 52.22 41.91
CA THR G 118 -0.56 53.42 42.03
C THR G 118 0.57 53.21 43.04
N VAL G 119 1.78 53.60 42.66
CA VAL G 119 2.95 53.54 43.52
C VAL G 119 3.46 54.96 43.73
N SER G 120 3.47 55.40 44.99
CA SER G 120 3.91 56.74 45.34
C SER G 120 4.74 56.67 46.61
N SER G 121 5.62 57.65 46.77
CA SER G 121 6.45 57.73 47.97
C SER G 121 5.66 58.28 49.15
N GLN H 1 53.04 14.73 -6.64
CA GLN H 1 52.34 15.37 -7.75
C GLN H 1 51.90 14.33 -8.77
N VAL H 2 50.69 14.51 -9.30
CA VAL H 2 50.14 13.61 -10.30
C VAL H 2 50.68 13.98 -11.68
N GLN H 3 51.27 13.00 -12.37
CA GLN H 3 51.79 13.21 -13.71
C GLN H 3 51.39 12.03 -14.60
N LEU H 4 51.30 12.30 -15.90
CA LEU H 4 51.08 11.27 -16.91
C LEU H 4 52.36 11.06 -17.70
N VAL H 5 53.01 9.92 -17.49
CA VAL H 5 54.25 9.58 -18.18
C VAL H 5 53.88 8.67 -19.36
N GLN H 6 54.24 9.11 -20.56
CA GLN H 6 53.87 8.41 -21.79
C GLN H 6 55.06 7.60 -22.30
N SER H 7 54.84 6.93 -23.44
CA SER H 7 55.88 6.17 -24.10
C SER H 7 56.77 7.11 -24.92
N GLY H 8 57.84 6.54 -25.50
CA GLY H 8 58.76 7.30 -26.31
C GLY H 8 58.32 7.40 -27.76
N ALA H 9 59.15 8.09 -28.54
CA ALA H 9 58.86 8.29 -29.96
C ALA H 9 58.98 6.96 -30.72
N GLU H 10 58.14 6.83 -31.75
CA GLU H 10 58.10 5.62 -32.56
C GLU H 10 58.12 5.99 -34.04
N VAL H 11 58.85 5.22 -34.83
CA VAL H 11 58.88 5.37 -36.28
C VAL H 11 58.42 4.06 -36.89
N LYS H 12 57.38 4.12 -37.72
CA LYS H 12 56.79 2.93 -38.32
C LYS H 12 56.57 3.17 -39.80
N LYS H 13 56.25 2.10 -40.52
CA LYS H 13 55.93 2.10 -41.93
C LYS H 13 54.45 2.33 -42.14
N PRO H 14 54.07 2.99 -43.25
CA PRO H 14 52.64 3.20 -43.53
C PRO H 14 51.89 1.89 -43.69
N GLY H 15 50.67 1.86 -43.17
CA GLY H 15 49.85 0.67 -43.19
C GLY H 15 49.98 -0.21 -41.97
N ALA H 16 50.96 0.04 -41.10
CA ALA H 16 51.16 -0.77 -39.91
C ALA H 16 50.23 -0.28 -38.80
N SER H 17 50.47 -0.77 -37.59
CA SER H 17 49.68 -0.40 -36.42
C SER H 17 50.61 0.03 -35.29
N VAL H 18 50.15 0.98 -34.49
CA VAL H 18 50.93 1.50 -33.38
C VAL H 18 50.11 1.38 -32.10
N LYS H 19 50.83 1.35 -30.97
CA LYS H 19 50.22 1.32 -29.64
C LYS H 19 50.90 2.37 -28.79
N VAL H 20 50.11 3.28 -28.22
CA VAL H 20 50.61 4.38 -27.41
C VAL H 20 50.10 4.20 -25.99
N SER H 21 51.02 4.23 -25.02
CA SER H 21 50.69 4.06 -23.62
C SER H 21 50.79 5.38 -22.89
N CYS H 22 49.89 5.60 -21.93
CA CYS H 22 49.86 6.81 -21.11
C CYS H 22 49.71 6.35 -19.66
N LYS H 23 50.84 6.12 -18.99
CA LYS H 23 50.81 5.69 -17.60
C LYS H 23 50.43 6.84 -16.69
N ALA H 24 49.53 6.56 -15.74
CA ALA H 24 49.05 7.54 -14.79
C ALA H 24 49.51 7.18 -13.38
N SER H 25 49.95 8.18 -12.64
CA SER H 25 50.41 7.97 -11.27
C SER H 25 49.93 9.11 -10.39
N GLY H 26 49.47 8.77 -9.19
CA GLY H 26 49.04 9.76 -8.21
C GLY H 26 47.55 9.78 -7.92
N TYR H 27 46.77 8.87 -8.50
CA TYR H 27 45.33 8.84 -8.25
C TYR H 27 44.82 7.44 -8.59
N SER H 28 43.58 7.19 -8.17
CA SER H 28 42.91 5.93 -8.51
C SER H 28 42.46 6.01 -9.96
N PHE H 29 43.09 5.20 -10.83
CA PHE H 29 42.82 5.30 -12.25
C PHE H 29 41.41 4.82 -12.62
N SER H 30 40.85 3.89 -11.85
CA SER H 30 39.50 3.40 -12.12
C SER H 30 38.43 4.45 -11.86
N SER H 31 38.79 5.58 -11.24
CA SER H 31 37.86 6.65 -10.95
C SER H 31 37.78 7.70 -12.06
N PHE H 32 38.55 7.54 -13.13
CA PHE H 32 38.59 8.54 -14.19
C PHE H 32 38.65 7.84 -15.54
N GLY H 33 38.94 8.62 -16.57
CA GLY H 33 39.08 8.13 -17.93
C GLY H 33 40.12 8.94 -18.65
N VAL H 34 40.44 8.53 -19.88
CA VAL H 34 41.49 9.16 -20.68
C VAL H 34 40.96 9.38 -22.09
N SER H 35 41.17 10.58 -22.61
CA SER H 35 40.91 10.90 -24.02
C SER H 35 42.22 11.21 -24.71
N TRP H 36 42.52 10.49 -25.78
CA TRP H 36 43.67 10.81 -26.60
C TRP H 36 43.30 11.89 -27.61
N VAL H 37 44.23 12.78 -27.87
CA VAL H 37 44.03 13.88 -28.81
C VAL H 37 45.24 13.95 -29.73
N ARG H 38 44.99 14.26 -30.99
CA ARG H 38 46.02 14.32 -32.02
C ARG H 38 46.46 15.76 -32.22
N GLN H 39 47.77 15.96 -32.37
CA GLN H 39 48.33 17.28 -32.64
C GLN H 39 49.37 17.13 -33.75
N ALA H 40 48.94 17.33 -34.99
CA ALA H 40 49.86 17.34 -36.10
C ALA H 40 50.73 18.60 -36.04
N PRO H 41 51.99 18.52 -36.48
CA PRO H 41 52.85 19.71 -36.46
C PRO H 41 52.31 20.79 -37.39
N GLY H 42 52.38 22.03 -36.92
CA GLY H 42 51.82 23.15 -37.67
C GLY H 42 50.31 23.14 -37.77
N GLN H 43 49.62 22.34 -36.96
CA GLN H 43 48.18 22.22 -36.99
C GLN H 43 47.62 22.31 -35.59
N GLY H 44 46.31 22.48 -35.50
CA GLY H 44 45.63 22.52 -34.22
C GLY H 44 45.50 21.14 -33.60
N LEU H 45 44.82 21.12 -32.45
CA LEU H 45 44.60 19.92 -31.67
C LEU H 45 43.15 19.48 -31.78
N GLU H 46 42.93 18.19 -31.99
CA GLU H 46 41.60 17.65 -32.18
C GLU H 46 41.42 16.40 -31.33
N TRP H 47 40.19 16.21 -30.84
CA TRP H 47 39.85 15.08 -29.99
C TRP H 47 39.67 13.82 -30.83
N LEU H 48 40.32 12.73 -30.40
CA LEU H 48 40.25 11.46 -31.10
C LEU H 48 39.20 10.52 -30.51
N GLY H 49 39.30 10.23 -29.22
CA GLY H 49 38.34 9.33 -28.60
C GLY H 49 38.44 9.24 -27.09
N TRP H 50 37.32 8.93 -26.44
CA TRP H 50 37.23 8.88 -24.98
C TRP H 50 36.97 7.46 -24.52
N ILE H 51 37.75 7.00 -23.55
CA ILE H 51 37.54 5.71 -22.91
C ILE H 51 37.55 5.92 -21.40
N SER H 52 36.61 5.28 -20.71
CA SER H 52 36.53 5.35 -19.26
C SER H 52 37.14 4.11 -18.65
N ALA H 53 37.94 4.29 -17.61
CA ALA H 53 38.48 3.16 -16.86
C ALA H 53 37.49 2.62 -15.84
N TYR H 54 36.36 3.29 -15.63
CA TYR H 54 35.36 2.86 -14.67
C TYR H 54 34.36 1.88 -15.28
N ASN H 55 33.71 2.26 -16.38
CA ASN H 55 32.69 1.43 -17.00
C ASN H 55 33.06 0.88 -18.36
N GLY H 56 34.17 1.32 -18.95
CA GLY H 56 34.60 0.80 -20.23
C GLY H 56 33.89 1.37 -21.44
N ASN H 57 33.08 2.41 -21.27
CA ASN H 57 32.41 3.05 -22.39
C ASN H 57 33.43 3.66 -23.34
N THR H 58 33.04 3.79 -24.60
CA THR H 58 33.89 4.37 -25.62
C THR H 58 33.10 5.35 -26.47
N ASP H 59 33.82 6.33 -27.01
CA ASP H 59 33.28 7.27 -27.98
C ASP H 59 34.43 7.69 -28.89
N TYR H 60 34.15 7.88 -30.17
CA TYR H 60 35.18 8.27 -31.12
C TYR H 60 34.65 9.35 -32.04
N ALA H 61 35.54 10.20 -32.51
CA ALA H 61 35.18 11.18 -33.53
C ALA H 61 34.81 10.47 -34.82
N GLN H 62 33.84 11.05 -35.55
CA GLN H 62 33.27 10.38 -36.71
C GLN H 62 34.29 10.14 -37.80
N LYS H 63 35.25 11.07 -37.97
CA LYS H 63 36.28 10.90 -38.99
C LYS H 63 37.30 9.83 -38.62
N VAL H 64 37.33 9.40 -37.36
CA VAL H 64 38.32 8.43 -36.89
C VAL H 64 37.71 7.04 -36.66
N GLN H 65 36.37 6.94 -36.60
CA GLN H 65 35.70 5.71 -36.20
C GLN H 65 36.09 4.51 -37.07
N GLY H 66 36.19 3.35 -36.43
CA GLY H 66 36.62 2.11 -37.06
C GLY H 66 38.11 1.89 -37.04
N ARG H 67 38.88 2.93 -37.39
CA ARG H 67 40.33 2.83 -37.39
C ARG H 67 40.93 2.76 -35.98
N LEU H 68 40.22 3.27 -34.97
CA LEU H 68 40.78 3.49 -33.65
C LEU H 68 40.09 2.59 -32.63
N THR H 69 40.88 2.06 -31.70
CA THR H 69 40.35 1.24 -30.62
C THR H 69 41.27 1.37 -29.42
N MET H 70 40.69 1.60 -28.24
CA MET H 70 41.45 1.79 -27.01
C MET H 70 41.14 0.66 -26.04
N THR H 71 42.19 0.12 -25.42
CA THR H 71 42.06 -0.82 -24.31
C THR H 71 42.76 -0.23 -23.09
N THR H 72 42.11 -0.36 -21.94
CA THR H 72 42.65 0.14 -20.68
C THR H 72 42.90 -1.04 -19.75
N ASP H 73 44.10 -1.08 -19.17
CA ASP H 73 44.50 -2.12 -18.23
C ASP H 73 44.71 -1.46 -16.88
N THR H 74 43.64 -1.43 -16.07
CA THR H 74 43.70 -0.77 -14.77
C THR H 74 44.59 -1.49 -13.78
N SER H 75 44.88 -2.77 -14.00
CA SER H 75 45.76 -3.50 -13.11
C SER H 75 47.20 -3.02 -13.17
N THR H 76 47.58 -2.32 -14.25
CA THR H 76 48.91 -1.74 -14.37
C THR H 76 48.88 -0.22 -14.39
N ASN H 77 47.70 0.39 -14.25
CA ASN H 77 47.52 1.85 -14.22
C ASN H 77 48.09 2.51 -15.47
N THR H 78 47.89 1.87 -16.62
CA THR H 78 48.34 2.39 -17.90
C THR H 78 47.23 2.18 -18.92
N ALA H 79 47.01 3.18 -19.76
CA ALA H 79 45.94 3.14 -20.76
C ALA H 79 46.56 3.15 -22.15
N TYR H 80 46.17 2.18 -22.98
CA TYR H 80 46.71 2.02 -24.32
C TYR H 80 45.70 2.52 -25.36
N MET H 81 46.21 3.11 -26.43
CA MET H 81 45.41 3.50 -27.58
C MET H 81 46.07 2.95 -28.84
N GLU H 82 45.28 2.24 -29.65
CA GLU H 82 45.82 1.50 -30.79
C GLU H 82 45.22 2.05 -32.07
N LEU H 83 46.08 2.46 -32.99
CA LEU H 83 45.68 3.02 -34.26
C LEU H 83 46.10 2.06 -35.37
N ARG H 84 45.16 1.72 -36.25
CA ARG H 84 45.39 0.72 -37.27
C ARG H 84 45.37 1.35 -38.66
N ASN H 85 46.22 0.82 -39.54
CA ASN H 85 46.38 1.28 -40.92
C ASN H 85 46.72 2.78 -40.97
N LEU H 86 47.89 3.10 -40.43
CA LEU H 86 48.34 4.48 -40.35
C LEU H 86 48.54 5.07 -41.74
N ARG H 87 48.01 6.27 -41.95
CA ARG H 87 48.21 7.01 -43.18
C ARG H 87 49.38 7.98 -43.03
N SER H 88 49.71 8.68 -44.12
CA SER H 88 50.84 9.60 -44.11
C SER H 88 50.58 10.78 -43.18
N ASP H 89 49.35 11.29 -43.16
CA ASP H 89 49.02 12.50 -42.41
C ASP H 89 48.83 12.25 -40.92
N ASP H 90 49.01 11.03 -40.44
CA ASP H 90 48.86 10.72 -39.03
C ASP H 90 50.13 10.98 -38.23
N THR H 91 51.19 11.49 -38.85
CA THR H 91 52.40 11.86 -38.14
C THR H 91 52.10 13.03 -37.21
N ALA H 92 52.11 12.78 -35.90
CA ALA H 92 51.66 13.76 -34.94
C ALA H 92 52.16 13.38 -33.55
N VAL H 93 51.86 14.23 -32.57
CA VAL H 93 52.08 13.94 -31.16
C VAL H 93 50.73 13.66 -30.52
N TYR H 94 50.66 12.58 -29.74
CA TYR H 94 49.40 12.12 -29.16
C TYR H 94 49.43 12.41 -27.67
N TYR H 95 48.53 13.28 -27.21
CA TYR H 95 48.43 13.68 -25.82
C TYR H 95 47.25 12.99 -25.15
N CYS H 96 47.44 12.55 -23.92
CA CYS H 96 46.36 11.96 -23.13
C CYS H 96 45.88 12.97 -22.10
N ALA H 97 44.57 13.11 -21.99
CA ALA H 97 43.95 14.05 -21.06
C ALA H 97 42.90 13.35 -20.21
N ARG H 98 42.97 13.58 -18.90
CA ARG H 98 42.04 12.96 -17.95
C ARG H 98 40.63 13.51 -18.12
N ASP H 99 39.64 12.66 -17.85
CA ASP H 99 38.24 12.95 -18.09
C ASP H 99 37.38 12.24 -17.05
N PRO H 100 36.11 12.64 -16.89
CA PRO H 100 35.23 11.97 -15.94
C PRO H 100 34.96 10.54 -16.36
N PRO H 101 34.58 9.68 -15.41
CA PRO H 101 34.33 8.27 -15.73
C PRO H 101 33.08 8.00 -16.54
N ALA H 102 32.31 9.03 -16.90
CA ALA H 102 31.07 8.83 -17.64
C ALA H 102 30.83 10.02 -18.55
N SER H 103 29.78 9.92 -19.35
CA SER H 103 29.43 10.96 -20.31
C SER H 103 28.97 12.19 -19.55
N ALA H 104 29.85 13.18 -19.46
CA ALA H 104 29.63 14.37 -18.66
C ALA H 104 30.55 15.47 -19.18
N ALA H 105 30.71 16.52 -18.39
CA ALA H 105 31.54 17.65 -18.79
C ALA H 105 32.99 17.22 -18.98
N ALA H 106 33.57 17.61 -20.11
CA ALA H 106 34.96 17.29 -20.37
C ALA H 106 35.86 18.10 -19.45
N MET H 107 36.88 17.44 -18.90
CA MET H 107 37.81 18.08 -17.98
C MET H 107 39.12 18.46 -18.66
N PHE H 108 39.82 17.46 -19.22
CA PHE H 108 41.12 17.66 -19.88
C PHE H 108 42.10 18.39 -18.96
N ASP H 109 42.08 18.04 -17.67
CA ASP H 109 42.86 18.80 -16.70
C ASP H 109 44.35 18.49 -16.79
N TYR H 110 44.72 17.22 -16.91
CA TYR H 110 46.11 16.79 -16.83
C TYR H 110 46.54 16.19 -18.15
N TRP H 111 47.72 16.58 -18.63
CA TRP H 111 48.19 16.22 -19.96
C TRP H 111 49.53 15.50 -19.87
N GLY H 112 49.66 14.41 -20.63
CA GLY H 112 50.93 13.72 -20.72
C GLY H 112 51.92 14.50 -21.57
N GLN H 113 53.19 14.08 -21.47
CA GLN H 113 54.25 14.81 -22.15
C GLN H 113 54.25 14.58 -23.66
N GLY H 114 53.60 13.52 -24.13
CA GLY H 114 53.42 13.29 -25.54
C GLY H 114 54.13 12.03 -26.02
N THR H 115 53.76 11.63 -27.24
CA THR H 115 54.38 10.50 -27.91
C THR H 115 54.40 10.81 -29.40
N LEU H 116 55.59 11.04 -29.95
CA LEU H 116 55.74 11.43 -31.35
C LEU H 116 55.77 10.18 -32.21
N VAL H 117 54.67 9.91 -32.90
CA VAL H 117 54.58 8.78 -33.82
C VAL H 117 54.67 9.34 -35.23
N THR H 118 55.74 8.98 -35.94
CA THR H 118 55.99 9.47 -37.28
C THR H 118 56.07 8.30 -38.27
N VAL H 119 55.48 8.50 -39.45
CA VAL H 119 55.52 7.52 -40.53
C VAL H 119 56.12 8.19 -41.75
N SER H 120 57.25 7.67 -42.23
CA SER H 120 57.95 8.22 -43.38
C SER H 120 58.42 7.08 -44.27
N SER H 121 58.57 7.39 -45.56
CA SER H 121 59.06 6.42 -46.52
C SER H 121 60.58 6.26 -46.42
N GLN I 1 -23.88 -1.94 -49.69
CA GLN I 1 -24.19 -0.57 -49.33
C GLN I 1 -25.25 -0.53 -48.23
N VAL I 2 -25.07 0.37 -47.28
CA VAL I 2 -26.01 0.53 -46.17
C VAL I 2 -27.13 1.47 -46.58
N GLN I 3 -28.38 1.03 -46.41
CA GLN I 3 -29.54 1.85 -46.70
C GLN I 3 -30.53 1.71 -45.56
N LEU I 4 -31.34 2.76 -45.36
CA LEU I 4 -32.43 2.75 -44.38
C LEU I 4 -33.74 2.72 -45.15
N VAL I 5 -34.44 1.59 -45.08
CA VAL I 5 -35.73 1.41 -45.75
C VAL I 5 -36.82 1.66 -44.72
N GLN I 6 -37.68 2.65 -44.99
CA GLN I 6 -38.72 3.06 -44.06
C GLN I 6 -40.07 2.48 -44.47
N SER I 7 -41.09 2.83 -43.70
CA SER I 7 -42.46 2.41 -44.00
C SER I 7 -43.05 3.32 -45.09
N GLY I 8 -44.26 2.98 -45.52
CA GLY I 8 -44.95 3.75 -46.54
C GLY I 8 -45.75 4.90 -45.96
N ALA I 9 -46.41 5.62 -46.86
CA ALA I 9 -47.22 6.77 -46.46
C ALA I 9 -48.44 6.31 -45.67
N GLU I 10 -48.85 7.14 -44.70
CA GLU I 10 -49.97 6.86 -43.84
C GLU I 10 -50.90 8.06 -43.77
N VAL I 11 -52.20 7.81 -43.77
CA VAL I 11 -53.21 8.84 -43.60
C VAL I 11 -54.04 8.48 -42.37
N LYS I 12 -54.11 9.41 -41.42
CA LYS I 12 -54.80 9.19 -40.16
C LYS I 12 -55.67 10.41 -39.83
N LYS I 13 -56.52 10.23 -38.82
CA LYS I 13 -57.40 11.26 -38.29
C LYS I 13 -56.70 12.03 -37.17
N PRO I 14 -57.00 13.32 -37.00
CA PRO I 14 -56.40 14.09 -35.92
C PRO I 14 -56.79 13.53 -34.55
N GLY I 15 -55.82 13.55 -33.63
CA GLY I 15 -56.00 13.01 -32.30
C GLY I 15 -55.60 11.55 -32.15
N ALA I 16 -55.32 10.86 -33.25
CA ALA I 16 -54.94 9.46 -33.19
C ALA I 16 -53.44 9.35 -32.91
N SER I 17 -52.89 8.13 -33.08
CA SER I 17 -51.47 7.89 -32.89
C SER I 17 -50.91 7.17 -34.10
N VAL I 18 -49.66 7.48 -34.44
CA VAL I 18 -48.99 6.89 -35.58
C VAL I 18 -47.68 6.24 -35.12
N LYS I 19 -47.24 5.27 -35.91
CA LYS I 19 -45.99 4.57 -35.66
C LYS I 19 -45.20 4.51 -36.96
N VAL I 20 -43.95 4.99 -36.93
CA VAL I 20 -43.09 5.04 -38.09
C VAL I 20 -41.90 4.13 -37.84
N SER I 21 -41.62 3.24 -38.79
CA SER I 21 -40.52 2.30 -38.67
C SER I 21 -39.41 2.68 -39.65
N CYS I 22 -38.17 2.48 -39.24
CA CYS I 22 -36.99 2.78 -40.04
C CYS I 22 -36.06 1.57 -39.98
N LYS I 23 -36.24 0.63 -40.89
CA LYS I 23 -35.41 -0.56 -40.93
C LYS I 23 -34.00 -0.23 -41.41
N ALA I 24 -33.00 -0.77 -40.72
CA ALA I 24 -31.60 -0.55 -41.04
C ALA I 24 -30.96 -1.84 -41.50
N SER I 25 -30.15 -1.77 -42.55
CA SER I 25 -29.45 -2.94 -43.06
C SER I 25 -28.05 -2.53 -43.48
N GLY I 26 -27.08 -3.38 -43.16
CA GLY I 26 -25.69 -3.16 -43.53
C GLY I 26 -24.75 -2.89 -42.38
N TYR I 27 -25.20 -2.94 -41.13
CA TYR I 27 -24.34 -2.70 -39.99
C TYR I 27 -24.98 -3.32 -38.75
N SER I 28 -24.20 -3.39 -37.68
CA SER I 28 -24.71 -3.83 -36.39
C SER I 28 -25.53 -2.70 -35.78
N PHE I 29 -26.83 -2.90 -35.65
CA PHE I 29 -27.72 -1.83 -35.21
C PHE I 29 -27.49 -1.47 -33.74
N SER I 30 -27.10 -2.43 -32.92
CA SER I 30 -26.84 -2.16 -31.50
C SER I 30 -25.62 -1.28 -31.29
N SER I 31 -24.81 -1.04 -32.32
CA SER I 31 -23.63 -0.21 -32.23
C SER I 31 -23.91 1.27 -32.50
N PHE I 32 -25.15 1.62 -32.82
CA PHE I 32 -25.47 2.99 -33.20
C PHE I 32 -26.83 3.36 -32.59
N GLY I 33 -27.36 4.49 -33.05
CA GLY I 33 -28.67 4.96 -32.64
C GLY I 33 -29.32 5.66 -33.81
N VAL I 34 -30.58 6.06 -33.63
CA VAL I 34 -31.37 6.69 -34.67
C VAL I 34 -32.04 7.93 -34.10
N SER I 35 -31.94 9.04 -34.82
CA SER I 35 -32.66 10.26 -34.50
C SER I 35 -33.68 10.56 -35.58
N TRP I 36 -34.93 10.76 -35.16
CA TRP I 36 -35.99 11.11 -36.10
C TRP I 36 -36.07 12.62 -36.22
N VAL I 37 -36.27 13.10 -37.45
CA VAL I 37 -36.35 14.52 -37.75
C VAL I 37 -37.59 14.77 -38.61
N ARG I 38 -38.31 15.84 -38.29
CA ARG I 38 -39.55 16.18 -38.98
C ARG I 38 -39.28 17.24 -40.04
N GLN I 39 -39.86 17.06 -41.21
CA GLN I 39 -39.71 17.99 -42.33
C GLN I 39 -41.09 18.27 -42.92
N ALA I 40 -41.72 19.34 -42.45
CA ALA I 40 -42.98 19.79 -43.03
C ALA I 40 -42.73 20.40 -44.40
N PRO I 41 -43.68 20.25 -45.33
CA PRO I 41 -43.51 20.89 -46.65
C PRO I 41 -43.48 22.40 -46.54
N GLY I 42 -42.60 23.01 -47.32
CA GLY I 42 -42.38 24.45 -47.21
C GLY I 42 -41.76 24.89 -45.90
N GLN I 43 -41.16 23.97 -45.16
CA GLN I 43 -40.58 24.27 -43.86
C GLN I 43 -39.23 23.58 -43.77
N GLY I 44 -38.36 24.12 -42.91
CA GLY I 44 -37.06 23.52 -42.68
C GLY I 44 -37.17 22.20 -41.94
N LEU I 45 -36.01 21.68 -41.56
CA LEU I 45 -35.90 20.39 -40.91
C LEU I 45 -35.50 20.57 -39.45
N GLU I 46 -36.27 19.96 -38.54
CA GLU I 46 -36.09 20.10 -37.10
C GLU I 46 -35.88 18.74 -36.46
N TRP I 47 -34.94 18.68 -35.54
CA TRP I 47 -34.67 17.45 -34.79
C TRP I 47 -35.78 17.19 -33.77
N LEU I 48 -36.32 15.97 -33.78
CA LEU I 48 -37.38 15.57 -32.86
C LEU I 48 -36.83 14.86 -31.62
N GLY I 49 -36.13 13.75 -31.81
CA GLY I 49 -35.64 12.99 -30.68
C GLY I 49 -34.61 11.94 -31.01
N TRP I 50 -33.72 11.66 -30.07
CA TRP I 50 -32.62 10.72 -30.23
C TRP I 50 -32.81 9.52 -29.31
N ILE I 51 -32.63 8.33 -29.86
CA ILE I 51 -32.65 7.10 -29.07
C ILE I 51 -31.50 6.22 -29.53
N SER I 52 -30.80 5.63 -28.57
CA SER I 52 -29.68 4.74 -28.84
C SER I 52 -30.13 3.29 -28.75
N ALA I 53 -29.69 2.48 -29.71
CA ALA I 53 -29.92 1.06 -29.65
C ALA I 53 -28.94 0.33 -28.74
N TYR I 54 -27.93 1.03 -28.24
CA TYR I 54 -26.93 0.44 -27.36
C TYR I 54 -27.35 0.47 -25.90
N ASN I 55 -27.69 1.65 -25.38
CA ASN I 55 -28.04 1.81 -23.97
C ASN I 55 -29.47 2.21 -23.73
N GLY I 56 -30.23 2.55 -24.77
CA GLY I 56 -31.62 2.93 -24.59
C GLY I 56 -31.86 4.34 -24.07
N ASN I 57 -30.83 5.18 -24.05
CA ASN I 57 -31.00 6.56 -23.63
C ASN I 57 -31.91 7.30 -24.60
N THR I 58 -32.64 8.27 -24.08
CA THR I 58 -33.56 9.06 -24.88
C THR I 58 -33.35 10.55 -24.62
N ASP I 59 -33.61 11.34 -25.66
CA ASP I 59 -33.58 12.79 -25.56
C ASP I 59 -34.63 13.32 -26.53
N TYR I 60 -35.30 14.41 -26.16
CA TYR I 60 -36.34 14.98 -26.99
C TYR I 60 -36.22 16.49 -27.01
N ALA I 61 -36.59 17.09 -28.15
CA ALA I 61 -36.67 18.53 -28.26
C ALA I 61 -37.80 19.05 -27.38
N GLN I 62 -37.58 20.23 -26.78
CA GLN I 62 -38.46 20.72 -25.71
C GLN I 62 -39.89 20.92 -26.18
N LYS I 63 -40.07 21.40 -27.41
CA LYS I 63 -41.41 21.65 -27.94
C LYS I 63 -42.16 20.35 -28.23
N VAL I 64 -41.47 19.21 -28.25
CA VAL I 64 -42.07 17.94 -28.61
C VAL I 64 -42.28 17.03 -27.39
N GLN I 65 -41.59 17.31 -26.27
CA GLN I 65 -41.53 16.39 -25.12
C GLN I 65 -42.92 16.02 -24.59
N GLY I 66 -42.99 14.82 -24.05
CA GLY I 66 -44.24 14.24 -23.56
C GLY I 66 -45.01 13.44 -24.57
N ARG I 67 -45.21 14.00 -25.77
CA ARG I 67 -45.97 13.32 -26.81
C ARG I 67 -45.16 12.27 -27.55
N LEU I 68 -43.84 12.32 -27.48
CA LEU I 68 -42.96 11.50 -28.31
C LEU I 68 -42.38 10.37 -27.48
N THR I 69 -42.44 9.15 -28.02
CA THR I 69 -41.86 7.99 -27.36
C THR I 69 -41.35 7.03 -28.41
N MET I 70 -40.08 6.65 -28.30
CA MET I 70 -39.42 5.77 -29.25
C MET I 70 -39.10 4.43 -28.59
N THR I 71 -39.36 3.35 -29.32
CA THR I 71 -38.99 2.01 -28.92
C THR I 71 -38.15 1.39 -30.03
N THR I 72 -37.03 0.78 -29.66
CA THR I 72 -36.14 0.14 -30.61
C THR I 72 -36.13 -1.36 -30.36
N ASP I 73 -36.33 -2.13 -31.42
CA ASP I 73 -36.34 -3.59 -31.37
C ASP I 73 -35.14 -4.08 -32.16
N THR I 74 -34.00 -4.24 -31.47
CA THR I 74 -32.77 -4.65 -32.13
C THR I 74 -32.82 -6.08 -32.66
N SER I 75 -33.74 -6.90 -32.14
CA SER I 75 -33.86 -8.27 -32.63
C SER I 75 -34.39 -8.33 -34.05
N THR I 76 -35.04 -7.27 -34.53
CA THR I 76 -35.52 -7.20 -35.90
C THR I 76 -34.81 -6.12 -36.72
N ASN I 77 -33.84 -5.42 -36.11
CA ASN I 77 -33.05 -4.38 -36.79
C ASN I 77 -33.95 -3.29 -37.38
N THR I 78 -34.99 -2.92 -36.64
CA THR I 78 -35.92 -1.88 -37.04
C THR I 78 -36.24 -1.03 -35.83
N ALA I 79 -36.26 0.28 -36.01
CA ALA I 79 -36.51 1.22 -34.92
C ALA I 79 -37.84 1.93 -35.16
N TYR I 80 -38.72 1.88 -34.17
CA TYR I 80 -40.04 2.49 -34.25
C TYR I 80 -40.08 3.78 -33.44
N MET I 81 -40.83 4.76 -33.93
CA MET I 81 -41.09 5.99 -33.20
C MET I 81 -42.59 6.27 -33.22
N GLU I 82 -43.17 6.47 -32.04
CA GLU I 82 -44.60 6.66 -31.88
C GLU I 82 -44.89 8.10 -31.49
N LEU I 83 -45.77 8.75 -32.25
CA LEU I 83 -46.17 10.13 -32.00
C LEU I 83 -47.65 10.13 -31.65
N ARG I 84 -47.96 10.39 -30.38
CA ARG I 84 -49.33 10.40 -29.90
C ARG I 84 -49.92 11.82 -30.00
N ASN I 85 -51.23 11.87 -30.23
CA ASN I 85 -52.00 13.12 -30.31
C ASN I 85 -51.46 14.03 -31.42
N LEU I 86 -51.62 13.57 -32.65
CA LEU I 86 -51.22 14.36 -33.81
C LEU I 86 -52.10 15.60 -33.94
N ARG I 87 -51.49 16.70 -34.37
CA ARG I 87 -52.19 17.94 -34.67
C ARG I 87 -52.23 18.16 -36.17
N SER I 88 -52.81 19.28 -36.58
CA SER I 88 -52.92 19.59 -38.00
C SER I 88 -51.57 19.87 -38.63
N ASP I 89 -50.69 20.55 -37.91
CA ASP I 89 -49.40 20.98 -38.44
C ASP I 89 -48.33 19.90 -38.41
N ASP I 90 -48.69 18.66 -38.06
CA ASP I 90 -47.73 17.57 -38.03
C ASP I 90 -47.69 16.77 -39.33
N THR I 91 -48.41 17.21 -40.35
CA THR I 91 -48.31 16.61 -41.68
C THR I 91 -46.94 16.91 -42.26
N ALA I 92 -46.11 15.87 -42.43
CA ALA I 92 -44.72 16.08 -42.79
C ALA I 92 -44.14 14.76 -43.32
N VAL I 93 -42.89 14.84 -43.76
CA VAL I 93 -42.08 13.67 -44.11
C VAL I 93 -41.10 13.44 -42.97
N TYR I 94 -41.01 12.20 -42.50
CA TYR I 94 -40.25 11.87 -41.29
C TYR I 94 -39.02 11.09 -41.70
N TYR I 95 -37.85 11.66 -41.47
CA TYR I 95 -36.57 11.06 -41.84
C TYR I 95 -35.86 10.51 -40.61
N CYS I 96 -35.24 9.35 -40.77
CA CYS I 96 -34.40 8.77 -39.72
C CYS I 96 -32.94 8.93 -40.11
N ALA I 97 -32.12 9.38 -39.16
CA ALA I 97 -30.70 9.62 -39.40
C ALA I 97 -29.89 8.96 -38.30
N ARG I 98 -28.84 8.24 -38.69
CA ARG I 98 -28.01 7.51 -37.75
C ARG I 98 -27.21 8.46 -36.87
N ASP I 99 -26.92 8.02 -35.65
CA ASP I 99 -26.25 8.82 -34.63
C ASP I 99 -25.36 7.93 -33.77
N PRO I 100 -24.42 8.51 -33.03
CA PRO I 100 -23.58 7.70 -32.14
C PRO I 100 -24.41 7.07 -31.04
N PRO I 101 -23.93 5.97 -30.46
CA PRO I 101 -24.72 5.27 -29.43
C PRO I 101 -24.78 5.98 -28.09
N ALA I 102 -24.20 7.16 -27.96
CA ALA I 102 -24.22 7.88 -26.69
C ALA I 102 -24.16 9.38 -26.97
N SER I 103 -24.27 10.16 -25.90
CA SER I 103 -24.27 11.61 -26.01
C SER I 103 -22.90 12.08 -26.48
N ALA I 104 -22.83 12.47 -27.75
CA ALA I 104 -21.58 12.87 -28.39
C ALA I 104 -21.94 13.72 -29.60
N ALA I 105 -20.95 13.96 -30.46
CA ALA I 105 -21.17 14.76 -31.65
C ALA I 105 -22.15 14.07 -32.59
N ALA I 106 -23.13 14.82 -33.07
CA ALA I 106 -24.14 14.26 -33.96
C ALA I 106 -23.53 13.93 -35.33
N MET I 107 -23.97 12.83 -35.91
CA MET I 107 -23.47 12.38 -37.20
C MET I 107 -24.45 12.64 -38.33
N PHE I 108 -25.65 12.07 -38.25
CA PHE I 108 -26.66 12.14 -39.31
C PHE I 108 -26.08 11.74 -40.66
N ASP I 109 -25.30 10.65 -40.66
CA ASP I 109 -24.60 10.27 -41.88
C ASP I 109 -25.51 9.61 -42.91
N TYR I 110 -26.44 8.76 -42.48
CA TYR I 110 -27.29 7.99 -43.38
C TYR I 110 -28.75 8.35 -43.12
N TRP I 111 -29.50 8.61 -44.21
CA TRP I 111 -30.87 9.07 -44.11
C TRP I 111 -31.81 8.10 -44.83
N GLY I 112 -32.94 7.81 -44.18
CA GLY I 112 -33.95 6.99 -44.81
C GLY I 112 -34.71 7.75 -45.88
N GLN I 113 -35.43 7.00 -46.71
CA GLN I 113 -36.13 7.59 -47.84
C GLN I 113 -37.35 8.40 -47.41
N GLY I 114 -37.86 8.18 -46.21
CA GLY I 114 -38.93 9.00 -45.69
C GLY I 114 -40.23 8.28 -45.45
N THR I 115 -41.12 8.93 -44.70
CA THR I 115 -42.46 8.38 -44.43
C THR I 115 -43.41 9.57 -44.35
N LEU I 116 -44.29 9.70 -45.33
CA LEU I 116 -45.20 10.84 -45.41
C LEU I 116 -46.44 10.53 -44.59
N VAL I 117 -46.54 11.12 -43.40
CA VAL I 117 -47.70 10.98 -42.53
C VAL I 117 -48.53 12.25 -42.67
N THR I 118 -49.73 12.11 -43.21
CA THR I 118 -50.63 13.24 -43.45
C THR I 118 -51.91 13.05 -42.66
N VAL I 119 -52.36 14.11 -42.00
CA VAL I 119 -53.62 14.13 -41.27
C VAL I 119 -54.51 15.22 -41.86
N SER I 120 -55.66 14.82 -42.38
CA SER I 120 -56.59 15.75 -43.00
C SER I 120 -58.02 15.40 -42.59
N SER I 121 -58.88 16.40 -42.61
CA SER I 121 -60.29 16.20 -42.28
C SER I 121 -61.02 15.55 -43.45
N ASP J 1 7.76 44.15 14.12
CA ASP J 1 6.76 44.96 14.80
C ASP J 1 6.22 46.04 13.86
N VAL J 2 5.01 46.52 14.12
CA VAL J 2 4.39 47.55 13.32
C VAL J 2 3.88 48.66 14.23
N VAL J 3 3.79 49.87 13.66
CA VAL J 3 3.35 51.06 14.38
C VAL J 3 2.28 51.75 13.55
N MET J 4 1.21 52.18 14.21
CA MET J 4 0.12 52.89 13.54
C MET J 4 0.08 54.33 14.01
N THR J 5 -0.14 55.25 13.06
CA THR J 5 -0.31 56.67 13.35
C THR J 5 -1.75 57.05 13.08
N GLN J 6 -2.44 57.53 14.12
CA GLN J 6 -3.85 57.93 14.04
C GLN J 6 -3.87 59.43 13.76
N SER J 7 -4.09 59.77 12.49
CA SER J 7 -3.87 61.14 12.01
C SER J 7 -4.70 62.22 12.70
N PRO J 8 -6.05 62.10 12.87
CA PRO J 8 -6.79 63.22 13.46
C PRO J 8 -6.68 63.29 14.98
N LEU J 9 -5.60 63.93 15.46
CA LEU J 9 -5.29 63.94 16.89
C LEU J 9 -6.39 64.56 17.74
N SER J 10 -7.10 65.56 17.20
CA SER J 10 -8.21 66.19 17.90
C SER J 10 -9.45 66.15 17.01
N LEU J 11 -10.61 66.04 17.65
CA LEU J 11 -11.89 65.93 16.95
C LEU J 11 -12.87 66.95 17.48
N PRO J 12 -12.76 68.21 17.05
CA PRO J 12 -13.87 69.16 17.27
C PRO J 12 -15.02 68.84 16.34
N VAL J 13 -16.21 68.65 16.92
CA VAL J 13 -17.37 68.20 16.16
C VAL J 13 -18.56 69.10 16.47
N THR J 14 -19.49 69.14 15.52
CA THR J 14 -20.78 69.79 15.69
C THR J 14 -21.87 68.73 15.63
N LEU J 15 -22.90 68.89 16.47
CA LEU J 15 -23.95 67.88 16.59
C LEU J 15 -24.68 67.70 15.26
N GLY J 16 -24.88 66.45 14.87
CA GLY J 16 -25.50 66.11 13.61
C GLY J 16 -24.55 65.97 12.44
N GLN J 17 -23.33 66.48 12.56
CA GLN J 17 -22.33 66.33 11.51
C GLN J 17 -21.59 65.00 11.67
N PRO J 18 -21.13 64.41 10.56
CA PRO J 18 -20.34 63.19 10.66
C PRO J 18 -18.88 63.47 10.98
N ALA J 19 -18.23 62.46 11.55
CA ALA J 19 -16.82 62.54 11.94
C ALA J 19 -16.09 61.29 11.48
N SER J 20 -14.87 61.47 10.99
CA SER J 20 -14.05 60.38 10.48
C SER J 20 -12.72 60.31 11.23
N ILE J 21 -12.31 59.09 11.57
CA ILE J 21 -11.03 58.83 12.22
C ILE J 21 -10.26 57.84 11.38
N SER J 22 -9.03 58.20 11.01
CA SER J 22 -8.19 57.35 10.18
C SER J 22 -6.88 57.05 10.89
N CYS J 23 -6.38 55.83 10.71
CA CYS J 23 -5.08 55.45 11.27
C CYS J 23 -4.35 54.57 10.24
N ARG J 24 -3.24 55.09 9.73
CA ARG J 24 -2.43 54.37 8.75
C ARG J 24 -1.56 53.33 9.46
N SER J 25 -1.07 52.37 8.67
CA SER J 25 -0.24 51.29 9.20
C SER J 25 1.03 51.18 8.38
N SER J 26 2.10 50.73 9.03
CA SER J 26 3.40 50.62 8.38
C SER J 26 3.54 49.38 7.50
N GLN J 27 2.62 48.42 7.61
CA GLN J 27 2.67 47.21 6.81
C GLN J 27 1.25 46.85 6.36
N SER J 28 1.17 45.92 5.41
CA SER J 28 -0.12 45.39 4.99
C SER J 28 -0.64 44.42 6.04
N LEU J 29 -1.94 44.51 6.32
CA LEU J 29 -2.55 43.72 7.37
C LEU J 29 -3.10 42.39 6.89
N VAL J 30 -2.91 42.07 5.61
CA VAL J 30 -3.42 40.80 5.09
C VAL J 30 -2.63 39.66 5.71
N TYR J 31 -3.31 38.84 6.50
CA TYR J 31 -2.68 37.65 7.04
C TYR J 31 -2.53 36.61 5.93
N SER J 32 -1.72 35.59 6.18
CA SER J 32 -1.56 34.52 5.19
C SER J 32 -2.89 33.86 4.90
N ASP J 33 -3.71 33.68 5.93
CA ASP J 33 -5.09 33.27 5.80
C ASP J 33 -5.88 34.57 5.60
N GLY J 34 -6.27 34.86 4.36
CA GLY J 34 -6.43 36.22 3.89
C GLY J 34 -7.59 37.08 4.37
N ASP J 35 -7.53 37.54 5.62
CA ASP J 35 -8.40 38.57 6.16
C ASP J 35 -7.57 39.70 6.76
N THR J 36 -8.10 40.92 6.69
CA THR J 36 -7.45 42.07 7.30
C THR J 36 -8.07 42.29 8.67
N TYR J 37 -7.24 42.23 9.71
CA TYR J 37 -7.70 42.27 11.09
C TYR J 37 -7.30 43.61 11.71
N LEU J 38 -8.19 44.59 11.62
CA LEU J 38 -8.05 45.83 12.37
C LEU J 38 -9.38 46.17 13.00
N SER J 39 -9.37 46.47 14.30
CA SER J 39 -10.57 46.67 15.09
C SER J 39 -10.55 48.04 15.72
N TRP J 40 -11.74 48.57 16.00
CA TRP J 40 -11.89 49.89 16.61
C TRP J 40 -12.61 49.77 17.93
N PHE J 41 -12.09 50.42 18.97
CA PHE J 41 -12.68 50.39 20.30
C PHE J 41 -13.10 51.78 20.72
N GLN J 42 -14.14 51.86 21.55
CA GLN J 42 -14.62 53.11 22.11
C GLN J 42 -14.48 53.03 23.62
N GLN J 43 -13.94 54.10 24.22
CA GLN J 43 -13.74 54.16 25.67
C GLN J 43 -14.44 55.39 26.21
N ARG J 44 -15.44 55.17 27.05
CA ARG J 44 -16.10 56.25 27.75
C ARG J 44 -15.26 56.69 28.95
N PRO J 45 -15.34 57.96 29.34
CA PRO J 45 -14.60 58.42 30.52
C PRO J 45 -15.07 57.71 31.78
N GLY J 46 -14.12 57.08 32.48
CA GLY J 46 -14.42 56.39 33.72
C GLY J 46 -15.13 55.05 33.55
N GLN J 47 -15.17 54.51 32.33
CA GLN J 47 -15.84 53.25 32.07
C GLN J 47 -14.92 52.33 31.28
N SER J 48 -15.30 51.05 31.24
CA SER J 48 -14.53 50.07 30.49
C SER J 48 -14.70 50.30 29.00
N PRO J 49 -13.66 50.06 28.20
CA PRO J 49 -13.81 50.15 26.74
C PRO J 49 -14.66 49.01 26.20
N ARG J 50 -15.16 49.21 24.99
CA ARG J 50 -15.99 48.21 24.31
C ARG J 50 -15.67 48.24 22.82
N ARG J 51 -15.65 47.06 22.20
CA ARG J 51 -15.40 46.97 20.77
C ARG J 51 -16.60 47.44 19.97
N LEU J 52 -16.33 48.20 18.91
CA LEU J 52 -17.35 48.64 17.97
C LEU J 52 -17.25 47.91 16.64
N ILE J 53 -16.06 47.87 16.06
CA ILE J 53 -15.81 47.33 14.73
C ILE J 53 -14.79 46.21 14.89
N TYR J 54 -15.12 45.00 14.42
CA TYR J 54 -14.22 43.88 14.67
C TYR J 54 -13.32 43.53 13.50
N LYS J 55 -13.83 43.64 12.27
CA LYS J 55 -12.99 43.64 11.08
C LYS J 55 -13.40 44.84 10.24
N VAL J 56 -12.59 45.15 9.23
CA VAL J 56 -12.81 46.36 8.44
C VAL J 56 -14.17 46.28 7.76
N SER J 57 -15.00 47.31 7.97
CA SER J 57 -16.36 47.43 7.46
C SER J 57 -17.31 46.37 8.02
N ASN J 58 -16.94 45.75 9.15
CA ASN J 58 -17.79 44.78 9.83
C ASN J 58 -18.22 45.36 11.17
N ARG J 59 -19.50 45.22 11.50
CA ARG J 59 -20.08 45.82 12.69
C ARG J 59 -20.34 44.75 13.74
N ASP J 60 -19.91 45.01 14.97
CA ASP J 60 -20.08 44.04 16.05
C ASP J 60 -21.53 44.00 16.52
N SER J 61 -21.91 42.86 17.10
CA SER J 61 -23.26 42.68 17.60
C SER J 61 -23.52 43.59 18.80
N GLY J 62 -24.73 44.14 18.85
CA GLY J 62 -25.09 45.09 19.89
C GLY J 62 -24.65 46.52 19.64
N VAL J 63 -23.80 46.75 18.66
CA VAL J 63 -23.36 48.08 18.26
C VAL J 63 -24.42 48.66 17.34
N PRO J 64 -24.85 49.92 17.53
CA PRO J 64 -25.82 50.51 16.61
C PRO J 64 -25.26 50.66 15.21
N ASP J 65 -26.15 50.65 14.22
CA ASP J 65 -25.78 50.71 12.81
C ASP J 65 -25.19 52.07 12.41
N ARG J 66 -25.12 53.03 13.33
CA ARG J 66 -24.55 54.33 13.03
C ARG J 66 -23.05 54.24 12.77
N PHE J 67 -22.34 53.38 13.51
CA PHE J 67 -20.91 53.19 13.31
C PHE J 67 -20.66 52.28 12.11
N SER J 68 -19.76 52.69 11.23
CA SER J 68 -19.42 51.91 10.04
C SER J 68 -17.94 52.03 9.75
N GLY J 69 -17.31 50.91 9.41
CA GLY J 69 -15.92 50.89 9.02
C GLY J 69 -15.75 50.95 7.51
N SER J 70 -14.54 51.29 7.08
CA SER J 70 -14.22 51.41 5.66
C SER J 70 -12.72 51.33 5.48
N GLY J 71 -12.30 51.09 4.25
CA GLY J 71 -10.89 51.03 3.88
C GLY J 71 -10.45 49.61 3.61
N SER J 72 -9.20 49.50 3.18
CA SER J 72 -8.59 48.20 2.91
C SER J 72 -7.08 48.35 2.80
N GLY J 73 -6.38 47.28 3.16
CA GLY J 73 -4.94 47.17 2.95
C GLY J 73 -4.09 47.87 3.97
N THR J 74 -3.96 49.20 3.86
CA THR J 74 -3.15 49.98 4.79
C THR J 74 -3.82 51.27 5.27
N ASP J 75 -4.96 51.66 4.70
CA ASP J 75 -5.66 52.87 5.11
C ASP J 75 -7.04 52.46 5.60
N PHE J 76 -7.30 52.64 6.89
CA PHE J 76 -8.57 52.28 7.50
C PHE J 76 -9.20 53.52 8.11
N THR J 77 -10.52 53.59 8.03
CA THR J 77 -11.26 54.77 8.47
C THR J 77 -12.58 54.37 9.09
N LEU J 78 -12.86 54.90 10.27
CA LEU J 78 -14.14 54.71 10.94
C LEU J 78 -14.97 55.98 10.78
N LYS J 79 -16.18 55.83 10.26
CA LYS J 79 -17.08 56.94 10.01
C LYS J 79 -18.28 56.85 10.96
N ILE J 80 -18.47 57.89 11.76
CA ILE J 80 -19.66 58.03 12.60
C ILE J 80 -20.64 58.93 11.87
N SER J 81 -21.84 58.42 11.61
CA SER J 81 -22.80 59.18 10.80
C SER J 81 -23.27 60.44 11.52
N ARG J 82 -23.55 60.34 12.82
CA ARG J 82 -24.00 61.48 13.62
C ARG J 82 -23.34 61.40 14.98
N VAL J 83 -22.93 62.55 15.51
CA VAL J 83 -22.32 62.62 16.83
C VAL J 83 -23.39 63.04 17.83
N GLU J 84 -23.39 62.38 18.99
CA GLU J 84 -24.38 62.62 20.04
C GLU J 84 -23.66 62.78 21.37
N ALA J 85 -24.44 62.96 22.43
CA ALA J 85 -23.88 63.11 23.77
C ALA J 85 -23.23 61.82 24.26
N GLU J 86 -23.72 60.67 23.80
CA GLU J 86 -23.23 59.37 24.24
C GLU J 86 -22.07 58.86 23.39
N ASP J 87 -21.49 59.71 22.54
CA ASP J 87 -20.34 59.33 21.72
C ASP J 87 -19.05 60.01 22.16
N VAL J 88 -19.08 60.80 23.24
CA VAL J 88 -17.88 61.47 23.72
C VAL J 88 -16.93 60.44 24.32
N GLY J 89 -15.68 60.45 23.88
CA GLY J 89 -14.70 59.52 24.40
C GLY J 89 -13.47 59.47 23.52
N VAL J 90 -12.70 58.41 23.66
CA VAL J 90 -11.49 58.19 22.88
C VAL J 90 -11.60 56.87 22.15
N TYR J 91 -10.96 56.81 20.98
CA TYR J 91 -11.05 55.65 20.09
C TYR J 91 -9.66 55.12 19.80
N TYR J 92 -9.54 53.79 19.72
CA TYR J 92 -8.29 53.12 19.45
C TYR J 92 -8.48 52.15 18.29
N CYS J 93 -7.57 52.19 17.32
CA CYS J 93 -7.51 51.11 16.35
C CYS J 93 -6.41 50.13 16.75
N MET J 94 -6.64 48.84 16.45
CA MET J 94 -5.76 47.77 16.90
C MET J 94 -5.61 46.75 15.80
N GLN J 95 -4.38 46.31 15.56
CA GLN J 95 -4.09 45.29 14.57
C GLN J 95 -3.80 43.97 15.27
N GLY J 96 -4.38 42.89 14.76
CA GLY J 96 -4.20 41.58 15.36
C GLY J 96 -3.33 40.67 14.53
N THR J 97 -2.93 41.14 13.35
CA THR J 97 -2.21 40.30 12.41
C THR J 97 -0.82 39.94 12.92
N HIS J 98 -0.07 40.93 13.41
CA HIS J 98 1.32 40.76 13.78
C HIS J 98 1.50 40.93 15.29
N TRP J 99 2.36 40.10 15.87
CA TRP J 99 2.76 40.32 17.25
C TRP J 99 3.82 41.41 17.32
N PRO J 100 3.69 42.37 18.24
CA PRO J 100 2.61 42.59 19.20
C PRO J 100 1.48 43.45 18.64
N PRO J 101 0.24 43.26 19.09
CA PRO J 101 -0.83 44.20 18.74
C PRO J 101 -0.52 45.58 19.30
N ALA J 102 -0.86 46.61 18.52
CA ALA J 102 -0.58 47.98 18.91
C ALA J 102 -1.86 48.81 18.83
N PHE J 103 -1.83 49.96 19.49
CA PHE J 103 -2.98 50.85 19.60
C PHE J 103 -2.59 52.24 19.13
N GLY J 104 -3.60 53.02 18.76
CA GLY J 104 -3.38 54.38 18.33
C GLY J 104 -3.09 55.31 19.49
N GLN J 105 -2.93 56.60 19.14
CA GLN J 105 -2.62 57.63 20.11
C GLN J 105 -3.77 57.95 21.05
N GLY J 106 -4.96 57.42 20.81
CA GLY J 106 -6.11 57.70 21.66
C GLY J 106 -6.70 59.07 21.44
N THR J 107 -7.25 59.29 20.24
CA THR J 107 -7.76 60.60 19.86
C THR J 107 -9.09 60.88 20.56
N LYS J 108 -9.27 62.12 20.99
CA LYS J 108 -10.44 62.51 21.78
C LYS J 108 -11.40 63.35 20.95
N VAL J 109 -12.70 63.08 21.12
CA VAL J 109 -13.76 63.82 20.45
C VAL J 109 -14.47 64.71 21.47
N GLU J 110 -14.64 65.98 21.12
CA GLU J 110 -15.27 66.97 22.00
C GLU J 110 -16.32 67.74 21.23
N ILE J 111 -17.53 67.83 21.81
CA ILE J 111 -18.59 68.62 21.21
C ILE J 111 -18.27 70.10 21.38
N LYS J 112 -18.40 70.86 20.30
CA LYS J 112 -18.17 72.31 20.34
C LYS J 112 -19.22 73.01 21.21
N ASP K 1 27.14 18.87 -33.40
CA ASP K 1 28.52 19.31 -33.18
C ASP K 1 28.60 20.82 -33.17
N VAL K 2 29.62 21.37 -32.50
CA VAL K 2 29.83 22.81 -32.44
C VAL K 2 31.27 23.11 -32.83
N VAL K 3 31.48 24.34 -33.31
CA VAL K 3 32.78 24.82 -33.75
C VAL K 3 33.05 26.16 -33.10
N MET K 4 34.26 26.35 -32.59
CA MET K 4 34.67 27.60 -31.98
C MET K 4 35.72 28.29 -32.83
N THR K 5 35.56 29.60 -33.02
CA THR K 5 36.54 30.43 -33.72
C THR K 5 37.24 31.32 -32.70
N GLN K 6 38.56 31.18 -32.62
CA GLN K 6 39.38 31.94 -31.67
C GLN K 6 39.92 33.15 -32.41
N SER K 7 39.30 34.31 -32.16
CA SER K 7 39.49 35.48 -33.02
C SER K 7 40.91 36.03 -33.06
N PRO K 8 41.63 36.28 -31.93
CA PRO K 8 42.94 36.95 -32.08
C PRO K 8 44.08 35.99 -32.46
N LEU K 9 44.19 35.73 -33.77
CA LEU K 9 45.06 34.67 -34.28
C LEU K 9 46.53 34.90 -33.92
N SER K 10 46.97 36.15 -33.84
CA SER K 10 48.31 36.47 -33.39
C SER K 10 48.21 37.44 -32.22
N LEU K 11 49.16 37.31 -31.28
CA LEU K 11 49.17 38.10 -30.05
C LEU K 11 50.53 38.76 -29.86
N PRO K 12 50.81 39.86 -30.57
CA PRO K 12 51.97 40.67 -30.23
C PRO K 12 51.70 41.44 -28.94
N VAL K 13 52.62 41.30 -27.97
CA VAL K 13 52.42 41.90 -26.65
C VAL K 13 53.67 42.67 -26.24
N THR K 14 53.46 43.60 -25.33
CA THR K 14 54.54 44.34 -24.68
C THR K 14 54.52 44.00 -23.20
N LEU K 15 55.71 43.85 -22.62
CA LEU K 15 55.84 43.40 -21.23
C LEU K 15 55.16 44.38 -20.28
N GLY K 16 54.37 43.83 -19.35
CA GLY K 16 53.61 44.62 -18.41
C GLY K 16 52.24 45.02 -18.88
N GLN K 17 51.95 44.92 -20.18
CA GLN K 17 50.63 45.21 -20.71
C GLN K 17 49.74 43.98 -20.61
N PRO K 18 48.43 44.16 -20.45
CA PRO K 18 47.51 43.01 -20.45
C PRO K 18 47.18 42.55 -21.86
N ALA K 19 46.80 41.28 -21.94
CA ALA K 19 46.45 40.65 -23.21
C ALA K 19 45.17 39.85 -23.03
N SER K 20 44.30 39.89 -24.04
CA SER K 20 43.01 39.22 -24.00
C SER K 20 42.88 38.26 -25.18
N ILE K 21 42.35 37.07 -24.90
CA ILE K 21 42.10 36.04 -25.91
C ILE K 21 40.64 35.64 -25.81
N SER K 22 39.92 35.70 -26.92
CA SER K 22 38.49 35.41 -26.96
C SER K 22 38.20 34.37 -28.03
N CYS K 23 37.25 33.47 -27.74
CA CYS K 23 36.79 32.51 -28.72
C CYS K 23 35.28 32.38 -28.63
N ARG K 24 34.59 32.67 -29.73
CA ARG K 24 33.15 32.57 -29.80
C ARG K 24 32.72 31.11 -30.02
N SER K 25 31.46 30.84 -29.69
CA SER K 25 30.91 29.50 -29.83
C SER K 25 29.62 29.57 -30.65
N SER K 26 29.33 28.49 -31.37
CA SER K 26 28.16 28.45 -32.24
C SER K 26 26.88 28.11 -31.50
N GLN K 27 26.95 27.65 -30.26
CA GLN K 27 25.77 27.31 -29.48
C GLN K 27 25.95 27.81 -28.06
N SER K 28 24.85 27.77 -27.30
CA SER K 28 24.91 28.04 -25.87
C SER K 28 25.45 26.83 -25.13
N LEU K 29 26.31 27.08 -24.15
CA LEU K 29 27.05 26.02 -23.48
C LEU K 29 26.34 25.50 -22.24
N VAL K 30 25.17 26.04 -21.92
CA VAL K 30 24.44 25.69 -20.70
C VAL K 30 23.83 24.30 -20.85
N TYR K 31 24.08 23.42 -19.87
CA TYR K 31 23.41 22.13 -19.84
C TYR K 31 21.95 22.29 -19.41
N SER K 32 21.26 21.15 -19.42
CA SER K 32 20.06 21.02 -18.61
C SER K 32 20.40 21.19 -17.14
N ASP K 33 21.57 20.68 -16.72
CA ASP K 33 22.13 20.92 -15.40
C ASP K 33 23.00 22.17 -15.51
N GLY K 34 22.44 23.32 -15.13
CA GLY K 34 22.86 24.58 -15.71
C GLY K 34 24.20 25.20 -15.32
N ASP K 35 25.30 24.65 -15.83
CA ASP K 35 26.61 25.27 -15.77
C ASP K 35 27.17 25.44 -17.18
N THR K 36 28.00 26.46 -17.36
CA THR K 36 28.72 26.69 -18.61
C THR K 36 30.11 26.08 -18.50
N TYR K 37 30.40 25.12 -19.37
CA TYR K 37 31.64 24.34 -19.32
C TYR K 37 32.51 24.70 -20.51
N LEU K 38 33.37 25.70 -20.32
CA LEU K 38 34.46 25.96 -21.24
C LEU K 38 35.73 26.23 -20.45
N SER K 39 36.83 25.62 -20.89
CA SER K 39 38.09 25.64 -20.17
C SER K 39 39.19 26.18 -21.07
N TRP K 40 40.23 26.76 -20.46
CA TRP K 40 41.35 27.32 -21.19
C TRP K 40 42.63 26.61 -20.78
N PHE K 41 43.43 26.23 -21.77
CA PHE K 41 44.69 25.51 -21.54
C PHE K 41 45.86 26.35 -22.05
N GLN K 42 47.02 26.15 -21.43
CA GLN K 42 48.25 26.77 -21.84
C GLN K 42 49.25 25.69 -22.20
N GLN K 43 49.94 25.86 -23.33
CA GLN K 43 50.92 24.89 -23.80
C GLN K 43 52.25 25.59 -24.01
N ARG K 44 53.24 25.20 -23.22
CA ARG K 44 54.60 25.67 -23.41
C ARG K 44 55.27 24.92 -24.56
N PRO K 45 56.19 25.57 -25.28
CA PRO K 45 56.88 24.88 -26.37
C PRO K 45 57.71 23.71 -25.86
N GLY K 46 57.52 22.55 -26.48
CA GLY K 46 58.26 21.36 -26.10
C GLY K 46 57.87 20.77 -24.75
N GLN K 47 56.73 21.17 -24.20
CA GLN K 47 56.28 20.69 -22.91
C GLN K 47 54.82 20.28 -22.99
N SER K 48 54.37 19.54 -21.99
CA SER K 48 52.98 19.14 -21.92
C SER K 48 52.10 20.34 -21.59
N PRO K 49 50.88 20.37 -22.13
CA PRO K 49 49.94 21.44 -21.78
C PRO K 49 49.43 21.27 -20.35
N ARG K 50 48.88 22.36 -19.82
CA ARG K 50 48.32 22.36 -18.48
C ARG K 50 47.11 23.28 -18.45
N ARG K 51 46.07 22.86 -17.73
CA ARG K 51 44.87 23.68 -17.61
C ARG K 51 45.12 24.89 -16.72
N LEU K 52 44.57 26.03 -17.13
CA LEU K 52 44.57 27.25 -16.32
C LEU K 52 43.21 27.55 -15.74
N ILE K 53 42.17 27.55 -16.58
CA ILE K 53 40.82 27.97 -16.23
C ILE K 53 39.91 26.78 -16.48
N TYR K 54 39.16 26.36 -15.46
CA TYR K 54 38.36 25.14 -15.61
C TYR K 54 36.88 25.42 -15.90
N LYS K 55 36.30 26.45 -15.31
CA LYS K 55 35.02 26.98 -15.73
C LYS K 55 35.18 28.48 -15.94
N VAL K 56 34.19 29.10 -16.57
CA VAL K 56 34.27 30.51 -16.88
C VAL K 56 34.41 31.31 -15.60
N SER K 57 35.47 32.13 -15.52
CA SER K 57 35.82 32.97 -14.38
C SER K 57 36.19 32.14 -13.14
N ASN K 58 36.51 30.86 -13.32
CA ASN K 58 36.98 30.00 -12.24
C ASN K 58 38.44 29.66 -12.49
N ARG K 59 39.26 29.72 -11.44
CA ARG K 59 40.70 29.54 -11.55
C ARG K 59 41.09 28.19 -10.95
N ASP K 60 41.91 27.44 -11.68
CA ASP K 60 42.34 26.12 -11.23
C ASP K 60 43.38 26.23 -10.12
N SER K 61 43.46 25.17 -9.31
CA SER K 61 44.40 25.14 -8.20
C SER K 61 45.84 25.06 -8.73
N GLY K 62 46.73 25.79 -8.06
CA GLY K 62 48.11 25.89 -8.49
C GLY K 62 48.37 26.90 -9.59
N VAL K 63 47.32 27.43 -10.21
CA VAL K 63 47.45 28.48 -11.22
C VAL K 63 47.59 29.81 -10.48
N PRO K 64 48.51 30.68 -10.89
CA PRO K 64 48.60 32.00 -10.25
C PRO K 64 47.36 32.83 -10.51
N ASP K 65 47.08 33.76 -9.59
CA ASP K 65 45.90 34.62 -9.66
C ASP K 65 45.96 35.62 -10.80
N ARG K 66 47.05 35.64 -11.58
CA ARG K 66 47.17 36.54 -12.71
C ARG K 66 46.16 36.20 -13.81
N PHE K 67 45.95 34.92 -14.06
CA PHE K 67 44.99 34.50 -15.09
C PHE K 67 43.57 34.55 -14.55
N SER K 68 42.67 35.17 -15.31
CA SER K 68 41.28 35.29 -14.92
C SER K 68 40.37 35.11 -16.12
N GLY K 69 39.29 34.35 -15.94
CA GLY K 69 38.31 34.19 -16.99
C GLY K 69 37.15 35.16 -16.86
N SER K 70 36.40 35.31 -17.96
CA SER K 70 35.27 36.22 -17.99
C SER K 70 34.37 35.83 -19.15
N GLY K 71 33.14 36.33 -19.11
CA GLY K 71 32.16 36.10 -20.15
C GLY K 71 31.06 35.16 -19.67
N SER K 72 30.08 34.96 -20.55
CA SER K 72 28.97 34.07 -20.27
C SER K 72 28.22 33.76 -21.56
N GLY K 73 27.64 32.57 -21.63
CA GLY K 73 26.74 32.19 -22.70
C GLY K 73 27.39 31.74 -23.99
N THR K 74 27.89 32.70 -24.78
CA THR K 74 28.52 32.38 -26.05
C THR K 74 29.81 33.15 -26.29
N ASP K 75 30.17 34.13 -25.47
CA ASP K 75 31.39 34.90 -25.63
C ASP K 75 32.22 34.73 -24.37
N PHE K 76 33.38 34.08 -24.50
CA PHE K 76 34.27 33.82 -23.38
C PHE K 76 35.63 34.44 -23.68
N THR K 77 36.26 34.98 -22.64
CA THR K 77 37.50 35.71 -22.79
C THR K 77 38.42 35.46 -21.60
N LEU K 78 39.67 35.12 -21.87
CA LEU K 78 40.69 34.97 -20.85
C LEU K 78 41.58 36.21 -20.87
N LYS K 79 41.71 36.85 -19.72
CA LYS K 79 42.51 38.06 -19.57
C LYS K 79 43.74 37.77 -18.72
N ILE K 80 44.92 37.97 -19.31
CA ILE K 80 46.17 37.92 -18.57
C ILE K 80 46.53 39.34 -18.18
N SER K 81 46.64 39.60 -16.87
CA SER K 81 46.89 40.95 -16.39
C SER K 81 48.26 41.46 -16.81
N ARG K 82 49.28 40.62 -16.73
CA ARG K 82 50.63 41.00 -17.12
C ARG K 82 51.28 39.84 -17.86
N VAL K 83 52.01 40.14 -18.93
CA VAL K 83 52.72 39.14 -19.70
C VAL K 83 54.18 39.11 -19.26
N GLU K 84 54.73 37.90 -19.14
CA GLU K 84 56.09 37.68 -18.70
C GLU K 84 56.78 36.72 -19.66
N ALA K 85 58.04 36.38 -19.35
CA ALA K 85 58.78 35.44 -20.17
C ALA K 85 58.20 34.03 -20.09
N GLU K 86 57.57 33.69 -18.97
CA GLU K 86 57.02 32.35 -18.75
C GLU K 86 55.59 32.21 -19.24
N ASP K 87 55.08 33.17 -20.00
CA ASP K 87 53.74 33.09 -20.56
C ASP K 87 53.74 32.84 -22.06
N VAL K 88 54.90 32.67 -22.68
CA VAL K 88 54.96 32.42 -24.12
C VAL K 88 54.45 31.02 -24.42
N GLY K 89 53.51 30.93 -25.36
CA GLY K 89 52.96 29.64 -25.73
C GLY K 89 51.70 29.81 -26.56
N VAL K 90 50.91 28.74 -26.62
CA VAL K 90 49.65 28.73 -27.34
C VAL K 90 48.54 28.36 -26.38
N TYR K 91 47.35 28.89 -26.64
CA TYR K 91 46.20 28.70 -25.76
C TYR K 91 45.04 28.07 -26.52
N TYR K 92 44.34 27.17 -25.85
CA TYR K 92 43.22 26.41 -26.39
C TYR K 92 42.00 26.63 -25.51
N CYS K 93 40.88 27.03 -26.09
CA CYS K 93 39.62 26.93 -25.38
C CYS K 93 38.91 25.65 -25.80
N MET K 94 38.24 25.01 -24.84
CA MET K 94 37.62 23.71 -25.06
C MET K 94 36.24 23.70 -24.45
N GLN K 95 35.27 23.19 -25.20
CA GLN K 95 33.90 23.05 -24.73
C GLN K 95 33.64 21.60 -24.36
N GLY K 96 32.98 21.39 -23.24
CA GLY K 96 32.68 20.05 -22.77
C GLY K 96 31.22 19.69 -22.97
N THR K 97 30.44 20.65 -23.48
CA THR K 97 28.99 20.49 -23.54
C THR K 97 28.56 19.42 -24.54
N HIS K 98 29.07 19.48 -25.77
CA HIS K 98 28.62 18.60 -26.84
C HIS K 98 29.73 17.65 -27.25
N TRP K 99 29.36 16.40 -27.50
CA TRP K 99 30.31 15.51 -28.16
C TRP K 99 30.36 15.84 -29.65
N PRO K 100 31.55 15.99 -30.23
CA PRO K 100 32.89 15.96 -29.62
C PRO K 100 33.33 17.29 -29.03
N PRO K 101 34.17 17.27 -27.98
CA PRO K 101 34.81 18.51 -27.54
C PRO K 101 35.71 19.07 -28.63
N ALA K 102 35.78 20.40 -28.71
CA ALA K 102 36.52 21.06 -29.77
C ALA K 102 37.52 22.03 -29.18
N PHE K 103 38.48 22.43 -29.99
CA PHE K 103 39.56 23.32 -29.58
C PHE K 103 39.70 24.46 -30.57
N GLY K 104 40.33 25.54 -30.11
CA GLY K 104 40.59 26.68 -30.96
C GLY K 104 41.75 26.45 -31.92
N GLN K 105 42.03 27.48 -32.71
CA GLN K 105 43.09 27.42 -33.72
C GLN K 105 44.50 27.44 -33.11
N GLY K 106 44.63 27.71 -31.82
CA GLY K 106 45.95 27.80 -31.22
C GLY K 106 46.65 29.12 -31.48
N THR K 107 46.14 30.18 -30.86
CA THR K 107 46.75 31.49 -31.03
C THR K 107 48.05 31.57 -30.24
N LYS K 108 49.07 32.18 -30.84
CA LYS K 108 50.40 32.24 -30.27
C LYS K 108 50.71 33.65 -29.78
N VAL K 109 51.30 33.74 -28.59
CA VAL K 109 51.69 35.01 -27.99
C VAL K 109 53.20 35.15 -28.10
N GLU K 110 53.65 36.28 -28.62
CA GLU K 110 55.06 36.55 -28.83
C GLU K 110 55.40 37.92 -28.26
N ILE K 111 56.47 37.98 -27.47
CA ILE K 111 56.93 39.24 -26.91
C ILE K 111 57.59 40.05 -28.02
N LYS K 112 57.20 41.32 -28.13
CA LYS K 112 57.79 42.22 -29.12
C LYS K 112 59.27 42.46 -28.84
N ASP L 1 -29.19 26.35 -25.86
CA ASP L 1 -29.45 26.03 -27.25
C ASP L 1 -28.77 27.04 -28.17
N VAL L 2 -28.51 26.65 -29.42
CA VAL L 2 -27.88 27.53 -30.39
C VAL L 2 -28.74 27.55 -31.66
N VAL L 3 -28.62 28.65 -32.40
CA VAL L 3 -29.36 28.86 -33.64
C VAL L 3 -28.37 29.27 -34.72
N MET L 4 -28.52 28.69 -35.91
CA MET L 4 -27.67 29.02 -37.05
C MET L 4 -28.48 29.70 -38.14
N THR L 5 -27.89 30.73 -38.74
CA THR L 5 -28.48 31.43 -39.87
C THR L 5 -27.67 31.13 -41.11
N GLN L 6 -28.33 30.58 -42.13
CA GLN L 6 -27.69 30.23 -43.40
C GLN L 6 -27.93 31.41 -44.34
N SER L 7 -26.91 32.24 -44.49
CA SER L 7 -27.07 33.56 -45.10
C SER L 7 -27.56 33.55 -46.55
N PRO L 8 -26.96 32.77 -47.50
CA PRO L 8 -27.40 32.91 -48.89
C PRO L 8 -28.70 32.17 -49.19
N LEU L 9 -29.85 32.81 -48.90
CA LEU L 9 -31.15 32.13 -48.94
C LEU L 9 -31.49 31.60 -50.32
N SER L 10 -31.06 32.28 -51.39
CA SER L 10 -31.25 31.79 -52.74
C SER L 10 -29.91 31.73 -53.44
N LEU L 11 -29.75 30.74 -54.31
CA LEU L 11 -28.48 30.48 -55.00
C LEU L 11 -28.72 30.34 -56.50
N PRO L 12 -28.89 31.46 -57.22
CA PRO L 12 -28.85 31.40 -58.69
C PRO L 12 -27.41 31.19 -59.15
N VAL L 13 -27.20 30.19 -60.00
CA VAL L 13 -25.85 29.81 -60.42
C VAL L 13 -25.81 29.71 -61.94
N THR L 14 -24.59 29.84 -62.47
CA THR L 14 -24.31 29.61 -63.87
C THR L 14 -23.37 28.41 -63.98
N LEU L 15 -23.60 27.58 -64.99
CA LEU L 15 -22.85 26.33 -65.13
C LEU L 15 -21.36 26.59 -65.31
N GLY L 16 -20.55 25.85 -64.56
CA GLY L 16 -19.12 26.02 -64.55
C GLY L 16 -18.59 27.02 -63.55
N GLN L 17 -19.45 27.88 -63.01
CA GLN L 17 -19.05 28.82 -61.97
C GLN L 17 -19.13 28.16 -60.60
N PRO L 18 -18.27 28.57 -59.66
CA PRO L 18 -18.36 28.06 -58.29
C PRO L 18 -19.44 28.76 -57.50
N ALA L 19 -19.93 28.07 -56.47
CA ALA L 19 -20.97 28.57 -55.60
C ALA L 19 -20.58 28.34 -54.14
N SER L 20 -20.89 29.31 -53.29
CA SER L 20 -20.53 29.26 -51.88
C SER L 20 -21.78 29.38 -51.02
N ILE L 21 -21.85 28.56 -49.98
CA ILE L 21 -22.94 28.57 -49.01
C ILE L 21 -22.33 28.73 -47.62
N SER L 22 -22.83 29.67 -46.84
CA SER L 22 -22.27 29.99 -45.54
C SER L 22 -23.30 29.73 -44.44
N CYS L 23 -22.81 29.27 -43.28
CA CYS L 23 -23.67 29.00 -42.14
C CYS L 23 -22.97 29.53 -40.89
N ARG L 24 -23.45 30.68 -40.38
CA ARG L 24 -22.92 31.24 -39.16
C ARG L 24 -23.57 30.58 -37.95
N SER L 25 -22.88 30.65 -36.82
CA SER L 25 -23.35 30.04 -35.59
C SER L 25 -23.28 31.05 -34.45
N SER L 26 -24.18 30.89 -33.48
CA SER L 26 -24.26 31.81 -32.36
C SER L 26 -23.26 31.50 -31.24
N GLN L 27 -22.59 30.36 -31.29
CA GLN L 27 -21.61 29.99 -30.27
C GLN L 27 -20.40 29.34 -30.94
N SER L 28 -19.37 29.10 -30.15
CA SER L 28 -18.22 28.35 -30.60
C SER L 28 -18.53 26.86 -30.55
N LEU L 29 -18.11 26.13 -31.58
CA LEU L 29 -18.48 24.72 -31.73
C LEU L 29 -17.45 23.79 -31.10
N VAL L 30 -16.42 24.33 -30.45
CA VAL L 30 -15.34 23.52 -29.90
C VAL L 30 -15.81 22.85 -28.61
N TYR L 31 -15.65 21.54 -28.53
CA TYR L 31 -15.84 20.79 -27.29
C TYR L 31 -14.69 21.03 -26.33
N SER L 32 -14.81 20.45 -25.14
CA SER L 32 -13.64 20.27 -24.29
C SER L 32 -12.63 19.38 -25.02
N ASP L 33 -13.12 18.36 -25.72
CA ASP L 33 -12.36 17.60 -26.70
C ASP L 33 -12.34 18.39 -28.00
N GLY L 34 -11.25 19.11 -28.26
CA GLY L 34 -11.26 20.25 -29.16
C GLY L 34 -11.38 20.01 -30.65
N ASP L 35 -12.56 19.61 -31.12
CA ASP L 35 -12.88 19.53 -32.53
C ASP L 35 -14.17 20.31 -32.80
N THR L 36 -14.27 20.87 -34.00
CA THR L 36 -15.45 21.60 -34.43
C THR L 36 -16.31 20.66 -35.27
N TYR L 37 -17.56 20.47 -34.85
CA TYR L 37 -18.47 19.52 -35.49
C TYR L 37 -19.59 20.30 -36.17
N LEU L 38 -19.41 20.62 -37.45
CA LEU L 38 -20.50 21.05 -38.29
C LEU L 38 -20.44 20.26 -39.58
N SER L 39 -21.62 19.81 -40.04
CA SER L 39 -21.75 18.93 -41.18
C SER L 39 -22.68 19.55 -42.22
N TRP L 40 -22.46 19.19 -43.48
CA TRP L 40 -23.28 19.69 -44.57
C TRP L 40 -23.94 18.51 -45.28
N PHE L 41 -25.25 18.61 -45.49
CA PHE L 41 -26.02 17.56 -46.14
C PHE L 41 -26.59 18.07 -47.44
N GLN L 42 -26.78 17.16 -48.40
CA GLN L 42 -27.38 17.47 -49.68
C GLN L 42 -28.65 16.66 -49.84
N GLN L 43 -29.73 17.30 -50.27
CA GLN L 43 -31.02 16.65 -50.44
C GLN L 43 -31.49 16.85 -51.87
N ARG L 44 -31.59 15.77 -52.63
CA ARG L 44 -32.16 15.82 -53.96
C ARG L 44 -33.69 15.83 -53.86
N PRO L 45 -34.37 16.43 -54.84
CA PRO L 45 -35.84 16.44 -54.80
C PRO L 45 -36.41 15.04 -54.90
N GLY L 46 -37.30 14.71 -53.96
CA GLY L 46 -37.92 13.41 -53.94
C GLY L 46 -37.02 12.26 -53.57
N GLN L 47 -35.86 12.54 -52.98
CA GLN L 47 -34.91 11.51 -52.58
C GLN L 47 -34.44 11.77 -51.16
N SER L 48 -33.83 10.73 -50.58
CA SER L 48 -33.29 10.84 -49.24
C SER L 48 -32.04 11.74 -49.23
N PRO L 49 -31.84 12.50 -48.16
CA PRO L 49 -30.61 13.29 -48.04
C PRO L 49 -29.41 12.41 -47.79
N ARG L 50 -28.23 12.97 -48.04
CA ARG L 50 -26.97 12.27 -47.83
C ARG L 50 -25.92 13.24 -47.34
N ARG L 51 -25.08 12.79 -46.41
CA ARG L 51 -23.99 13.62 -45.90
C ARG L 51 -22.92 13.81 -46.96
N LEU L 52 -22.43 15.04 -47.09
CA LEU L 52 -21.28 15.35 -47.93
C LEU L 52 -20.04 15.66 -47.12
N ILE L 53 -20.16 16.55 -46.15
CA ILE L 53 -19.05 17.05 -45.35
C ILE L 53 -19.36 16.70 -43.90
N TYR L 54 -18.45 15.99 -43.23
CA TYR L 54 -18.75 15.54 -41.86
C TYR L 54 -18.10 16.39 -40.78
N LYS L 55 -16.88 16.87 -41.00
CA LYS L 55 -16.29 17.92 -40.17
C LYS L 55 -15.78 19.00 -41.11
N VAL L 56 -15.44 20.15 -40.54
CA VAL L 56 -15.05 21.29 -41.36
C VAL L 56 -13.82 20.93 -42.18
N SER L 57 -13.90 21.21 -43.49
CA SER L 57 -12.89 20.89 -44.50
C SER L 57 -12.53 19.41 -44.55
N ASN L 58 -13.43 18.54 -44.12
CA ASN L 58 -13.28 17.09 -44.22
C ASN L 58 -14.32 16.53 -45.17
N ARG L 59 -13.91 15.65 -46.07
CA ARG L 59 -14.77 15.13 -47.11
C ARG L 59 -15.14 13.68 -46.82
N ASP L 60 -16.42 13.36 -46.92
CA ASP L 60 -16.91 12.03 -46.62
C ASP L 60 -16.55 11.05 -47.73
N SER L 61 -16.52 9.76 -47.38
CA SER L 61 -16.20 8.72 -48.34
C SER L 61 -17.32 8.57 -49.36
N GLY L 62 -16.94 8.36 -50.62
CA GLY L 62 -17.88 8.28 -51.71
C GLY L 62 -18.34 9.61 -52.26
N VAL L 63 -18.02 10.71 -51.58
CA VAL L 63 -18.33 12.06 -52.06
C VAL L 63 -17.24 12.47 -53.04
N PRO L 64 -17.58 13.05 -54.19
CA PRO L 64 -16.55 13.51 -55.12
C PRO L 64 -15.74 14.65 -54.52
N ASP L 65 -14.49 14.76 -54.98
CA ASP L 65 -13.54 15.75 -54.48
C ASP L 65 -13.93 17.19 -54.84
N ARG L 66 -15.01 17.38 -55.58
CA ARG L 66 -15.45 18.72 -55.96
C ARG L 66 -15.97 19.50 -54.74
N PHE L 67 -16.66 18.83 -53.82
CA PHE L 67 -17.14 19.49 -52.62
C PHE L 67 -16.02 19.64 -51.61
N SER L 68 -15.87 20.84 -51.06
CA SER L 68 -14.82 21.11 -50.08
C SER L 68 -15.36 22.06 -49.02
N GLY L 69 -15.05 21.77 -47.75
CA GLY L 69 -15.41 22.65 -46.67
C GLY L 69 -14.29 23.62 -46.31
N SER L 70 -14.66 24.66 -45.55
CA SER L 70 -13.70 25.67 -45.13
C SER L 70 -14.28 26.43 -43.93
N GLY L 71 -13.41 27.13 -43.23
CA GLY L 71 -13.80 27.95 -42.10
C GLY L 71 -13.33 27.34 -40.79
N SER L 72 -13.58 28.07 -39.70
CA SER L 72 -13.24 27.62 -38.37
C SER L 72 -13.96 28.48 -37.34
N GLY L 73 -14.27 27.88 -36.20
CA GLY L 73 -14.78 28.59 -35.04
C GLY L 73 -16.25 28.92 -35.07
N THR L 74 -16.63 29.95 -35.83
CA THR L 74 -18.03 30.37 -35.92
C THR L 74 -18.50 30.66 -37.33
N ASP L 75 -17.61 30.69 -38.32
CA ASP L 75 -17.97 30.96 -39.71
C ASP L 75 -17.53 29.76 -40.54
N PHE L 76 -18.49 29.02 -41.08
CA PHE L 76 -18.23 27.84 -41.88
C PHE L 76 -18.85 28.00 -43.26
N THR L 77 -18.15 27.51 -44.27
CA THR L 77 -18.57 27.73 -45.65
C THR L 77 -18.25 26.49 -46.48
N LEU L 78 -19.24 26.04 -47.24
CA LEU L 78 -19.06 24.94 -48.20
C LEU L 78 -18.95 25.52 -49.59
N LYS L 79 -17.87 25.18 -50.30
CA LYS L 79 -17.61 25.69 -51.64
C LYS L 79 -17.73 24.53 -52.63
N ILE L 80 -18.64 24.68 -53.58
CA ILE L 80 -18.76 23.76 -54.70
C ILE L 80 -17.97 24.34 -55.87
N SER L 81 -16.98 23.58 -56.35
CA SER L 81 -16.08 24.10 -57.39
C SER L 81 -16.84 24.35 -58.70
N ARG L 82 -17.71 23.43 -59.09
CA ARG L 82 -18.49 23.56 -60.32
C ARG L 82 -19.90 23.06 -60.08
N VAL L 83 -20.88 23.74 -60.65
CA VAL L 83 -22.28 23.33 -60.53
C VAL L 83 -22.67 22.56 -61.79
N GLU L 84 -23.39 21.47 -61.58
CA GLU L 84 -23.83 20.60 -62.66
C GLU L 84 -25.32 20.31 -62.51
N ALA L 85 -25.84 19.48 -63.43
CA ALA L 85 -27.25 19.11 -63.36
C ALA L 85 -27.57 18.25 -62.15
N GLU L 86 -26.59 17.47 -61.67
CA GLU L 86 -26.78 16.56 -60.55
C GLU L 86 -26.51 17.21 -59.20
N ASP L 87 -26.34 18.54 -59.17
CA ASP L 87 -26.12 19.26 -57.91
C ASP L 87 -27.32 20.08 -57.48
N VAL L 88 -28.44 20.00 -58.21
CA VAL L 88 -29.63 20.77 -57.84
C VAL L 88 -30.26 20.15 -56.59
N GLY L 89 -30.51 21.00 -55.59
CA GLY L 89 -31.11 20.53 -54.37
C GLY L 89 -31.01 21.58 -53.28
N VAL L 90 -31.19 21.14 -52.04
CA VAL L 90 -31.11 22.01 -50.88
C VAL L 90 -30.04 21.47 -49.94
N TYR L 91 -29.40 22.38 -49.19
CA TYR L 91 -28.28 22.04 -48.33
C TYR L 91 -28.57 22.50 -46.91
N TYR L 92 -28.12 21.70 -45.95
CA TYR L 92 -28.34 21.95 -44.53
C TYR L 92 -27.00 21.96 -43.81
N CYS L 93 -26.75 23.02 -43.04
CA CYS L 93 -25.69 22.95 -42.04
C CYS L 93 -26.24 22.38 -40.75
N MET L 94 -25.40 21.64 -40.02
CA MET L 94 -25.85 20.95 -38.82
C MET L 94 -24.76 20.98 -37.78
N GLN L 95 -25.10 21.37 -36.56
CA GLN L 95 -24.15 21.40 -35.46
C GLN L 95 -24.42 20.23 -34.52
N GLY L 96 -23.36 19.58 -34.09
CA GLY L 96 -23.49 18.43 -33.21
C GLY L 96 -23.04 18.73 -31.80
N THR L 97 -22.55 19.95 -31.59
CA THR L 97 -21.93 20.30 -30.31
C THR L 97 -22.95 20.36 -29.18
N HIS L 98 -24.07 21.05 -29.39
CA HIS L 98 -25.04 21.32 -28.35
C HIS L 98 -26.34 20.58 -28.62
N TRP L 99 -26.95 20.05 -27.57
CA TRP L 99 -28.32 19.56 -27.68
C TRP L 99 -29.28 20.73 -27.59
N PRO L 100 -30.26 20.84 -28.50
CA PRO L 100 -30.51 19.97 -29.66
C PRO L 100 -29.66 20.34 -30.88
N PRO L 101 -29.29 19.37 -31.71
CA PRO L 101 -28.72 19.70 -33.02
C PRO L 101 -29.72 20.46 -33.86
N ALA L 102 -29.23 21.43 -34.63
CA ALA L 102 -30.10 22.30 -35.41
C ALA L 102 -29.67 22.30 -36.87
N PHE L 103 -30.58 22.78 -37.72
CA PHE L 103 -30.39 22.79 -39.17
C PHE L 103 -30.69 24.18 -39.73
N GLY L 104 -30.14 24.44 -40.91
CA GLY L 104 -30.36 25.70 -41.58
C GLY L 104 -31.73 25.80 -42.24
N GLN L 105 -31.94 26.95 -42.88
CA GLN L 105 -33.22 27.25 -43.53
C GLN L 105 -33.46 26.46 -44.79
N GLY L 106 -32.46 25.74 -45.31
CA GLY L 106 -32.64 25.03 -46.57
C GLY L 106 -32.56 25.88 -47.80
N THR L 107 -31.36 26.40 -48.09
CA THR L 107 -31.16 27.22 -49.28
C THR L 107 -31.16 26.35 -50.53
N LYS L 108 -31.79 26.85 -51.60
CA LYS L 108 -31.98 26.09 -52.82
C LYS L 108 -31.10 26.64 -53.93
N VAL L 109 -30.51 25.74 -54.71
CA VAL L 109 -29.68 26.10 -55.85
C VAL L 109 -30.45 25.82 -57.13
N GLU L 110 -30.51 26.83 -58.00
CA GLU L 110 -31.25 26.74 -59.24
C GLU L 110 -30.36 27.21 -60.39
N ILE L 111 -30.29 26.40 -61.45
CA ILE L 111 -29.53 26.78 -62.63
C ILE L 111 -30.28 27.87 -63.39
N LYS L 112 -29.57 28.94 -63.74
CA LYS L 112 -30.16 30.02 -64.52
C LYS L 112 -30.55 29.55 -65.92
N GLN M 1 10.06 3.18 57.30
CA GLN M 1 11.33 2.80 56.68
C GLN M 1 11.54 1.29 56.72
N VAL M 2 12.28 0.77 55.76
CA VAL M 2 12.58 -0.66 55.71
C VAL M 2 13.50 -1.02 56.87
N GLN M 3 13.12 -2.05 57.62
CA GLN M 3 13.91 -2.56 58.73
C GLN M 3 14.05 -4.07 58.57
N LEU M 4 15.24 -4.58 58.90
CA LEU M 4 15.53 -6.01 58.72
C LEU M 4 16.47 -6.43 59.83
N VAL M 5 15.95 -7.20 60.79
CA VAL M 5 16.69 -7.60 61.98
C VAL M 5 16.67 -9.13 62.07
N GLU M 6 17.85 -9.72 62.20
CA GLU M 6 17.98 -11.16 62.37
C GLU M 6 17.97 -11.53 63.85
N SER M 7 17.46 -12.73 64.14
CA SER M 7 17.43 -13.24 65.49
C SER M 7 17.49 -14.76 65.45
N GLY M 8 18.30 -15.33 66.33
CA GLY M 8 18.44 -16.76 66.44
C GLY M 8 19.64 -17.18 67.25
N PRO M 9 19.82 -18.50 67.41
CA PRO M 9 20.98 -18.98 68.17
C PRO M 9 22.29 -18.73 67.44
N THR M 10 23.35 -18.53 68.23
CA THR M 10 24.68 -18.28 67.69
C THR M 10 25.62 -19.47 67.82
N LEU M 11 25.33 -20.43 68.70
CA LEU M 11 26.16 -21.62 68.89
C LEU M 11 25.28 -22.84 68.75
N VAL M 12 25.62 -23.72 67.82
CA VAL M 12 24.84 -24.92 67.52
C VAL M 12 25.80 -26.09 67.41
N LYS M 13 25.46 -27.20 68.08
CA LYS M 13 26.29 -28.40 68.02
C LYS M 13 26.31 -28.96 66.59
N PRO M 14 27.45 -29.47 66.14
CA PRO M 14 27.52 -30.00 64.76
C PRO M 14 26.61 -31.19 64.55
N THR M 15 26.20 -31.37 63.29
CA THR M 15 25.36 -32.42 62.70
C THR M 15 23.88 -32.20 63.07
N GLN M 16 23.56 -31.29 63.99
CA GLN M 16 22.18 -30.98 64.30
C GLN M 16 21.62 -29.96 63.31
N THR M 17 20.46 -29.40 63.61
CA THR M 17 19.75 -28.50 62.71
C THR M 17 19.81 -27.08 63.26
N LEU M 18 20.21 -26.14 62.42
CA LEU M 18 20.25 -24.72 62.74
C LEU M 18 19.11 -24.00 62.05
N THR M 19 18.43 -23.13 62.80
CA THR M 19 17.33 -22.35 62.26
C THR M 19 17.51 -20.87 62.60
N LEU M 20 17.05 -20.01 61.70
CA LEU M 20 17.12 -18.57 61.87
C LEU M 20 15.76 -17.97 61.58
N THR M 21 15.42 -16.90 62.31
CA THR M 21 14.20 -16.14 62.08
C THR M 21 14.57 -14.70 61.73
N CYS M 22 14.07 -14.22 60.61
CA CYS M 22 14.29 -12.85 60.17
C CYS M 22 13.00 -12.07 60.30
N SER M 23 13.02 -10.98 61.06
CA SER M 23 11.87 -10.11 61.25
C SER M 23 12.04 -8.87 60.40
N PHE M 24 10.99 -8.49 59.68
CA PHE M 24 11.04 -7.38 58.75
C PHE M 24 9.84 -6.46 58.95
N SER M 25 10.03 -5.21 58.56
CA SER M 25 8.99 -4.19 58.72
C SER M 25 9.21 -3.12 57.67
N GLY M 26 8.16 -2.34 57.41
CA GLY M 26 8.22 -1.28 56.43
C GLY M 26 7.94 -1.71 55.01
N PHE M 27 7.82 -3.01 54.74
CA PHE M 27 7.50 -3.51 53.43
C PHE M 27 6.73 -4.82 53.55
N SER M 28 5.92 -5.11 52.55
CA SER M 28 5.15 -6.35 52.50
C SER M 28 5.79 -7.32 51.52
N LEU M 29 5.85 -8.60 51.93
CA LEU M 29 6.46 -9.61 51.09
C LEU M 29 5.66 -9.83 49.81
N SER M 30 4.36 -9.55 49.84
CA SER M 30 3.52 -9.73 48.65
C SER M 30 3.59 -8.56 47.68
N THR M 31 4.28 -7.48 48.04
CA THR M 31 4.49 -6.39 47.11
C THR M 31 5.34 -6.84 45.95
N ARG M 32 4.96 -6.45 44.73
CA ARG M 32 5.66 -6.87 43.53
C ARG M 32 7.11 -6.39 43.55
N GLY M 33 8.02 -7.30 43.17
CA GLY M 33 9.44 -7.03 43.15
C GLY M 33 10.16 -7.38 44.43
N VAL M 34 9.48 -7.28 45.57
CA VAL M 34 10.11 -7.55 46.85
C VAL M 34 10.40 -9.04 46.99
N GLY M 35 11.61 -9.37 47.40
CA GLY M 35 11.97 -10.73 47.76
C GLY M 35 12.95 -10.71 48.90
N VAL M 36 12.97 -11.77 49.69
CA VAL M 36 13.86 -11.87 50.83
C VAL M 36 14.56 -13.22 50.79
N GLY M 37 15.84 -13.23 51.17
CA GLY M 37 16.63 -14.43 51.15
C GLY M 37 17.78 -14.32 52.13
N TRP M 38 18.81 -15.13 51.88
CA TRP M 38 19.95 -15.20 52.79
C TRP M 38 21.25 -15.26 52.00
N VAL M 39 22.22 -14.45 52.42
CA VAL M 39 23.57 -14.47 51.87
C VAL M 39 24.53 -14.63 53.04
N ARG M 40 25.37 -15.67 53.00
CA ARG M 40 26.30 -15.96 54.06
C ARG M 40 27.72 -15.66 53.61
N GLN M 41 28.60 -15.43 54.60
CA GLN M 41 29.99 -15.08 54.34
C GLN M 41 30.88 -15.73 55.38
N PRO M 42 31.59 -16.80 55.02
CA PRO M 42 32.60 -17.34 55.92
C PRO M 42 33.73 -16.34 56.11
N PRO M 43 34.36 -16.33 57.29
CA PRO M 43 35.46 -15.38 57.52
C PRO M 43 36.63 -15.65 56.58
N GLY M 44 37.14 -14.58 55.98
CA GLY M 44 38.22 -14.68 55.02
C GLY M 44 37.83 -15.28 53.68
N LYS M 45 36.53 -15.45 53.42
CA LYS M 45 36.03 -16.06 52.20
C LYS M 45 35.05 -15.11 51.52
N ALA M 46 34.47 -15.57 50.42
CA ALA M 46 33.52 -14.80 49.63
C ALA M 46 32.10 -15.04 50.09
N LEU M 47 31.19 -14.19 49.63
CA LEU M 47 29.77 -14.36 49.89
C LEU M 47 29.20 -15.51 49.07
N GLU M 48 28.03 -15.99 49.48
CA GLU M 48 27.36 -17.08 48.78
C GLU M 48 25.88 -17.07 49.13
N CYS M 49 25.03 -17.15 48.12
CA CYS M 49 23.58 -17.17 48.32
C CYS M 49 23.12 -18.54 48.81
N LEU M 50 21.98 -18.54 49.50
CA LEU M 50 21.39 -19.77 50.02
C LEU M 50 20.04 -20.12 49.40
N GLY M 51 19.22 -19.12 49.07
CA GLY M 51 17.89 -19.36 48.55
C GLY M 51 17.01 -18.14 48.77
N PHE M 52 15.99 -17.97 47.93
CA PHE M 52 15.18 -16.76 47.98
C PHE M 52 13.71 -17.07 47.84
N THR M 53 12.89 -16.41 48.67
CA THR M 53 11.45 -16.40 48.51
C THR M 53 11.05 -15.13 47.77
N TYR M 54 10.14 -15.27 46.83
CA TYR M 54 9.68 -14.16 46.00
C TYR M 54 8.22 -13.85 46.26
N TRP M 55 7.80 -12.69 45.76
CA TRP M 55 6.43 -12.22 45.98
C TRP M 55 5.40 -13.17 45.39
N ASP M 56 5.68 -13.74 44.23
CA ASP M 56 4.73 -14.62 43.55
C ASP M 56 4.85 -16.09 43.95
N GLY M 57 5.58 -16.39 45.02
CA GLY M 57 5.67 -17.74 45.53
C GLY M 57 6.73 -18.61 44.89
N ASP M 58 7.52 -18.07 43.97
CA ASP M 58 8.60 -18.85 43.37
C ASP M 58 9.71 -19.10 44.39
N GLU M 59 10.47 -20.17 44.15
CA GLU M 59 11.48 -20.58 45.11
C GLU M 59 12.57 -21.37 44.41
N TYR M 60 13.82 -21.07 44.71
CA TYR M 60 14.95 -21.88 44.28
C TYR M 60 16.06 -21.72 45.30
N TYR M 61 17.12 -22.53 45.13
CA TYR M 61 18.26 -22.52 46.02
C TYR M 61 19.53 -22.60 45.20
N SER M 62 20.68 -22.55 45.88
CA SER M 62 21.95 -22.81 45.23
C SER M 62 22.09 -24.31 45.01
N PRO M 63 22.34 -24.76 43.78
CA PRO M 63 22.33 -26.22 43.50
C PRO M 63 23.38 -27.01 44.26
N SER M 64 24.44 -26.38 44.74
CA SER M 64 25.49 -27.10 45.47
C SER M 64 24.96 -27.66 46.79
N LEU M 65 24.01 -26.97 47.43
CA LEU M 65 23.45 -27.41 48.70
C LEU M 65 21.93 -27.31 48.74
N ARG M 66 21.28 -27.35 47.58
CA ARG M 66 19.83 -27.14 47.52
C ARG M 66 19.06 -28.25 48.22
N ASN M 67 19.64 -29.45 48.33
CA ASN M 67 19.00 -30.54 49.03
C ASN M 67 19.09 -30.41 50.54
N ARG M 68 19.84 -29.43 51.05
CA ARG M 68 20.09 -29.28 52.47
C ARG M 68 19.51 -28.02 53.08
N VAL M 69 19.31 -26.96 52.30
CA VAL M 69 18.78 -25.69 52.78
C VAL M 69 17.34 -25.53 52.30
N THR M 70 16.45 -25.14 53.22
CA THR M 70 15.05 -24.94 52.91
C THR M 70 14.56 -23.71 53.67
N ILE M 71 13.78 -22.87 53.00
CA ILE M 71 13.23 -21.65 53.62
C ILE M 71 11.73 -21.65 53.47
N SER M 72 11.02 -21.37 54.56
CA SER M 72 9.58 -21.21 54.57
C SER M 72 9.24 -19.79 54.99
N LYS M 73 8.15 -19.26 54.44
CA LYS M 73 7.75 -17.88 54.67
C LYS M 73 6.37 -17.84 55.31
N ASP M 74 6.15 -16.80 56.12
CA ASP M 74 4.88 -16.60 56.83
C ASP M 74 4.58 -15.11 56.79
N THR M 75 3.76 -14.70 55.81
CA THR M 75 3.42 -13.29 55.66
C THR M 75 2.53 -12.81 56.80
N SER M 76 1.62 -13.67 57.28
CA SER M 76 0.71 -13.27 58.36
C SER M 76 1.45 -13.04 59.67
N LYS M 77 2.45 -13.86 59.95
CA LYS M 77 3.23 -13.72 61.18
C LYS M 77 4.42 -12.78 61.04
N ASN M 78 4.61 -12.20 59.84
CA ASN M 78 5.65 -11.20 59.58
C ASN M 78 7.05 -11.75 59.86
N GLN M 79 7.24 -13.05 59.59
CA GLN M 79 8.47 -13.74 59.87
C GLN M 79 8.93 -14.53 58.66
N VAL M 80 10.25 -14.71 58.54
CA VAL M 80 10.87 -15.53 57.51
C VAL M 80 11.76 -16.56 58.20
N VAL M 81 11.54 -17.83 57.88
CA VAL M 81 12.19 -18.94 58.57
C VAL M 81 13.21 -19.58 57.62
N LEU M 82 14.46 -19.66 58.08
CA LEU M 82 15.53 -20.34 57.37
C LEU M 82 15.91 -21.60 58.13
N THR M 83 15.97 -22.73 57.44
CA THR M 83 16.35 -24.00 58.03
C THR M 83 17.53 -24.60 57.26
N LEU M 84 18.48 -25.17 58.01
CA LEU M 84 19.63 -25.82 57.42
C LEU M 84 20.11 -26.91 58.36
N THR M 85 20.28 -28.12 57.84
CA THR M 85 20.65 -29.29 58.62
C THR M 85 22.07 -29.71 58.31
N ASN M 86 22.58 -30.66 59.12
CA ASN M 86 23.92 -31.24 58.98
C ASN M 86 25.00 -30.16 59.05
N MET M 87 25.09 -29.53 60.22
CA MET M 87 26.03 -28.44 60.45
C MET M 87 27.46 -28.98 60.42
N ASP M 88 28.25 -28.50 59.47
CA ASP M 88 29.65 -28.69 59.11
C ASP M 88 30.49 -27.54 59.65
N PRO M 89 31.71 -27.81 60.09
CA PRO M 89 32.60 -26.71 60.51
C PRO M 89 32.85 -25.66 59.44
N VAL M 90 32.82 -26.06 58.15
CA VAL M 90 32.99 -25.10 57.07
C VAL M 90 31.80 -24.15 56.97
N ASP M 91 30.64 -24.53 57.51
CA ASP M 91 29.44 -23.71 57.44
C ASP M 91 29.48 -22.52 58.39
N THR M 92 30.52 -22.37 59.19
CA THR M 92 30.65 -21.22 60.09
C THR M 92 30.77 -19.93 59.29
N ALA M 93 29.72 -19.12 59.32
CA ALA M 93 29.65 -17.93 58.49
C ALA M 93 28.71 -16.92 59.12
N THR M 94 28.84 -15.67 58.68
CA THR M 94 27.93 -14.61 59.08
C THR M 94 26.75 -14.60 58.11
N TYR M 95 25.57 -14.96 58.60
CA TYR M 95 24.38 -15.07 57.76
C TYR M 95 23.63 -13.75 57.77
N PHE M 96 23.43 -13.18 56.59
CA PHE M 96 22.77 -11.88 56.42
C PHE M 96 21.39 -12.10 55.82
N CYS M 97 20.36 -11.61 56.51
CA CYS M 97 19.06 -11.46 55.89
C CYS M 97 19.12 -10.29 54.92
N VAL M 98 18.49 -10.45 53.75
CA VAL M 98 18.67 -9.48 52.67
C VAL M 98 17.34 -9.20 51.99
N HIS M 99 17.10 -7.92 51.68
CA HIS M 99 15.96 -7.49 50.88
C HIS M 99 16.40 -7.32 49.43
N SER M 100 15.47 -7.58 48.52
CA SER M 100 15.75 -7.56 47.09
C SER M 100 14.66 -6.78 46.36
N ASP M 101 15.07 -6.13 45.28
CA ASP M 101 14.13 -5.45 44.38
C ASP M 101 14.62 -5.67 42.95
N LEU M 102 13.69 -5.63 42.00
CA LEU M 102 14.01 -5.92 40.61
C LEU M 102 13.97 -4.64 39.77
N TYR M 103 14.97 -4.48 38.91
CA TYR M 103 15.03 -3.39 37.95
C TYR M 103 14.07 -3.73 36.81
N ASP M 104 12.88 -3.15 36.86
CA ASP M 104 11.80 -3.56 35.97
C ASP M 104 11.95 -2.99 34.56
N ARG M 105 12.44 -1.76 34.43
CA ARG M 105 12.43 -1.06 33.16
C ARG M 105 13.77 -1.22 32.43
N GLY M 106 13.80 -0.74 31.19
CA GLY M 106 14.97 -0.81 30.36
C GLY M 106 15.22 -2.15 29.70
N GLY M 107 14.32 -3.11 29.87
CA GLY M 107 14.51 -4.44 29.32
C GLY M 107 15.28 -5.39 30.20
N TYR M 108 15.58 -5.01 31.43
CA TYR M 108 16.26 -5.88 32.38
C TYR M 108 15.28 -6.51 33.35
N TYR M 109 15.73 -7.57 34.01
CA TYR M 109 14.97 -8.23 35.06
C TYR M 109 15.91 -8.58 36.22
N LEU M 110 16.66 -7.58 36.67
CA LEU M 110 17.82 -7.77 37.52
C LEU M 110 17.43 -7.66 38.99
N TYR M 111 17.65 -8.72 39.75
CA TYR M 111 17.41 -8.75 41.19
C TYR M 111 18.68 -8.31 41.91
N TYR M 112 18.71 -7.05 42.36
CA TYR M 112 19.80 -6.55 43.17
C TYR M 112 19.47 -6.68 44.65
N PHE M 113 20.49 -6.51 45.49
CA PHE M 113 20.37 -6.61 46.94
C PHE M 113 20.60 -5.22 47.52
N ASP M 114 19.52 -4.46 47.72
CA ASP M 114 19.67 -3.06 48.13
C ASP M 114 19.80 -2.91 49.64
N TYR M 115 18.91 -3.50 50.42
CA TYR M 115 18.90 -3.35 51.87
C TYR M 115 19.42 -4.63 52.51
N TRP M 116 20.46 -4.50 53.32
CA TRP M 116 21.07 -5.63 54.01
C TRP M 116 20.86 -5.52 55.51
N GLY M 117 20.48 -6.62 56.14
CA GLY M 117 20.42 -6.67 57.58
C GLY M 117 21.80 -6.69 58.20
N GLN M 118 21.84 -6.39 59.50
CA GLN M 118 23.11 -6.28 60.21
C GLN M 118 23.88 -7.59 60.27
N GLY M 119 23.20 -8.72 60.17
CA GLY M 119 23.86 -10.01 60.13
C GLY M 119 24.15 -10.59 61.50
N THR M 120 24.02 -11.91 61.62
CA THR M 120 24.31 -12.62 62.85
C THR M 120 25.41 -13.63 62.61
N LEU M 121 26.21 -13.88 63.64
CA LEU M 121 27.34 -14.78 63.56
C LEU M 121 26.96 -16.13 64.14
N VAL M 122 27.23 -17.20 63.39
CA VAL M 122 26.99 -18.57 63.84
C VAL M 122 28.33 -19.30 63.79
N THR M 123 28.73 -19.86 64.92
CA THR M 123 30.01 -20.55 65.05
C THR M 123 29.77 -22.03 65.35
N VAL M 124 30.37 -22.89 64.54
CA VAL M 124 30.27 -24.34 64.73
C VAL M 124 31.50 -24.75 65.54
N SER M 125 31.30 -24.96 66.85
CA SER M 125 32.37 -25.28 67.76
C SER M 125 32.01 -26.52 68.58
N SER M 126 33.03 -27.23 69.02
CA SER M 126 32.85 -28.42 69.86
C SER M 126 32.93 -28.05 71.33
N ASP N 1 28.53 -23.10 36.48
CA ASP N 1 28.21 -21.77 36.99
C ASP N 1 29.12 -20.72 36.35
N ILE N 2 28.65 -19.48 36.31
CA ILE N 2 29.42 -18.37 35.77
C ILE N 2 30.20 -17.76 36.93
N ARG N 3 31.46 -18.15 37.07
CA ARG N 3 32.30 -17.65 38.15
C ARG N 3 32.85 -16.27 37.81
N VAL N 4 32.95 -15.42 38.83
CA VAL N 4 33.53 -14.10 38.69
C VAL N 4 34.68 -13.96 39.69
N THR N 5 35.84 -13.53 39.21
CA THR N 5 37.00 -13.28 40.06
C THR N 5 37.54 -11.89 39.73
N GLN N 6 38.07 -11.24 40.76
CA GLN N 6 38.61 -9.88 40.62
C GLN N 6 40.12 -9.93 40.60
N SER N 7 40.72 -9.37 39.53
CA SER N 7 42.18 -9.42 39.39
C SER N 7 42.92 -8.64 40.48
N PRO N 8 42.60 -7.38 40.78
CA PRO N 8 43.33 -6.72 41.87
C PRO N 8 42.76 -7.14 43.22
N SER N 9 43.58 -7.82 44.02
CA SER N 9 43.11 -8.36 45.27
C SER N 9 43.39 -7.46 46.47
N SER N 10 44.56 -6.81 46.50
CA SER N 10 44.98 -6.04 47.66
C SER N 10 45.60 -4.71 47.23
N LEU N 11 44.95 -4.01 46.32
CA LEU N 11 45.47 -2.73 45.85
C LEU N 11 45.44 -1.69 46.97
N SER N 12 46.43 -0.81 46.95
CA SER N 12 46.56 0.25 47.94
C SER N 12 46.59 1.61 47.26
N ALA N 13 45.90 2.58 47.85
CA ALA N 13 45.83 3.91 47.28
C ALA N 13 45.69 4.95 48.39
N SER N 14 45.97 6.19 48.04
CA SER N 14 45.86 7.33 48.94
C SER N 14 44.68 8.20 48.56
N VAL N 15 44.35 9.14 49.46
CA VAL N 15 43.26 10.07 49.21
C VAL N 15 43.60 10.96 48.02
N GLY N 16 42.66 11.07 47.08
CA GLY N 16 42.88 11.83 45.86
C GLY N 16 43.29 11.00 44.66
N ASP N 17 43.47 9.70 44.82
CA ASP N 17 43.86 8.83 43.72
C ASP N 17 42.62 8.25 43.03
N ARG N 18 42.85 7.55 41.92
CA ARG N 18 41.81 6.87 41.17
C ARG N 18 41.97 5.37 41.35
N VAL N 19 40.89 4.69 41.69
CA VAL N 19 40.89 3.24 41.92
C VAL N 19 39.93 2.59 40.93
N THR N 20 40.42 1.60 40.19
CA THR N 20 39.62 0.83 39.25
C THR N 20 39.71 -0.63 39.62
N ILE N 21 38.58 -1.21 40.04
CA ILE N 21 38.52 -2.62 40.40
C ILE N 21 37.88 -3.37 39.23
N THR N 22 38.59 -4.39 38.74
CA THR N 22 38.17 -5.14 37.56
C THR N 22 37.66 -6.51 37.98
N CYS N 23 36.42 -6.81 37.64
CA CYS N 23 35.79 -8.10 37.87
C CYS N 23 35.54 -8.76 36.51
N ARG N 24 36.05 -9.97 36.33
CA ARG N 24 35.95 -10.68 35.06
C ARG N 24 35.05 -11.89 35.23
N ALA N 25 34.15 -12.10 34.27
CA ALA N 25 33.27 -13.24 34.26
C ALA N 25 33.87 -14.37 33.43
N SER N 26 33.35 -15.58 33.66
CA SER N 26 33.83 -16.73 32.91
C SER N 26 33.32 -16.75 31.48
N GLN N 27 32.27 -15.98 31.18
CA GLN N 27 31.68 -15.94 29.85
C GLN N 27 31.00 -14.60 29.66
N THR N 28 30.57 -14.34 28.43
CA THR N 28 30.02 -13.03 28.08
C THR N 28 28.63 -12.86 28.69
N ILE N 29 28.47 -11.81 29.49
CA ILE N 29 27.18 -11.40 30.03
C ILE N 29 27.05 -9.89 29.83
N ALA N 30 25.85 -9.44 29.48
CA ALA N 30 25.58 -8.02 29.28
C ALA N 30 24.96 -7.48 30.56
N SER N 31 25.71 -6.62 31.26
CA SER N 31 25.35 -6.09 32.57
C SER N 31 25.06 -7.22 33.55
N TYR N 32 23.99 -7.08 34.34
CA TYR N 32 23.63 -8.04 35.39
C TYR N 32 24.78 -8.26 36.37
N VAL N 33 25.51 -7.19 36.66
CA VAL N 33 26.57 -7.20 37.67
C VAL N 33 26.24 -6.15 38.72
N ASN N 34 26.43 -6.51 39.99
CA ASN N 34 26.19 -5.60 41.10
C ASN N 34 27.46 -5.45 41.92
N TRP N 35 27.63 -4.27 42.51
CA TRP N 35 28.79 -3.94 43.33
C TRP N 35 28.36 -3.63 44.74
N TYR N 36 28.94 -4.32 45.72
CA TYR N 36 28.67 -4.11 47.13
C TYR N 36 29.95 -3.70 47.85
N GLN N 37 29.84 -2.72 48.73
CA GLN N 37 30.96 -2.28 49.55
C GLN N 37 30.68 -2.66 51.00
N GLN N 38 31.58 -3.45 51.59
CA GLN N 38 31.41 -3.97 52.93
C GLN N 38 32.47 -3.37 53.85
N LYS N 39 32.05 -2.53 54.78
CA LYS N 39 32.93 -2.04 55.82
C LYS N 39 33.27 -3.18 56.79
N PRO N 40 34.45 -3.14 57.40
CA PRO N 40 34.80 -4.19 58.38
C PRO N 40 33.87 -4.17 59.57
N GLY N 41 33.31 -5.35 59.89
CA GLY N 41 32.37 -5.46 60.98
C GLY N 41 31.00 -4.90 60.70
N ARG N 42 30.68 -4.59 59.45
CA ARG N 42 29.38 -4.05 59.08
C ARG N 42 28.84 -4.78 57.86
N ALA N 43 27.53 -4.67 57.68
CA ALA N 43 26.87 -5.24 56.51
C ALA N 43 27.27 -4.48 55.24
N PRO N 44 27.29 -5.16 54.10
CA PRO N 44 27.59 -4.46 52.85
C PRO N 44 26.42 -3.59 52.40
N GLU N 45 26.73 -2.68 51.48
CA GLU N 45 25.76 -1.73 50.95
C GLU N 45 25.84 -1.73 49.43
N LEU N 46 24.68 -1.64 48.78
CA LEU N 46 24.66 -1.55 47.33
C LEU N 46 25.15 -0.17 46.89
N LEU N 47 26.07 -0.15 45.94
CA LEU N 47 26.58 1.08 45.33
C LEU N 47 26.24 1.19 43.86
N ILE N 48 26.54 0.15 43.08
CA ILE N 48 26.29 0.16 41.64
C ILE N 48 25.02 -0.65 41.39
N TYR N 49 24.05 -0.02 40.76
CA TYR N 49 22.71 -0.58 40.65
C TYR N 49 22.65 -1.63 39.55
N ALA N 50 23.04 -1.24 38.34
CA ALA N 50 23.41 -2.14 37.27
C ALA N 50 24.62 -1.52 36.59
N ALA N 51 25.15 -2.21 35.58
CA ALA N 51 26.29 -1.68 34.83
C ALA N 51 25.96 -0.31 34.26
N SER N 52 26.74 0.69 34.67
CA SER N 52 26.70 2.09 34.24
C SER N 52 25.45 2.84 34.74
N ILE N 53 24.84 2.42 35.84
CA ILE N 53 23.79 3.21 36.48
C ILE N 53 23.98 3.12 37.99
N LEU N 54 23.83 4.26 38.67
CA LEU N 54 24.09 4.35 40.09
C LEU N 54 22.85 4.00 40.91
N GLN N 55 23.08 3.36 42.06
CA GLN N 55 22.04 3.19 43.06
C GLN N 55 21.72 4.52 43.73
N SER N 56 20.44 4.75 44.03
CA SER N 56 20.03 5.95 44.74
C SER N 56 20.38 5.85 46.22
N GLY N 57 20.79 6.98 46.79
CA GLY N 57 21.16 7.03 48.20
C GLY N 57 22.61 6.76 48.50
N VAL N 58 23.49 6.81 47.50
CA VAL N 58 24.93 6.65 47.70
C VAL N 58 25.61 7.86 47.10
N PRO N 59 26.83 8.19 47.53
CA PRO N 59 27.55 9.33 46.95
C PRO N 59 27.75 9.19 45.45
N SER N 60 27.60 10.31 44.75
CA SER N 60 27.69 10.36 43.29
C SER N 60 29.10 10.14 42.76
N ARG N 61 30.11 10.12 43.63
CA ARG N 61 31.49 9.96 43.18
C ARG N 61 31.70 8.62 42.48
N PHE N 62 31.04 7.56 42.96
CA PHE N 62 31.16 6.25 42.34
C PHE N 62 30.55 6.27 40.94
N SER N 63 31.16 5.52 40.03
CA SER N 63 30.66 5.38 38.67
C SER N 63 31.02 4.00 38.15
N GLY N 64 30.14 3.42 37.34
CA GLY N 64 30.35 2.10 36.78
C GLY N 64 30.38 2.13 35.27
N ARG N 65 31.10 1.16 34.69
CA ARG N 65 31.07 0.93 33.25
C ARG N 65 31.50 -0.51 33.00
N GLY N 66 30.96 -1.09 31.93
CA GLY N 66 31.36 -2.44 31.56
C GLY N 66 30.25 -3.28 30.96
N SER N 67 30.59 -4.07 29.95
CA SER N 67 29.65 -4.98 29.32
C SER N 67 30.44 -6.08 28.63
N GLY N 68 29.99 -7.33 28.80
CA GLY N 68 30.69 -8.45 28.21
C GLY N 68 31.39 -9.29 29.26
N THR N 69 32.71 -9.44 29.14
CA THR N 69 33.45 -10.25 30.10
C THR N 69 34.01 -9.42 31.26
N ASP N 70 34.51 -8.22 30.99
CA ASP N 70 35.20 -7.40 31.97
C ASP N 70 34.33 -6.24 32.41
N PHE N 71 34.17 -6.08 33.72
CA PHE N 71 33.45 -4.96 34.31
C PHE N 71 34.39 -4.20 35.25
N THR N 72 34.37 -2.87 35.15
CA THR N 72 35.25 -2.03 35.93
C THR N 72 34.44 -1.02 36.74
N LEU N 73 34.86 -0.82 37.99
CA LEU N 73 34.25 0.17 38.88
C LEU N 73 35.25 1.30 39.09
N THR N 74 34.85 2.53 38.74
CA THR N 74 35.70 3.70 38.85
C THR N 74 35.29 4.51 40.08
N ILE N 75 36.25 4.76 40.96
CA ILE N 75 36.05 5.58 42.15
C ILE N 75 36.87 6.85 41.99
N ASN N 76 36.19 8.00 42.06
CA ASN N 76 36.82 9.29 41.93
C ASN N 76 36.71 10.03 43.26
N GLY N 77 37.85 10.49 43.79
CA GLY N 77 37.85 11.22 45.03
C GLY N 77 37.73 10.34 46.25
N LEU N 78 38.72 9.48 46.47
CA LEU N 78 38.69 8.58 47.62
C LEU N 78 38.73 9.36 48.94
N GLN N 79 38.03 8.84 49.93
CA GLN N 79 37.94 9.39 51.27
C GLN N 79 38.48 8.38 52.27
N PRO N 80 38.87 8.82 53.47
CA PRO N 80 39.35 7.86 54.48
C PRO N 80 38.33 6.80 54.87
N GLU N 81 37.04 7.11 54.78
CA GLU N 81 36.01 6.12 55.10
C GLU N 81 35.83 5.07 54.01
N ASP N 82 36.44 5.25 52.84
CA ASP N 82 36.26 4.33 51.73
C ASP N 82 37.02 3.01 51.91
N PHE N 83 37.83 2.89 52.97
CA PHE N 83 38.55 1.65 53.25
C PHE N 83 37.57 0.53 53.55
N ALA N 84 37.41 -0.40 52.60
CA ALA N 84 36.41 -1.46 52.69
C ALA N 84 36.73 -2.49 51.62
N THR N 85 35.93 -3.56 51.61
CA THR N 85 36.07 -4.65 50.64
C THR N 85 34.93 -4.58 49.63
N TYR N 86 35.28 -4.57 48.35
CA TYR N 86 34.31 -4.44 47.26
C TYR N 86 34.08 -5.80 46.61
N TYR N 87 32.82 -6.14 46.38
CA TYR N 87 32.43 -7.43 45.82
C TYR N 87 31.61 -7.22 44.55
N CYS N 88 31.86 -8.07 43.56
CA CYS N 88 31.08 -8.11 42.33
C CYS N 88 30.23 -9.38 42.32
N GLN N 89 28.97 -9.24 41.92
CA GLN N 89 28.02 -10.35 41.92
C GLN N 89 27.51 -10.60 40.52
N GLN N 90 27.59 -11.86 40.08
CA GLN N 90 27.04 -12.29 38.80
C GLN N 90 25.62 -12.80 39.01
N SER N 91 24.70 -12.34 38.17
CA SER N 91 23.29 -12.68 38.31
C SER N 91 22.59 -13.01 36.99
N TYR N 92 23.35 -13.14 35.90
CA TYR N 92 22.74 -13.42 34.60
C TYR N 92 22.08 -14.78 34.57
N SER N 93 22.59 -15.74 35.34
CA SER N 93 22.01 -17.07 35.39
C SER N 93 22.16 -17.62 36.80
N SER N 94 21.15 -18.35 37.24
CA SER N 94 21.20 -18.97 38.56
C SER N 94 22.20 -20.13 38.54
N PRO N 95 22.95 -20.33 39.64
CA PRO N 95 22.96 -19.59 40.91
C PRO N 95 23.76 -18.30 40.83
N TRP N 96 23.51 -17.38 41.77
CA TRP N 96 24.22 -16.11 41.83
C TRP N 96 25.47 -16.28 42.67
N THR N 97 26.63 -16.21 42.03
CA THR N 97 27.91 -16.38 42.68
C THR N 97 28.58 -15.02 42.93
N PHE N 98 29.32 -14.94 44.03
CA PHE N 98 30.03 -13.74 44.42
C PHE N 98 31.52 -13.91 44.20
N GLY N 99 32.20 -12.80 43.87
CA GLY N 99 33.63 -12.83 43.72
C GLY N 99 34.37 -12.84 45.05
N GLN N 100 35.67 -13.11 44.97
CA GLN N 100 36.49 -13.19 46.18
C GLN N 100 36.67 -11.84 46.85
N GLY N 101 36.40 -10.74 46.14
CA GLY N 101 36.46 -9.42 46.74
C GLY N 101 37.82 -8.77 46.61
N THR N 102 37.81 -7.45 46.74
CA THR N 102 39.03 -6.64 46.69
C THR N 102 39.19 -5.97 48.06
N LYS N 103 40.23 -6.36 48.79
CA LYS N 103 40.52 -5.77 50.09
C LYS N 103 41.33 -4.51 49.88
N VAL N 104 40.62 -3.41 49.61
CA VAL N 104 41.27 -2.12 49.43
C VAL N 104 41.92 -1.70 50.73
N GLU N 105 43.11 -1.11 50.64
CA GLU N 105 43.87 -0.68 51.81
C GLU N 105 44.34 0.75 51.60
N ILE N 106 44.42 1.50 52.70
CA ILE N 106 44.83 2.89 52.67
C ILE N 106 46.28 3.00 53.12
N LYS N 107 47.01 3.93 52.54
CA LYS N 107 48.41 4.17 52.89
C LYS N 107 48.48 5.09 54.11
N GLN O 1 38.51 -38.49 -21.09
CA GLN O 1 37.24 -38.72 -21.77
C GLN O 1 36.47 -39.85 -21.11
N VAL O 2 35.15 -39.81 -21.25
CA VAL O 2 34.29 -40.84 -20.67
C VAL O 2 34.48 -42.15 -21.44
N GLN O 3 34.72 -43.22 -20.70
CA GLN O 3 34.88 -44.56 -21.28
C GLN O 3 34.00 -45.53 -20.51
N LEU O 4 33.45 -46.51 -21.23
CA LEU O 4 32.51 -47.46 -20.63
C LEU O 4 32.65 -48.77 -21.38
N VAL O 5 33.25 -49.78 -20.74
CA VAL O 5 33.54 -51.07 -21.37
C VAL O 5 32.91 -52.17 -20.54
N GLU O 6 32.12 -53.03 -21.18
CA GLU O 6 31.50 -54.17 -20.53
C GLU O 6 32.42 -55.39 -20.59
N SER O 7 32.32 -56.22 -19.55
CA SER O 7 33.11 -57.45 -19.50
C SER O 7 32.33 -58.49 -18.70
N GLY O 8 32.31 -59.72 -19.21
CA GLY O 8 31.64 -60.81 -18.54
C GLY O 8 31.44 -62.02 -19.44
N PRO O 9 30.83 -63.06 -18.90
CA PRO O 9 30.58 -64.26 -19.70
C PRO O 9 29.53 -64.02 -20.77
N THR O 10 29.67 -64.74 -21.89
CA THR O 10 28.74 -64.62 -23.00
C THR O 10 27.81 -65.82 -23.14
N LEU O 11 28.15 -66.96 -22.54
CA LEU O 11 27.32 -68.17 -22.61
C LEU O 11 27.09 -68.66 -21.20
N VAL O 12 25.82 -68.75 -20.80
CA VAL O 12 25.44 -69.14 -19.45
C VAL O 12 24.33 -70.18 -19.55
N LYS O 13 24.47 -71.27 -18.80
CA LYS O 13 23.47 -72.33 -18.81
C LYS O 13 22.14 -71.80 -18.24
N PRO O 14 21.00 -72.24 -18.78
CA PRO O 14 19.71 -71.75 -18.27
C PRO O 14 19.47 -72.13 -16.81
N THR O 15 18.70 -71.28 -16.13
CA THR O 15 18.23 -71.36 -14.75
C THR O 15 19.36 -71.04 -13.75
N GLN O 16 20.58 -70.83 -14.22
CA GLN O 16 21.67 -70.41 -13.35
C GLN O 16 21.71 -68.89 -13.24
N THR O 17 22.77 -68.35 -12.64
CA THR O 17 22.88 -66.93 -12.36
C THR O 17 23.90 -66.29 -13.31
N LEU O 18 23.51 -65.20 -13.94
CA LEU O 18 24.37 -64.43 -14.83
C LEU O 18 24.76 -63.13 -14.17
N THR O 19 26.04 -62.78 -14.25
CA THR O 19 26.55 -61.54 -13.70
C THR O 19 27.40 -60.82 -14.73
N LEU O 20 27.37 -59.48 -14.66
CA LEU O 20 28.13 -58.62 -15.56
C LEU O 20 28.88 -57.58 -14.75
N THR O 21 30.08 -57.23 -15.21
CA THR O 21 30.88 -56.18 -14.60
C THR O 21 31.12 -55.09 -15.64
N CYS O 22 30.79 -53.85 -15.29
CA CYS O 22 30.98 -52.70 -16.16
C CYS O 22 32.07 -51.82 -15.57
N SER O 23 33.11 -51.58 -16.36
CA SER O 23 34.22 -50.73 -15.95
C SER O 23 34.09 -49.37 -16.61
N PHE O 24 34.30 -48.32 -15.83
CA PHE O 24 34.09 -46.96 -16.30
C PHE O 24 35.26 -46.07 -15.88
N SER O 25 35.49 -45.01 -16.65
CA SER O 25 36.58 -44.09 -16.41
C SER O 25 36.21 -42.73 -16.97
N GLY O 26 36.91 -41.70 -16.51
CA GLY O 26 36.66 -40.35 -16.93
C GLY O 26 35.55 -39.63 -16.19
N PHE O 27 34.85 -40.31 -15.29
CA PHE O 27 33.82 -39.68 -14.48
C PHE O 27 33.71 -40.43 -13.17
N SER O 28 33.18 -39.73 -12.15
CA SER O 28 32.96 -40.30 -10.84
C SER O 28 31.47 -40.52 -10.63
N LEU O 29 31.12 -41.69 -10.08
CA LEU O 29 29.72 -42.02 -9.86
C LEU O 29 29.09 -41.09 -8.83
N SER O 30 29.88 -40.55 -7.91
CA SER O 30 29.36 -39.66 -6.88
C SER O 30 29.19 -38.23 -7.34
N THR O 31 29.63 -37.91 -8.56
CA THR O 31 29.40 -36.58 -9.12
C THR O 31 27.91 -36.37 -9.36
N ARG O 32 27.42 -35.18 -9.00
CA ARG O 32 26.01 -34.88 -9.14
C ARG O 32 25.56 -34.97 -10.60
N GLY O 33 24.43 -35.64 -10.82
CA GLY O 33 23.88 -35.80 -12.15
C GLY O 33 24.33 -37.04 -12.88
N VAL O 34 25.26 -37.80 -12.34
CA VAL O 34 25.77 -39.00 -12.98
C VAL O 34 25.06 -40.23 -12.43
N GLY O 35 24.67 -41.12 -13.34
CA GLY O 35 24.10 -42.40 -12.94
C GLY O 35 24.36 -43.41 -14.02
N VAL O 36 24.53 -44.67 -13.62
CA VAL O 36 24.85 -45.75 -14.54
C VAL O 36 23.82 -46.86 -14.36
N GLY O 37 23.30 -47.36 -15.48
CA GLY O 37 22.31 -48.42 -15.45
C GLY O 37 22.55 -49.47 -16.52
N TRP O 38 21.49 -50.18 -16.92
CA TRP O 38 21.60 -51.20 -17.95
C TRP O 38 20.36 -51.16 -18.83
N VAL O 39 20.58 -51.20 -20.14
CA VAL O 39 19.50 -51.30 -21.13
C VAL O 39 19.81 -52.48 -22.04
N ARG O 40 18.88 -53.42 -22.12
CA ARG O 40 19.06 -54.63 -22.92
C ARG O 40 18.16 -54.57 -24.14
N GLN O 41 18.54 -55.34 -25.17
CA GLN O 41 17.81 -55.36 -26.43
C GLN O 41 17.80 -56.78 -27.00
N PRO O 42 16.68 -57.50 -26.91
CA PRO O 42 16.57 -58.77 -27.61
C PRO O 42 16.62 -58.54 -29.11
N PRO O 43 17.17 -59.50 -29.87
CA PRO O 43 17.24 -59.33 -31.32
C PRO O 43 15.86 -59.26 -31.94
N GLY O 44 15.68 -58.29 -32.84
CA GLY O 44 14.39 -58.06 -33.46
C GLY O 44 13.34 -57.46 -32.56
N LYS O 45 13.71 -57.02 -31.36
CA LYS O 45 12.78 -56.47 -30.39
C LYS O 45 13.23 -55.07 -29.98
N ALA O 46 12.48 -54.49 -29.04
CA ALA O 46 12.75 -53.14 -28.55
C ALA O 46 13.69 -53.17 -27.35
N LEU O 47 14.23 -52.00 -27.02
CA LEU O 47 15.04 -51.84 -25.83
C LEU O 47 14.18 -51.91 -24.57
N GLU O 48 14.82 -52.16 -23.43
CA GLU O 48 14.11 -52.21 -22.16
C GLU O 48 15.12 -51.99 -21.03
N CYS O 49 14.78 -51.08 -20.11
CA CYS O 49 15.64 -50.79 -18.97
C CYS O 49 15.58 -51.90 -17.92
N LEU O 50 16.65 -52.01 -17.15
CA LEU O 50 16.75 -53.01 -16.08
C LEU O 50 16.79 -52.42 -14.69
N GLY O 51 17.43 -51.27 -14.52
CA GLY O 51 17.59 -50.66 -13.22
C GLY O 51 18.77 -49.70 -13.25
N PHE O 52 18.77 -48.77 -12.30
CA PHE O 52 19.75 -47.70 -12.30
C PHE O 52 20.29 -47.41 -10.91
N THR O 53 21.59 -47.18 -10.83
CA THR O 53 22.23 -46.61 -9.64
C THR O 53 22.50 -45.14 -9.90
N TYR O 54 22.20 -44.32 -8.90
CA TYR O 54 22.33 -42.88 -9.02
C TYR O 54 23.42 -42.36 -8.09
N TRP O 55 23.68 -41.06 -8.18
CA TRP O 55 24.76 -40.44 -7.41
C TRP O 55 24.45 -40.43 -5.91
N ASP O 56 23.21 -40.15 -5.55
CA ASP O 56 22.82 -40.03 -4.15
C ASP O 56 22.40 -41.35 -3.51
N GLY O 57 22.66 -42.48 -4.17
CA GLY O 57 22.36 -43.78 -3.61
C GLY O 57 20.95 -44.28 -3.85
N ASP O 58 20.13 -43.54 -4.60
CA ASP O 58 18.79 -44.00 -4.91
C ASP O 58 18.85 -45.19 -5.86
N GLU O 59 17.79 -46.00 -5.83
CA GLU O 59 17.77 -47.23 -6.60
C GLU O 59 16.34 -47.62 -6.91
N TYR O 60 16.08 -48.00 -8.16
CA TYR O 60 14.82 -48.61 -8.55
C TYR O 60 15.07 -49.53 -9.73
N TYR O 61 14.05 -50.29 -10.10
CA TYR O 61 14.14 -51.25 -11.20
C TYR O 61 12.86 -51.18 -12.01
N SER O 62 12.82 -51.96 -13.08
CA SER O 62 11.58 -52.13 -13.84
C SER O 62 10.65 -53.07 -13.08
N PRO O 63 9.42 -52.65 -12.78
CA PRO O 63 8.54 -53.47 -11.92
C PRO O 63 8.19 -54.84 -12.48
N SER O 64 8.30 -55.04 -13.80
CA SER O 64 7.94 -56.33 -14.38
C SER O 64 8.87 -57.45 -13.90
N LEU O 65 10.13 -57.11 -13.62
CA LEU O 65 11.11 -58.10 -13.17
C LEU O 65 12.02 -57.55 -12.07
N ARG O 66 11.51 -56.59 -11.27
CA ARG O 66 12.32 -55.95 -10.23
C ARG O 66 12.70 -56.94 -9.13
N ASN O 67 11.92 -57.99 -8.92
CA ASN O 67 12.24 -59.01 -7.93
C ASN O 67 13.35 -59.94 -8.39
N ARG O 68 13.77 -59.84 -9.64
CA ARG O 68 14.76 -60.74 -10.22
C ARG O 68 16.09 -60.07 -10.52
N VAL O 69 16.11 -58.77 -10.74
CA VAL O 69 17.32 -58.04 -11.09
C VAL O 69 17.78 -57.21 -9.89
N THR O 70 19.09 -57.23 -9.63
CA THR O 70 19.67 -56.45 -8.55
C THR O 70 21.03 -55.94 -9.04
N ILE O 71 21.32 -54.68 -8.74
CA ILE O 71 22.60 -54.08 -9.12
C ILE O 71 23.24 -53.48 -7.88
N SER O 72 24.51 -53.79 -7.67
CA SER O 72 25.31 -53.22 -6.60
C SER O 72 26.47 -52.44 -7.20
N LYS O 73 26.86 -51.36 -6.53
CA LYS O 73 27.88 -50.47 -7.02
C LYS O 73 29.05 -50.43 -6.06
N ASP O 74 30.24 -50.19 -6.61
CA ASP O 74 31.48 -50.12 -5.83
C ASP O 74 32.30 -48.96 -6.39
N THR O 75 32.18 -47.78 -5.77
CA THR O 75 32.90 -46.61 -6.25
C THR O 75 34.40 -46.75 -6.02
N SER O 76 34.80 -47.37 -4.90
CA SER O 76 36.22 -47.51 -4.60
C SER O 76 36.92 -48.43 -5.58
N LYS O 77 36.26 -49.50 -6.00
CA LYS O 77 36.83 -50.45 -6.95
C LYS O 77 36.58 -50.07 -8.40
N ASN O 78 35.88 -48.95 -8.64
CA ASN O 78 35.64 -48.42 -9.98
C ASN O 78 34.88 -49.42 -10.86
N GLN O 79 33.99 -50.19 -10.23
CA GLN O 79 33.24 -51.25 -10.91
C GLN O 79 31.76 -51.13 -10.61
N VAL O 80 30.94 -51.59 -11.54
CA VAL O 80 29.49 -51.67 -11.38
C VAL O 80 29.08 -53.11 -11.65
N VAL O 81 28.37 -53.72 -10.71
CA VAL O 81 28.02 -55.13 -10.75
C VAL O 81 26.53 -55.26 -11.02
N LEU O 82 26.19 -56.02 -12.07
CA LEU O 82 24.82 -56.36 -12.41
C LEU O 82 24.61 -57.85 -12.16
N THR O 83 23.55 -58.19 -11.42
CA THR O 83 23.22 -59.58 -11.13
C THR O 83 21.80 -59.88 -11.59
N LEU O 84 21.62 -61.07 -12.16
CA LEU O 84 20.33 -61.53 -12.63
C LEU O 84 20.27 -63.04 -12.45
N THR O 85 19.12 -63.53 -12.00
CA THR O 85 18.90 -64.95 -11.77
C THR O 85 17.82 -65.48 -12.70
N ASN O 86 17.70 -66.81 -12.74
CA ASN O 86 16.67 -67.53 -13.49
C ASN O 86 16.75 -67.20 -14.99
N MET O 87 17.84 -67.66 -15.60
CA MET O 87 18.00 -67.58 -17.05
C MET O 87 16.86 -68.30 -17.77
N ASP O 88 16.13 -67.55 -18.57
CA ASP O 88 15.06 -67.80 -19.53
C ASP O 88 15.61 -67.66 -20.95
N PRO O 89 15.18 -68.52 -21.88
CA PRO O 89 15.60 -68.35 -23.28
C PRO O 89 15.20 -67.01 -23.88
N VAL O 90 14.10 -66.40 -23.42
CA VAL O 90 13.70 -65.08 -23.91
C VAL O 90 14.67 -64.00 -23.47
N ASP O 91 15.46 -64.25 -22.41
CA ASP O 91 16.39 -63.25 -21.88
C ASP O 91 17.62 -63.04 -22.76
N THR O 92 17.77 -63.80 -23.85
CA THR O 92 18.88 -63.63 -24.77
C THR O 92 18.83 -62.25 -25.41
N ALA O 93 19.75 -61.37 -25.02
CA ALA O 93 19.70 -59.98 -25.46
C ALA O 93 21.09 -59.38 -25.39
N THR O 94 21.26 -58.26 -26.09
CA THR O 94 22.50 -57.48 -26.03
C THR O 94 22.39 -56.50 -24.88
N TYR O 95 23.18 -56.73 -23.84
CA TYR O 95 23.12 -55.89 -22.63
C TYR O 95 24.12 -54.75 -22.77
N PHE O 96 23.62 -53.53 -22.70
CA PHE O 96 24.43 -52.32 -22.85
C PHE O 96 24.58 -51.65 -21.50
N CYS O 97 25.82 -51.44 -21.07
CA CYS O 97 26.09 -50.51 -19.99
C CYS O 97 25.87 -49.10 -20.52
N VAL O 98 25.24 -48.25 -19.70
CA VAL O 98 24.80 -46.94 -20.16
C VAL O 98 25.12 -45.88 -19.10
N HIS O 99 25.64 -44.74 -19.56
CA HIS O 99 25.88 -43.59 -18.71
C HIS O 99 24.76 -42.58 -18.91
N SER O 100 24.35 -41.94 -17.82
CA SER O 100 23.22 -41.03 -17.81
C SER O 100 23.63 -39.67 -17.27
N ASP O 101 22.89 -38.64 -17.67
CA ASP O 101 23.05 -37.30 -17.13
C ASP O 101 21.67 -36.68 -17.06
N LEU O 102 21.53 -35.62 -16.25
CA LEU O 102 20.22 -35.06 -15.98
C LEU O 102 20.18 -33.60 -16.38
N TYR O 103 18.96 -33.13 -16.65
CA TYR O 103 18.70 -31.78 -17.14
C TYR O 103 18.13 -30.94 -16.00
N ASP O 104 18.83 -29.87 -15.64
CA ASP O 104 18.41 -29.01 -14.55
C ASP O 104 17.58 -27.83 -15.05
N ARG O 105 18.13 -27.05 -15.97
CA ARG O 105 17.54 -25.78 -16.36
C ARG O 105 16.26 -25.99 -17.15
N GLY O 106 15.42 -24.95 -17.15
CA GLY O 106 14.15 -24.98 -17.86
C GLY O 106 13.00 -25.55 -17.07
N GLY O 107 13.22 -25.95 -15.83
CA GLY O 107 12.15 -26.53 -15.04
C GLY O 107 11.88 -27.99 -15.29
N TYR O 108 12.81 -28.69 -15.92
CA TYR O 108 12.69 -30.13 -16.14
C TYR O 108 13.53 -30.90 -15.13
N TYR O 109 13.31 -32.20 -15.10
CA TYR O 109 14.18 -33.13 -14.36
C TYR O 109 14.16 -34.43 -15.15
N LEU O 110 15.11 -34.56 -16.08
CA LEU O 110 15.05 -35.52 -17.17
C LEU O 110 16.35 -36.30 -17.24
N TYR O 111 16.26 -37.62 -17.19
CA TYR O 111 17.43 -38.49 -17.33
C TYR O 111 17.52 -38.97 -18.78
N TYR O 112 18.64 -38.67 -19.42
CA TYR O 112 18.86 -39.05 -20.81
C TYR O 112 20.13 -39.89 -20.90
N PHE O 113 20.19 -40.75 -21.92
CA PHE O 113 21.28 -41.71 -22.06
C PHE O 113 22.25 -41.18 -23.11
N ASP O 114 23.15 -40.30 -22.67
CA ASP O 114 24.05 -39.63 -23.62
C ASP O 114 25.20 -40.51 -24.07
N TYR O 115 25.72 -41.39 -23.22
CA TYR O 115 26.83 -42.26 -23.56
C TYR O 115 26.42 -43.72 -23.42
N TRP O 116 26.74 -44.53 -24.43
CA TRP O 116 26.45 -45.95 -24.40
C TRP O 116 27.73 -46.75 -24.60
N GLY O 117 27.89 -47.81 -23.82
CA GLY O 117 28.95 -48.76 -24.06
C GLY O 117 28.70 -49.59 -25.30
N GLN O 118 29.77 -50.25 -25.77
CA GLN O 118 29.70 -51.03 -27.00
C GLN O 118 28.72 -52.19 -26.90
N GLY O 119 28.46 -52.70 -25.69
CA GLY O 119 27.48 -53.75 -25.52
C GLY O 119 28.06 -55.14 -25.69
N THR O 120 27.60 -56.08 -24.87
CA THR O 120 28.03 -57.47 -24.94
C THR O 120 26.82 -58.36 -25.20
N LEU O 121 27.05 -59.46 -25.92
CA LEU O 121 26.00 -60.39 -26.29
C LEU O 121 25.99 -61.57 -25.31
N VAL O 122 24.81 -61.89 -24.79
CA VAL O 122 24.61 -63.03 -23.92
C VAL O 122 23.59 -63.94 -24.57
N THR O 123 23.97 -65.19 -24.81
CA THR O 123 23.12 -66.16 -25.48
C THR O 123 22.76 -67.29 -24.51
N VAL O 124 21.47 -67.55 -24.37
CA VAL O 124 20.98 -68.63 -23.51
C VAL O 124 20.76 -69.83 -24.42
N SER O 125 21.70 -70.76 -24.41
CA SER O 125 21.65 -71.93 -25.28
C SER O 125 21.86 -73.20 -24.47
N SER O 126 21.31 -74.30 -24.97
CA SER O 126 21.45 -75.60 -24.33
C SER O 126 22.66 -76.35 -24.90
N ASP P 1 1.81 -48.65 -17.31
CA ASP P 1 2.94 -47.96 -17.90
C ASP P 1 2.51 -47.12 -19.10
N ILE P 2 3.30 -46.10 -19.40
CA ILE P 2 3.05 -45.23 -20.54
C ILE P 2 3.79 -45.83 -21.74
N ARG P 3 3.07 -46.55 -22.59
CA ARG P 3 3.67 -47.18 -23.75
C ARG P 3 3.83 -46.17 -24.87
N VAL P 4 4.91 -46.32 -25.65
CA VAL P 4 5.16 -45.51 -26.82
C VAL P 4 5.30 -46.42 -28.03
N THR P 5 4.58 -46.12 -29.10
CA THR P 5 4.64 -46.87 -30.33
C THR P 5 4.86 -45.89 -31.48
N GLN P 6 5.64 -46.32 -32.47
CA GLN P 6 5.96 -45.50 -33.63
C GLN P 6 5.17 -46.00 -34.83
N SER P 7 4.37 -45.12 -35.42
CA SER P 7 3.52 -45.52 -36.55
C SER P 7 4.32 -45.93 -37.79
N PRO P 8 5.30 -45.16 -38.29
CA PRO P 8 6.03 -45.66 -39.46
C PRO P 8 7.12 -46.65 -39.04
N SER P 9 6.97 -47.89 -39.48
CA SER P 9 7.89 -48.95 -39.05
C SER P 9 9.04 -49.19 -40.02
N SER P 10 8.79 -49.11 -41.32
CA SER P 10 9.79 -49.47 -42.31
C SER P 10 9.78 -48.47 -43.46
N LEU P 11 9.76 -47.18 -43.14
CA LEU P 11 9.77 -46.15 -44.17
C LEU P 11 11.09 -46.16 -44.94
N SER P 12 11.01 -45.85 -46.23
CA SER P 12 12.17 -45.82 -47.10
C SER P 12 12.30 -44.44 -47.74
N ALA P 13 13.54 -43.95 -47.85
CA ALA P 13 13.77 -42.64 -48.44
C ALA P 13 15.14 -42.62 -49.10
N SER P 14 15.34 -41.63 -49.96
CA SER P 14 16.59 -41.41 -50.67
C SER P 14 17.30 -40.19 -50.11
N VAL P 15 18.56 -40.02 -50.55
CA VAL P 15 19.35 -38.87 -50.14
C VAL P 15 18.73 -37.59 -50.69
N GLY P 16 18.55 -36.61 -49.81
CA GLY P 16 17.90 -35.36 -50.18
C GLY P 16 16.44 -35.26 -49.82
N ASP P 17 15.85 -36.33 -49.27
CA ASP P 17 14.45 -36.33 -48.88
C ASP P 17 14.29 -35.89 -47.43
N ARG P 18 13.04 -35.72 -47.02
CA ARG P 18 12.70 -35.37 -45.64
C ARG P 18 12.03 -36.57 -44.97
N VAL P 19 12.50 -36.92 -43.77
CA VAL P 19 11.99 -38.05 -43.02
C VAL P 19 11.46 -37.54 -41.69
N THR P 20 10.20 -37.88 -41.38
CA THR P 20 9.56 -37.52 -40.12
C THR P 20 9.08 -38.79 -39.45
N ILE P 21 9.68 -39.13 -38.31
CA ILE P 21 9.32 -40.33 -37.55
C ILE P 21 8.42 -39.88 -36.41
N THR P 22 7.23 -40.48 -36.32
CA THR P 22 6.23 -40.09 -35.33
C THR P 22 6.14 -41.16 -34.26
N CYS P 23 6.35 -40.74 -33.01
CA CYS P 23 6.20 -41.58 -31.83
C CYS P 23 5.03 -41.06 -31.02
N ARG P 24 4.07 -41.93 -30.73
CA ARG P 24 2.86 -41.55 -30.01
C ARG P 24 2.86 -42.22 -28.64
N ALA P 25 2.50 -41.45 -27.61
CA ALA P 25 2.41 -41.95 -26.26
C ALA P 25 0.98 -42.38 -25.96
N SER P 26 0.82 -43.19 -24.91
CA SER P 26 -0.49 -43.64 -24.51
C SER P 26 -1.28 -42.55 -23.80
N GLN P 27 -0.61 -41.50 -23.31
CA GLN P 27 -1.27 -40.42 -22.61
C GLN P 27 -0.43 -39.16 -22.77
N THR P 28 -0.98 -38.04 -22.29
CA THR P 28 -0.35 -36.74 -22.50
C THR P 28 0.88 -36.59 -21.61
N ILE P 29 2.03 -36.33 -22.24
CA ILE P 29 3.27 -35.99 -21.55
C ILE P 29 3.88 -34.79 -22.24
N ALA P 30 4.45 -33.88 -21.47
CA ALA P 30 5.09 -32.68 -22.02
C ALA P 30 6.59 -32.91 -22.09
N SER P 31 7.10 -33.09 -23.31
CA SER P 31 8.52 -33.39 -23.59
C SER P 31 8.86 -34.70 -22.87
N TYR P 32 10.03 -34.81 -22.23
CA TYR P 32 10.49 -36.06 -21.59
C TYR P 32 10.53 -37.22 -22.59
N VAL P 33 10.84 -36.91 -23.85
CA VAL P 33 11.00 -37.91 -24.89
C VAL P 33 12.40 -37.76 -25.49
N ASN P 34 13.14 -38.87 -25.53
CA ASN P 34 14.49 -38.88 -26.05
C ASN P 34 14.55 -39.74 -27.32
N TRP P 35 15.42 -39.34 -28.24
CA TRP P 35 15.60 -40.04 -29.51
C TRP P 35 17.00 -40.62 -29.58
N TYR P 36 17.08 -41.92 -29.86
CA TYR P 36 18.35 -42.62 -30.01
C TYR P 36 18.45 -43.20 -31.41
N GLN P 37 19.64 -43.11 -32.00
CA GLN P 37 19.91 -43.68 -33.32
C GLN P 37 20.90 -44.82 -33.16
N GLN P 38 20.50 -46.02 -33.56
CA GLN P 38 21.31 -47.22 -33.40
C GLN P 38 21.73 -47.74 -34.77
N LYS P 39 23.03 -47.68 -35.06
CA LYS P 39 23.57 -48.28 -36.26
C LYS P 39 23.62 -49.79 -36.13
N PRO P 40 23.52 -50.53 -37.23
CA PRO P 40 23.60 -52.00 -37.15
C PRO P 40 24.95 -52.45 -36.64
N GLY P 41 24.93 -53.29 -35.60
CA GLY P 41 26.16 -53.76 -34.99
C GLY P 41 26.89 -52.74 -34.14
N ARG P 42 26.25 -51.62 -33.80
CA ARG P 42 26.88 -50.58 -33.02
C ARG P 42 25.93 -50.10 -31.93
N ALA P 43 26.50 -49.43 -30.94
CA ALA P 43 25.71 -48.90 -29.84
C ALA P 43 24.87 -47.70 -30.29
N PRO P 44 23.71 -47.49 -29.68
CA PRO P 44 22.91 -46.31 -30.01
C PRO P 44 23.58 -45.03 -29.51
N GLU P 45 23.21 -43.92 -30.14
CA GLU P 45 23.76 -42.61 -29.84
C GLU P 45 22.62 -41.63 -29.63
N LEU P 46 22.75 -40.80 -28.60
CA LEU P 46 21.73 -39.78 -28.36
C LEU P 46 21.84 -38.69 -29.40
N LEU P 47 20.71 -38.33 -30.02
CA LEU P 47 20.64 -37.23 -30.95
C LEU P 47 19.81 -36.07 -30.43
N ILE P 48 18.62 -36.37 -29.94
CA ILE P 48 17.68 -35.35 -29.46
C ILE P 48 17.72 -35.34 -27.94
N TYR P 49 18.14 -34.20 -27.39
CA TYR P 49 18.31 -34.07 -25.94
C TYR P 49 16.96 -34.14 -25.24
N ALA P 50 16.01 -33.32 -25.71
CA ALA P 50 14.62 -33.35 -25.29
C ALA P 50 13.82 -32.74 -26.42
N ALA P 51 12.50 -32.71 -26.27
CA ALA P 51 11.64 -32.10 -27.29
C ALA P 51 12.04 -30.66 -27.58
N SER P 52 12.50 -30.43 -28.81
CA SER P 52 12.93 -29.16 -29.44
C SER P 52 14.31 -28.67 -29.02
N ILE P 53 15.08 -29.43 -28.25
CA ILE P 53 16.45 -29.06 -27.90
C ILE P 53 17.40 -30.15 -28.40
N LEU P 54 18.51 -29.74 -29.00
CA LEU P 54 19.47 -30.65 -29.59
C LEU P 54 20.57 -31.05 -28.61
N GLN P 55 20.96 -32.33 -28.65
CA GLN P 55 22.10 -32.80 -27.88
C GLN P 55 23.39 -32.30 -28.51
N SER P 56 24.32 -31.82 -27.69
CA SER P 56 25.60 -31.35 -28.18
C SER P 56 26.43 -32.51 -28.71
N GLY P 57 27.16 -32.25 -29.80
CA GLY P 57 28.02 -33.26 -30.39
C GLY P 57 27.40 -34.08 -31.50
N VAL P 58 26.27 -33.64 -32.05
CA VAL P 58 25.63 -34.34 -33.17
C VAL P 58 25.47 -33.31 -34.29
N PRO P 59 25.32 -33.77 -35.54
CA PRO P 59 25.08 -32.83 -36.65
C PRO P 59 23.82 -32.00 -36.42
N SER P 60 23.93 -30.71 -36.75
CA SER P 60 22.86 -29.75 -36.54
C SER P 60 21.66 -29.96 -37.44
N ARG P 61 21.76 -30.84 -38.45
CA ARG P 61 20.65 -31.05 -39.37
C ARG P 61 19.42 -31.61 -38.66
N PHE P 62 19.64 -32.45 -37.64
CA PHE P 62 18.52 -33.01 -36.88
C PHE P 62 17.79 -31.92 -36.11
N SER P 63 16.47 -32.06 -36.02
CA SER P 63 15.64 -31.13 -35.27
C SER P 63 14.45 -31.88 -34.71
N GLY P 64 13.98 -31.44 -33.54
CA GLY P 64 12.85 -32.06 -32.88
C GLY P 64 11.73 -31.07 -32.62
N ARG P 65 10.51 -31.59 -32.59
CA ARG P 65 9.34 -30.80 -32.19
C ARG P 65 8.26 -31.75 -31.72
N GLY P 66 7.45 -31.28 -30.78
CA GLY P 66 6.32 -32.07 -30.31
C GLY P 66 6.10 -32.01 -28.81
N SER P 67 4.83 -31.95 -28.41
CA SER P 67 4.45 -31.99 -27.01
C SER P 67 3.03 -32.53 -26.90
N GLY P 68 2.77 -33.26 -25.82
CA GLY P 68 1.48 -33.88 -25.63
C GLY P 68 1.50 -35.36 -25.93
N THR P 69 0.69 -35.80 -26.89
CA THR P 69 0.65 -37.22 -27.23
C THR P 69 1.59 -37.58 -28.37
N ASP P 70 1.71 -36.73 -29.39
CA ASP P 70 2.46 -37.04 -30.59
C ASP P 70 3.77 -36.27 -30.62
N PHE P 71 4.87 -36.97 -30.86
CA PHE P 71 6.20 -36.39 -30.98
C PHE P 71 6.78 -36.75 -32.33
N THR P 72 7.43 -35.79 -32.98
CA THR P 72 7.96 -35.98 -34.33
C THR P 72 9.43 -35.57 -34.38
N LEU P 73 10.21 -36.35 -35.11
CA LEU P 73 11.62 -36.06 -35.34
C LEU P 73 11.81 -35.71 -36.81
N THR P 74 12.27 -34.49 -37.07
CA THR P 74 12.47 -33.99 -38.42
C THR P 74 13.93 -34.15 -38.80
N ILE P 75 14.20 -34.84 -39.90
CA ILE P 75 15.55 -35.02 -40.42
C ILE P 75 15.63 -34.30 -41.77
N ASN P 76 16.57 -33.37 -41.88
CA ASN P 76 16.77 -32.59 -43.10
C ASN P 76 18.14 -32.92 -43.66
N GLY P 77 18.19 -33.31 -44.93
CA GLY P 77 19.46 -33.62 -45.57
C GLY P 77 20.01 -34.98 -45.21
N LEU P 78 19.28 -36.04 -45.59
CA LEU P 78 19.73 -37.39 -45.29
C LEU P 78 21.03 -37.72 -46.02
N GLN P 79 21.87 -38.50 -45.35
CA GLN P 79 23.15 -38.96 -45.85
C GLN P 79 23.14 -40.49 -45.92
N PRO P 80 24.04 -41.09 -46.72
CA PRO P 80 24.10 -42.56 -46.77
C PRO P 80 24.39 -43.21 -45.44
N GLU P 81 25.12 -42.55 -44.55
CA GLU P 81 25.41 -43.10 -43.23
C GLU P 81 24.21 -43.05 -42.28
N ASP P 82 23.14 -42.35 -42.65
CA ASP P 82 21.99 -42.19 -41.76
C ASP P 82 21.13 -43.45 -41.68
N PHE P 83 21.44 -44.48 -42.47
CA PHE P 83 20.70 -45.74 -42.41
C PHE P 83 20.88 -46.40 -41.06
N ALA P 84 19.83 -46.37 -40.24
CA ALA P 84 19.88 -46.85 -38.86
C ALA P 84 18.45 -46.97 -38.34
N THR P 85 18.33 -47.45 -37.11
CA THR P 85 17.04 -47.62 -36.45
C THR P 85 16.89 -46.57 -35.36
N TYR P 86 15.80 -45.81 -35.42
CA TYR P 86 15.54 -44.72 -34.48
C TYR P 86 14.54 -45.18 -33.43
N TYR P 87 14.81 -44.83 -32.16
CA TYR P 87 13.99 -45.22 -31.04
C TYR P 87 13.54 -44.00 -30.26
N CYS P 88 12.31 -44.03 -29.75
CA CYS P 88 11.78 -43.01 -28.87
C CYS P 88 11.62 -43.59 -27.47
N GLN P 89 12.03 -42.83 -26.46
CA GLN P 89 11.98 -43.26 -25.07
C GLN P 89 11.16 -42.28 -24.25
N GLN P 90 10.20 -42.80 -23.49
CA GLN P 90 9.43 -41.98 -22.56
C GLN P 90 10.07 -42.05 -21.17
N SER P 91 10.07 -40.90 -20.48
CA SER P 91 10.71 -40.80 -19.18
C SER P 91 9.86 -40.05 -18.16
N TYR P 92 8.59 -39.75 -18.49
CA TYR P 92 7.74 -38.97 -17.59
C TYR P 92 7.42 -39.73 -16.30
N SER P 93 7.34 -41.05 -16.38
CA SER P 93 7.04 -41.85 -15.20
C SER P 93 7.75 -43.18 -15.30
N SER P 94 8.28 -43.65 -14.16
CA SER P 94 8.93 -44.94 -14.12
C SER P 94 7.90 -46.05 -14.28
N PRO P 95 8.23 -47.15 -14.97
CA PRO P 95 9.50 -47.46 -15.64
C PRO P 95 9.66 -46.81 -17.00
N TRP P 96 10.89 -46.70 -17.49
CA TRP P 96 11.16 -46.14 -18.80
C TRP P 96 10.98 -47.21 -19.87
N THR P 97 10.01 -47.01 -20.75
CA THR P 97 9.74 -47.95 -21.84
C THR P 97 10.24 -47.38 -23.16
N PHE P 98 10.69 -48.28 -24.02
CA PHE P 98 11.20 -47.92 -25.34
C PHE P 98 10.21 -48.37 -26.42
N GLY P 99 10.17 -47.60 -27.52
CA GLY P 99 9.32 -47.96 -28.63
C GLY P 99 9.93 -49.08 -29.46
N GLN P 100 9.10 -49.63 -30.36
CA GLN P 100 9.53 -50.74 -31.21
C GLN P 100 10.57 -50.30 -32.24
N GLY P 101 10.71 -49.01 -32.48
CA GLY P 101 11.74 -48.50 -33.36
C GLY P 101 11.28 -48.40 -34.81
N THR P 102 11.99 -47.55 -35.56
CA THR P 102 11.74 -47.35 -36.99
C THR P 102 12.97 -47.83 -37.75
N LYS P 103 12.82 -48.91 -38.51
CA LYS P 103 13.92 -49.45 -39.30
C LYS P 103 13.94 -48.71 -40.64
N VAL P 104 14.61 -47.55 -40.62
CA VAL P 104 14.76 -46.75 -41.83
C VAL P 104 15.60 -47.52 -42.84
N GLU P 105 15.23 -47.43 -44.11
CA GLU P 105 15.91 -48.13 -45.18
C GLU P 105 16.19 -47.16 -46.32
N ILE P 106 17.31 -47.38 -47.00
CA ILE P 106 17.74 -46.53 -48.11
C ILE P 106 17.37 -47.21 -49.42
N LYS P 107 17.00 -46.39 -50.41
CA LYS P 107 16.63 -46.90 -51.73
C LYS P 107 17.86 -47.11 -52.60
N GLN Q 1 -52.49 -24.97 -5.78
CA GLN Q 1 -52.49 -24.26 -4.50
C GLN Q 1 -52.15 -25.22 -3.36
N VAL Q 2 -51.55 -24.68 -2.30
CA VAL Q 2 -51.22 -25.49 -1.13
C VAL Q 2 -52.49 -25.95 -0.45
N GLN Q 3 -52.59 -27.25 -0.19
CA GLN Q 3 -53.70 -27.83 0.53
C GLN Q 3 -53.18 -28.72 1.64
N LEU Q 4 -53.88 -28.72 2.77
CA LEU Q 4 -53.43 -29.45 3.95
C LEU Q 4 -54.67 -29.93 4.70
N VAL Q 5 -54.94 -31.23 4.63
CA VAL Q 5 -56.14 -31.83 5.20
C VAL Q 5 -55.72 -32.93 6.17
N GLU Q 6 -56.23 -32.86 7.39
CA GLU Q 6 -55.96 -33.87 8.41
C GLU Q 6 -57.04 -34.95 8.37
N SER Q 7 -56.64 -36.16 8.73
CA SER Q 7 -57.57 -37.29 8.78
C SER Q 7 -57.08 -38.28 9.83
N GLY Q 8 -58.02 -38.80 10.62
CA GLY Q 8 -57.70 -39.79 11.62
C GLY Q 8 -58.82 -39.99 12.63
N PRO Q 9 -58.61 -40.88 13.60
CA PRO Q 9 -59.62 -41.10 14.62
C PRO Q 9 -59.77 -39.90 15.55
N THR Q 10 -61.00 -39.73 16.05
CA THR Q 10 -61.30 -38.63 16.97
C THR Q 10 -61.49 -39.08 18.41
N LEU Q 11 -61.73 -40.37 18.65
CA LEU Q 11 -61.92 -40.89 20.00
C LEU Q 11 -60.98 -42.06 20.19
N VAL Q 12 -60.10 -41.96 21.19
CA VAL Q 12 -59.09 -42.97 21.47
C VAL Q 12 -59.11 -43.27 22.97
N LYS Q 13 -59.14 -44.56 23.32
CA LYS Q 13 -59.15 -44.96 24.71
C LYS Q 13 -57.85 -44.55 25.39
N PRO Q 14 -57.89 -44.18 26.67
CA PRO Q 14 -56.66 -43.77 27.36
C PRO Q 14 -55.66 -44.92 27.47
N THR Q 15 -54.37 -44.54 27.51
CA THR Q 15 -53.17 -45.36 27.65
C THR Q 15 -52.86 -46.12 26.35
N GLN Q 16 -53.70 -46.04 25.33
CA GLN Q 16 -53.41 -46.64 24.04
C GLN Q 16 -52.65 -45.66 23.16
N THR Q 17 -52.48 -45.99 21.88
CA THR Q 17 -51.68 -45.22 20.95
C THR Q 17 -52.58 -44.47 19.97
N LEU Q 18 -52.33 -43.17 19.82
CA LEU Q 18 -53.05 -42.31 18.90
C LEU Q 18 -52.15 -41.98 17.72
N THR Q 19 -52.70 -42.07 16.51
CA THR Q 19 -51.97 -41.74 15.29
C THR Q 19 -52.81 -40.84 14.41
N LEU Q 20 -52.13 -39.95 13.68
CA LEU Q 20 -52.76 -39.03 12.75
C LEU Q 20 -52.05 -39.09 11.41
N THR Q 21 -52.81 -38.93 10.34
CA THR Q 21 -52.26 -38.86 9.00
C THR Q 21 -52.63 -37.51 8.38
N CYS Q 22 -51.62 -36.80 7.89
CA CYS Q 22 -51.81 -35.50 7.24
C CYS Q 22 -51.50 -35.64 5.76
N SER Q 23 -52.48 -35.30 4.92
CA SER Q 23 -52.33 -35.34 3.48
C SER Q 23 -52.11 -33.93 2.95
N PHE Q 24 -51.15 -33.78 2.05
CA PHE Q 24 -50.77 -32.47 1.55
C PHE Q 24 -50.62 -32.52 0.04
N SER Q 25 -50.81 -31.35 -0.59
CA SER Q 25 -50.73 -31.24 -2.04
C SER Q 25 -50.34 -29.81 -2.39
N GLY Q 26 -49.85 -29.63 -3.61
CA GLY Q 26 -49.41 -28.34 -4.08
C GLY Q 26 -47.98 -27.96 -3.73
N PHE Q 27 -47.30 -28.77 -2.91
CA PHE Q 27 -45.91 -28.52 -2.58
C PHE Q 27 -45.23 -29.86 -2.31
N SER Q 28 -43.91 -29.87 -2.51
CA SER Q 28 -43.10 -31.05 -2.27
C SER Q 28 -42.31 -30.88 -0.98
N LEU Q 29 -42.27 -31.95 -0.17
CA LEU Q 29 -41.55 -31.89 1.10
C LEU Q 29 -40.05 -31.71 0.90
N SER Q 30 -39.52 -32.15 -0.24
CA SER Q 30 -38.10 -32.01 -0.52
C SER Q 30 -37.72 -30.64 -1.05
N THR Q 31 -38.69 -29.78 -1.33
CA THR Q 31 -38.38 -28.41 -1.72
C THR Q 31 -37.73 -27.68 -0.56
N ARG Q 32 -36.67 -26.91 -0.87
CA ARG Q 32 -35.93 -26.20 0.16
C ARG Q 32 -36.81 -25.21 0.90
N GLY Q 33 -36.69 -25.18 2.22
CA GLY Q 33 -37.46 -24.32 3.08
C GLY Q 33 -38.75 -24.91 3.58
N VAL Q 34 -39.36 -25.81 2.79
CA VAL Q 34 -40.62 -26.43 3.18
C VAL Q 34 -40.40 -27.38 4.36
N GLY Q 35 -41.23 -27.25 5.39
CA GLY Q 35 -41.29 -28.24 6.44
C GLY Q 35 -42.73 -28.41 6.89
N VAL Q 36 -43.01 -29.56 7.49
CA VAL Q 36 -44.34 -29.86 8.00
C VAL Q 36 -44.22 -30.42 9.41
N GLY Q 37 -45.17 -30.04 10.26
CA GLY Q 37 -45.15 -30.46 11.65
C GLY Q 37 -46.54 -30.40 12.23
N TRP Q 38 -46.59 -30.35 13.57
CA TRP Q 38 -47.87 -30.37 14.27
C TRP Q 38 -47.85 -29.38 15.41
N VAL Q 39 -48.92 -28.59 15.53
CA VAL Q 39 -49.13 -27.67 16.65
C VAL Q 39 -50.49 -27.98 17.24
N ARG Q 40 -50.52 -28.28 18.53
CA ARG Q 40 -51.75 -28.65 19.22
C ARG Q 40 -52.20 -27.52 20.15
N GLN Q 41 -53.49 -27.52 20.45
CA GLN Q 41 -54.10 -26.47 21.27
C GLN Q 41 -55.17 -27.07 22.17
N PRO Q 42 -54.88 -27.26 23.45
CA PRO Q 42 -55.93 -27.65 24.38
C PRO Q 42 -56.97 -26.55 24.51
N PRO Q 43 -58.23 -26.90 24.74
CA PRO Q 43 -59.27 -25.88 24.88
C PRO Q 43 -59.01 -24.98 26.08
N GLY Q 44 -59.07 -23.67 25.85
CA GLY Q 44 -58.79 -22.70 26.89
C GLY Q 44 -57.34 -22.55 27.26
N LYS Q 45 -56.43 -23.15 26.50
CA LYS Q 45 -55.00 -23.12 26.77
C LYS Q 45 -54.25 -22.56 25.56
N ALA Q 46 -52.93 -22.54 25.66
CA ALA Q 46 -52.07 -22.01 24.61
C ALA Q 46 -51.67 -23.11 23.63
N LEU Q 47 -51.13 -22.67 22.49
CA LEU Q 47 -50.60 -23.59 21.50
C LEU Q 47 -49.27 -24.19 21.99
N GLU Q 48 -48.89 -25.31 21.38
CA GLU Q 48 -47.62 -25.96 21.71
C GLU Q 48 -47.19 -26.86 20.57
N CYS Q 49 -45.93 -26.75 20.17
CA CYS Q 49 -45.39 -27.55 19.08
C CYS Q 49 -45.12 -28.99 19.53
N LEU Q 50 -45.14 -29.91 18.57
CA LEU Q 50 -44.87 -31.32 18.83
C LEU Q 50 -43.60 -31.84 18.19
N GLY Q 51 -43.26 -31.35 17.00
CA GLY Q 51 -42.10 -31.84 16.27
C GLY Q 51 -42.22 -31.55 14.79
N PHE Q 52 -41.10 -31.44 14.08
CA PHE Q 52 -41.14 -31.01 12.69
C PHE Q 52 -40.20 -31.85 11.85
N THR Q 53 -40.68 -32.27 10.67
CA THR Q 53 -39.84 -32.84 9.64
C THR Q 53 -39.45 -31.74 8.66
N TYR Q 54 -38.19 -31.75 8.24
CA TYR Q 54 -37.65 -30.72 7.37
C TYR Q 54 -37.19 -31.31 6.05
N TRP Q 55 -36.93 -30.41 5.09
CA TRP Q 55 -36.58 -30.82 3.73
C TRP Q 55 -35.30 -31.64 3.69
N ASP Q 56 -34.32 -31.29 4.52
CA ASP Q 56 -33.03 -31.98 4.51
C ASP Q 56 -32.97 -33.17 5.46
N GLY Q 57 -34.11 -33.62 5.98
CA GLY Q 57 -34.15 -34.80 6.83
C GLY Q 57 -33.86 -34.55 8.29
N ASP Q 58 -33.67 -33.30 8.71
CA ASP Q 58 -33.46 -33.01 10.12
C ASP Q 58 -34.75 -33.22 10.90
N GLU Q 59 -34.60 -33.47 12.20
CA GLU Q 59 -35.74 -33.80 13.03
C GLU Q 59 -35.46 -33.45 14.48
N TYR Q 60 -36.42 -32.81 15.13
CA TYR Q 60 -36.37 -32.60 16.57
C TYR Q 60 -37.80 -32.54 17.09
N TYR Q 61 -37.93 -32.50 18.42
CA TYR Q 61 -39.22 -32.47 19.08
C TYR Q 61 -39.16 -31.48 20.23
N SER Q 62 -40.29 -31.30 20.90
CA SER Q 62 -40.32 -30.53 22.14
C SER Q 62 -39.71 -31.35 23.27
N PRO Q 63 -38.70 -30.85 23.98
CA PRO Q 63 -38.00 -31.69 24.97
C PRO Q 63 -38.88 -32.17 26.11
N SER Q 64 -40.00 -31.51 26.40
CA SER Q 64 -40.86 -31.94 27.50
C SER Q 64 -41.49 -33.29 27.24
N LEU Q 65 -41.73 -33.63 25.96
CA LEU Q 65 -42.37 -34.89 25.60
C LEU Q 65 -41.69 -35.57 24.42
N ARG Q 66 -40.42 -35.25 24.17
CA ARG Q 66 -39.72 -35.77 22.99
C ARG Q 66 -39.54 -37.28 23.03
N ASN Q 67 -39.51 -37.87 24.22
CA ASN Q 67 -39.43 -39.32 24.36
C ASN Q 67 -40.75 -40.02 24.05
N ARG Q 68 -41.83 -39.26 23.90
CA ARG Q 68 -43.16 -39.82 23.72
C ARG Q 68 -43.75 -39.57 22.34
N VAL Q 69 -43.34 -38.51 21.65
CA VAL Q 69 -43.87 -38.15 20.34
C VAL Q 69 -42.83 -38.47 19.27
N THR Q 70 -43.28 -39.07 18.17
CA THR Q 70 -42.42 -39.43 17.07
C THR Q 70 -43.20 -39.24 15.78
N ILE Q 71 -42.56 -38.67 14.76
CA ILE Q 71 -43.18 -38.45 13.46
C ILE Q 71 -42.32 -39.10 12.39
N SER Q 72 -42.97 -39.84 11.48
CA SER Q 72 -42.32 -40.43 10.33
C SER Q 72 -42.97 -39.89 9.06
N LYS Q 73 -42.15 -39.74 8.01
CA LYS Q 73 -42.60 -39.14 6.77
C LYS Q 73 -42.41 -40.10 5.61
N ASP Q 74 -43.25 -39.94 4.58
CA ASP Q 74 -43.18 -40.76 3.38
C ASP Q 74 -43.48 -39.85 2.19
N THR Q 75 -42.42 -39.36 1.54
CA THR Q 75 -42.59 -38.45 0.41
C THR Q 75 -43.25 -39.15 -0.78
N SER Q 76 -42.90 -40.42 -1.01
CA SER Q 76 -43.46 -41.15 -2.14
C SER Q 76 -44.95 -41.37 -1.99
N LYS Q 77 -45.42 -41.66 -0.78
CA LYS Q 77 -46.83 -41.88 -0.52
C LYS Q 77 -47.60 -40.60 -0.22
N ASN Q 78 -46.92 -39.45 -0.23
CA ASN Q 78 -47.55 -38.14 -0.05
C ASN Q 78 -48.29 -38.04 1.28
N GLN Q 79 -47.73 -38.67 2.31
CA GLN Q 79 -48.36 -38.74 3.63
C GLN Q 79 -47.36 -38.35 4.71
N VAL Q 80 -47.88 -37.76 5.79
CA VAL Q 80 -47.10 -37.43 6.98
C VAL Q 80 -47.78 -38.09 8.17
N VAL Q 81 -47.02 -38.87 8.93
CA VAL Q 81 -47.55 -39.71 10.00
C VAL Q 81 -47.06 -39.16 11.34
N LEU Q 82 -48.01 -38.87 12.23
CA LEU Q 82 -47.73 -38.47 13.60
C LEU Q 82 -48.16 -39.58 14.55
N THR Q 83 -47.28 -39.97 15.45
CA THR Q 83 -47.58 -41.02 16.42
C THR Q 83 -47.35 -40.50 17.84
N LEU Q 84 -48.22 -40.91 18.76
CA LEU Q 84 -48.14 -40.53 20.16
C LEU Q 84 -48.65 -41.69 21.00
N THR Q 85 -47.95 -41.97 22.10
CA THR Q 85 -48.31 -43.06 22.99
C THR Q 85 -48.67 -42.50 24.37
N ASN Q 86 -49.24 -43.38 25.20
CA ASN Q 86 -49.60 -43.09 26.59
C ASN Q 86 -50.59 -41.92 26.68
N MET Q 87 -51.81 -42.17 26.21
CA MET Q 87 -52.82 -41.11 26.23
C MET Q 87 -53.06 -40.55 27.61
N ASP Q 88 -53.13 -39.23 27.70
CA ASP Q 88 -53.45 -38.60 28.97
C ASP Q 88 -54.67 -37.76 28.72
N PRO Q 89 -55.61 -37.75 29.66
CA PRO Q 89 -56.76 -36.88 29.49
C PRO Q 89 -56.33 -35.52 28.99
N VAL Q 90 -55.35 -34.92 29.64
CA VAL Q 90 -54.88 -33.60 29.24
C VAL Q 90 -54.56 -33.52 27.75
N ASP Q 91 -54.09 -34.62 27.19
CA ASP Q 91 -53.75 -34.63 25.76
C ASP Q 91 -54.92 -34.25 24.86
N THR Q 92 -56.13 -34.09 25.40
CA THR Q 92 -57.28 -33.70 24.62
C THR Q 92 -57.08 -32.29 24.06
N ALA Q 93 -56.86 -32.19 22.75
CA ALA Q 93 -56.52 -30.92 22.13
C ALA Q 93 -56.86 -30.98 20.65
N THR Q 94 -56.93 -29.80 20.04
CA THR Q 94 -57.12 -29.68 18.59
C THR Q 94 -55.75 -29.74 17.92
N TYR Q 95 -55.50 -30.80 17.17
CA TYR Q 95 -54.20 -31.02 16.53
C TYR Q 95 -54.24 -30.42 15.12
N PHE Q 96 -53.32 -29.50 14.84
CA PHE Q 96 -53.25 -28.81 13.57
C PHE Q 96 -52.02 -29.26 12.80
N CYS Q 97 -52.21 -29.80 11.61
CA CYS Q 97 -51.11 -29.95 10.67
C CYS Q 97 -50.75 -28.58 10.13
N VAL Q 98 -49.45 -28.30 10.00
CA VAL Q 98 -48.98 -26.95 9.72
C VAL Q 98 -47.83 -27.00 8.72
N HIS Q 99 -47.90 -26.10 7.73
CA HIS Q 99 -46.81 -25.90 6.78
C HIS Q 99 -45.90 -24.78 7.27
N SER Q 100 -44.62 -24.91 6.95
CA SER Q 100 -43.59 -23.97 7.41
C SER Q 100 -42.70 -23.58 6.24
N ASP Q 101 -42.21 -22.34 6.29
CA ASP Q 101 -41.23 -21.85 5.33
C ASP Q 101 -40.25 -20.95 6.06
N LEU Q 102 -39.04 -20.83 5.52
CA LEU Q 102 -37.96 -20.12 6.20
C LEU Q 102 -37.71 -18.79 5.52
N TYR Q 103 -37.55 -17.74 6.34
CA TYR Q 103 -37.16 -16.41 5.86
C TYR Q 103 -35.66 -16.42 5.62
N ASP Q 104 -35.28 -16.52 4.35
CA ASP Q 104 -33.89 -16.78 4.00
C ASP Q 104 -33.01 -15.54 4.03
N ARG Q 105 -33.55 -14.39 3.62
CA ARG Q 105 -32.74 -13.21 3.40
C ARG Q 105 -32.73 -12.29 4.62
N GLY Q 106 -31.90 -11.26 4.55
CA GLY Q 106 -31.77 -10.30 5.62
C GLY Q 106 -30.91 -10.72 6.78
N GLY Q 107 -30.29 -11.90 6.72
CA GLY Q 107 -29.49 -12.39 7.81
C GLY Q 107 -30.25 -13.16 8.87
N TYR Q 108 -31.51 -13.47 8.63
CA TYR Q 108 -32.31 -14.25 9.56
C TYR Q 108 -32.37 -15.71 9.11
N TYR Q 109 -32.81 -16.57 10.04
CA TYR Q 109 -33.15 -17.96 9.70
C TYR Q 109 -34.35 -18.33 10.57
N LEU Q 110 -35.54 -18.09 10.02
CA LEU Q 110 -36.78 -18.01 10.80
C LEU Q 110 -37.83 -18.92 10.18
N TYR Q 111 -38.25 -19.93 10.94
CA TYR Q 111 -39.29 -20.86 10.50
C TYR Q 111 -40.64 -20.32 10.95
N TYR Q 112 -41.36 -19.65 10.06
CA TYR Q 112 -42.71 -19.21 10.36
C TYR Q 112 -43.73 -20.26 9.94
N PHE Q 113 -44.96 -20.10 10.41
CA PHE Q 113 -46.06 -21.01 10.12
C PHE Q 113 -47.08 -20.24 9.28
N ASP Q 114 -46.97 -20.36 7.95
CA ASP Q 114 -47.82 -19.57 7.07
C ASP Q 114 -49.16 -20.24 6.77
N TYR Q 115 -49.16 -21.49 6.34
CA TYR Q 115 -50.37 -22.20 5.97
C TYR Q 115 -50.74 -23.19 7.06
N TRP Q 116 -51.94 -23.06 7.61
CA TRP Q 116 -52.43 -23.95 8.66
C TRP Q 116 -53.59 -24.79 8.15
N GLY Q 117 -53.55 -26.08 8.47
CA GLY Q 117 -54.68 -26.94 8.19
C GLY Q 117 -55.86 -26.66 9.10
N GLN Q 118 -57.02 -27.16 8.69
CA GLN Q 118 -58.25 -26.89 9.43
C GLN Q 118 -58.26 -27.47 10.83
N GLY Q 119 -57.49 -28.53 11.06
CA GLY Q 119 -57.37 -29.09 12.39
C GLY Q 119 -58.45 -30.08 12.73
N THR Q 120 -58.10 -31.11 13.50
CA THR Q 120 -59.05 -32.13 13.94
C THR Q 120 -59.01 -32.22 15.47
N LEU Q 121 -60.15 -32.57 16.06
CA LEU Q 121 -60.30 -32.65 17.50
C LEU Q 121 -60.16 -34.09 17.95
N VAL Q 122 -59.31 -34.31 18.95
CA VAL Q 122 -59.12 -35.63 19.57
C VAL Q 122 -59.54 -35.51 21.03
N THR Q 123 -60.49 -36.34 21.44
CA THR Q 123 -61.03 -36.31 22.80
C THR Q 123 -60.68 -37.61 23.49
N VAL Q 124 -60.04 -37.50 24.66
CA VAL Q 124 -59.70 -38.66 25.48
C VAL Q 124 -60.81 -38.81 26.51
N SER Q 125 -61.72 -39.75 26.25
CA SER Q 125 -62.87 -39.97 27.12
C SER Q 125 -62.96 -41.44 27.51
N SER Q 126 -63.58 -41.68 28.66
CA SER Q 126 -63.78 -43.04 29.16
C SER Q 126 -65.13 -43.58 28.72
N ASP R 1 -36.42 -22.74 28.84
CA ASP R 1 -37.10 -22.26 27.64
C ASP R 1 -37.38 -20.76 27.74
N ILE R 2 -37.49 -20.10 26.60
CA ILE R 2 -37.78 -18.68 26.54
C ILE R 2 -39.30 -18.53 26.49
N ARG R 3 -39.90 -18.26 27.65
CA ARG R 3 -41.33 -18.10 27.77
C ARG R 3 -41.77 -16.70 27.33
N VAL R 4 -42.89 -16.64 26.60
CA VAL R 4 -43.49 -15.38 26.18
C VAL R 4 -44.92 -15.33 26.69
N THR R 5 -45.28 -14.24 27.36
CA THR R 5 -46.63 -14.00 27.84
C THR R 5 -47.06 -12.59 27.45
N GLN R 6 -48.35 -12.44 27.19
CA GLN R 6 -48.93 -11.18 26.75
C GLN R 6 -49.63 -10.48 27.91
N SER R 7 -49.23 -9.23 28.19
CA SER R 7 -49.80 -8.52 29.34
C SER R 7 -51.30 -8.25 29.19
N PRO R 8 -51.80 -7.69 28.08
CA PRO R 8 -53.26 -7.51 28.01
C PRO R 8 -53.93 -8.81 27.60
N SER R 9 -54.78 -9.34 28.48
CA SER R 9 -55.40 -10.64 28.24
C SER R 9 -56.78 -10.54 27.62
N SER R 10 -57.59 -9.57 28.02
CA SER R 10 -58.98 -9.48 27.59
C SER R 10 -59.36 -8.04 27.27
N LEU R 11 -58.51 -7.35 26.51
CA LEU R 11 -58.80 -5.97 26.15
C LEU R 11 -60.01 -5.90 25.23
N SER R 12 -60.77 -4.82 25.36
CA SER R 12 -61.97 -4.59 24.56
C SER R 12 -61.85 -3.27 23.82
N ALA R 13 -62.31 -3.26 22.57
CA ALA R 13 -62.23 -2.05 21.76
C ALA R 13 -63.39 -2.04 20.77
N SER R 14 -63.64 -0.84 20.23
CA SER R 14 -64.68 -0.62 19.23
C SER R 14 -64.06 -0.36 17.87
N VAL R 15 -64.92 -0.35 16.85
CA VAL R 15 -64.48 -0.07 15.48
C VAL R 15 -63.97 1.35 15.39
N GLY R 16 -62.78 1.52 14.82
CA GLY R 16 -62.14 2.81 14.72
C GLY R 16 -61.10 3.11 15.78
N ASP R 17 -60.91 2.20 16.74
CA ASP R 17 -59.94 2.38 17.80
C ASP R 17 -58.58 1.80 17.40
N ARG R 18 -57.59 2.03 18.25
CA ARG R 18 -56.24 1.48 18.07
C ARG R 18 -55.99 0.43 19.14
N VAL R 19 -55.51 -0.74 18.73
CA VAL R 19 -55.23 -1.86 19.63
C VAL R 19 -53.76 -2.20 19.54
N THR R 20 -53.09 -2.23 20.69
CA THR R 20 -51.68 -2.59 20.78
C THR R 20 -51.54 -3.74 21.77
N ILE R 21 -51.15 -4.90 21.27
CA ILE R 21 -50.95 -6.10 22.09
C ILE R 21 -49.45 -6.21 22.39
N THR R 22 -49.11 -6.29 23.67
CA THR R 22 -47.72 -6.34 24.10
C THR R 22 -47.37 -7.76 24.52
N CYS R 23 -46.35 -8.32 23.88
CA CYS R 23 -45.83 -9.65 24.18
C CYS R 23 -44.42 -9.49 24.72
N ARG R 24 -44.17 -10.02 25.92
CA ARG R 24 -42.88 -9.88 26.58
C ARG R 24 -42.20 -11.23 26.68
N ALA R 25 -40.92 -11.27 26.35
CA ALA R 25 -40.11 -12.47 26.46
C ALA R 25 -39.37 -12.50 27.80
N SER R 26 -38.92 -13.70 28.18
CA SER R 26 -38.16 -13.85 29.41
C SER R 26 -36.76 -13.27 29.28
N GLN R 27 -36.22 -13.18 28.08
CA GLN R 27 -34.86 -12.69 27.86
C GLN R 27 -34.80 -12.00 26.50
N THR R 28 -33.68 -11.34 26.24
CA THR R 28 -33.54 -10.52 25.04
C THR R 28 -33.41 -11.38 23.80
N ILE R 29 -34.33 -11.20 22.85
CA ILE R 29 -34.27 -11.83 21.54
C ILE R 29 -34.51 -10.75 20.48
N ALA R 30 -33.81 -10.84 19.36
CA ALA R 30 -33.94 -9.86 18.28
C ALA R 30 -34.83 -10.44 17.20
N SER R 31 -36.04 -9.90 17.07
CA SER R 31 -37.07 -10.35 16.12
C SER R 31 -37.34 -11.82 16.42
N TYR R 32 -37.44 -12.70 15.41
CA TYR R 32 -37.80 -14.10 15.58
C TYR R 32 -39.11 -14.27 16.35
N VAL R 33 -40.02 -13.32 16.16
CA VAL R 33 -41.34 -13.35 16.77
C VAL R 33 -42.39 -13.39 15.66
N ASN R 34 -43.40 -14.24 15.84
CA ASN R 34 -44.47 -14.38 14.87
C ASN R 34 -45.82 -14.14 15.54
N TRP R 35 -46.75 -13.56 14.79
CA TRP R 35 -48.08 -13.23 15.28
C TRP R 35 -49.11 -14.03 14.48
N TYR R 36 -49.96 -14.76 15.19
CA TYR R 36 -51.04 -15.54 14.58
C TYR R 36 -52.38 -15.04 15.08
N GLN R 37 -53.35 -14.95 14.18
CA GLN R 37 -54.71 -14.58 14.53
C GLN R 37 -55.63 -15.78 14.31
N GLN R 38 -56.28 -16.22 15.38
CA GLN R 38 -57.12 -17.41 15.33
C GLN R 38 -58.57 -17.00 15.53
N LYS R 39 -59.39 -17.22 14.52
CA LYS R 39 -60.83 -17.02 14.64
C LYS R 39 -61.46 -18.18 15.41
N PRO R 40 -62.57 -17.93 16.11
CA PRO R 40 -63.23 -19.02 16.84
C PRO R 40 -63.72 -20.11 15.90
N GLY R 41 -63.33 -21.34 16.17
CA GLY R 41 -63.70 -22.46 15.32
C GLY R 41 -62.98 -22.51 13.99
N ARG R 42 -61.88 -21.77 13.85
CA ARG R 42 -61.12 -21.76 12.60
C ARG R 42 -59.64 -21.82 12.91
N ALA R 43 -58.87 -22.20 11.90
CA ALA R 43 -57.43 -22.29 12.04
C ALA R 43 -56.81 -20.90 12.11
N PRO R 44 -55.68 -20.76 12.82
CA PRO R 44 -55.00 -19.47 12.87
C PRO R 44 -54.37 -19.12 11.53
N GLU R 45 -54.14 -17.83 11.34
CA GLU R 45 -53.54 -17.30 10.12
C GLU R 45 -52.36 -16.42 10.49
N LEU R 46 -51.25 -16.58 9.77
CA LEU R 46 -50.08 -15.74 10.01
C LEU R 46 -50.30 -14.35 9.44
N LEU R 47 -50.03 -13.33 10.25
CA LEU R 47 -50.14 -11.93 9.86
C LEU R 47 -48.80 -11.21 9.82
N ILE R 48 -48.00 -11.38 10.86
CA ILE R 48 -46.73 -10.67 10.99
C ILE R 48 -45.60 -11.65 10.66
N TYR R 49 -44.78 -11.28 9.66
CA TYR R 49 -43.72 -12.17 9.20
C TYR R 49 -42.63 -12.29 10.26
N ALA R 50 -41.98 -11.17 10.57
CA ALA R 50 -41.08 -11.01 11.68
C ALA R 50 -41.30 -9.60 12.21
N ALA R 51 -40.49 -9.20 13.19
CA ALA R 51 -40.56 -7.85 13.72
C ALA R 51 -40.40 -6.80 12.61
N SER R 52 -41.47 -6.03 12.37
CA SER R 52 -41.62 -4.89 11.47
C SER R 52 -41.78 -5.26 10.00
N ILE R 53 -41.89 -6.54 9.64
CA ILE R 53 -42.13 -6.94 8.26
C ILE R 53 -43.42 -7.76 8.19
N LEU R 54 -44.21 -7.49 7.16
CA LEU R 54 -45.57 -8.04 7.03
C LEU R 54 -45.60 -9.30 6.17
N GLN R 55 -46.49 -10.22 6.52
CA GLN R 55 -46.80 -11.36 5.67
C GLN R 55 -47.57 -10.92 4.44
N SER R 56 -47.20 -11.45 3.28
CA SER R 56 -47.95 -11.19 2.06
C SER R 56 -49.29 -11.90 2.12
N GLY R 57 -50.33 -11.26 1.58
CA GLY R 57 -51.65 -11.84 1.58
C GLY R 57 -52.52 -11.51 2.77
N VAL R 58 -52.18 -10.49 3.54
CA VAL R 58 -53.01 -10.03 4.65
C VAL R 58 -53.27 -8.55 4.46
N PRO R 59 -54.34 -8.01 5.07
CA PRO R 59 -54.60 -6.57 4.97
C PRO R 59 -53.43 -5.74 5.50
N SER R 60 -53.12 -4.67 4.76
CA SER R 60 -51.97 -3.82 5.04
C SER R 60 -52.14 -2.98 6.31
N ARG R 61 -53.33 -2.97 6.91
CA ARG R 61 -53.57 -2.16 8.10
C ARG R 61 -52.69 -2.62 9.27
N PHE R 62 -52.42 -3.92 9.36
CA PHE R 62 -51.58 -4.45 10.43
C PHE R 62 -50.14 -3.97 10.27
N SER R 63 -49.49 -3.70 11.40
CA SER R 63 -48.09 -3.29 11.42
C SER R 63 -47.45 -3.78 12.69
N GLY R 64 -46.15 -4.07 12.62
CA GLY R 64 -45.41 -4.58 13.75
C GLY R 64 -44.20 -3.73 14.06
N ARG R 65 -43.79 -3.75 15.32
CA ARG R 65 -42.54 -3.11 15.75
C ARG R 65 -42.10 -3.74 17.06
N GLY R 66 -40.79 -3.75 17.28
CA GLY R 66 -40.26 -4.23 18.54
C GLY R 66 -39.03 -5.11 18.41
N SER R 67 -38.08 -4.94 19.32
CA SER R 67 -36.92 -5.82 19.38
C SER R 67 -36.40 -5.83 20.82
N GLY R 68 -35.82 -6.95 21.21
CA GLY R 68 -35.34 -7.11 22.57
C GLY R 68 -36.28 -7.93 23.42
N THR R 69 -36.82 -7.34 24.47
CA THR R 69 -37.74 -8.06 25.35
C THR R 69 -39.20 -7.88 24.97
N ASP R 70 -39.60 -6.68 24.58
CA ASP R 70 -41.00 -6.35 24.36
C ASP R 70 -41.28 -6.18 22.88
N PHE R 71 -42.31 -6.87 22.40
CA PHE R 71 -42.78 -6.77 21.02
C PHE R 71 -44.23 -6.30 21.02
N THR R 72 -44.57 -5.39 20.12
CA THR R 72 -45.91 -4.81 20.08
C THR R 72 -46.48 -4.94 18.68
N LEU R 73 -47.77 -5.26 18.61
CA LEU R 73 -48.51 -5.34 17.36
C LEU R 73 -49.52 -4.21 17.31
N THR R 74 -49.37 -3.33 16.31
CA THR R 74 -50.26 -2.19 16.13
C THR R 74 -51.32 -2.52 15.10
N ILE R 75 -52.58 -2.37 15.49
CA ILE R 75 -53.72 -2.57 14.60
C ILE R 75 -54.41 -1.23 14.40
N ASN R 76 -54.51 -0.81 13.14
CA ASN R 76 -55.14 0.46 12.78
C ASN R 76 -56.39 0.16 11.95
N GLY R 77 -57.53 0.72 12.37
CA GLY R 77 -58.76 0.54 11.63
C GLY R 77 -59.40 -0.81 11.87
N LEU R 78 -59.83 -1.05 13.10
CA LEU R 78 -60.48 -2.32 13.45
C LEU R 78 -61.80 -2.48 12.70
N GLN R 79 -62.08 -3.72 12.33
CA GLN R 79 -63.30 -4.13 11.64
C GLN R 79 -64.05 -5.13 12.50
N PRO R 80 -65.36 -5.31 12.26
CA PRO R 80 -66.10 -6.32 13.04
C PRO R 80 -65.57 -7.74 12.90
N GLU R 81 -64.96 -8.08 11.77
CA GLU R 81 -64.40 -9.42 11.58
C GLU R 81 -63.09 -9.63 12.34
N ASP R 82 -62.48 -8.58 12.88
CA ASP R 82 -61.21 -8.72 13.57
C ASP R 82 -61.33 -9.33 14.95
N PHE R 83 -62.54 -9.62 15.42
CA PHE R 83 -62.74 -10.27 16.71
C PHE R 83 -62.14 -11.67 16.68
N ALA R 84 -61.01 -11.85 17.36
CA ALA R 84 -60.25 -13.10 17.32
C ALA R 84 -59.22 -13.06 18.43
N THR R 85 -58.48 -14.16 18.56
CA THR R 85 -57.44 -14.32 19.57
C THR R 85 -56.07 -14.27 18.91
N TYR R 86 -55.22 -13.37 19.39
CA TYR R 86 -53.88 -13.18 18.84
C TYR R 86 -52.85 -13.88 19.70
N TYR R 87 -51.91 -14.56 19.07
CA TYR R 87 -50.90 -15.36 19.76
C TYR R 87 -49.49 -14.90 19.40
N CYS R 88 -48.59 -15.00 20.38
CA CYS R 88 -47.19 -14.64 20.24
C CYS R 88 -46.34 -15.90 20.25
N GLN R 89 -45.45 -16.03 19.27
CA GLN R 89 -44.56 -17.19 19.20
C GLN R 89 -43.11 -16.72 19.09
N GLN R 90 -42.26 -17.24 19.97
CA GLN R 90 -40.83 -17.01 19.89
C GLN R 90 -40.15 -18.19 19.20
N SER R 91 -39.14 -17.88 18.39
CA SER R 91 -38.44 -18.90 17.62
C SER R 91 -36.92 -18.77 17.69
N TYR R 92 -36.41 -17.92 18.59
CA TYR R 92 -34.97 -17.71 18.67
C TYR R 92 -34.23 -18.95 19.12
N SER R 93 -34.88 -19.80 19.91
CA SER R 93 -34.26 -21.03 20.38
C SER R 93 -35.30 -22.11 20.55
N SER R 94 -34.94 -23.33 20.21
CA SER R 94 -35.83 -24.46 20.38
C SER R 94 -35.95 -24.80 21.88
N PRO R 95 -37.14 -25.20 22.35
CA PRO R 95 -38.41 -25.38 21.63
C PRO R 95 -39.16 -24.07 21.41
N TRP R 96 -40.09 -24.07 20.46
CA TRP R 96 -40.90 -22.89 20.15
C TRP R 96 -42.12 -22.89 21.06
N THR R 97 -42.18 -21.94 21.98
CA THR R 97 -43.29 -21.82 22.92
C THR R 97 -44.26 -20.72 22.47
N PHE R 98 -45.54 -20.94 22.75
CA PHE R 98 -46.59 -20.00 22.42
C PHE R 98 -47.12 -19.32 23.68
N GLY R 99 -47.54 -18.07 23.53
CA GLY R 99 -48.12 -17.35 24.63
C GLY R 99 -49.57 -17.74 24.89
N GLN R 100 -50.08 -17.27 26.02
CA GLN R 100 -51.44 -17.60 26.44
C GLN R 100 -52.49 -16.95 25.54
N GLY R 101 -52.12 -15.95 24.76
CA GLY R 101 -53.02 -15.34 23.80
C GLY R 101 -53.81 -14.18 24.39
N THR R 102 -54.31 -13.33 23.50
CA THR R 102 -55.14 -12.18 23.86
C THR R 102 -56.52 -12.38 23.26
N LYS R 103 -57.52 -12.57 24.13
CA LYS R 103 -58.90 -12.75 23.68
C LYS R 103 -59.51 -11.37 23.51
N VAL R 104 -59.27 -10.80 22.33
CA VAL R 104 -59.85 -9.50 21.98
C VAL R 104 -61.36 -9.63 21.91
N GLU R 105 -62.07 -8.62 22.42
CA GLU R 105 -63.52 -8.61 22.46
C GLU R 105 -64.03 -7.29 21.90
N ILE R 106 -65.18 -7.34 21.23
CA ILE R 106 -65.79 -6.18 20.61
C ILE R 106 -66.93 -5.68 21.50
N LYS R 107 -67.11 -4.36 21.53
CA LYS R 107 -68.19 -3.76 22.30
C LYS R 107 -69.48 -3.75 21.48
#